data_2XFB
#
_entry.id   2XFB
#
_cell.length_a   1.000
_cell.length_b   1.000
_cell.length_c   1.000
_cell.angle_alpha   90.00
_cell.angle_beta   90.00
_cell.angle_gamma   90.00
#
_symmetry.space_group_name_H-M   'P 1'
#
loop_
_entity.id
_entity.type
_entity.pdbx_description
1 polymer 'E1 ENVELOPE GLYCOPROTEIN'
2 polymer 'E2 ENVELOPE GLYCOPROTEIN'
#
loop_
_entity_poly.entity_id
_entity_poly.type
_entity_poly.pdbx_seq_one_letter_code
_entity_poly.pdbx_strand_id
1 'polypeptide(L)'
;YEHVTVIPNTVGVPYKTLVNRPGYSPMVLEMELLSVTLEPTLSLDYITCEYKTVIPSPYVKCCGTAECKDKNLPDYSCKV
FTGVYPFMWGGAYCFCDAENTQLSEAHVEKSESCKTEFASAYRAHTASASAKLRVLYQGNNITVTAYANGDHAVTVKDAK
FIVGPMSSAWTPFDNKIVVYKGDVYNMDYPPFGAGRPGQFGDIQSRTPESKDVYANTQLVLQRPAAGTVHVPYSQAPSGF
KYWLKERGASLQHTAPFGCQIATNPVRAVNCAVGNMPISIDIPEAAFTRVVDAPSLTDMSCEVPACTHSSDFGGVAIIKY
AASKKGKCAVHSMTNAVTIREAEIEVEGNSQLQISFSTALASAEFRVQVCSTQVHCAAECHPPKDHIVNYP
;
A,D,F,H
2 'polypeptide(L)'
;VYKATRPYLAHCPDCGEGHSCHSPVALERIRNEATDGTLKIQVSLQIGIKTDDSHDWTKLRYMDNHMPADAERAGLFVRT
SAPCTITGTMGHFILARCPKGETLTVGFTDSRKISHSCTHPFHHDPPVIGREKFHSRPQHGKELPCSTYVQSTAATTEEI
EVHMPPDTPDRTLMSQQSGNVKITVNGQTVRYKCNCGGSNEGLTTTDKVINNCKVDQCHAAVTNHKKWQYNSPLVPRNAE
LGDRKGKIHIPFPLANVTCRVPKARNPTVTYGKNQVIMLLYPDHPTLLSYRNMGEEPNYQEEWVMHKKEVVLTVPTEGLE
VTWGNNEPYKYWPQ
;
B,E,G,I
#
# COMPACT_ATOMS: atom_id res chain seq x y z
N TYR A 1 38.01 12.82 -11.55
CA TYR A 1 38.92 13.23 -10.48
C TYR A 1 38.29 14.37 -9.69
N GLU A 2 38.16 14.20 -8.37
CA GLU A 2 37.57 15.22 -7.50
C GLU A 2 38.61 16.26 -7.05
N HIS A 3 38.41 17.51 -7.49
CA HIS A 3 39.27 18.63 -7.10
C HIS A 3 38.54 19.42 -6.01
N VAL A 4 39.17 19.54 -4.84
CA VAL A 4 38.60 20.23 -3.68
C VAL A 4 39.47 21.45 -3.33
N THR A 5 38.84 22.62 -3.26
CA THR A 5 39.48 23.89 -2.90
C THR A 5 38.54 24.75 -2.05
N VAL A 6 39.08 25.82 -1.44
CA VAL A 6 38.32 26.75 -0.59
C VAL A 6 38.63 28.17 -1.03
N ILE A 7 37.59 28.95 -1.36
CA ILE A 7 37.75 30.35 -1.76
C ILE A 7 37.05 31.29 -0.76
N PRO A 8 37.54 32.53 -0.53
CA PRO A 8 36.82 33.43 0.39
C PRO A 8 35.46 33.80 -0.19
N ASN A 9 34.46 33.99 0.69
CA ASN A 9 33.10 34.36 0.27
C ASN A 9 33.06 35.85 -0.12
N THR A 10 33.70 36.18 -1.26
CA THR A 10 33.79 37.53 -1.80
C THR A 10 33.44 37.50 -3.28
N VAL A 11 32.42 38.27 -3.66
CA VAL A 11 31.92 38.37 -5.04
C VAL A 11 32.78 39.34 -5.86
N GLY A 12 32.96 39.02 -7.14
CA GLY A 12 33.71 39.86 -8.09
C GLY A 12 35.21 39.68 -8.07
N VAL A 13 35.70 38.61 -7.42
CA VAL A 13 37.14 38.33 -7.34
C VAL A 13 37.45 37.00 -8.05
N PRO A 14 38.13 37.02 -9.22
CA PRO A 14 38.47 35.76 -9.89
C PRO A 14 39.61 35.04 -9.18
N TYR A 15 39.41 33.75 -8.86
CA TYR A 15 40.42 32.92 -8.18
C TYR A 15 40.91 31.82 -9.11
N LYS A 16 42.21 31.56 -9.08
CA LYS A 16 42.84 30.54 -9.90
C LYS A 16 43.14 29.31 -9.06
N THR A 17 42.70 28.14 -9.54
CA THR A 17 42.93 26.86 -8.86
C THR A 17 43.66 25.88 -9.77
N LEU A 18 44.75 25.29 -9.24
CA LEU A 18 45.54 24.32 -10.00
C LEU A 18 45.09 22.89 -9.72
N VAL A 19 44.58 22.24 -10.77
CA VAL A 19 44.12 20.85 -10.71
C VAL A 19 45.28 19.98 -11.17
N ASN A 20 45.82 19.17 -10.25
CA ASN A 20 46.94 18.28 -10.55
C ASN A 20 46.56 16.81 -10.33
N ARG A 21 46.06 16.18 -11.40
CA ARG A 21 45.70 14.76 -11.41
C ARG A 21 47.00 14.00 -11.73
N PRO A 22 47.46 13.07 -10.85
CA PRO A 22 48.74 12.36 -11.12
C PRO A 22 48.77 11.64 -12.46
N GLY A 23 49.82 11.91 -13.24
CA GLY A 23 50.02 11.34 -14.57
C GLY A 23 49.32 12.09 -15.68
N TYR A 24 48.68 13.23 -15.34
CA TYR A 24 47.94 14.06 -16.28
C TYR A 24 48.44 15.49 -16.20
N SER A 25 48.52 16.17 -17.37
CA SER A 25 48.98 17.56 -17.48
C SER A 25 48.19 18.50 -16.56
N PRO A 26 48.86 19.44 -15.86
CA PRO A 26 48.12 20.35 -14.95
C PRO A 26 47.02 21.15 -15.64
N MET A 27 45.94 21.41 -14.90
CA MET A 27 44.77 22.13 -15.38
C MET A 27 44.48 23.34 -14.48
N VAL A 28 44.37 24.53 -15.08
CA VAL A 28 44.09 25.75 -14.32
C VAL A 28 42.63 26.15 -14.54
N LEU A 29 41.86 26.24 -13.45
CA LEU A 29 40.46 26.64 -13.48
C LEU A 29 40.30 27.99 -12.79
N GLU A 30 39.65 28.94 -13.47
CA GLU A 30 39.36 30.26 -12.91
C GLU A 30 37.93 30.20 -12.38
N MET A 31 37.75 30.56 -11.11
CA MET A 31 36.43 30.56 -10.44
C MET A 31 36.13 31.94 -9.89
N GLU A 32 34.90 32.42 -10.11
CA GLU A 32 34.46 33.71 -9.64
C GLU A 32 33.02 33.64 -9.14
N LEU A 33 32.79 34.09 -7.90
CA LEU A 33 31.45 34.14 -7.34
C LEU A 33 30.72 35.33 -7.94
N LEU A 34 28.65 32.54 -8.61
CA LEU A 34 27.95 33.63 -9.29
C LEU A 34 27.03 34.36 -8.33
N SER A 35 26.41 33.62 -7.39
CA SER A 35 25.52 34.13 -6.36
C SER A 35 25.30 33.11 -5.25
N VAL A 36 25.15 33.60 -4.01
CA VAL A 36 24.87 32.79 -2.81
C VAL A 36 23.66 33.47 -2.15
N THR A 37 22.51 32.78 -2.18
CA THR A 37 21.25 33.28 -1.66
C THR A 37 20.84 32.63 -0.34
N LEU A 38 20.46 33.47 0.64
CA LEU A 38 19.97 33.06 1.95
C LEU A 38 18.52 33.57 2.05
N GLU A 39 17.56 32.70 1.73
CA GLU A 39 16.13 33.03 1.73
C GLU A 39 15.44 32.52 3.00
N PRO A 40 15.12 33.40 3.98
CA PRO A 40 14.45 32.92 5.20
C PRO A 40 12.98 32.60 4.99
N THR A 41 12.43 31.66 5.79
CA THR A 41 11.02 31.28 5.73
C THR A 41 10.24 32.37 6.47
N LEU A 42 9.29 33.02 5.76
CA LEU A 42 8.51 34.12 6.32
C LEU A 42 7.09 33.75 6.71
N SER A 43 6.63 34.30 7.84
CA SER A 43 5.28 34.15 8.35
C SER A 43 4.75 35.54 8.69
N LEU A 44 3.81 36.03 7.87
CA LEU A 44 3.22 37.36 8.03
C LEU A 44 2.38 37.47 9.30
N ASP A 45 2.77 38.40 10.18
CA ASP A 45 2.08 38.68 11.43
C ASP A 45 0.97 39.69 11.16
N TYR A 46 1.32 40.81 10.49
CA TYR A 46 0.41 41.89 10.11
C TYR A 46 1.08 42.85 9.13
N ILE A 47 0.28 43.75 8.57
CA ILE A 47 0.72 44.85 7.71
C ILE A 47 0.35 46.16 8.40
N THR A 48 1.10 47.22 8.14
CA THR A 48 0.82 48.56 8.65
C THR A 48 0.94 49.55 7.51
N CYS A 49 0.22 50.68 7.66
CA CYS A 49 0.14 51.73 6.65
C CYS A 49 -0.39 52.99 7.32
N GLU A 50 -0.67 54.04 6.52
CA GLU A 50 -1.23 55.29 7.02
C GLU A 50 -2.69 55.03 7.41
N TYR A 51 -3.12 55.57 8.55
CA TYR A 51 -4.50 55.40 8.99
C TYR A 51 -5.38 56.50 8.39
N LYS A 52 -6.70 56.29 8.44
CA LYS A 52 -7.70 57.26 7.98
C LYS A 52 -8.70 57.47 9.11
N THR A 53 -10.29 58.69 10.04
CA THR A 53 -11.27 58.86 11.11
C THR A 53 -12.65 58.87 10.46
N VAL A 54 -13.39 57.76 10.61
CA VAL A 54 -14.72 57.62 10.03
C VAL A 54 -15.75 58.29 10.93
N ILE A 55 -16.31 59.39 10.44
CA ILE A 55 -17.31 60.15 11.18
C ILE A 55 -18.59 60.27 10.34
N PRO A 56 -19.66 59.51 10.69
CA PRO A 56 -20.91 59.65 9.95
C PRO A 56 -21.65 60.93 10.36
N SER A 57 -22.82 61.18 9.74
CA SER A 57 -23.66 62.32 10.06
C SER A 57 -24.09 62.18 11.53
N PRO A 58 -23.96 63.24 12.36
CA PRO A 58 -24.33 63.11 13.78
C PRO A 58 -25.83 62.92 13.97
N TYR A 59 -26.21 62.09 14.94
CA TYR A 59 -27.63 61.85 15.23
C TYR A 59 -28.14 62.94 16.14
N VAL A 60 -28.81 63.95 15.55
CA VAL A 60 -29.41 65.06 16.29
C VAL A 60 -30.84 64.64 16.62
N LYS A 61 -31.08 64.19 17.86
CA LYS A 61 -32.41 63.78 18.29
C LYS A 61 -33.19 64.97 18.82
N CYS A 62 -34.12 65.49 18.00
CA CYS A 62 -34.96 66.61 18.36
C CYS A 62 -36.02 66.16 19.34
N CYS A 63 -36.20 66.92 20.44
CA CYS A 63 -37.18 66.68 21.51
C CYS A 63 -36.98 65.34 22.25
N GLY A 64 -35.75 64.82 22.24
CA GLY A 64 -35.43 63.55 22.89
C GLY A 64 -33.97 63.38 23.25
N THR A 65 -33.67 62.29 23.98
CA THR A 65 -32.32 61.95 24.43
C THR A 65 -31.81 60.73 23.65
N ALA A 66 -30.69 60.92 22.92
CA ALA A 66 -30.04 59.86 22.16
C ALA A 66 -29.22 58.99 23.12
N GLU A 67 -28.97 57.72 22.77
CA GLU A 67 -28.23 56.79 23.62
C GLU A 67 -27.03 56.16 22.93
N CYS A 68 -25.85 56.25 23.56
CA CYS A 68 -24.60 55.68 23.06
C CYS A 68 -24.53 54.19 23.40
N LYS A 69 -24.13 53.37 22.43
CA LYS A 69 -23.95 51.93 22.61
C LYS A 69 -22.51 51.52 22.31
N ASP A 70 -21.96 50.56 23.07
CA ASP A 70 -20.60 50.07 22.89
C ASP A 70 -20.46 49.26 21.60
N LYS A 71 -19.72 49.81 20.64
CA LYS A 71 -19.47 49.19 19.34
C LYS A 71 -18.03 48.71 19.23
N ASN A 72 -17.85 47.43 18.84
CA ASN A 72 -16.53 46.83 18.69
C ASN A 72 -15.85 47.30 17.39
N LEU A 73 -15.38 48.54 17.40
CA LEU A 73 -14.70 49.20 16.29
C LEU A 73 -13.40 49.85 16.83
N PRO A 74 -12.31 49.95 16.03
CA PRO A 74 -11.07 50.55 16.57
C PRO A 74 -11.23 52.02 16.91
N ASP A 75 -10.77 52.41 18.13
CA ASP A 75 -10.86 53.76 18.70
C ASP A 75 -12.30 54.31 18.69
N TYR A 76 -13.30 53.43 18.94
CA TYR A 76 -14.70 53.82 18.95
C TYR A 76 -14.98 54.85 20.04
N SER A 77 -15.52 56.00 19.61
CA SER A 77 -15.86 57.11 20.47
C SER A 77 -17.30 57.52 20.25
N CYS A 78 -18.07 57.64 21.35
CA CYS A 78 -19.47 58.06 21.33
C CYS A 78 -19.73 58.99 22.50
N LYS A 79 -20.43 60.10 22.23
CA LYS A 79 -20.78 61.11 23.22
C LYS A 79 -22.12 61.76 22.86
N VAL A 80 -23.02 61.85 23.86
CA VAL A 80 -24.33 62.48 23.69
C VAL A 80 -24.27 63.86 24.37
N PHE A 81 -24.47 64.92 23.57
CA PHE A 81 -24.43 66.31 24.04
C PHE A 81 -25.83 66.86 24.23
N THR A 82 -26.14 67.31 25.46
CA THR A 82 -27.45 67.87 25.84
C THR A 82 -27.48 69.39 25.64
N GLY A 83 -28.70 69.94 25.53
CA GLY A 83 -28.92 71.36 25.38
C GLY A 83 -28.51 71.95 24.05
N VAL A 84 -28.58 71.14 22.97
CA VAL A 84 -28.23 71.60 21.63
C VAL A 84 -29.43 72.22 20.91
N TYR A 85 -29.18 73.23 20.08
CA TYR A 85 -30.22 73.90 19.28
C TYR A 85 -29.59 74.23 17.91
N PRO A 86 -29.38 73.21 17.05
CA PRO A 86 -28.72 73.47 15.77
C PRO A 86 -29.59 74.12 14.70
N PHE A 87 -28.93 74.89 13.83
CA PHE A 87 -29.57 75.61 12.72
C PHE A 87 -29.07 75.11 11.37
N MET A 88 -29.94 75.15 10.38
CA MET A 88 -29.66 74.85 8.98
C MET A 88 -29.94 76.17 8.24
N TRP A 89 -29.79 76.19 6.90
CA TRP A 89 -30.02 77.40 6.10
C TRP A 89 -31.38 78.09 6.34
N GLY A 90 -32.46 77.31 6.39
CA GLY A 90 -33.83 77.81 6.57
C GLY A 90 -34.35 77.89 8.00
N GLY A 91 -33.43 77.92 8.97
CA GLY A 91 -33.79 78.02 10.38
C GLY A 91 -33.38 76.84 11.23
N ALA A 92 -33.97 76.76 12.43
CA ALA A 92 -33.71 75.71 13.43
C ALA A 92 -34.14 74.32 12.95
N TYR A 93 -33.26 73.32 13.14
CA TYR A 93 -33.50 71.93 12.75
C TYR A 93 -34.50 71.25 13.69
N CYS A 94 -34.54 71.64 14.97
CA CYS A 94 -35.44 71.07 15.97
C CYS A 94 -36.63 71.96 16.33
N PHE A 95 -37.79 71.33 16.58
CA PHE A 95 -39.03 71.99 16.98
C PHE A 95 -38.93 72.52 18.41
N CYS A 96 -38.26 71.77 19.29
CA CYS A 96 -38.07 72.10 20.70
C CYS A 96 -36.94 73.09 20.93
N ASP A 97 -37.12 73.99 21.91
CA ASP A 97 -36.12 75.00 22.30
C ASP A 97 -35.05 74.31 23.15
N ALA A 98 -35.49 73.52 24.16
CA ALA A 98 -34.65 72.74 25.05
C ALA A 98 -34.94 71.23 24.82
N GLU A 99 -34.17 70.34 25.48
CA GLU A 99 -34.32 68.88 25.41
C GLU A 99 -33.98 68.21 24.06
N ASN A 100 -33.05 68.83 23.30
CA ASN A 100 -32.54 68.28 22.04
C ASN A 100 -31.14 67.75 22.31
N THR A 101 -30.81 66.57 21.78
CA THR A 101 -29.49 65.97 21.99
C THR A 101 -28.78 65.65 20.69
N GLN A 102 -27.44 65.74 20.69
CA GLN A 102 -26.63 65.36 19.53
C GLN A 102 -25.73 64.20 19.92
N LEU A 103 -25.87 63.08 19.19
CA LEU A 103 -25.03 61.91 19.39
C LEU A 103 -23.89 62.01 18.38
N SER A 104 -22.66 62.25 18.87
CA SER A 104 -21.47 62.32 18.04
C SER A 104 -20.84 60.93 18.06
N GLU A 105 -20.53 60.40 16.87
CA GLU A 105 -20.00 59.06 16.69
C GLU A 105 -18.77 59.07 15.78
N ALA A 106 -17.74 58.28 16.16
CA ALA A 106 -16.49 58.16 15.41
C ALA A 106 -15.72 56.88 15.71
N HIS A 107 -14.98 56.38 14.70
CA HIS A 107 -14.10 55.22 14.79
C HIS A 107 -12.92 55.36 13.82
N VAL A 108 -11.86 54.57 14.03
CA VAL A 108 -10.67 54.61 13.19
C VAL A 108 -10.52 53.31 12.40
N GLU A 109 -9.77 53.51 10.45
CA GLU A 109 -9.70 52.40 9.53
C GLU A 109 -8.50 52.59 8.60
N LYS A 110 -8.20 51.61 7.74
CA LYS A 110 -7.10 51.69 6.79
C LYS A 110 -7.37 52.79 5.77
N SER A 111 -6.34 53.56 5.42
CA SER A 111 -6.44 54.60 4.40
C SER A 111 -6.52 53.94 3.02
N GLU A 112 -6.96 54.70 2.00
CA GLU A 112 -7.07 54.26 0.61
C GLU A 112 -5.69 53.87 0.07
N SER A 113 -4.63 54.44 0.67
CA SER A 113 -3.21 54.24 0.37
C SER A 113 -2.65 52.88 0.79
N CYS A 114 -3.32 52.20 1.74
CA CYS A 114 -2.87 50.92 2.30
C CYS A 114 -2.55 49.78 1.33
N LYS A 115 -3.18 49.79 0.15
CA LYS A 115 -2.95 48.80 -0.91
C LYS A 115 -1.63 49.09 -1.64
N THR A 116 -1.27 50.39 -1.74
CA THR A 116 -0.08 50.88 -2.44
C THR A 116 1.10 51.15 -1.50
N GLU A 117 0.86 51.90 -0.40
CA GLU A 117 1.86 52.29 0.59
C GLU A 117 1.66 51.52 1.90
N PHE A 118 2.51 50.50 2.13
CA PHE A 118 2.43 49.67 3.33
C PHE A 118 3.75 48.99 3.68
N ALA A 119 3.89 48.61 4.97
CA ALA A 119 5.04 47.89 5.51
C ALA A 119 4.51 46.58 6.09
N SER A 120 5.21 45.47 5.83
CA SER A 120 4.80 44.15 6.31
C SER A 120 5.69 43.64 7.45
N ALA A 121 5.07 43.16 8.53
CA ALA A 121 5.78 42.62 9.70
C ALA A 121 5.82 41.09 9.58
N TYR A 122 7.02 40.52 9.40
CA TYR A 122 7.24 39.09 9.23
C TYR A 122 8.04 38.44 10.34
N ARG A 123 7.75 37.16 10.61
CA ARG A 123 8.49 36.32 11.56
C ARG A 123 9.46 35.51 10.69
N ALA A 124 10.76 35.84 10.73
CA ALA A 124 11.78 35.17 9.93
C ALA A 124 12.51 34.08 10.71
N HIS A 125 12.56 32.86 10.15
CA HIS A 125 13.22 31.70 10.77
C HIS A 125 13.86 30.76 9.74
N THR A 126 14.81 29.93 10.21
CA THR A 126 15.60 28.91 9.48
C THR A 126 15.73 29.14 7.96
N ALA A 127 16.74 29.93 7.58
CA ALA A 127 17.00 30.27 6.17
C ALA A 127 17.56 29.11 5.37
N SER A 128 17.11 28.98 4.11
CA SER A 128 17.56 27.97 3.17
C SER A 128 18.68 28.58 2.32
N ALA A 129 19.90 28.00 2.41
CA ALA A 129 21.06 28.47 1.66
C ALA A 129 21.09 27.85 0.27
N SER A 130 21.25 28.69 -0.76
CA SER A 130 21.30 28.29 -2.17
C SER A 130 22.50 28.92 -2.85
N ALA A 131 23.11 28.21 -3.82
CA ALA A 131 24.28 28.71 -4.55
C ALA A 131 24.22 28.47 -6.06
N LYS A 132 24.97 29.38 -6.76
CA LYS A 132 25.69 29.27 -8.11
C LYS A 132 27.08 30.08 -8.34
N LEU A 133 27.71 30.08 -9.56
CA LEU A 133 29.05 30.80 -9.88
C LEU A 133 29.69 30.83 -11.36
N ARG A 134 30.90 31.43 -11.64
CA ARG A 134 31.42 31.45 -13.01
C ARG A 134 32.72 30.64 -13.00
N VAL A 135 32.82 29.63 -13.87
CA VAL A 135 34.00 28.77 -13.97
C VAL A 135 34.56 28.82 -15.40
N LEU A 136 35.84 29.20 -15.56
CA LEU A 136 36.52 29.19 -16.86
C LEU A 136 36.92 27.72 -17.04
N TYR A 137 36.09 26.98 -17.79
CA TYR A 137 36.25 25.55 -18.02
C TYR A 137 36.33 25.25 -19.52
N GLN A 138 37.50 24.73 -19.95
CA GLN A 138 37.82 24.36 -21.34
C GLN A 138 37.74 25.56 -22.31
N GLY A 139 38.32 26.68 -21.88
CA GLY A 139 38.36 27.93 -22.64
C GLY A 139 37.03 28.65 -22.75
N ASN A 140 36.00 28.15 -22.05
CA ASN A 140 34.63 28.69 -22.05
C ASN A 140 34.17 28.99 -20.63
N ASN A 141 33.32 30.01 -20.48
CA ASN A 141 32.76 30.39 -19.19
C ASN A 141 31.45 29.65 -18.93
N ILE A 142 31.42 28.88 -17.84
CA ILE A 142 30.24 28.12 -17.44
C ILE A 142 29.67 28.68 -16.14
N THR A 143 28.33 28.68 -16.02
CA THR A 143 27.64 29.19 -14.84
C THR A 143 27.02 28.06 -14.03
N VAL A 144 27.36 28.00 -12.73
CA VAL A 144 26.87 26.97 -11.82
C VAL A 144 26.07 27.65 -10.71
N THR A 145 24.79 27.28 -10.59
CA THR A 145 23.89 27.79 -9.54
C THR A 145 23.54 26.62 -8.65
N ALA A 146 23.99 26.68 -7.38
CA ALA A 146 23.77 25.61 -6.41
C ALA A 146 23.60 26.14 -5.00
N TYR A 147 22.90 25.36 -4.15
CA TYR A 147 22.73 25.66 -2.73
C TYR A 147 24.06 25.38 -2.04
N ALA A 148 24.57 26.36 -1.27
CA ALA A 148 25.84 26.28 -0.56
C ALA A 148 25.76 25.48 0.77
N ASN A 149 25.13 24.28 0.71
CA ASN A 149 24.94 23.39 1.85
C ASN A 149 25.90 22.18 1.85
N GLY A 150 26.66 22.01 0.77
CA GLY A 150 27.59 20.90 0.60
C GLY A 150 26.92 19.58 0.29
N ASP A 151 25.68 19.63 -0.22
CA ASP A 151 24.89 18.45 -0.57
C ASP A 151 24.33 18.52 -1.99
N HIS A 152 23.86 19.71 -2.41
CA HIS A 152 23.27 19.95 -3.73
C HIS A 152 24.31 19.84 -4.86
N ALA A 153 24.26 18.71 -5.60
CA ALA A 153 25.17 18.43 -6.70
C ALA A 153 24.61 18.94 -8.02
N VAL A 154 25.35 19.84 -8.69
CA VAL A 154 24.96 20.44 -9.97
C VAL A 154 26.00 20.06 -11.04
N THR A 155 25.54 19.40 -12.10
CA THR A 155 26.39 18.94 -13.19
C THR A 155 26.26 19.82 -14.44
N VAL A 156 27.36 20.44 -14.84
CA VAL A 156 27.47 21.30 -16.03
C VAL A 156 28.64 20.78 -16.86
N LYS A 157 28.38 20.35 -18.11
CA LYS A 157 29.36 19.78 -19.06
C LYS A 157 30.11 18.57 -18.47
N ASP A 158 29.35 17.65 -17.81
CA ASP A 158 29.80 16.43 -17.15
C ASP A 158 30.66 16.64 -15.88
N ALA A 159 30.89 17.91 -15.50
CA ALA A 159 31.62 18.28 -14.28
C ALA A 159 30.62 18.50 -13.14
N LYS A 160 30.69 17.66 -12.09
CA LYS A 160 29.80 17.70 -10.94
C LYS A 160 30.31 18.68 -9.89
N PHE A 161 29.48 19.67 -9.52
CA PHE A 161 29.82 20.71 -8.57
C PHE A 161 29.06 20.55 -7.26
N ILE A 162 29.79 20.61 -6.14
CA ILE A 162 29.26 20.59 -4.77
C ILE A 162 29.83 21.83 -4.10
N VAL A 163 28.94 22.79 -3.80
CA VAL A 163 29.27 24.09 -3.21
C VAL A 163 28.92 24.09 -1.71
N GLY A 164 29.85 24.58 -0.89
CA GLY A 164 29.68 24.68 0.55
C GLY A 164 30.05 23.43 1.32
N PRO A 165 29.62 23.30 2.61
CA PRO A 165 28.81 24.25 3.40
C PRO A 165 29.57 25.51 3.79
N MET A 166 28.83 26.63 3.92
CA MET A 166 29.36 27.95 4.28
C MET A 166 30.05 27.91 5.64
N SER A 167 31.24 28.52 5.76
CA SER A 167 31.99 28.55 7.02
C SER A 167 31.28 29.40 8.08
N SER A 168 30.53 30.42 7.62
CA SER A 168 29.74 31.30 8.47
C SER A 168 28.25 31.10 8.21
N ALA A 169 27.47 30.93 9.29
CA ALA A 169 26.01 30.76 9.24
C ALA A 169 25.31 32.10 9.53
N TRP A 170 26.09 33.21 9.51
CA TRP A 170 25.63 34.57 9.77
C TRP A 170 24.62 35.07 8.74
N THR A 171 23.61 35.79 9.22
CA THR A 171 22.54 36.40 8.44
C THR A 171 22.27 37.84 8.91
N PRO A 172 21.98 37.84 8.06
CA PRO A 172 21.84 39.25 8.48
C PRO A 172 20.45 39.56 9.05
N PHE A 173 19.52 38.59 8.96
CA PHE A 173 18.14 38.73 9.43
C PHE A 173 17.95 38.21 10.86
N ASP A 174 17.21 38.98 11.67
CA ASP A 174 16.85 38.59 13.04
C ASP A 174 15.54 37.80 12.97
N ASN A 175 14.99 37.41 14.14
CA ASN A 175 13.73 36.65 14.25
C ASN A 175 12.53 37.46 13.72
N LYS A 176 12.56 38.78 13.91
CA LYS A 176 11.49 39.69 13.48
C LYS A 176 12.01 40.71 12.46
N ILE A 177 11.36 40.76 11.28
CA ILE A 177 11.74 41.68 10.20
C ILE A 177 10.56 42.51 9.68
N VAL A 178 10.86 43.69 9.10
CA VAL A 178 9.88 44.61 8.51
C VAL A 178 10.29 44.89 7.07
N VAL A 179 9.35 44.72 6.12
CA VAL A 179 9.59 44.90 4.69
C VAL A 179 8.77 46.06 4.12
N TYR A 180 9.45 47.03 3.49
CA TYR A 180 8.82 48.16 2.81
C TYR A 180 9.39 48.23 1.40
N LYS A 181 8.57 47.85 0.41
CA LYS A 181 8.91 47.80 -1.02
C LYS A 181 10.17 46.94 -1.26
N GLY A 182 11.28 47.57 -1.64
CA GLY A 182 12.54 46.86 -1.89
C GLY A 182 13.51 46.90 -0.72
N ASP A 183 13.06 47.38 0.45
CA ASP A 183 13.88 47.51 1.66
C ASP A 183 13.42 46.61 2.80
N VAL A 184 14.39 45.97 3.47
CA VAL A 184 14.17 45.07 4.61
C VAL A 184 14.86 45.68 5.85
N TYR A 185 14.19 45.61 7.01
CA TYR A 185 14.71 46.14 8.26
C TYR A 185 14.58 45.11 9.39
N ASN A 186 15.61 45.01 10.24
CA ASN A 186 15.58 44.16 11.41
C ASN A 186 14.88 44.99 12.48
N MET A 187 13.67 44.58 12.86
CA MET A 187 12.90 45.34 13.85
C MET A 187 12.08 44.46 14.76
N ASP A 188 12.22 44.69 16.08
CA ASP A 188 11.45 43.99 17.10
C ASP A 188 10.12 44.75 17.20
N TYR A 189 9.30 44.65 16.12
CA TYR A 189 8.02 45.32 15.97
C TYR A 189 7.02 44.95 17.06
N PRO A 190 6.09 45.86 17.45
CA PRO A 190 5.12 45.48 18.49
C PRO A 190 4.18 44.37 17.99
N PRO A 191 3.79 43.40 18.83
CA PRO A 191 2.86 42.35 18.35
C PRO A 191 1.48 42.93 18.02
N PHE A 192 0.62 42.16 17.34
CA PHE A 192 -0.72 42.60 16.99
C PHE A 192 -1.51 42.93 18.25
N GLY A 193 -2.12 44.11 18.27
CA GLY A 193 -2.90 44.60 19.40
C GLY A 193 -2.07 45.27 20.48
N ALA A 194 -0.81 45.62 20.16
CA ALA A 194 0.11 46.26 21.10
C ALA A 194 0.78 47.54 20.54
N GLY A 195 0.30 48.00 19.38
CA GLY A 195 0.80 49.19 18.72
C GLY A 195 0.55 50.47 19.51
N ARG A 196 1.55 51.36 19.51
CA ARG A 196 1.52 52.63 20.25
C ARG A 196 1.12 53.81 19.34
N PRO A 197 0.47 54.88 19.88
CA PRO A 197 0.10 56.03 19.04
C PRO A 197 1.33 56.79 18.51
N GLY A 198 1.25 57.22 17.26
CA GLY A 198 2.31 57.96 16.58
C GLY A 198 3.57 57.17 16.28
N GLN A 199 3.51 55.83 16.48
CA GLN A 199 4.63 54.91 16.29
C GLN A 199 4.23 53.78 15.34
N PHE A 200 5.23 53.03 14.82
CA PHE A 200 5.04 51.90 13.92
C PHE A 200 4.08 50.90 14.57
N GLY A 201 2.94 50.70 13.92
CA GLY A 201 1.91 49.80 14.42
C GLY A 201 0.74 50.46 15.10
N ASP A 202 0.60 51.81 14.97
CA ASP A 202 -0.54 52.56 15.55
C ASP A 202 -1.84 52.02 14.97
N ILE A 203 -1.77 51.52 13.73
CA ILE A 203 -2.81 50.80 13.01
C ILE A 203 -2.19 49.47 12.56
N GLN A 204 -2.89 48.35 12.83
CA GLN A 204 -2.41 47.02 12.47
C GLN A 204 -3.50 46.21 11.78
N SER A 205 -3.19 45.68 10.60
CA SER A 205 -4.09 44.83 9.80
C SER A 205 -3.39 43.50 9.56
N ARG A 206 -3.98 42.39 10.04
CA ARG A 206 -3.44 41.02 9.92
C ARG A 206 -3.03 40.67 8.49
N THR A 207 -3.86 41.05 7.50
CA THR A 207 -3.64 40.86 6.06
C THR A 207 -4.04 42.17 5.34
N PRO A 208 -3.55 42.49 4.12
CA PRO A 208 -3.98 43.74 3.47
C PRO A 208 -5.46 43.76 3.03
N GLU A 209 -6.12 42.59 3.00
CA GLU A 209 -7.52 42.42 2.63
C GLU A 209 -8.48 42.49 3.83
N SER A 210 -7.94 42.29 5.05
CA SER A 210 -8.66 42.28 6.34
C SER A 210 -9.63 43.45 6.52
N LYS A 211 -10.89 43.14 6.88
CA LYS A 211 -11.94 44.14 7.09
C LYS A 211 -11.75 44.86 8.43
N ASP A 212 -11.51 44.09 9.51
CA ASP A 212 -11.31 44.64 10.85
C ASP A 212 -9.81 44.90 11.09
N VAL A 213 -9.50 46.05 11.70
CA VAL A 213 -8.12 46.46 11.99
C VAL A 213 -7.98 46.88 13.46
N TYR A 214 -6.74 46.83 13.99
CA TYR A 214 -6.46 47.30 15.34
C TYR A 214 -6.00 48.75 15.21
N ALA A 215 -6.45 49.63 16.11
CA ALA A 215 -6.06 51.03 16.11
C ALA A 215 -5.90 51.61 17.50
N ASN A 216 -4.78 52.32 17.70
CA ASN A 216 -4.44 53.01 18.93
C ASN A 216 -3.73 54.29 18.50
N THR A 217 -4.52 55.31 18.14
CA THR A 217 -4.05 56.60 17.62
C THR A 217 -4.24 57.77 18.59
N GLN A 218 -5.73 58.55 20.19
CA GLN A 218 -6.16 59.49 21.23
C GLN A 218 -7.37 60.33 20.74
N LEU A 219 -8.31 59.67 20.04
CA LEU A 219 -9.52 60.27 19.50
C LEU A 219 -10.50 60.65 20.63
N VAL A 220 -10.80 61.95 20.75
CA VAL A 220 -11.70 62.51 21.77
C VAL A 220 -12.71 63.44 21.09
N LEU A 221 -14.01 63.13 21.24
CA LEU A 221 -15.07 63.94 20.64
C LEU A 221 -15.39 65.16 21.50
N GLN A 222 -15.57 66.32 20.85
CA GLN A 222 -15.84 67.60 21.53
C GLN A 222 -17.28 68.05 21.31
N ARG A 223 -17.78 68.92 22.21
CA ARG A 223 -19.13 69.48 22.12
C ARG A 223 -19.23 70.41 20.90
N PRO A 224 -20.26 70.24 20.02
CA PRO A 224 -20.36 71.12 18.85
C PRO A 224 -20.63 72.58 19.20
N ALA A 225 -20.25 73.50 18.30
CA ALA A 225 -20.44 74.93 18.43
C ALA A 225 -21.92 75.27 18.48
N ALA A 226 -22.28 76.36 19.18
CA ALA A 226 -23.66 76.83 19.34
C ALA A 226 -24.38 76.97 18.00
N GLY A 227 -25.50 76.26 17.87
CA GLY A 227 -26.33 76.24 16.66
C GLY A 227 -25.68 75.71 15.41
N THR A 228 -24.64 74.86 15.57
CA THR A 228 -23.87 74.32 14.46
C THR A 228 -23.91 72.79 14.40
N VAL A 229 -24.20 72.25 13.19
CA VAL A 229 -24.18 70.82 12.94
C VAL A 229 -22.80 70.48 12.38
N HIS A 230 -21.99 69.81 13.20
CA HIS A 230 -20.64 69.34 12.90
C HIS A 230 -20.18 68.40 14.00
N VAL A 231 -19.11 67.64 13.77
CA VAL A 231 -18.57 66.70 14.76
C VAL A 231 -17.13 67.12 15.10
N PRO A 232 -16.94 68.11 16.01
CA PRO A 232 -15.57 68.50 16.36
C PRO A 232 -14.89 67.43 17.21
N TYR A 233 -13.56 67.28 17.04
CA TYR A 233 -12.78 66.27 17.75
C TYR A 233 -11.31 66.67 17.86
N SER A 234 -10.61 66.04 18.82
CA SER A 234 -9.16 66.18 19.02
C SER A 234 -8.57 64.78 18.81
N GLN A 235 -7.46 64.71 18.06
CA GLN A 235 -6.81 63.45 17.72
C GLN A 235 -5.35 63.72 17.39
N ALA A 236 -2.69 61.49 17.55
CA ALA A 236 -1.25 61.33 17.31
C ALA A 236 -1.04 61.10 15.81
N PRO A 237 -0.09 61.82 15.15
CA PRO A 237 0.10 61.65 13.70
C PRO A 237 0.49 60.24 13.27
N SER A 238 0.26 59.90 11.99
CA SER A 238 0.55 58.58 11.40
C SER A 238 1.90 57.99 11.80
N GLY A 239 1.85 56.82 12.45
CA GLY A 239 3.02 56.07 12.87
C GLY A 239 3.82 55.52 11.72
N PHE A 240 3.12 55.17 10.62
CA PHE A 240 3.74 54.66 9.39
C PHE A 240 4.51 55.77 8.69
N LYS A 241 3.90 56.99 8.60
CA LYS A 241 4.53 58.17 8.01
C LYS A 241 5.76 58.55 8.84
N TYR A 242 5.66 58.40 10.18
CA TYR A 242 6.73 58.67 11.12
C TYR A 242 7.85 57.65 10.94
N TRP A 243 7.51 56.35 10.84
CA TRP A 243 8.50 55.29 10.62
C TRP A 243 9.25 55.47 9.30
N LEU A 244 8.54 55.88 8.22
CA LEU A 244 9.14 56.10 6.91
C LEU A 244 10.33 57.07 6.92
N LYS A 245 10.30 58.08 7.81
CA LYS A 245 11.38 59.06 7.96
C LYS A 245 12.37 58.69 9.08
N GLU A 246 11.94 57.82 10.03
CA GLU A 246 12.75 57.42 11.19
C GLU A 246 13.40 56.03 11.07
N ARG A 247 13.05 55.26 10.03
CA ARG A 247 13.55 53.90 9.79
C ARG A 247 15.07 53.76 9.71
N GLY A 248 15.75 54.78 9.20
CA GLY A 248 17.19 54.78 9.00
C GLY A 248 17.55 53.98 7.76
N ALA A 249 18.84 53.63 7.61
CA ALA A 249 19.30 52.85 6.47
C ALA A 249 18.85 51.39 6.59
N SER A 250 18.44 50.79 5.45
CA SER A 250 17.98 49.40 5.40
C SER A 250 19.15 48.41 5.48
N LEU A 251 18.84 47.09 5.59
CA LEU A 251 19.83 46.01 5.68
C LEU A 251 20.83 45.97 4.52
N GLN A 252 20.42 46.40 3.31
CA GLN A 252 21.26 46.49 2.11
C GLN A 252 22.51 47.38 2.36
N HIS A 253 22.37 48.37 3.26
CA HIS A 253 23.42 49.33 3.61
C HIS A 253 24.12 49.04 4.94
N THR A 254 23.41 48.43 5.92
CA THR A 254 23.96 48.18 7.26
C THR A 254 24.51 46.77 7.52
N ALA A 255 24.06 45.75 6.76
CA ALA A 255 24.47 44.37 6.98
C ALA A 255 25.96 44.09 6.84
N PRO A 256 26.55 43.28 7.77
CA PRO A 256 27.97 42.93 7.66
C PRO A 256 28.23 41.97 6.48
N PHE A 257 29.52 41.66 6.21
CA PHE A 257 30.00 40.75 5.16
C PHE A 257 29.59 41.12 3.71
N GLY A 258 29.29 42.39 3.49
CA GLY A 258 28.91 42.92 2.17
C GLY A 258 27.62 42.36 1.59
N CYS A 259 26.66 41.97 2.47
CA CYS A 259 25.36 41.42 2.07
C CYS A 259 24.59 42.36 1.18
N GLN A 260 23.98 41.81 0.12
CA GLN A 260 23.09 42.53 -0.78
C GLN A 260 21.70 42.06 -0.38
N ILE A 261 20.75 42.98 -0.20
CA ILE A 261 19.40 42.61 0.22
C ILE A 261 18.36 42.85 -0.86
N ALA A 262 17.61 41.80 -1.22
CA ALA A 262 16.57 41.83 -2.23
C ALA A 262 15.22 41.40 -1.67
N THR A 263 14.12 41.78 -2.35
CA THR A 263 12.75 41.45 -1.97
C THR A 263 12.04 40.67 -3.08
N ASN A 264 10.86 40.10 -2.76
CA ASN A 264 10.01 39.30 -3.65
C ASN A 264 10.76 38.11 -4.31
N PRO A 265 11.24 37.10 -3.54
CA PRO A 265 11.16 36.92 -2.08
C PRO A 265 12.31 37.61 -1.33
N VAL A 266 12.10 37.87 -0.01
CA VAL A 266 13.10 38.48 0.87
C VAL A 266 14.29 37.52 0.98
N ARG A 267 15.49 38.02 0.64
CA ARG A 267 16.71 37.21 0.63
C ARG A 267 18.01 38.01 0.80
N ALA A 268 19.04 37.36 1.36
CA ALA A 268 20.38 37.92 1.55
C ALA A 268 21.24 37.33 0.43
N VAL A 269 21.82 38.20 -0.40
CA VAL A 269 22.62 37.79 -1.56
C VAL A 269 24.09 38.18 -1.38
N ASN A 270 25.00 37.24 -1.66
CA ASN A 270 26.46 37.41 -1.63
C ASN A 270 27.06 37.87 -0.31
N CYS A 271 26.61 37.27 0.79
CA CYS A 271 27.06 37.67 2.12
C CYS A 271 28.57 37.78 2.23
N ALA A 272 29.06 38.99 2.41
CA ALA A 272 30.50 39.23 2.61
C ALA A 272 30.89 38.74 4.00
N VAL A 273 31.23 37.46 4.09
CA VAL A 273 31.53 36.82 5.37
C VAL A 273 31.96 35.36 5.22
N GLY A 274 33.11 35.03 5.80
CA GLY A 274 33.68 33.70 5.79
C GLY A 274 34.20 33.25 4.44
N ASN A 275 34.34 31.92 4.29
CA ASN A 275 34.83 31.28 3.06
C ASN A 275 33.83 30.26 2.52
N MET A 276 34.09 29.75 1.31
CA MET A 276 33.22 28.79 0.65
C MET A 276 33.99 27.61 0.02
N PRO A 277 33.84 26.38 0.57
CA PRO A 277 34.50 25.21 -0.04
C PRO A 277 33.85 24.85 -1.38
N ILE A 278 34.68 24.47 -2.36
CA ILE A 278 34.22 24.07 -3.69
C ILE A 278 34.77 22.69 -4.06
N SER A 279 33.87 21.78 -4.45
CA SER A 279 34.19 20.43 -4.88
C SER A 279 33.79 20.30 -6.35
N ILE A 280 34.75 19.94 -7.22
CA ILE A 280 34.51 19.76 -8.65
C ILE A 280 34.98 18.37 -9.08
N ASP A 281 34.03 17.53 -9.53
CA ASP A 281 34.32 16.18 -10.02
C ASP A 281 34.51 16.31 -11.53
N ILE A 282 35.75 16.61 -11.95
CA ILE A 282 36.13 16.82 -13.35
C ILE A 282 36.17 15.49 -14.11
N PRO A 283 35.42 15.36 -15.24
CA PRO A 283 35.44 14.07 -15.98
C PRO A 283 36.78 13.76 -16.63
N GLU A 284 37.04 12.45 -16.86
CA GLU A 284 38.25 11.89 -17.46
C GLU A 284 38.62 12.51 -18.82
N ALA A 285 37.61 12.79 -19.67
CA ALA A 285 37.75 13.36 -21.00
C ALA A 285 38.38 14.77 -21.04
N ALA A 286 38.18 15.54 -19.96
CA ALA A 286 38.70 16.91 -19.84
C ALA A 286 40.22 16.94 -19.67
N PHE A 287 40.81 15.85 -19.15
CA PHE A 287 42.25 15.73 -18.91
C PHE A 287 43.04 15.25 -20.12
N THR A 288 44.31 15.69 -20.20
CA THR A 288 45.26 15.31 -21.24
C THR A 288 46.47 14.74 -20.52
N ARG A 289 46.91 13.53 -20.92
CA ARG A 289 48.07 12.85 -20.32
C ARG A 289 49.35 13.66 -20.58
N VAL A 290 50.31 13.62 -19.63
CA VAL A 290 51.60 14.34 -19.70
C VAL A 290 52.31 14.06 -21.04
N VAL A 291 52.31 12.78 -21.47
CA VAL A 291 52.90 12.30 -22.73
C VAL A 291 52.17 12.94 -23.94
N ASP A 292 50.83 13.09 -23.84
CA ASP A 292 49.99 13.69 -24.89
C ASP A 292 50.04 15.22 -24.89
N ALA A 293 50.64 15.80 -23.84
CA ALA A 293 50.80 17.25 -23.68
C ALA A 293 52.22 17.68 -24.08
N PRO A 294 52.45 18.94 -24.54
CA PRO A 294 53.81 19.35 -24.92
C PRO A 294 54.80 19.37 -23.76
N SER A 295 56.07 19.02 -24.04
CA SER A 295 57.16 19.01 -23.06
C SER A 295 57.99 20.28 -23.24
N LEU A 296 58.14 21.07 -22.16
CA LEU A 296 58.86 22.34 -22.19
C LEU A 296 60.23 22.29 -21.52
N THR A 297 61.24 22.85 -22.21
CA THR A 297 62.64 22.93 -21.76
C THR A 297 63.22 24.31 -22.11
N ASP A 298 64.46 24.60 -21.66
CA ASP A 298 65.22 25.84 -21.89
C ASP A 298 64.37 27.10 -21.63
N MET A 299 63.69 27.12 -20.48
CA MET A 299 62.81 28.22 -20.09
C MET A 299 63.53 29.37 -19.40
N SER A 300 63.17 30.60 -19.79
CA SER A 300 63.73 31.84 -19.27
C SER A 300 62.58 32.85 -19.09
N CYS A 301 62.70 33.74 -18.08
CA CYS A 301 61.68 34.73 -17.78
C CYS A 301 62.25 36.11 -17.52
N GLU A 302 61.65 37.12 -18.18
CA GLU A 302 62.01 38.53 -18.02
C GLU A 302 60.77 39.38 -17.77
N VAL A 303 60.89 40.34 -16.83
CA VAL A 303 59.79 41.23 -16.45
C VAL A 303 60.14 42.66 -16.93
N PRO A 304 59.65 43.07 -18.13
CA PRO A 304 59.98 44.42 -18.62
C PRO A 304 59.21 45.55 -17.94
N ALA A 305 58.04 45.23 -17.33
CA ALA A 305 57.18 46.22 -16.65
C ALA A 305 56.45 45.64 -15.45
N CYS A 306 56.53 46.32 -14.29
CA CYS A 306 55.81 45.92 -13.07
C CYS A 306 55.45 47.07 -12.15
N THR A 307 54.19 47.03 -11.70
CA THR A 307 53.58 47.95 -10.74
C THR A 307 52.85 47.08 -9.72
N HIS A 308 53.25 47.14 -8.44
CA HIS A 308 52.57 46.36 -7.40
C HIS A 308 51.24 46.98 -7.00
N SER A 309 50.12 46.38 -7.45
CA SER A 309 48.77 46.87 -7.18
C SER A 309 47.76 45.72 -7.07
N SER A 310 46.48 46.06 -6.82
CA SER A 310 45.37 45.12 -6.68
C SER A 310 45.04 44.42 -8.01
N ASP A 311 45.28 45.10 -9.15
CA ASP A 311 45.04 44.56 -10.49
C ASP A 311 46.33 43.99 -11.10
N PHE A 312 46.26 43.50 -12.36
CA PHE A 312 47.41 42.93 -13.05
C PHE A 312 48.34 44.00 -13.60
N GLY A 313 49.19 44.51 -12.71
CA GLY A 313 50.16 45.56 -13.00
C GLY A 313 51.51 45.08 -13.49
N GLY A 314 51.70 43.76 -13.51
CA GLY A 314 52.94 43.13 -13.95
C GLY A 314 52.83 42.47 -15.31
N VAL A 315 53.92 42.55 -16.09
CA VAL A 315 54.05 41.96 -17.43
C VAL A 315 55.28 41.04 -17.43
N ALA A 316 55.12 39.78 -17.88
CA ALA A 316 56.23 38.83 -17.95
C ALA A 316 56.32 38.13 -19.30
N ILE A 317 57.53 38.11 -19.88
CA ILE A 317 57.82 37.47 -21.17
C ILE A 317 58.62 36.20 -20.91
N ILE A 318 58.02 35.04 -21.19
CA ILE A 318 58.64 33.74 -20.95
C ILE A 318 59.02 33.05 -22.27
N LYS A 319 60.33 32.84 -22.47
CA LYS A 319 60.88 32.14 -23.64
C LYS A 319 60.92 30.65 -23.32
N TYR A 320 60.59 29.79 -24.30
CA TYR A 320 60.53 28.34 -24.08
C TYR A 320 60.93 27.53 -25.31
N ALA A 321 61.14 26.21 -25.11
CA ALA A 321 61.42 25.23 -26.15
C ALA A 321 60.43 24.07 -25.95
N ALA A 322 59.37 24.05 -26.78
CA ALA A 322 58.31 23.04 -26.72
C ALA A 322 58.55 21.89 -27.70
N SER A 323 58.32 20.64 -27.23
CA SER A 323 58.49 19.42 -28.01
C SER A 323 57.48 19.31 -29.17
N LYS A 324 56.25 19.79 -28.95
CA LYS A 324 55.16 19.79 -29.92
C LYS A 324 54.16 20.93 -29.69
N LYS A 325 53.23 21.15 -30.64
CA LYS A 325 52.18 22.16 -30.54
C LYS A 325 51.07 21.65 -29.63
N GLY A 326 50.45 22.55 -28.88
CA GLY A 326 49.37 22.24 -27.96
C GLY A 326 49.10 23.32 -26.93
N LYS A 327 48.09 23.07 -26.07
CA LYS A 327 47.69 24.01 -25.02
C LYS A 327 48.35 23.66 -23.69
N CYS A 328 48.95 24.67 -23.04
CA CYS A 328 49.61 24.53 -21.74
C CYS A 328 48.94 25.40 -20.70
N ALA A 329 48.79 24.87 -19.48
CA ALA A 329 48.22 25.62 -18.36
C ALA A 329 49.29 26.53 -17.77
N VAL A 330 48.90 27.77 -17.41
CA VAL A 330 49.80 28.76 -16.83
C VAL A 330 49.39 28.98 -15.36
N HIS A 331 50.33 28.80 -14.43
CA HIS A 331 50.06 28.96 -12.99
C HIS A 331 51.26 29.44 -12.20
N SER A 332 51.01 30.32 -11.22
CA SER A 332 52.03 30.85 -10.33
C SER A 332 52.21 29.89 -9.16
N MET A 333 53.46 29.46 -8.93
CA MET A 333 53.82 28.52 -7.86
C MET A 333 54.09 29.25 -6.54
N THR A 334 54.01 30.59 -6.56
CA THR A 334 54.19 31.47 -5.40
C THR A 334 52.83 32.11 -5.12
N ASN A 335 52.33 31.97 -3.88
CA ASN A 335 51.03 32.48 -3.45
C ASN A 335 50.92 34.02 -3.40
N ALA A 336 52.06 34.72 -3.34
CA ALA A 336 52.13 36.19 -3.30
C ALA A 336 51.96 36.82 -4.70
N VAL A 337 51.95 35.99 -5.76
CA VAL A 337 51.81 36.42 -7.16
C VAL A 337 50.67 35.61 -7.83
N THR A 338 49.81 36.29 -8.61
CA THR A 338 48.72 35.64 -9.34
C THR A 338 48.75 36.02 -10.83
N ILE A 339 48.54 35.04 -11.72
CA ILE A 339 48.58 35.24 -13.17
C ILE A 339 47.16 35.29 -13.76
N ARG A 340 46.90 36.26 -14.66
CA ARG A 340 45.63 36.49 -15.35
C ARG A 340 45.30 35.32 -16.29
N GLU A 341 46.30 34.86 -17.06
CA GLU A 341 46.14 33.77 -18.03
C GLU A 341 46.10 32.42 -17.33
N ALA A 342 45.13 31.58 -17.74
CA ALA A 342 44.95 30.23 -17.21
C ALA A 342 45.49 29.18 -18.19
N GLU A 343 45.44 29.49 -19.50
CA GLU A 343 45.89 28.59 -20.57
C GLU A 343 46.41 29.39 -21.78
N ILE A 344 47.57 28.96 -22.33
CA ILE A 344 48.18 29.55 -23.52
C ILE A 344 48.58 28.45 -24.53
N GLU A 345 48.63 28.80 -25.83
CA GLU A 345 49.02 27.86 -26.88
C GLU A 345 50.53 27.96 -27.16
N VAL A 346 51.23 26.80 -27.11
CA VAL A 346 52.67 26.71 -27.37
C VAL A 346 52.94 26.13 -28.77
N GLU A 347 54.08 26.48 -29.39
CA GLU A 347 54.43 26.02 -30.74
C GLU A 347 55.75 25.24 -30.81
N GLY A 348 56.83 25.85 -30.30
CA GLY A 348 58.15 25.24 -30.29
C GLY A 348 59.18 26.11 -29.59
N ASN A 349 60.13 26.66 -30.35
CA ASN A 349 61.15 27.57 -29.83
C ASN A 349 60.65 29.02 -29.98
N SER A 350 59.61 29.36 -29.18
CA SER A 350 58.94 30.65 -29.18
C SER A 350 58.86 31.27 -27.77
N GLN A 351 58.09 32.36 -27.62
CA GLN A 351 57.89 33.08 -26.36
C GLN A 351 56.41 33.37 -26.06
N LEU A 352 56.08 33.49 -24.77
CA LEU A 352 54.72 33.79 -24.29
C LEU A 352 54.69 35.05 -23.42
N GLN A 353 53.57 35.78 -23.47
CA GLN A 353 53.38 36.99 -22.66
C GLN A 353 52.22 36.80 -21.67
N ILE A 354 52.50 36.99 -20.38
CA ILE A 354 51.51 36.85 -19.31
C ILE A 354 51.35 38.13 -18.49
N SER A 355 50.19 38.28 -17.83
CA SER A 355 49.86 39.41 -16.97
C SER A 355 49.78 38.89 -15.54
N PHE A 356 50.48 39.56 -14.60
CA PHE A 356 50.49 39.14 -13.20
C PHE A 356 50.17 40.25 -12.20
N SER A 357 49.67 39.86 -11.02
CA SER A 357 49.32 40.76 -9.92
C SER A 357 50.07 40.36 -8.66
N THR A 358 50.67 41.36 -7.97
CA THR A 358 51.43 41.19 -6.73
C THR A 358 51.42 42.48 -5.89
N ALA A 359 51.62 42.35 -4.57
CA ALA A 359 51.69 43.48 -3.63
C ALA A 359 53.16 43.73 -3.26
N LEU A 360 54.04 42.78 -3.61
CA LEU A 360 55.48 42.79 -3.34
C LEU A 360 56.25 43.74 -4.26
N ALA A 361 57.16 44.54 -3.68
CA ALA A 361 58.02 45.47 -4.39
C ALA A 361 59.15 44.69 -5.09
N SER A 362 59.61 43.61 -4.44
CA SER A 362 60.64 42.70 -4.93
C SER A 362 59.98 41.32 -5.06
N ALA A 363 59.41 41.05 -6.24
CA ALA A 363 58.68 39.81 -6.50
C ALA A 363 59.48 38.73 -7.24
N GLU A 364 59.84 37.65 -6.51
CA GLU A 364 60.55 36.50 -7.04
C GLU A 364 59.55 35.34 -7.03
N PHE A 365 59.13 34.89 -8.22
CA PHE A 365 58.11 33.86 -8.37
C PHE A 365 58.39 32.81 -9.44
N ARG A 366 57.80 31.62 -9.29
CA ARG A 366 57.92 30.51 -10.22
C ARG A 366 56.63 30.34 -11.03
N VAL A 367 56.76 30.22 -12.36
CA VAL A 367 55.62 30.04 -13.27
C VAL A 367 55.66 28.65 -13.86
N GLN A 368 54.60 27.87 -13.67
CA GLN A 368 54.50 26.53 -14.22
C GLN A 368 53.68 26.56 -15.51
N VAL A 369 54.36 26.37 -16.66
CA VAL A 369 53.74 26.30 -17.98
C VAL A 369 53.83 24.83 -18.34
N CYS A 370 52.64 24.17 -18.41
CA CYS A 370 52.47 22.73 -18.61
C CYS A 370 53.05 22.02 -17.37
N SER A 371 54.13 21.22 -17.51
CA SER A 371 54.75 20.53 -16.38
C SER A 371 56.18 21.03 -16.03
N THR A 372 56.59 22.19 -16.60
CA THR A 372 57.91 22.78 -16.36
C THR A 372 57.80 24.14 -15.66
N GLN A 373 58.66 24.37 -14.64
CA GLN A 373 58.71 25.61 -13.87
C GLN A 373 59.83 26.55 -14.31
N VAL A 374 59.54 27.86 -14.32
CA VAL A 374 60.49 28.92 -14.68
C VAL A 374 60.49 30.02 -13.62
N HIS A 375 61.68 30.48 -13.20
CA HIS A 375 61.80 31.54 -12.19
C HIS A 375 61.72 32.92 -12.84
N CYS A 376 60.89 33.80 -12.27
CA CYS A 376 60.69 35.18 -12.70
C CYS A 376 61.15 36.14 -11.60
N ALA A 377 62.04 37.08 -11.95
CA ALA A 377 62.55 38.09 -11.05
C ALA A 377 61.93 39.43 -11.45
N ALA A 378 61.20 40.07 -10.52
CA ALA A 378 60.49 41.32 -10.81
C ALA A 378 60.71 42.41 -9.78
N GLU A 379 61.04 43.62 -10.27
CA GLU A 379 61.19 44.82 -9.46
C GLU A 379 59.91 45.61 -9.74
N CYS A 380 58.95 45.55 -8.79
CA CYS A 380 57.67 46.21 -8.95
C CYS A 380 57.61 47.55 -8.24
N HIS A 381 57.08 48.56 -8.94
CA HIS A 381 57.00 49.94 -8.50
C HIS A 381 55.64 50.32 -7.87
N PRO A 382 55.57 51.36 -7.00
CA PRO A 382 54.27 51.72 -6.38
C PRO A 382 53.24 52.30 -7.36
N PRO A 383 51.92 52.08 -7.14
CA PRO A 383 50.93 52.67 -8.05
C PRO A 383 50.62 54.12 -7.73
N LYS A 384 49.54 54.64 -8.28
CA LYS A 384 48.83 55.69 -7.55
C LYS A 384 49.12 55.63 -6.02
N ASP A 385 48.73 54.56 -5.31
CA ASP A 385 48.94 54.48 -3.83
C ASP A 385 48.67 53.14 -3.08
N HIS A 386 48.77 53.19 -1.74
CA HIS A 386 48.60 52.02 -0.83
C HIS A 386 47.15 51.49 -0.81
N ILE A 387 46.67 50.77 0.21
CA ILE A 387 45.28 50.35 -0.01
C ILE A 387 45.01 50.15 -1.51
N VAL A 388 44.19 49.14 -1.83
CA VAL A 388 43.83 48.78 -3.19
C VAL A 388 42.28 48.67 -3.38
N ASN A 389 41.77 48.97 -4.59
CA ASN A 389 40.33 48.96 -4.88
C ASN A 389 39.80 47.72 -5.64
N TYR A 390 40.54 46.59 -5.59
CA TYR A 390 40.17 45.31 -6.22
C TYR A 390 40.50 44.10 -5.32
N PRO A 391 39.77 42.95 -5.41
CA PRO A 391 40.13 41.83 -4.53
C PRO A 391 41.08 40.82 -5.20
N VAL B 1 -24.70 57.83 -11.54
CA VAL B 1 -24.88 57.87 -10.09
C VAL B 1 -25.41 59.22 -9.59
N TYR B 2 -25.15 60.29 -10.35
CA TYR B 2 -25.54 61.67 -10.05
C TYR B 2 -27.05 61.92 -10.18
N LYS B 3 -27.80 60.95 -10.72
CA LYS B 3 -29.26 61.03 -10.82
C LYS B 3 -29.88 60.80 -9.42
N ALA B 4 -29.18 60.02 -8.57
CA ALA B 4 -29.57 59.68 -7.20
C ALA B 4 -28.98 60.63 -6.16
N THR B 5 -27.78 61.18 -6.44
CA THR B 5 -27.09 62.10 -5.53
C THR B 5 -27.40 63.56 -5.85
N ARG B 6 -27.03 64.48 -4.95
CA ARG B 6 -27.27 65.91 -5.12
C ARG B 6 -26.21 66.78 -4.43
N PRO B 7 -25.94 68.03 -4.90
CA PRO B 7 -25.05 68.91 -4.14
C PRO B 7 -25.78 69.38 -2.87
N TYR B 8 -25.05 69.84 -1.85
CA TYR B 8 -25.71 70.24 -0.61
C TYR B 8 -25.06 71.43 0.10
N LEU B 9 -25.75 71.95 1.13
CA LEU B 9 -25.28 73.03 1.98
C LEU B 9 -24.81 72.39 3.29
N ALA B 10 -23.62 72.79 3.75
CA ALA B 10 -23.04 72.26 4.98
C ALA B 10 -22.22 73.34 5.67
N HIS B 11 -21.93 73.14 6.97
CA HIS B 11 -21.17 74.08 7.78
C HIS B 11 -19.74 74.30 7.28
N CYS B 12 -19.34 75.57 7.24
CA CYS B 12 -18.01 76.03 6.88
C CYS B 12 -17.58 77.04 7.95
N PRO B 13 -16.41 76.89 8.61
CA PRO B 13 -16.02 77.84 9.67
C PRO B 13 -15.68 79.25 9.18
N ASP B 14 -15.26 79.38 7.90
CA ASP B 14 -14.88 80.67 7.31
C ASP B 14 -15.34 80.78 5.86
N CYS B 15 -16.43 81.54 5.64
CA CYS B 15 -17.01 81.80 4.32
C CYS B 15 -16.50 83.14 3.75
N GLY B 16 -15.49 83.70 4.40
CA GLY B 16 -14.90 84.98 4.08
C GLY B 16 -15.02 85.92 5.26
N GLU B 17 -13.93 86.62 5.60
CA GLU B 17 -13.82 87.57 6.73
C GLU B 17 -13.92 86.89 8.12
N GLY B 18 -13.66 85.59 8.17
CA GLY B 18 -13.67 84.78 9.39
C GLY B 18 -15.03 84.39 9.93
N HIS B 19 -16.11 84.69 9.18
CA HIS B 19 -17.49 84.37 9.58
C HIS B 19 -17.98 83.04 9.01
N SER B 20 -18.59 82.20 9.87
CA SER B 20 -19.14 80.91 9.50
C SER B 20 -20.47 81.05 8.75
N CYS B 21 -20.79 80.09 7.86
CA CYS B 21 -22.03 80.08 7.08
C CYS B 21 -22.42 78.67 6.62
N HIS B 22 -23.66 78.53 6.10
CA HIS B 22 -24.18 77.31 5.50
C HIS B 22 -23.73 77.42 4.04
N SER B 23 -22.56 76.87 3.75
CA SER B 23 -21.86 76.98 2.47
C SER B 23 -22.28 76.00 1.36
N PRO B 24 -22.42 76.50 0.11
CA PRO B 24 -22.70 75.58 -1.02
C PRO B 24 -21.40 75.01 -1.63
N VAL B 25 -20.24 75.33 -1.02
CA VAL B 25 -18.90 74.91 -1.41
C VAL B 25 -18.11 74.48 -0.14
N ALA B 26 -18.83 73.96 0.88
CA ALA B 26 -18.27 73.53 2.16
C ALA B 26 -17.21 72.45 2.00
N LEU B 27 -16.08 72.60 2.71
CA LEU B 27 -14.98 71.64 2.67
C LEU B 27 -15.28 70.47 3.59
N GLU B 28 -15.20 69.25 3.03
CA GLU B 28 -15.46 68.01 3.75
C GLU B 28 -14.19 67.38 4.27
N ARG B 29 -13.23 67.12 3.36
CA ARG B 29 -11.97 66.44 3.65
C ARG B 29 -10.92 66.77 2.61
N ILE B 30 -9.68 66.99 3.07
CA ILE B 30 -8.52 67.23 2.20
C ILE B 30 -7.57 66.05 2.39
N ARG B 31 -7.29 65.34 1.29
CA ARG B 31 -6.40 64.18 1.29
C ARG B 31 -5.06 64.55 0.67
N ASN B 32 -3.97 64.20 1.37
CA ASN B 32 -2.60 64.49 0.94
C ASN B 32 -1.66 63.29 1.12
N GLU B 33 -2.11 62.11 0.67
CA GLU B 33 -1.32 60.87 0.77
C GLU B 33 -0.36 60.73 -0.42
N ALA B 34 -0.65 61.44 -1.52
CA ALA B 34 0.16 61.45 -2.74
C ALA B 34 1.50 62.13 -2.48
N THR B 35 2.60 61.37 -2.63
CA THR B 35 3.96 61.87 -2.40
C THR B 35 4.38 62.93 -3.43
N ASP B 36 3.73 62.94 -4.62
CA ASP B 36 3.99 63.93 -5.66
C ASP B 36 3.46 65.35 -5.30
N GLY B 37 2.74 65.45 -4.20
CA GLY B 37 2.20 66.71 -3.68
C GLY B 37 0.77 67.04 -4.06
N THR B 38 0.13 66.20 -4.90
CA THR B 38 -1.26 66.41 -5.36
C THR B 38 -2.23 66.30 -4.19
N LEU B 39 -3.17 67.24 -4.10
CA LEU B 39 -4.20 67.25 -3.06
C LEU B 39 -5.52 66.79 -3.64
N LYS B 40 -6.20 65.87 -2.94
CA LYS B 40 -7.52 65.39 -3.32
C LYS B 40 -8.49 66.05 -2.35
N ILE B 41 -9.23 67.05 -2.85
CA ILE B 41 -10.15 67.87 -2.06
C ILE B 41 -11.60 67.45 -2.29
N GLN B 42 -12.38 67.31 -1.19
CA GLN B 42 -13.80 66.96 -1.23
C GLN B 42 -14.65 68.15 -0.77
N VAL B 43 -15.60 68.58 -1.63
CA VAL B 43 -16.51 69.70 -1.38
C VAL B 43 -17.99 69.29 -1.41
N SER B 44 -18.89 70.16 -0.89
CA SER B 44 -20.33 69.90 -0.84
C SER B 44 -21.03 70.00 -2.22
N LEU B 45 -20.43 70.72 -3.18
CA LEU B 45 -21.00 70.85 -4.54
C LEU B 45 -20.53 69.73 -5.48
N GLN B 46 -21.10 69.67 -6.70
CA GLN B 46 -20.77 68.67 -7.71
C GLN B 46 -20.36 69.32 -9.03
N ILE B 47 -19.09 69.12 -9.44
CA ILE B 47 -18.49 69.66 -10.66
C ILE B 47 -18.66 68.69 -11.84
N GLY B 48 -18.92 69.24 -13.02
CA GLY B 48 -19.08 68.48 -14.24
C GLY B 48 -20.47 67.89 -14.46
N ILE B 49 -21.42 68.24 -13.56
CA ILE B 49 -22.80 67.76 -13.60
C ILE B 49 -23.76 68.95 -13.58
N LYS B 50 -24.80 68.90 -14.44
CA LYS B 50 -25.85 69.91 -14.52
C LYS B 50 -27.03 69.45 -13.64
N THR B 51 -28.01 70.35 -13.38
CA THR B 51 -29.20 70.05 -12.56
C THR B 51 -30.08 68.92 -13.12
N ASP B 52 -30.04 68.70 -14.45
CA ASP B 52 -30.79 67.64 -15.13
C ASP B 52 -30.03 66.29 -15.12
N ASP B 53 -28.91 66.23 -14.34
CA ASP B 53 -27.99 65.10 -14.13
C ASP B 53 -27.01 64.82 -15.27
N SER B 54 -27.15 65.54 -16.41
CA SER B 54 -26.26 65.38 -17.58
C SER B 54 -24.84 65.84 -17.28
N HIS B 55 -23.86 65.15 -17.90
CA HIS B 55 -22.44 65.44 -17.72
C HIS B 55 -22.00 66.55 -18.67
N ASP B 56 -21.42 67.63 -18.10
CA ASP B 56 -20.91 68.78 -18.83
C ASP B 56 -19.73 69.34 -18.04
N TRP B 57 -18.50 69.16 -18.56
CA TRP B 57 -17.26 69.61 -17.93
C TRP B 57 -17.17 71.13 -17.73
N THR B 58 -17.90 71.92 -18.54
CA THR B 58 -17.93 73.38 -18.47
C THR B 58 -18.89 73.88 -17.37
N LYS B 59 -19.68 72.96 -16.79
CA LYS B 59 -20.67 73.28 -15.76
C LYS B 59 -20.36 72.71 -14.38
N LEU B 60 -21.07 73.23 -13.37
CA LEU B 60 -20.96 72.90 -11.95
C LEU B 60 -22.35 73.03 -11.33
N ARG B 61 -22.72 72.13 -10.41
CA ARG B 61 -24.00 72.24 -9.70
C ARG B 61 -23.80 72.38 -8.19
N TYR B 62 -24.47 73.37 -7.61
CA TYR B 62 -24.41 73.70 -6.19
C TYR B 62 -25.83 73.84 -5.62
N MET B 63 -25.99 73.68 -4.30
CA MET B 63 -27.29 73.83 -3.66
C MET B 63 -27.59 75.32 -3.43
N ASP B 64 -28.62 75.82 -4.13
CA ASP B 64 -29.06 77.22 -4.03
C ASP B 64 -30.33 77.25 -3.18
N ASN B 65 -30.17 77.52 -1.88
CA ASN B 65 -31.24 77.58 -0.88
C ASN B 65 -31.93 76.21 -0.71
N HIS B 66 -33.03 75.96 -1.44
CA HIS B 66 -33.80 74.71 -1.37
C HIS B 66 -33.55 73.80 -2.58
N MET B 67 -33.26 74.39 -3.75
CA MET B 67 -33.07 73.66 -5.01
C MET B 67 -31.66 73.79 -5.60
N PRO B 68 -31.11 72.74 -6.25
CA PRO B 68 -29.78 72.87 -6.88
C PRO B 68 -29.81 73.79 -8.11
N ALA B 69 -28.70 74.51 -8.36
CA ALA B 69 -28.58 75.44 -9.48
C ALA B 69 -27.26 75.25 -10.25
N ASP B 70 -27.23 75.66 -11.53
CA ASP B 70 -26.05 75.56 -12.39
C ASP B 70 -25.13 76.77 -12.26
N ALA B 71 -23.82 76.52 -12.36
CA ALA B 71 -22.74 77.52 -12.30
C ALA B 71 -21.62 77.12 -13.26
N GLU B 72 -20.76 78.08 -13.63
CA GLU B 72 -19.64 77.84 -14.54
C GLU B 72 -18.44 77.19 -13.86
N ARG B 73 -17.77 76.26 -14.56
CA ARG B 73 -16.56 75.57 -14.10
C ARG B 73 -15.38 76.55 -14.08
N ALA B 74 -15.35 77.51 -15.02
CA ALA B 74 -14.30 78.53 -15.14
C ALA B 74 -14.18 79.41 -13.89
N GLY B 75 -15.31 79.63 -13.20
CA GLY B 75 -15.38 80.42 -11.97
C GLY B 75 -14.88 79.71 -10.73
N LEU B 76 -14.67 78.38 -10.82
CA LEU B 76 -14.16 77.57 -9.71
C LEU B 76 -12.67 77.85 -9.48
N PHE B 77 -12.28 78.05 -8.22
CA PHE B 77 -10.91 78.33 -7.82
C PHE B 77 -10.51 77.61 -6.54
N VAL B 78 -9.22 77.29 -6.42
CA VAL B 78 -8.60 76.66 -5.25
C VAL B 78 -7.37 77.50 -4.92
N ARG B 79 -7.17 77.84 -3.63
CA ARG B 79 -6.02 78.63 -3.19
C ARG B 79 -5.59 78.32 -1.76
N THR B 80 -4.28 78.45 -1.48
CA THR B 80 -3.69 78.26 -0.16
C THR B 80 -3.22 79.64 0.29
N SER B 81 -1.92 79.95 0.11
CA SER B 81 -1.35 81.27 0.39
C SER B 81 -1.41 82.09 -0.91
N ALA B 82 -1.54 81.39 -2.05
CA ALA B 82 -1.63 81.90 -3.42
C ALA B 82 -2.49 80.93 -4.27
N PRO B 83 -2.94 81.27 -5.51
CA PRO B 83 -3.77 80.33 -6.28
C PRO B 83 -3.12 78.98 -6.59
N CYS B 84 -3.96 77.92 -6.63
CA CYS B 84 -3.54 76.55 -6.92
C CYS B 84 -3.80 76.22 -8.40
N THR B 85 -3.11 75.20 -8.91
CA THR B 85 -3.30 74.69 -10.27
C THR B 85 -4.25 73.51 -10.16
N ILE B 86 -5.47 73.65 -10.69
CA ILE B 86 -6.46 72.57 -10.65
C ILE B 86 -6.14 71.58 -11.77
N THR B 87 -5.85 70.32 -11.40
CA THR B 87 -5.47 69.26 -12.34
C THR B 87 -6.62 68.34 -12.79
N GLY B 88 -7.70 68.29 -12.00
CA GLY B 88 -8.87 67.47 -12.31
C GLY B 88 -10.06 67.78 -11.42
N THR B 89 -11.27 67.69 -12.01
CA THR B 89 -12.55 67.94 -11.33
C THR B 89 -13.62 66.97 -11.82
N MET B 90 -14.37 66.37 -10.87
CA MET B 90 -15.46 65.43 -11.10
C MET B 90 -16.25 65.24 -9.81
N GLY B 91 -17.53 65.62 -9.84
CA GLY B 91 -18.45 65.55 -8.72
C GLY B 91 -17.99 66.35 -7.52
N HIS B 92 -17.94 65.72 -6.35
CA HIS B 92 -17.51 66.36 -5.10
C HIS B 92 -15.98 66.51 -5.01
N PHE B 93 -15.22 66.03 -6.00
CA PHE B 93 -13.77 66.00 -5.96
C PHE B 93 -12.99 66.94 -6.88
N ILE B 94 -11.91 67.50 -6.32
CA ILE B 94 -10.97 68.41 -7.00
C ILE B 94 -9.53 67.93 -6.76
N LEU B 95 -8.73 67.92 -7.81
CA LEU B 95 -7.31 67.60 -7.76
C LEU B 95 -6.57 68.92 -7.96
N ALA B 96 -5.65 69.26 -7.04
CA ALA B 96 -4.93 70.51 -7.13
C ALA B 96 -3.47 70.44 -6.69
N ARG B 97 -2.62 71.23 -7.35
CA ARG B 97 -1.20 71.39 -7.06
C ARG B 97 -1.11 72.79 -6.43
N CYS B 98 -0.83 72.83 -5.12
CA CYS B 98 -0.84 74.04 -4.33
C CYS B 98 0.52 74.48 -3.81
N PRO B 99 0.81 75.81 -3.73
CA PRO B 99 2.06 76.25 -3.10
C PRO B 99 1.94 76.14 -1.57
N LYS B 100 3.06 76.32 -0.85
CA LYS B 100 3.12 76.25 0.62
C LYS B 100 2.09 77.19 1.28
N GLY B 101 1.36 76.70 2.26
CA GLY B 101 0.34 77.47 2.97
C GLY B 101 -0.09 76.92 4.31
N GLU B 102 -0.95 77.68 5.01
CA GLU B 102 -1.48 77.32 6.33
C GLU B 102 -3.00 77.15 6.31
N THR B 103 -3.65 77.56 5.20
CA THR B 103 -5.09 77.46 4.99
C THR B 103 -5.37 76.90 3.58
N LEU B 104 -6.59 76.41 3.35
CA LEU B 104 -7.02 75.92 2.04
C LEU B 104 -8.40 76.49 1.75
N THR B 105 -8.54 77.18 0.61
CA THR B 105 -9.79 77.83 0.18
C THR B 105 -10.26 77.26 -1.16
N VAL B 106 -11.55 76.92 -1.23
CA VAL B 106 -12.21 76.44 -2.45
C VAL B 106 -13.44 77.33 -2.65
N GLY B 107 -13.54 77.92 -3.83
CA GLY B 107 -14.65 78.81 -4.16
C GLY B 107 -15.14 78.73 -5.59
N PHE B 108 -16.23 79.49 -5.87
CA PHE B 108 -16.87 79.59 -7.18
C PHE B 108 -17.75 80.85 -7.25
N THR B 109 -18.21 81.20 -8.47
CA THR B 109 -19.09 82.33 -8.73
C THR B 109 -20.43 81.77 -9.22
N ASP B 110 -21.54 82.11 -8.53
CA ASP B 110 -22.88 81.63 -8.86
C ASP B 110 -23.53 82.32 -10.08
N SER B 111 -24.81 82.00 -10.35
CA SER B 111 -25.61 82.56 -11.46
C SER B 111 -25.79 84.08 -11.33
N ARG B 112 -25.98 84.57 -10.08
CA ARG B 112 -26.18 85.98 -9.74
C ARG B 112 -24.86 86.77 -9.63
N LYS B 113 -23.74 86.18 -10.12
CA LYS B 113 -22.38 86.73 -10.11
C LYS B 113 -21.81 86.91 -8.68
N ILE B 114 -22.43 86.24 -7.67
CA ILE B 114 -22.02 86.29 -6.27
C ILE B 114 -21.00 85.18 -5.99
N SER B 115 -19.83 85.58 -5.44
CA SER B 115 -18.75 84.66 -5.11
C SER B 115 -19.00 83.95 -3.79
N HIS B 116 -18.76 82.63 -3.75
CA HIS B 116 -18.89 81.79 -2.56
C HIS B 116 -17.58 81.05 -2.34
N SER B 117 -17.06 81.09 -1.11
CA SER B 117 -15.79 80.41 -0.78
C SER B 117 -15.83 79.79 0.62
N CYS B 118 -14.99 78.76 0.85
CA CYS B 118 -14.86 78.07 2.14
C CYS B 118 -13.39 77.90 2.50
N THR B 119 -12.99 78.44 3.66
CA THR B 119 -11.61 78.39 4.15
C THR B 119 -11.49 77.52 5.39
N HIS B 120 -10.56 76.56 5.35
CA HIS B 120 -10.25 75.62 6.44
C HIS B 120 -8.77 75.71 6.77
N PRO B 121 -8.38 75.60 8.06
CA PRO B 121 -6.94 75.59 8.37
C PRO B 121 -6.31 74.27 7.90
N PHE B 122 -5.31 74.35 7.02
CA PHE B 122 -4.63 73.17 6.47
C PHE B 122 -3.17 73.48 6.19
N HIS B 123 -2.27 72.79 6.91
CA HIS B 123 -0.84 72.98 6.70
C HIS B 123 -0.38 72.21 5.47
N HIS B 124 -0.05 72.97 4.41
CA HIS B 124 0.43 72.40 3.16
C HIS B 124 1.87 72.84 2.90
N ASP B 125 2.77 71.87 2.91
CA ASP B 125 4.20 72.01 2.65
C ASP B 125 4.63 70.59 2.24
N PRO B 126 4.37 70.19 0.97
CA PRO B 126 4.67 68.80 0.57
C PRO B 126 6.14 68.41 0.61
N PRO B 127 6.46 67.18 1.11
CA PRO B 127 7.88 66.76 1.15
C PRO B 127 8.52 66.59 -0.21
N VAL B 128 9.85 66.70 -0.25
CA VAL B 128 10.66 66.56 -1.46
C VAL B 128 10.65 65.13 -2.01
N ILE B 129 10.46 65.00 -3.34
CA ILE B 129 10.54 63.72 -4.05
C ILE B 129 12.00 63.62 -4.48
N GLY B 130 12.72 62.72 -3.84
CA GLY B 130 14.14 62.51 -4.09
C GLY B 130 15.05 63.28 -3.16
N ARG B 131 16.16 63.77 -3.70
CA ARG B 131 17.21 64.48 -2.98
C ARG B 131 17.49 65.90 -3.53
N GLU B 132 16.57 66.43 -4.37
CA GLU B 132 16.71 67.76 -4.96
C GLU B 132 15.38 68.51 -4.91
N LYS B 133 15.37 69.72 -4.32
CA LYS B 133 14.17 70.55 -4.20
C LYS B 133 14.04 71.44 -5.45
N PHE B 134 13.29 70.95 -6.45
CA PHE B 134 13.07 71.63 -7.73
C PHE B 134 11.66 72.19 -7.86
N HIS B 135 11.45 73.14 -8.80
CA HIS B 135 10.17 73.81 -9.04
C HIS B 135 9.33 73.14 -10.14
N SER B 136 9.85 73.08 -11.39
CA SER B 136 9.15 72.52 -12.53
C SER B 136 9.50 71.06 -12.83
N ARG B 137 8.52 70.28 -13.28
CA ARG B 137 8.71 68.85 -13.61
C ARG B 137 9.51 68.61 -14.91
N PRO B 138 10.57 67.78 -14.87
CA PRO B 138 11.35 67.53 -16.10
C PRO B 138 10.79 66.42 -16.97
N GLN B 139 11.10 66.47 -18.28
CA GLN B 139 10.69 65.45 -19.26
C GLN B 139 11.55 64.20 -19.05
N HIS B 140 12.86 64.40 -18.80
CA HIS B 140 13.85 63.35 -18.55
C HIS B 140 14.50 63.52 -17.17
N GLY B 141 14.84 62.38 -16.56
CA GLY B 141 15.49 62.33 -15.26
C GLY B 141 15.46 60.95 -14.64
N LYS B 142 15.82 60.87 -13.36
CA LYS B 142 15.84 59.63 -12.58
C LYS B 142 14.39 59.25 -12.25
N GLU B 143 14.01 58.00 -12.56
CA GLU B 143 12.65 57.50 -12.28
C GLU B 143 12.58 57.04 -10.84
N LEU B 144 11.77 57.74 -10.03
CA LEU B 144 11.59 57.43 -8.61
C LEU B 144 10.16 57.02 -8.28
N PRO B 145 9.94 56.06 -7.34
CA PRO B 145 8.57 55.68 -6.99
C PRO B 145 7.85 56.78 -6.23
N CYS B 146 6.64 57.12 -6.69
CA CYS B 146 5.79 58.14 -6.08
C CYS B 146 4.31 57.81 -6.27
N SER B 147 3.45 58.39 -5.43
CA SER B 147 2.02 58.18 -5.54
C SER B 147 1.33 59.46 -5.98
N THR B 148 0.22 59.31 -6.71
CA THR B 148 -0.59 60.42 -7.21
C THR B 148 -2.06 60.01 -7.24
N TYR B 149 -2.95 60.99 -7.40
CA TYR B 149 -4.37 60.74 -7.59
C TYR B 149 -4.53 60.82 -9.10
N VAL B 150 -4.84 59.68 -9.74
CA VAL B 150 -4.97 59.60 -11.20
C VAL B 150 -6.06 60.50 -11.77
N GLN B 151 -5.74 61.28 -12.81
CA GLN B 151 -6.67 62.22 -13.46
C GLN B 151 -7.85 61.57 -14.20
N SER B 152 -7.94 60.22 -14.19
CA SER B 152 -9.02 59.46 -14.82
C SER B 152 -10.34 59.72 -14.10
N THR B 153 -11.35 60.17 -14.88
CA THR B 153 -12.70 60.49 -14.40
C THR B 153 -13.47 59.26 -13.92
N ALA B 154 -13.00 58.06 -14.31
CA ALA B 154 -13.57 56.75 -13.97
C ALA B 154 -13.53 56.50 -12.45
N ALA B 155 -14.61 55.89 -11.94
CA ALA B 155 -14.78 55.56 -10.53
C ALA B 155 -14.91 54.03 -10.41
N THR B 156 -13.83 53.34 -9.99
CA THR B 156 -13.78 51.88 -9.90
C THR B 156 -13.29 51.26 -8.58
N THR B 157 -12.37 51.93 -7.85
CA THR B 157 -11.81 51.37 -6.61
C THR B 157 -12.27 52.08 -5.33
N GLU B 158 -11.89 53.35 -5.13
CA GLU B 158 -12.23 54.15 -3.95
C GLU B 158 -13.73 54.45 -3.89
N GLU B 159 -14.27 54.63 -2.66
CA GLU B 159 -15.69 54.89 -2.42
C GLU B 159 -16.00 55.81 -1.24
N ILE B 160 -17.24 56.33 -1.20
CA ILE B 160 -17.77 57.16 -0.12
C ILE B 160 -19.13 56.64 0.31
N GLU B 161 -19.51 56.90 1.58
CA GLU B 161 -20.80 56.49 2.11
C GLU B 161 -21.82 57.58 1.79
N VAL B 162 -23.03 57.14 1.41
CA VAL B 162 -24.14 58.03 1.08
C VAL B 162 -25.42 57.59 1.81
N HIS B 163 -26.31 58.55 2.09
CA HIS B 163 -27.60 58.31 2.74
C HIS B 163 -28.59 59.42 2.37
N MET B 164 -29.87 59.19 2.68
CA MET B 164 -30.90 60.18 2.38
C MET B 164 -30.53 61.55 2.94
N PRO B 165 -30.81 62.60 2.16
CA PRO B 165 -30.50 63.97 2.57
C PRO B 165 -31.30 64.39 3.80
N PRO B 166 -31.17 65.65 4.19
CA PRO B 166 -31.89 66.17 5.36
C PRO B 166 -32.95 67.19 4.95
N ASP B 167 -33.48 67.91 5.94
CA ASP B 167 -34.51 68.92 5.68
C ASP B 167 -33.93 70.33 5.82
N THR B 168 -34.63 71.30 5.23
CA THR B 168 -34.19 72.70 5.28
C THR B 168 -35.06 73.49 6.28
N PRO B 169 -34.53 73.88 7.46
CA PRO B 169 -35.34 74.65 8.42
C PRO B 169 -35.77 76.02 7.89
N ASP B 170 -37.06 76.33 8.03
CA ASP B 170 -37.65 77.58 7.56
C ASP B 170 -38.74 78.02 8.54
N ARG B 171 -38.45 79.07 9.31
CA ARG B 171 -39.37 79.62 10.31
C ARG B 171 -40.54 80.41 9.70
N THR B 172 -40.38 80.86 8.42
CA THR B 172 -41.41 81.61 7.68
C THR B 172 -42.63 80.75 7.33
N LEU B 173 -42.50 79.41 7.43
CA LEU B 173 -43.57 78.44 7.18
C LEU B 173 -44.66 78.54 8.25
N MET B 174 -44.27 78.96 9.48
CA MET B 174 -45.14 79.12 10.64
C MET B 174 -45.54 80.57 10.85
N SER B 175 -46.81 80.79 11.25
CA SER B 175 -47.37 82.11 11.53
C SER B 175 -48.36 82.04 12.70
N GLN B 176 -48.53 83.17 13.41
CA GLN B 176 -49.44 83.27 14.55
C GLN B 176 -50.90 83.54 14.15
N GLN B 177 -51.72 82.48 14.07
CA GLN B 177 -53.13 82.59 13.74
C GLN B 177 -53.88 82.92 15.03
N SER B 178 -53.97 84.24 15.35
CA SER B 178 -54.57 84.87 16.54
C SER B 178 -53.77 84.54 17.81
N GLY B 179 -53.75 83.27 18.20
CA GLY B 179 -53.03 82.75 19.35
C GLY B 179 -52.67 81.29 19.17
N ASN B 180 -52.59 80.84 17.90
CA ASN B 180 -52.28 79.48 17.48
C ASN B 180 -51.13 79.47 16.46
N VAL B 181 -50.76 78.27 15.94
CA VAL B 181 -49.69 78.10 14.96
C VAL B 181 -50.29 77.68 13.61
N LYS B 182 -49.98 78.45 12.55
CA LYS B 182 -50.44 78.18 11.19
C LYS B 182 -49.25 77.80 10.31
N ILE B 183 -49.19 76.52 9.90
CA ILE B 183 -48.14 76.00 9.02
C ILE B 183 -48.66 76.00 7.58
N THR B 184 -48.08 76.85 6.73
CA THR B 184 -48.44 76.98 5.32
C THR B 184 -47.35 76.31 4.47
N VAL B 185 -47.70 75.17 3.85
CA VAL B 185 -46.80 74.36 3.03
C VAL B 185 -46.35 75.01 1.71
N ASN B 186 -47.27 75.73 1.03
CA ASN B 186 -47.06 76.40 -0.27
C ASN B 186 -46.60 75.42 -1.36
N GLY B 187 -47.32 74.32 -1.50
CA GLY B 187 -47.07 73.27 -2.48
C GLY B 187 -45.80 72.46 -2.26
N GLN B 188 -45.36 72.36 -0.98
CA GLN B 188 -44.15 71.63 -0.58
C GLN B 188 -44.49 70.56 0.46
N THR B 189 -43.51 69.67 0.74
CA THR B 189 -43.64 68.63 1.76
C THR B 189 -42.86 69.16 2.98
N VAL B 190 -43.58 69.46 4.06
CA VAL B 190 -43.02 70.06 5.29
C VAL B 190 -43.08 69.09 6.47
N ARG B 191 -41.94 68.92 7.16
CA ARG B 191 -41.84 68.11 8.37
C ARG B 191 -41.93 69.09 9.54
N TYR B 192 -42.92 68.89 10.42
CA TYR B 192 -43.14 69.78 11.56
C TYR B 192 -43.21 69.07 12.90
N LYS B 193 -42.75 69.75 13.95
CA LYS B 193 -42.74 69.29 15.34
C LYS B 193 -43.02 70.46 16.28
N CYS B 194 -44.06 70.31 17.13
CA CYS B 194 -44.47 71.33 18.10
C CYS B 194 -44.40 70.79 19.51
N ASN B 195 -44.01 71.65 20.48
CA ASN B 195 -43.93 71.31 21.90
C ASN B 195 -45.34 71.49 22.52
N CYS B 196 -46.35 70.84 21.90
CA CYS B 196 -47.77 70.88 22.27
C CYS B 196 -48.41 69.48 22.10
N GLY B 197 -49.69 69.37 22.47
CA GLY B 197 -50.45 68.12 22.36
C GLY B 197 -51.12 67.91 21.03
N GLY B 198 -51.77 66.76 20.88
CA GLY B 198 -52.49 66.38 19.67
C GLY B 198 -51.58 66.00 18.52
N SER B 199 -51.95 66.40 17.29
CA SER B 199 -51.19 66.13 16.07
C SER B 199 -50.02 67.12 15.93
N ASN B 200 -49.03 67.03 16.84
CA ASN B 200 -47.85 67.89 16.90
C ASN B 200 -46.68 67.40 16.02
N GLU B 201 -46.86 66.29 15.30
CA GLU B 201 -45.84 65.68 14.43
C GLU B 201 -46.45 65.19 13.13
N GLY B 202 -45.69 65.30 12.04
CA GLY B 202 -46.14 64.84 10.73
C GLY B 202 -45.39 65.36 9.53
N LEU B 203 -45.41 64.55 8.45
CA LEU B 203 -44.82 64.85 7.15
C LEU B 203 -46.01 65.24 6.27
N THR B 204 -46.37 66.53 6.30
CA THR B 204 -47.53 67.07 5.60
C THR B 204 -47.29 67.62 4.20
N THR B 205 -48.28 67.40 3.32
CA THR B 205 -48.33 67.88 1.94
C THR B 205 -49.40 68.98 1.83
N THR B 206 -50.18 69.18 2.92
CA THR B 206 -51.26 70.18 3.03
C THR B 206 -51.06 71.06 4.27
N ASP B 207 -51.76 72.22 4.33
CA ASP B 207 -51.70 73.18 5.43
C ASP B 207 -52.21 72.59 6.74
N LYS B 208 -51.54 72.93 7.85
CA LYS B 208 -51.89 72.43 9.18
C LYS B 208 -51.98 73.56 10.21
N VAL B 209 -52.88 73.40 11.20
CA VAL B 209 -53.09 74.37 12.29
C VAL B 209 -52.95 73.67 13.65
N ILE B 210 -52.18 74.29 14.57
CA ILE B 210 -51.97 73.76 15.92
C ILE B 210 -52.50 74.78 16.93
N ASN B 211 -53.73 74.54 17.44
CA ASN B 211 -54.39 75.41 18.41
C ASN B 211 -53.78 75.29 19.82
N ASN B 212 -53.84 76.39 20.60
CA ASN B 212 -53.30 76.53 21.97
C ASN B 212 -51.77 76.33 22.02
N CYS B 213 -51.11 76.57 20.87
CA CYS B 213 -49.67 76.43 20.69
C CYS B 213 -49.06 77.77 20.28
N LYS B 214 -47.82 78.02 20.72
CA LYS B 214 -47.09 79.26 20.39
C LYS B 214 -46.08 78.99 19.26
N VAL B 215 -45.83 80.00 18.42
CA VAL B 215 -44.91 79.93 17.28
C VAL B 215 -43.45 79.53 17.64
N ASP B 216 -42.99 79.93 18.84
CA ASP B 216 -41.65 79.63 19.36
C ASP B 216 -41.51 78.15 19.80
N GLN B 217 -42.64 77.49 20.12
CA GLN B 217 -42.70 76.08 20.55
C GLN B 217 -42.64 75.10 19.36
N CYS B 218 -42.65 75.62 18.12
CA CYS B 218 -42.66 74.80 16.91
C CYS B 218 -41.40 74.88 16.05
N HIS B 219 -41.13 73.79 15.31
CA HIS B 219 -40.02 73.62 14.38
C HIS B 219 -40.58 73.15 13.05
N ALA B 220 -40.24 73.85 11.95
CA ALA B 220 -40.70 73.52 10.60
C ALA B 220 -39.54 73.48 9.62
N ALA B 221 -39.57 72.50 8.70
CA ALA B 221 -38.54 72.31 7.69
C ALA B 221 -39.08 71.69 6.40
N VAL B 222 -38.58 72.17 5.25
CA VAL B 222 -38.95 71.70 3.92
C VAL B 222 -38.07 70.48 3.56
N THR B 223 -38.70 69.38 3.15
CA THR B 223 -37.97 68.17 2.84
C THR B 223 -38.24 67.69 1.41
N ASN B 224 -37.69 66.52 1.08
CA ASN B 224 -37.86 65.94 -0.25
C ASN B 224 -37.35 64.50 -0.31
N HIS B 225 -38.02 63.61 0.41
CA HIS B 225 -37.63 62.21 0.44
C HIS B 225 -37.48 61.64 -0.97
N LYS B 226 -36.38 62.00 -1.62
CA LYS B 226 -36.11 61.53 -2.97
C LYS B 226 -34.70 61.91 -3.41
N LYS B 227 -33.71 61.36 -2.71
CA LYS B 227 -32.30 61.65 -3.01
C LYS B 227 -31.28 61.06 -2.03
N TRP B 228 -30.03 60.97 -2.49
CA TRP B 228 -28.89 60.53 -1.71
C TRP B 228 -27.96 61.71 -1.52
N GLN B 229 -27.17 61.68 -0.46
CA GLN B 229 -26.24 62.74 -0.09
C GLN B 229 -25.07 62.08 0.62
N TYR B 230 -23.85 62.63 0.45
CA TYR B 230 -22.67 62.11 1.14
C TYR B 230 -22.93 62.08 2.65
N ASN B 231 -22.47 61.00 3.33
CA ASN B 231 -22.60 60.82 4.77
C ASN B 231 -21.68 61.85 5.45
N SER B 232 -22.12 63.11 5.46
CA SER B 232 -21.41 64.28 5.95
C SER B 232 -21.52 64.49 7.47
N PRO B 233 -20.40 64.66 8.18
CA PRO B 233 -20.49 64.96 9.63
C PRO B 233 -20.92 66.41 9.90
N LEU B 234 -21.08 67.22 8.83
CA LEU B 234 -21.48 68.64 8.86
C LEU B 234 -22.99 68.81 8.62
N VAL B 235 -23.70 67.71 8.35
CA VAL B 235 -25.14 67.65 8.07
C VAL B 235 -25.77 66.63 9.05
N PRO B 236 -26.95 66.90 9.68
CA PRO B 236 -27.49 65.90 10.61
C PRO B 236 -28.02 64.64 9.93
N ARG B 237 -28.06 63.53 10.68
CA ARG B 237 -28.56 62.25 10.21
C ARG B 237 -30.09 62.30 10.11
N ASN B 238 -30.69 61.51 9.21
CA ASN B 238 -32.15 61.47 9.08
C ASN B 238 -32.69 60.75 10.33
N ALA B 239 -33.54 61.45 11.11
CA ALA B 239 -34.11 60.96 12.36
C ALA B 239 -35.00 59.73 12.23
N GLU B 240 -35.83 59.65 11.17
CA GLU B 240 -36.76 58.55 10.92
C GLU B 240 -36.04 57.21 10.68
N LEU B 241 -35.17 57.15 9.67
CA LEU B 241 -34.41 55.94 9.34
C LEU B 241 -33.19 55.77 10.26
N GLY B 242 -32.83 54.52 10.56
CA GLY B 242 -31.72 54.18 11.43
C GLY B 242 -30.35 54.37 10.81
N ASP B 243 -29.55 53.29 10.78
CA ASP B 243 -28.20 53.30 10.19
C ASP B 243 -28.21 52.93 8.70
N ARG B 244 -29.30 53.31 7.99
CA ARG B 244 -29.49 53.05 6.56
C ARG B 244 -28.52 53.87 5.74
N LYS B 245 -27.73 53.18 4.90
CA LYS B 245 -26.72 53.82 4.04
C LYS B 245 -26.41 53.03 2.78
N GLY B 246 -25.97 53.76 1.76
CA GLY B 246 -25.52 53.23 0.48
C GLY B 246 -24.06 53.62 0.29
N LYS B 247 -23.46 53.19 -0.82
CA LYS B 247 -22.08 53.53 -1.15
C LYS B 247 -21.88 53.74 -2.64
N ILE B 248 -21.05 54.71 -3.01
CA ILE B 248 -20.81 55.04 -4.42
C ILE B 248 -19.31 55.14 -4.70
N HIS B 249 -18.87 54.70 -5.89
CA HIS B 249 -17.46 54.81 -6.29
C HIS B 249 -17.11 56.26 -6.55
N ILE B 250 -15.85 56.66 -6.32
CA ILE B 250 -15.40 58.05 -6.48
C ILE B 250 -14.26 58.20 -7.52
N PRO B 251 -14.16 59.36 -8.22
CA PRO B 251 -13.06 59.51 -9.20
C PRO B 251 -11.72 59.78 -8.50
N PHE B 252 -10.64 59.78 -9.30
CA PHE B 252 -9.27 60.07 -8.88
C PHE B 252 -8.71 59.22 -7.72
N PRO B 253 -8.67 57.87 -7.82
CA PRO B 253 -8.09 57.08 -6.71
C PRO B 253 -6.59 57.23 -6.61
N LEU B 254 -6.02 56.99 -5.41
CA LEU B 254 -4.58 57.05 -5.19
C LEU B 254 -3.94 55.81 -5.82
N ALA B 255 -2.87 56.00 -6.61
CA ALA B 255 -2.16 54.92 -7.28
C ALA B 255 -0.65 55.14 -7.32
N ASN B 256 0.11 54.03 -7.32
CA ASN B 256 1.57 54.04 -7.38
C ASN B 256 2.01 54.28 -8.82
N VAL B 257 2.80 55.35 -9.03
CA VAL B 257 3.31 55.76 -10.34
C VAL B 257 4.82 56.05 -10.26
N THR B 258 5.35 56.73 -11.29
CA THR B 258 6.75 57.12 -11.37
C THR B 258 6.86 58.65 -11.47
N CYS B 259 7.81 59.23 -10.72
CA CYS B 259 8.10 60.65 -10.71
C CYS B 259 9.51 60.86 -11.25
N ARG B 260 9.65 61.70 -12.28
CA ARG B 260 10.95 61.99 -12.88
C ARG B 260 11.58 63.18 -12.18
N VAL B 261 12.96 62.95 -11.94
CA VAL B 261 14.13 63.62 -11.09
C VAL B 261 15.79 63.48 -11.41
N PRO B 262 16.80 63.50 -10.43
CA PRO B 262 18.32 63.70 -10.64
C PRO B 262 19.65 62.95 -9.91
N LYS B 263 20.94 63.50 -9.85
CA LYS B 263 22.32 62.80 -9.40
C LYS B 263 23.71 63.48 -8.71
N ALA B 264 24.98 62.87 -8.77
CA ALA B 264 26.31 63.26 -7.96
C ALA B 264 27.95 63.07 -8.36
N ARG B 265 28.98 63.08 -7.40
CA ARG B 265 30.57 63.16 -7.61
C ARG B 265 31.78 62.37 -6.75
N ASN B 266 33.15 62.69 -6.70
CA ASN B 266 34.07 61.75 -6.06
C ASN B 266 35.13 62.46 -5.23
N PRO B 267 35.27 62.11 -3.93
CA PRO B 267 36.24 62.82 -3.08
C PRO B 267 37.70 62.53 -3.39
N THR B 268 38.60 63.43 -2.93
CA THR B 268 40.05 63.28 -3.09
C THR B 268 40.47 62.19 -2.09
N VAL B 269 41.01 61.09 -2.60
CA VAL B 269 41.39 59.93 -1.78
C VAL B 269 42.90 59.70 -1.62
N THR B 270 43.35 59.61 -0.36
CA THR B 270 44.74 59.32 0.02
C THR B 270 44.78 58.06 0.88
N TYR B 271 45.89 57.30 0.84
CA TYR B 271 46.00 56.05 1.58
C TYR B 271 47.08 55.99 2.66
N GLY B 272 46.90 55.06 3.59
CA GLY B 272 47.79 54.75 4.70
C GLY B 272 47.67 53.29 5.07
N LYS B 273 48.53 52.78 5.98
CA LYS B 273 48.51 51.38 6.41
C LYS B 273 47.18 51.05 7.09
N ASN B 274 46.35 50.21 6.41
CA ASN B 274 45.00 49.79 6.83
C ASN B 274 44.09 51.00 7.11
N GLN B 275 44.31 52.09 6.35
CA GLN B 275 43.61 53.37 6.54
C GLN B 275 43.33 54.09 5.22
N VAL B 276 42.11 54.64 5.09
CA VAL B 276 41.67 55.42 3.93
C VAL B 276 41.25 56.83 4.39
N ILE B 277 41.77 57.87 3.70
CA ILE B 277 41.50 59.26 4.03
C ILE B 277 40.80 59.95 2.85
N MET B 278 39.57 60.44 3.08
CA MET B 278 38.75 61.10 2.07
C MET B 278 38.48 62.56 2.43
N LEU B 279 38.72 63.47 1.46
CA LEU B 279 38.45 64.89 1.61
C LEU B 279 37.10 65.16 0.94
N LEU B 280 36.03 65.21 1.75
CA LEU B 280 34.66 65.40 1.26
C LEU B 280 34.32 66.88 1.06
N TYR B 281 33.85 67.21 -0.15
CA TYR B 281 33.44 68.56 -0.55
C TYR B 281 31.97 68.53 -1.02
N PRO B 282 30.97 68.45 -0.11
CA PRO B 282 29.58 68.40 -0.57
C PRO B 282 29.00 69.76 -0.95
N ASP B 283 28.18 69.77 -2.01
CA ASP B 283 27.50 70.98 -2.51
C ASP B 283 26.14 71.14 -1.83
N HIS B 284 25.70 70.09 -1.11
CA HIS B 284 24.43 69.98 -0.39
C HIS B 284 24.53 68.80 0.63
N PRO B 285 23.60 68.64 1.63
CA PRO B 285 23.74 67.49 2.56
C PRO B 285 23.85 66.16 1.83
N THR B 286 24.95 65.44 2.11
CA THR B 286 25.28 64.17 1.46
C THR B 286 25.53 63.08 2.51
N LEU B 287 24.80 61.96 2.39
CA LEU B 287 24.91 60.84 3.31
C LEU B 287 26.13 59.97 3.02
N LEU B 288 26.99 59.81 4.03
CA LEU B 288 28.19 58.99 3.97
C LEU B 288 27.96 57.76 4.85
N SER B 289 28.11 56.56 4.27
CA SER B 289 27.93 55.30 4.98
C SER B 289 29.08 54.35 4.69
N TYR B 290 29.42 53.51 5.68
CA TYR B 290 30.51 52.54 5.57
C TYR B 290 30.32 51.29 6.41
N ARG B 291 30.91 50.17 5.96
CA ARG B 291 30.84 48.88 6.62
C ARG B 291 32.04 48.00 6.28
N ASN B 292 32.45 47.15 7.23
CA ASN B 292 33.52 46.18 7.05
C ASN B 292 32.90 45.01 6.26
N MET B 293 33.66 44.40 5.35
CA MET B 293 33.15 43.29 4.54
C MET B 293 33.42 41.90 5.15
N GLY B 294 33.48 41.86 6.48
CA GLY B 294 33.70 40.65 7.26
C GLY B 294 32.51 40.29 8.12
N GLU B 295 32.74 39.46 9.16
CA GLU B 295 31.74 38.98 10.11
C GLU B 295 31.10 40.10 10.93
N GLU B 296 31.90 41.12 11.30
CA GLU B 296 31.45 42.28 12.08
C GLU B 296 31.44 43.51 11.13
N PRO B 297 30.30 43.79 10.46
CA PRO B 297 30.27 44.93 9.52
C PRO B 297 30.42 46.30 10.17
N ASN B 298 29.86 46.48 11.40
CA ASN B 298 29.89 47.72 12.18
C ASN B 298 29.46 48.92 11.32
N TYR B 299 28.21 48.87 10.83
CA TYR B 299 27.65 49.91 9.97
C TYR B 299 27.57 51.25 10.67
N GLN B 300 28.13 52.28 10.02
CA GLN B 300 28.14 53.66 10.52
C GLN B 300 27.67 54.60 9.42
N GLU B 301 26.92 55.65 9.79
CA GLU B 301 26.42 56.65 8.86
C GLU B 301 26.42 58.05 9.45
N GLU B 302 26.64 59.05 8.58
CA GLU B 302 26.63 60.48 8.94
C GLU B 302 26.29 61.35 7.73
N TRP B 303 25.48 62.40 7.97
CA TRP B 303 25.12 63.36 6.93
C TRP B 303 26.19 64.44 6.90
N VAL B 304 26.92 64.53 5.78
CA VAL B 304 28.01 65.50 5.61
C VAL B 304 27.42 66.79 5.02
N MET B 305 27.47 67.87 5.81
CA MET B 305 26.91 69.18 5.45
C MET B 305 27.90 70.06 4.66
N HIS B 306 29.17 70.10 5.10
CA HIS B 306 30.22 70.89 4.44
C HIS B 306 31.59 70.18 4.49
N LYS B 307 32.67 70.87 4.05
CA LYS B 307 34.06 70.40 4.00
C LYS B 307 34.48 69.62 5.25
N LYS B 308 34.71 68.30 5.09
CA LYS B 308 35.10 67.41 6.18
C LYS B 308 36.05 66.31 5.72
N GLU B 309 37.15 66.12 6.46
CA GLU B 309 38.14 65.07 6.20
C GLU B 309 37.74 63.85 7.05
N VAL B 310 37.58 62.69 6.41
CA VAL B 310 37.20 61.46 7.10
C VAL B 310 38.30 60.40 7.07
N VAL B 311 38.71 59.93 8.26
CA VAL B 311 39.75 58.92 8.43
C VAL B 311 39.04 57.61 8.78
N LEU B 312 39.14 56.62 7.88
CA LEU B 312 38.48 55.31 8.02
C LEU B 312 39.48 54.17 8.03
N THR B 313 39.26 53.18 8.90
CA THR B 313 40.12 52.00 9.01
C THR B 313 39.68 50.92 8.03
N VAL B 314 40.62 50.45 7.20
CA VAL B 314 40.37 49.41 6.20
C VAL B 314 40.86 48.06 6.76
N PRO B 315 39.93 47.15 7.18
CA PRO B 315 40.39 45.85 7.71
C PRO B 315 40.76 44.87 6.59
N THR B 316 41.38 43.73 6.96
CA THR B 316 41.83 42.66 6.04
C THR B 316 40.72 42.16 5.10
N GLU B 317 39.50 42.02 5.64
CA GLU B 317 38.29 41.57 4.93
C GLU B 317 37.82 42.58 3.89
N GLY B 318 38.15 43.87 4.12
CA GLY B 318 37.80 44.97 3.23
C GLY B 318 36.79 45.94 3.80
N LEU B 319 36.74 47.15 3.22
CA LEU B 319 35.81 48.21 3.62
C LEU B 319 35.00 48.73 2.42
N GLU B 320 33.67 48.83 2.59
CA GLU B 320 32.76 49.34 1.56
C GLU B 320 32.26 50.73 2.01
N VAL B 321 32.46 51.76 1.17
CA VAL B 321 32.08 53.14 1.46
C VAL B 321 31.09 53.67 0.42
N THR B 322 29.93 54.20 0.86
CA THR B 322 28.93 54.79 -0.03
C THR B 322 28.84 56.29 0.27
N TRP B 323 29.14 57.10 -0.76
CA TRP B 323 29.13 58.56 -0.67
C TRP B 323 27.98 59.10 -1.54
N GLY B 324 26.88 59.44 -0.88
CA GLY B 324 25.67 59.93 -1.51
C GLY B 324 25.06 58.92 -2.46
N ASN B 325 24.62 59.40 -3.64
CA ASN B 325 23.99 58.57 -4.67
C ASN B 325 24.96 57.79 -5.56
N ASN B 326 26.27 57.89 -5.30
CA ASN B 326 27.31 57.17 -6.04
C ASN B 326 27.30 55.69 -5.69
N GLU B 327 27.80 54.85 -6.62
CA GLU B 327 27.91 53.41 -6.40
C GLU B 327 28.97 53.17 -5.30
N PRO B 328 28.79 52.17 -4.42
CA PRO B 328 29.76 51.98 -3.31
C PRO B 328 31.21 51.74 -3.73
N TYR B 329 32.15 52.42 -3.04
CA TYR B 329 33.59 52.27 -3.26
C TYR B 329 34.05 51.12 -2.36
N LYS B 330 34.96 50.29 -2.86
CA LYS B 330 35.49 49.16 -2.09
C LYS B 330 36.99 49.31 -1.89
N TYR B 331 37.47 49.12 -0.66
CA TYR B 331 38.88 49.24 -0.30
C TYR B 331 39.39 48.00 0.40
N TRP B 332 40.61 47.56 0.06
CA TRP B 332 41.28 46.40 0.65
C TRP B 332 42.74 46.73 0.96
N PRO B 333 43.35 46.19 2.04
CA PRO B 333 44.78 46.46 2.29
C PRO B 333 45.66 45.70 1.30
N GLN B 334 46.86 46.25 1.01
CA GLN B 334 47.82 45.63 0.08
C GLN B 334 48.47 44.40 0.69
N TYR C 1 67.25 -22.31 -31.34
CA TYR C 1 67.50 -21.92 -29.95
C TYR C 1 66.26 -22.19 -29.10
N GLU C 2 66.41 -22.98 -28.03
CA GLU C 2 65.29 -23.31 -27.14
C GLU C 2 65.08 -22.23 -26.06
N HIS C 3 63.92 -21.55 -26.13
CA HIS C 3 63.53 -20.55 -25.15
C HIS C 3 62.53 -21.20 -24.19
N VAL C 4 62.87 -21.21 -22.90
CA VAL C 4 62.05 -21.82 -21.85
C VAL C 4 61.59 -20.74 -20.85
N THR C 5 60.27 -20.66 -20.65
CA THR C 5 59.64 -19.73 -19.72
C THR C 5 58.44 -20.38 -19.01
N VAL C 6 57.92 -19.74 -17.96
CA VAL C 6 56.79 -20.23 -17.18
C VAL C 6 55.78 -19.10 -17.02
N ILE C 7 54.52 -19.33 -17.42
CA ILE C 7 53.45 -18.34 -17.29
C ILE C 7 52.35 -18.85 -16.35
N PRO C 8 51.63 -17.98 -15.59
CA PRO C 8 50.55 -18.50 -14.74
C PRO C 8 49.42 -19.06 -15.60
N ASN C 9 48.74 -20.10 -15.11
CA ASN C 9 47.63 -20.73 -15.83
C ASN C 9 46.38 -19.85 -15.73
N THR C 10 46.40 -18.69 -16.41
CA THR C 10 45.32 -17.71 -16.44
C THR C 10 45.06 -17.31 -17.89
N VAL C 11 43.81 -17.51 -18.33
CA VAL C 11 43.35 -17.21 -19.69
C VAL C 11 43.01 -15.71 -19.83
N GLY C 12 43.29 -15.15 -21.00
CA GLY C 12 43.00 -13.75 -21.33
C GLY C 12 44.01 -12.74 -20.86
N VAL C 13 45.21 -13.20 -20.45
CA VAL C 13 46.27 -12.31 -19.96
C VAL C 13 47.49 -12.40 -20.90
N PRO C 14 47.80 -11.35 -21.70
CA PRO C 14 48.97 -11.42 -22.58
C PRO C 14 50.26 -11.25 -21.77
N TYR C 15 51.21 -12.18 -21.96
CA TYR C 15 52.51 -12.16 -21.28
C TYR C 15 53.62 -11.92 -22.27
N LYS C 16 54.60 -11.09 -21.89
CA LYS C 16 55.74 -10.75 -22.72
C LYS C 16 56.97 -11.52 -22.26
N THR C 17 57.64 -12.20 -23.18
CA THR C 17 58.85 -12.97 -22.90
C THR C 17 60.01 -12.51 -23.75
N LEU C 18 61.16 -12.23 -23.12
CA LEU C 18 62.36 -11.77 -23.81
C LEU C 18 63.27 -12.95 -24.17
N VAL C 19 63.45 -13.17 -25.48
CA VAL C 19 64.32 -14.22 -26.01
C VAL C 19 65.66 -13.57 -26.29
N ASN C 20 66.69 -14.00 -25.54
CA ASN C 20 68.04 -13.47 -25.70
C ASN C 20 69.02 -14.57 -26.09
N ARG C 21 69.19 -14.77 -27.41
CA ARG C 21 70.13 -15.73 -27.98
C ARG C 21 71.49 -14.99 -28.06
N PRO C 22 72.56 -15.51 -27.41
CA PRO C 22 73.86 -14.80 -27.44
C PRO C 22 74.38 -14.52 -28.83
N GLY C 23 74.72 -13.25 -29.08
CA GLY C 23 75.22 -12.76 -30.37
C GLY C 23 74.13 -12.41 -31.36
N TYR C 24 72.87 -12.48 -30.93
CA TYR C 24 71.69 -12.18 -31.75
C TYR C 24 70.83 -11.14 -31.07
N SER C 25 70.24 -10.22 -31.86
CA SER C 25 69.39 -9.14 -31.38
C SER C 25 68.21 -9.69 -30.54
N PRO C 26 67.88 -9.05 -29.39
CA PRO C 26 66.78 -9.56 -28.56
C PRO C 26 65.44 -9.67 -29.30
N MET C 27 64.66 -10.67 -28.92
CA MET C 27 63.36 -10.96 -29.53
C MET C 27 62.27 -10.99 -28.46
N VAL C 28 61.20 -10.22 -28.65
CA VAL C 28 60.08 -10.18 -27.70
C VAL C 28 58.90 -10.95 -28.27
N LEU C 29 58.46 -11.99 -27.53
CA LEU C 29 57.31 -12.80 -27.91
C LEU C 29 56.17 -12.57 -26.93
N GLU C 30 54.98 -12.27 -27.47
CA GLU C 30 53.78 -12.10 -26.65
C GLU C 30 53.02 -13.42 -26.69
N MET C 31 52.70 -13.96 -25.51
CA MET C 31 51.98 -15.23 -25.37
C MET C 31 50.72 -15.03 -24.55
N GLU C 32 49.61 -15.60 -25.03
CA GLU C 32 48.32 -15.51 -24.35
C GLU C 32 47.58 -16.83 -24.43
N LEU C 33 47.19 -17.37 -23.27
CA LEU C 33 46.56 -18.68 -23.19
C LEU C 33 45.54 -18.92 -24.29
N LEU C 34 45.87 -19.81 -25.23
CA LEU C 34 44.93 -20.23 -26.26
C LEU C 34 43.85 -21.07 -25.60
N SER C 35 44.10 -22.36 -25.49
CA SER C 35 43.23 -23.25 -24.71
C SER C 35 44.01 -24.41 -24.10
N VAL C 36 43.59 -24.83 -22.89
CA VAL C 36 44.14 -25.96 -22.17
C VAL C 36 42.96 -26.83 -21.77
N THR C 37 42.86 -28.02 -22.39
CA THR C 37 41.74 -28.95 -22.21
C THR C 37 42.13 -30.16 -21.37
N LEU C 38 41.28 -30.47 -20.37
CA LEU C 38 41.42 -31.64 -19.48
C LEU C 38 40.18 -32.50 -19.72
N GLU C 39 40.31 -33.52 -20.60
CA GLU C 39 39.23 -34.42 -20.97
C GLU C 39 39.34 -35.75 -20.22
N PRO C 40 38.48 -36.00 -19.20
CA PRO C 40 38.57 -37.28 -18.47
C PRO C 40 37.97 -38.45 -19.26
N THR C 41 38.48 -39.67 -19.00
CA THR C 41 37.98 -40.88 -19.64
C THR C 41 36.67 -41.26 -18.92
N LEU C 42 35.56 -41.34 -19.68
CA LEU C 42 34.25 -41.64 -19.10
C LEU C 42 33.77 -43.05 -19.35
N SER C 43 33.11 -43.63 -18.33
CA SER C 43 32.50 -44.94 -18.38
C SER C 43 31.08 -44.81 -17.83
N LEU C 44 30.09 -44.91 -18.73
CA LEU C 44 28.67 -44.77 -18.40
C LEU C 44 28.18 -45.90 -17.51
N ASP C 45 27.69 -45.55 -16.30
CA ASP C 45 27.14 -46.48 -15.33
C ASP C 45 25.67 -46.70 -15.65
N TYR C 46 24.91 -45.59 -15.79
CA TYR C 46 23.49 -45.56 -16.12
C TYR C 46 23.02 -44.16 -16.48
N ILE C 47 21.79 -44.07 -16.99
CA ILE C 47 21.11 -42.81 -17.27
C ILE C 47 19.86 -42.76 -16.38
N THR C 48 19.41 -41.55 -16.04
CA THR C 48 18.19 -41.34 -15.28
C THR C 48 17.36 -40.26 -15.96
N CYS C 49 16.05 -40.31 -15.75
CA CYS C 49 15.08 -39.40 -16.35
C CYS C 49 13.78 -39.47 -15.55
N GLU C 50 12.72 -38.82 -16.05
CA GLU C 50 11.41 -38.84 -15.41
C GLU C 50 10.80 -40.23 -15.63
N TYR C 51 10.18 -40.80 -14.59
CA TYR C 51 9.56 -42.11 -14.71
C TYR C 51 8.11 -41.96 -15.22
N LYS C 52 7.53 -43.07 -15.68
CA LYS C 52 6.15 -43.15 -16.13
C LYS C 52 5.47 -44.29 -15.40
N THR C 53 3.65 -45.23 -14.53
CA THR C 53 3.05 -46.38 -13.87
C THR C 53 2.18 -47.11 -14.90
N VAL C 54 2.67 -48.26 -15.37
CA VAL C 54 1.97 -49.05 -16.38
C VAL C 54 0.92 -49.91 -15.71
N ILE C 55 -0.35 -49.58 -15.97
CA ILE C 55 -1.47 -50.31 -15.39
C ILE C 55 -2.38 -50.83 -16.51
N PRO C 56 -2.35 -52.14 -16.82
CA PRO C 56 -3.25 -52.66 -17.86
C PRO C 56 -4.68 -52.79 -17.32
N SER C 57 -5.60 -53.25 -18.16
CA SER C 57 -6.98 -53.50 -17.78
C SER C 57 -6.99 -54.56 -16.68
N PRO C 58 -7.71 -54.34 -15.55
CA PRO C 58 -7.67 -55.35 -14.47
C PRO C 58 -8.36 -56.65 -14.87
N TYR C 59 -7.83 -57.79 -14.42
CA TYR C 59 -8.43 -59.08 -14.72
C TYR C 59 -9.53 -59.39 -13.72
N VAL C 60 -10.78 -59.12 -14.13
CA VAL C 60 -11.96 -59.38 -13.31
C VAL C 60 -12.42 -60.80 -13.65
N LYS C 61 -12.07 -61.78 -12.79
CA LYS C 61 -12.46 -63.16 -12.99
C LYS C 61 -13.83 -63.42 -12.39
N CYS C 62 -14.86 -63.49 -13.25
CA CYS C 62 -16.24 -63.75 -12.83
C CYS C 62 -16.38 -65.22 -12.48
N CYS C 63 -17.00 -65.49 -11.32
CA CYS C 63 -17.27 -66.84 -10.79
C CYS C 63 -15.99 -67.68 -10.51
N GLY C 64 -14.86 -67.00 -10.29
CA GLY C 64 -13.60 -67.67 -10.03
C GLY C 64 -12.59 -66.83 -9.28
N THR C 65 -11.46 -67.46 -8.91
CA THR C 65 -10.36 -66.82 -8.18
C THR C 65 -9.16 -66.66 -9.09
N ALA C 66 -8.73 -65.40 -9.29
CA ALA C 66 -7.56 -65.06 -10.10
C ALA C 66 -6.30 -65.31 -9.27
N GLU C 67 -5.15 -65.58 -9.92
CA GLU C 67 -3.90 -65.85 -9.24
C GLU C 67 -2.76 -64.93 -9.65
N CYS C 68 -2.09 -64.31 -8.66
CA CYS C 68 -0.96 -63.41 -8.88
C CYS C 68 0.32 -64.23 -9.06
N LYS C 69 1.14 -63.86 -10.06
CA LYS C 69 2.43 -64.51 -10.31
C LYS C 69 3.57 -63.48 -10.25
N ASP C 70 4.73 -63.89 -9.70
CA ASP C 70 5.89 -63.02 -9.57
C ASP C 70 6.51 -62.70 -10.92
N LYS C 71 6.40 -61.43 -11.35
CA LYS C 71 6.93 -60.94 -12.62
C LYS C 71 8.15 -60.05 -12.38
N ASN C 72 9.25 -60.33 -13.09
CA ASN C 72 10.49 -59.56 -12.99
C ASN C 72 10.38 -58.24 -13.75
N LEU C 73 9.64 -57.29 -13.16
CA LEU C 73 9.40 -55.95 -13.69
C LEU C 73 9.66 -54.93 -12.57
N PRO C 74 10.13 -53.70 -12.87
CA PRO C 74 10.41 -52.74 -11.78
C PRO C 74 9.16 -52.30 -11.03
N ASP C 75 9.21 -52.36 -9.67
CA ASP C 75 8.11 -52.04 -8.75
C ASP C 75 6.85 -52.85 -9.06
N TYR C 76 7.01 -54.14 -9.47
CA TYR C 76 5.88 -55.00 -9.80
C TYR C 76 4.97 -55.22 -8.59
N SER C 77 3.70 -54.88 -8.76
CA SER C 77 2.67 -55.01 -7.74
C SER C 77 1.49 -55.79 -8.29
N CYS C 78 1.04 -56.80 -7.54
CA CYS C 78 -0.10 -57.65 -7.88
C CYS C 78 -0.90 -57.94 -6.64
N LYS C 79 -2.22 -57.81 -6.74
CA LYS C 79 -3.16 -58.06 -5.64
C LYS C 79 -4.49 -58.57 -6.18
N VAL C 80 -4.99 -59.67 -5.58
CA VAL C 80 -6.27 -60.27 -5.95
C VAL C 80 -7.30 -59.89 -4.88
N PHE C 81 -8.35 -59.15 -5.29
CA PHE C 81 -9.40 -58.68 -4.39
C PHE C 81 -10.65 -59.56 -4.51
N THR C 82 -11.08 -60.15 -3.38
CA THR C 82 -12.25 -61.03 -3.32
C THR C 82 -13.53 -60.24 -2.99
N GLY C 83 -14.68 -60.83 -3.30
CA GLY C 83 -15.99 -60.25 -3.03
C GLY C 83 -16.35 -59.04 -3.88
N VAL C 84 -15.82 -58.98 -5.12
CA VAL C 84 -16.11 -57.87 -6.03
C VAL C 84 -17.38 -58.15 -6.84
N TYR C 85 -18.13 -57.09 -7.17
CA TYR C 85 -19.34 -57.17 -7.98
C TYR C 85 -19.37 -55.92 -8.87
N PRO C 86 -18.50 -55.83 -9.90
CA PRO C 86 -18.45 -54.62 -10.71
C PRO C 86 -19.58 -54.47 -11.74
N PHE C 87 -19.91 -53.20 -12.03
CA PHE C 87 -20.95 -52.82 -12.97
C PHE C 87 -20.37 -52.06 -14.15
N MET C 88 -21.01 -52.24 -15.30
CA MET C 88 -20.73 -51.50 -16.54
C MET C 88 -22.02 -50.75 -16.86
N TRP C 89 -22.08 -50.00 -17.97
CA TRP C 89 -23.28 -49.21 -18.35
C TRP C 89 -24.60 -50.02 -18.35
N GLY C 90 -24.57 -51.22 -18.93
CA GLY C 90 -25.74 -52.08 -19.07
C GLY C 90 -25.99 -53.10 -17.97
N GLY C 91 -25.40 -52.86 -16.80
CA GLY C 91 -25.55 -53.73 -15.65
C GLY C 91 -24.28 -54.39 -15.16
N ALA C 92 -24.43 -55.42 -14.32
CA ALA C 92 -23.35 -56.18 -13.70
C ALA C 92 -22.51 -56.94 -14.73
N TYR C 93 -21.18 -56.85 -14.60
CA TYR C 93 -20.22 -57.52 -15.49
C TYR C 93 -20.15 -59.03 -15.24
N CYS C 94 -20.39 -59.46 -13.98
CA CYS C 94 -20.34 -60.88 -13.59
C CYS C 94 -21.72 -61.50 -13.39
N PHE C 95 -21.85 -62.79 -13.76
CA PHE C 95 -23.07 -63.59 -13.61
C PHE C 95 -23.31 -63.93 -12.14
N CYS C 96 -22.22 -64.19 -11.39
CA CYS C 96 -22.26 -64.55 -9.98
C CYS C 96 -22.41 -63.34 -9.07
N ASP C 97 -23.15 -63.50 -7.95
CA ASP C 97 -23.35 -62.47 -6.94
C ASP C 97 -22.10 -62.39 -6.06
N ALA C 98 -21.63 -63.55 -5.59
CA ALA C 98 -20.43 -63.73 -4.78
C ALA C 98 -19.39 -64.55 -5.58
N GLU C 99 -18.16 -64.71 -5.05
CA GLU C 99 -17.06 -65.48 -5.66
C GLU C 99 -16.46 -64.90 -6.95
N ASN C 100 -16.48 -63.57 -7.10
CA ASN C 100 -15.86 -62.87 -8.23
C ASN C 100 -14.60 -62.19 -7.70
N THR C 101 -13.50 -62.27 -8.45
CA THR C 101 -12.23 -61.66 -8.02
C THR C 101 -11.68 -60.68 -9.03
N GLN C 102 -10.99 -59.63 -8.55
CA GLN C 102 -10.32 -58.68 -9.42
C GLN C 102 -8.82 -58.74 -9.17
N LEU C 103 -8.06 -59.03 -10.23
CA LEU C 103 -6.60 -59.05 -10.16
C LEU C 103 -6.12 -57.69 -10.64
N SER C 104 -5.56 -56.89 -9.71
CA SER C 104 -5.00 -55.58 -10.03
C SER C 104 -3.52 -55.78 -10.27
N GLU C 105 -3.01 -55.25 -11.38
CA GLU C 105 -1.63 -55.41 -11.81
C GLU C 105 -1.02 -54.07 -12.19
N ALA C 106 0.25 -53.84 -11.78
CA ALA C 106 1.00 -52.61 -12.07
C ALA C 106 2.51 -52.79 -11.97
N HIS C 107 3.25 -52.01 -12.77
CA HIS C 107 4.71 -51.95 -12.79
C HIS C 107 5.19 -50.54 -13.20
N VAL C 108 6.46 -50.23 -12.93
CA VAL C 108 7.04 -48.93 -13.25
C VAL C 108 8.11 -49.07 -14.35
N GLU C 109 8.18 -47.63 -15.74
CA GLU C 109 9.08 -47.70 -16.89
C GLU C 109 9.55 -46.30 -17.25
N LYS C 110 10.48 -46.19 -18.21
CA LYS C 110 10.98 -44.90 -18.67
C LYS C 110 9.87 -44.10 -19.35
N SER C 111 9.81 -42.79 -19.08
CA SER C 111 8.83 -41.90 -19.71
C SER C 111 9.24 -41.67 -21.16
N GLU C 112 8.32 -41.17 -21.99
CA GLU C 112 8.52 -40.84 -23.41
C GLU C 112 9.60 -39.76 -23.55
N SER C 113 9.78 -38.96 -22.48
CA SER C 113 10.73 -37.87 -22.33
C SER C 113 12.18 -38.30 -22.17
N CYS C 114 12.43 -39.56 -21.76
CA CYS C 114 13.76 -40.11 -21.49
C CYS C 114 14.81 -40.00 -22.59
N LYS C 115 14.37 -39.93 -23.86
CA LYS C 115 15.26 -39.78 -25.01
C LYS C 115 15.73 -38.31 -25.14
N THR C 116 14.88 -37.36 -24.73
CA THR C 116 15.11 -35.91 -24.80
C THR C 116 15.62 -35.33 -23.48
N GLU C 117 14.93 -35.64 -22.35
CA GLU C 117 15.24 -35.13 -21.01
C GLU C 117 15.84 -36.23 -20.14
N PHE C 118 17.17 -36.21 -19.96
CA PHE C 118 17.88 -37.21 -19.18
C PHE C 118 19.21 -36.72 -18.61
N ALA C 119 19.68 -37.37 -17.53
CA ALA C 119 20.96 -37.11 -16.87
C ALA C 119 21.76 -38.41 -16.93
N SER C 120 23.06 -38.31 -17.25
CA SER C 120 23.93 -39.48 -17.36
C SER C 120 24.92 -39.57 -16.21
N ALA C 121 25.02 -40.74 -15.58
CA ALA C 121 25.94 -41.01 -14.47
C ALA C 121 27.20 -41.68 -15.02
N TYR C 122 28.35 -40.98 -14.94
CA TYR C 122 29.63 -41.45 -15.45
C TYR C 122 30.68 -41.67 -14.37
N ARG C 123 31.58 -42.63 -14.62
CA ARG C 123 32.74 -42.90 -13.77
C ARG C 123 33.91 -42.20 -14.48
N ALA C 124 34.40 -41.08 -13.91
CA ALA C 124 35.48 -40.28 -14.47
C ALA C 124 36.84 -40.62 -13.85
N HIS C 125 37.83 -40.93 -14.71
CA HIS C 125 39.18 -41.29 -14.29
C HIS C 125 40.26 -40.81 -15.26
N THR C 126 41.52 -40.71 -14.78
CA THR C 126 42.76 -40.30 -15.46
C THR C 126 42.56 -39.41 -16.71
N ALA C 127 42.46 -38.09 -16.48
CA ALA C 127 42.25 -37.10 -17.54
C ALA C 127 43.47 -36.90 -18.41
N SER C 128 43.24 -36.74 -19.74
CA SER C 128 44.29 -36.48 -20.72
C SER C 128 44.38 -34.97 -20.92
N ALA C 129 45.55 -34.38 -20.60
CA ALA C 129 45.77 -32.94 -20.74
C ALA C 129 46.22 -32.59 -22.16
N SER C 130 45.56 -31.61 -22.78
CA SER C 130 45.84 -31.14 -24.14
C SER C 130 45.96 -29.62 -24.16
N ALA C 131 46.84 -29.09 -25.04
CA ALA C 131 47.05 -27.65 -25.14
C ALA C 131 47.13 -27.13 -26.57
N LYS C 132 46.70 -25.85 -26.68
CA LYS C 132 47.11 -24.77 -27.66
C LYS C 132 47.21 -23.30 -27.05
N LEU C 133 47.47 -22.25 -27.87
CA LEU C 133 47.60 -20.81 -27.38
C LEU C 133 47.84 -19.66 -28.45
N ARG C 134 47.99 -18.36 -28.06
CA ARG C 134 48.20 -17.34 -29.09
C ARG C 134 49.60 -16.79 -28.89
N VAL C 135 50.42 -16.81 -29.94
CA VAL C 135 51.79 -16.30 -29.89
C VAL C 135 52.00 -15.22 -30.96
N LEU C 136 52.43 -14.00 -30.54
CA LEU C 136 52.74 -12.93 -31.46
C LEU C 136 54.16 -13.27 -31.95
N TYR C 137 54.24 -13.89 -33.12
CA TYR C 137 55.48 -14.37 -33.71
C TYR C 137 55.68 -13.78 -35.11
N GLN C 138 56.76 -12.98 -35.26
CA GLN C 138 57.16 -12.29 -36.49
C GLN C 138 56.08 -11.31 -37.01
N GLY C 139 55.52 -10.53 -36.08
CA GLY C 139 54.48 -9.53 -36.35
C GLY C 139 53.12 -10.12 -36.69
N ASN C 140 52.97 -11.44 -36.57
CA ASN C 140 51.73 -12.18 -36.87
C ASN C 140 51.32 -13.03 -35.67
N ASN C 141 50.00 -13.22 -35.51
CA ASN C 141 49.45 -14.04 -34.44
C ASN C 141 49.31 -15.49 -34.88
N ILE C 142 49.99 -16.40 -34.17
CA ILE C 142 49.94 -17.83 -34.45
C ILE C 142 49.23 -18.57 -33.32
N THR C 143 48.47 -19.61 -33.67
CA THR C 143 47.72 -20.42 -32.70
C THR C 143 48.34 -21.79 -32.55
N VAL C 144 48.66 -22.17 -31.30
CA VAL C 144 49.26 -23.46 -30.97
C VAL C 144 48.32 -24.22 -30.06
N THR C 145 47.89 -25.41 -30.50
CA THR C 145 47.02 -26.30 -29.73
C THR C 145 47.82 -27.54 -29.40
N ALA C 146 48.12 -27.77 -28.11
CA ALA C 146 48.91 -28.89 -27.65
C ALA C 146 48.47 -29.41 -26.30
N TYR C 147 48.76 -30.70 -26.02
CA TYR C 147 48.49 -31.32 -24.74
C TYR C 147 49.53 -30.79 -23.75
N ALA C 148 49.08 -30.30 -22.59
CA ALA C 148 49.94 -29.71 -21.55
C ALA C 148 50.61 -30.77 -20.66
N ASN C 149 51.22 -31.80 -21.28
CA ASN C 149 51.91 -32.91 -20.62
C ASN C 149 53.44 -32.79 -20.66
N GLY C 150 53.95 -31.82 -21.42
CA GLY C 150 55.39 -31.59 -21.60
C GLY C 150 56.05 -32.60 -22.52
N ASP C 151 55.26 -33.27 -23.38
CA ASP C 151 55.74 -34.28 -24.32
C ASP C 151 55.27 -34.00 -25.75
N HIS C 152 54.01 -33.57 -25.91
CA HIS C 152 53.39 -33.28 -27.21
C HIS C 152 54.02 -32.06 -27.90
N ALA C 153 54.85 -32.30 -28.91
CA ALA C 153 55.55 -31.27 -29.67
C ALA C 153 54.72 -30.83 -30.87
N VAL C 154 54.38 -29.52 -30.93
CA VAL C 154 53.60 -28.93 -32.02
C VAL C 154 54.43 -27.87 -32.73
N THR C 155 54.64 -28.05 -34.03
CA THR C 155 55.44 -27.14 -34.85
C THR C 155 54.57 -26.24 -35.73
N VAL C 156 54.68 -24.92 -35.52
CA VAL C 156 53.97 -23.88 -36.27
C VAL C 156 55.02 -22.89 -36.76
N LYS C 157 55.14 -22.73 -38.10
CA LYS C 157 56.11 -21.85 -38.77
C LYS C 157 57.57 -22.16 -38.38
N ASP C 158 57.90 -23.47 -38.34
CA ASP C 158 59.22 -24.04 -37.98
C ASP C 158 59.62 -23.90 -36.50
N ALA C 159 58.75 -23.28 -35.68
CA ALA C 159 58.94 -23.10 -34.24
C ALA C 159 58.24 -24.25 -33.50
N LYS C 160 59.03 -25.09 -32.81
CA LYS C 160 58.55 -26.27 -32.08
C LYS C 160 58.12 -25.88 -30.66
N PHE C 161 56.86 -26.18 -30.32
CA PHE C 161 56.27 -25.85 -29.03
C PHE C 161 56.03 -27.09 -28.17
N ILE C 162 56.48 -27.03 -26.91
CA ILE C 162 56.28 -28.05 -25.90
C ILE C 162 55.64 -27.34 -24.70
N VAL C 163 54.37 -27.65 -24.46
CA VAL C 163 53.54 -27.04 -23.41
C VAL C 163 53.42 -27.98 -22.21
N GLY C 164 53.61 -27.43 -21.01
CA GLY C 164 53.52 -28.16 -19.75
C GLY C 164 54.80 -28.86 -19.33
N PRO C 165 54.74 -29.83 -18.38
CA PRO C 165 53.55 -30.32 -17.66
C PRO C 165 52.97 -29.31 -16.66
N MET C 166 51.65 -29.36 -16.45
CA MET C 166 50.90 -28.49 -15.54
C MET C 166 51.43 -28.63 -14.11
N SER C 167 51.63 -27.50 -13.40
CA SER C 167 52.12 -27.51 -12.02
C SER C 167 51.08 -28.10 -11.07
N SER C 168 49.79 -27.95 -11.42
CA SER C 168 48.67 -28.47 -10.65
C SER C 168 47.95 -29.56 -11.46
N ALA C 169 47.70 -30.72 -10.82
CA ALA C 169 46.99 -31.85 -11.40
C ALA C 169 45.52 -31.85 -10.97
N TRP C 170 45.07 -30.71 -10.39
CA TRP C 170 43.71 -30.49 -9.89
C TRP C 170 42.66 -30.52 -10.99
N THR C 171 41.52 -31.14 -10.69
CA THR C 171 40.35 -31.28 -11.56
C THR C 171 39.06 -30.99 -10.78
N PRO C 172 39.03 -30.51 -11.92
CA PRO C 172 37.81 -30.11 -11.17
C PRO C 172 36.79 -31.25 -11.03
N PHE C 173 37.06 -32.39 -11.71
CA PHE C 173 36.17 -33.55 -11.70
C PHE C 173 36.58 -34.59 -10.66
N ASP C 174 35.58 -35.12 -9.95
CA ASP C 174 35.76 -36.19 -8.97
C ASP C 174 35.66 -37.54 -9.70
N ASN C 175 35.73 -38.67 -8.96
CA ASN C 175 35.64 -40.02 -9.51
C ASN C 175 34.27 -40.29 -10.15
N LYS C 176 33.20 -39.70 -9.58
CA LYS C 176 31.84 -39.87 -10.05
C LYS C 176 31.23 -38.52 -10.48
N ILE C 177 30.74 -38.45 -11.73
CA ILE C 177 30.14 -37.23 -12.29
C ILE C 177 28.76 -37.49 -12.91
N VAL C 178 27.93 -36.42 -12.96
CA VAL C 178 26.59 -36.43 -13.54
C VAL C 178 26.51 -35.35 -14.62
N VAL C 179 26.05 -35.71 -15.83
CA VAL C 179 25.96 -34.80 -16.97
C VAL C 179 24.50 -34.59 -17.41
N TYR C 180 24.06 -33.32 -17.46
CA TYR C 180 22.74 -32.93 -17.93
C TYR C 180 22.93 -31.85 -18.98
N LYS C 181 22.70 -32.21 -20.26
CA LYS C 181 22.85 -31.34 -21.43
C LYS C 181 24.26 -30.71 -21.48
N GLY C 182 24.37 -29.40 -21.26
CA GLY C 182 25.64 -28.70 -21.26
C GLY C 182 26.24 -28.47 -19.89
N ASP C 183 25.66 -29.10 -18.85
CA ASP C 183 26.09 -28.97 -17.46
C ASP C 183 26.63 -30.26 -16.86
N VAL C 184 27.76 -30.15 -16.12
CA VAL C 184 28.44 -31.27 -15.45
C VAL C 184 28.41 -31.00 -13.93
N TYR C 185 28.15 -32.05 -13.15
CA TYR C 185 28.08 -31.97 -11.69
C TYR C 185 28.92 -33.06 -11.04
N ASN C 186 29.64 -32.71 -9.97
CA ASN C 186 30.39 -33.69 -9.18
C ASN C 186 29.37 -34.27 -8.21
N MET C 187 29.03 -35.56 -8.39
CA MET C 187 28.03 -36.20 -7.55
C MET C 187 28.33 -37.65 -7.27
N ASP C 188 28.31 -38.03 -5.99
CA ASP C 188 28.49 -39.40 -5.54
C ASP C 188 27.12 -40.06 -5.67
N TYR C 189 26.68 -40.24 -6.93
CA TYR C 189 25.38 -40.80 -7.30
C TYR C 189 25.17 -42.22 -6.77
N PRO C 190 23.92 -42.65 -6.47
CA PRO C 190 23.74 -44.02 -5.97
C PRO C 190 24.08 -45.04 -7.07
N PRO C 191 24.71 -46.20 -6.74
CA PRO C 191 25.00 -47.19 -7.80
C PRO C 191 23.72 -47.78 -8.38
N PHE C 192 23.82 -48.51 -9.51
CA PHE C 192 22.66 -49.14 -10.14
C PHE C 192 22.02 -50.13 -9.18
N GLY C 193 20.72 -50.01 -9.01
CA GLY C 193 19.93 -50.86 -8.12
C GLY C 193 19.92 -50.40 -6.68
N ALA C 194 20.33 -49.14 -6.43
CA ALA C 194 20.40 -48.54 -5.09
C ALA C 194 19.69 -47.18 -4.99
N GLY C 195 18.98 -46.79 -6.04
CA GLY C 195 18.24 -45.53 -6.11
C GLY C 195 17.11 -45.44 -5.11
N ARG C 196 16.95 -44.27 -4.50
CA ARG C 196 15.94 -43.98 -3.48
C ARG C 196 14.68 -43.30 -4.07
N PRO C 197 13.47 -43.52 -3.48
CA PRO C 197 12.27 -42.84 -4.01
C PRO C 197 12.32 -41.32 -3.84
N GLY C 198 11.85 -40.61 -4.87
CA GLY C 198 11.81 -39.15 -4.90
C GLY C 198 13.17 -38.47 -4.96
N GLN C 199 14.22 -39.24 -5.21
CA GLN C 199 15.61 -38.78 -5.28
C GLN C 199 16.26 -39.21 -6.60
N PHE C 200 17.41 -38.59 -6.96
CA PHE C 200 18.17 -38.89 -8.17
C PHE C 200 18.48 -40.39 -8.21
N GLY C 201 17.96 -41.06 -9.22
CA GLY C 201 18.13 -42.49 -9.40
C GLY C 201 16.95 -43.34 -8.99
N ASP C 202 15.77 -42.72 -8.74
CA ASP C 202 14.53 -43.46 -8.39
C ASP C 202 14.20 -44.45 -9.50
N ILE C 203 14.57 -44.08 -10.73
CA ILE C 203 14.52 -44.89 -11.94
C ILE C 203 15.94 -44.89 -12.53
N GLN C 204 16.47 -46.08 -12.86
CA GLN C 204 17.81 -46.22 -13.42
C GLN C 204 17.81 -47.12 -14.65
N SER C 205 18.36 -46.62 -15.76
CA SER C 205 18.48 -47.35 -17.02
C SER C 205 19.96 -47.37 -17.40
N ARG C 206 20.55 -48.58 -17.51
CA ARG C 206 21.98 -48.78 -17.84
C ARG C 206 22.42 -48.02 -19.09
N THR C 207 21.58 -48.01 -20.13
CA THR C 207 21.76 -47.30 -21.40
C THR C 207 20.43 -46.64 -21.79
N PRO C 208 20.38 -45.56 -22.62
CA PRO C 208 19.07 -44.99 -22.97
C PRO C 208 18.18 -45.89 -23.85
N GLU C 209 18.76 -46.94 -24.45
CA GLU C 209 18.07 -47.91 -25.31
C GLU C 209 17.54 -49.12 -24.53
N SER C 210 18.09 -49.37 -23.33
CA SER C 210 17.76 -50.48 -22.42
C SER C 210 16.25 -50.71 -22.23
N LYS C 211 15.81 -51.96 -22.42
CA LYS C 211 14.41 -52.35 -22.29
C LYS C 211 14.00 -52.47 -20.82
N ASP C 212 14.82 -53.14 -20.00
CA ASP C 212 14.58 -53.32 -18.57
C ASP C 212 15.23 -52.18 -17.78
N VAL C 213 14.51 -51.65 -16.78
CA VAL C 213 14.97 -50.55 -15.93
C VAL C 213 14.81 -50.90 -14.45
N TYR C 214 15.58 -50.22 -13.58
CA TYR C 214 15.44 -50.38 -12.14
C TYR C 214 14.50 -49.27 -11.67
N ALA C 215 13.60 -49.58 -10.74
CA ALA C 215 12.66 -48.60 -10.20
C ALA C 215 12.36 -48.81 -8.73
N ASN C 216 12.44 -47.72 -7.96
CA ASN C 216 12.13 -47.67 -6.53
C ASN C 216 11.47 -46.32 -6.31
N THR C 217 10.16 -46.26 -6.58
CA THR C 217 9.35 -45.03 -6.50
C THR C 217 8.34 -45.03 -5.35
N GLN C 218 7.31 -46.63 -4.12
CA GLN C 218 6.38 -46.99 -3.03
C GLN C 218 4.96 -47.27 -3.58
N LEU C 219 4.90 -47.95 -4.74
CA LEU C 219 3.66 -48.32 -5.42
C LEU C 219 2.90 -49.40 -4.63
N VAL C 220 1.67 -49.06 -4.18
CA VAL C 220 0.79 -49.94 -3.40
C VAL C 220 -0.60 -49.94 -4.03
N LEU C 221 -1.09 -51.11 -4.43
CA LEU C 221 -2.41 -51.25 -5.04
C LEU C 221 -3.50 -51.30 -3.98
N GLN C 222 -4.61 -50.58 -4.22
CA GLN C 222 -5.75 -50.49 -3.30
C GLN C 222 -6.97 -51.25 -3.82
N ARG C 223 -7.88 -51.63 -2.91
CA ARG C 223 -9.12 -52.33 -3.25
C ARG C 223 -10.04 -51.39 -4.04
N PRO C 224 -10.57 -51.83 -5.22
CA PRO C 224 -11.45 -50.94 -5.99
C PRO C 224 -12.76 -50.61 -5.28
N ALA C 225 -13.37 -49.46 -5.64
CA ALA C 225 -14.64 -48.98 -5.11
C ALA C 225 -15.76 -49.96 -5.45
N ALA C 226 -16.79 -50.03 -4.58
CA ALA C 226 -17.95 -50.92 -4.75
C ALA C 226 -18.59 -50.77 -6.13
N GLY C 227 -18.68 -51.87 -6.85
CA GLY C 227 -19.24 -51.94 -8.20
C GLY C 227 -18.54 -51.12 -9.26
N THR C 228 -17.25 -50.83 -9.05
CA THR C 228 -16.47 -50.00 -9.96
C THR C 228 -15.26 -50.72 -10.54
N VAL C 229 -15.09 -50.64 -11.88
CA VAL C 229 -13.93 -51.18 -12.57
C VAL C 229 -12.93 -50.06 -12.71
N HIS C 230 -11.83 -50.15 -11.95
CA HIS C 230 -10.70 -49.22 -11.92
C HIS C 230 -9.57 -49.85 -11.11
N VAL C 231 -8.36 -49.30 -11.21
CA VAL C 231 -7.21 -49.80 -10.47
C VAL C 231 -6.68 -48.69 -9.55
N PRO C 232 -7.28 -48.50 -8.35
CA PRO C 232 -6.79 -47.45 -7.44
C PRO C 232 -5.45 -47.85 -6.83
N TYR C 233 -4.59 -46.85 -6.58
CA TYR C 233 -3.25 -47.07 -6.03
C TYR C 233 -2.73 -45.84 -5.31
N SER C 234 -1.71 -46.06 -4.45
CA SER C 234 -0.98 -45.02 -3.73
C SER C 234 0.47 -45.14 -4.19
N GLN C 235 1.10 -44.01 -4.51
CA GLN C 235 2.48 -43.96 -5.00
C GLN C 235 3.06 -42.58 -4.71
N ALA C 236 6.13 -41.59 -4.64
CA ALA C 236 7.06 -40.49 -4.42
C ALA C 236 7.28 -39.76 -5.76
N PRO C 237 7.19 -38.40 -5.81
CA PRO C 237 7.35 -37.69 -7.10
C PRO C 237 8.71 -37.91 -7.77
N SER C 238 8.78 -37.68 -9.08
CA SER C 238 9.99 -37.85 -9.92
C SER C 238 11.27 -37.30 -9.28
N GLY C 239 12.23 -38.20 -9.08
CA GLY C 239 13.55 -37.89 -8.52
C GLY C 239 14.39 -37.03 -9.45
N PHE C 240 14.21 -37.24 -10.77
CA PHE C 240 14.90 -36.49 -11.82
C PHE C 240 14.39 -35.06 -11.85
N LYS C 241 13.05 -34.87 -11.78
CA LYS C 241 12.39 -33.55 -11.73
C LYS C 241 12.84 -32.82 -10.45
N TYR C 242 12.98 -33.57 -9.35
CA TYR C 242 13.44 -33.05 -8.06
C TYR C 242 14.91 -32.63 -8.15
N TRP C 243 15.77 -33.48 -8.75
CA TRP C 243 17.19 -33.16 -8.92
C TRP C 243 17.39 -31.94 -9.81
N LEU C 244 16.58 -31.77 -10.88
CA LEU C 244 16.67 -30.63 -11.80
C LEU C 244 16.55 -29.26 -11.09
N LYS C 245 15.77 -29.20 -10.00
CA LYS C 245 15.60 -27.97 -9.22
C LYS C 245 16.52 -27.91 -7.99
N GLU C 246 17.04 -29.08 -7.54
CA GLU C 246 17.91 -29.20 -6.36
C GLU C 246 19.40 -29.34 -6.66
N ARG C 247 19.78 -29.50 -7.94
CA ARG C 247 21.16 -29.69 -8.39
C ARG C 247 22.14 -28.60 -7.99
N GLY C 248 21.66 -27.36 -7.92
CA GLY C 248 22.48 -26.20 -7.61
C GLY C 248 23.26 -25.76 -8.84
N ALA C 249 24.28 -24.90 -8.64
CA ALA C 249 25.11 -24.43 -9.73
C ALA C 249 26.06 -25.54 -10.22
N SER C 250 26.24 -25.63 -11.55
CA SER C 250 27.12 -26.63 -12.17
C SER C 250 28.60 -26.28 -12.00
N LEU C 251 29.51 -27.21 -12.39
CA LEU C 251 30.96 -27.04 -12.32
C LEU C 251 31.50 -25.80 -13.02
N GLN C 252 30.85 -25.35 -14.11
CA GLN C 252 31.18 -24.14 -14.88
C GLN C 252 31.18 -22.88 -13.97
N HIS C 253 30.34 -22.90 -12.92
CA HIS C 253 30.18 -21.80 -11.96
C HIS C 253 30.90 -22.02 -10.63
N THR C 254 31.05 -23.29 -10.18
CA THR C 254 31.65 -23.59 -8.87
C THR C 254 33.13 -23.98 -8.87
N ALA C 255 33.66 -24.48 -10.00
CA ALA C 255 35.04 -24.96 -10.09
C ALA C 255 36.12 -23.91 -9.80
N PRO C 256 37.17 -24.28 -9.02
CA PRO C 256 38.27 -23.34 -8.74
C PRO C 256 39.12 -23.09 -10.00
N PHE C 257 40.09 -22.16 -9.88
CA PHE C 257 41.05 -21.78 -10.94
C PHE C 257 40.44 -21.26 -12.26
N GLY C 258 39.21 -20.76 -12.19
CA GLY C 258 38.48 -20.21 -13.32
C GLY C 258 38.17 -21.18 -14.44
N CYS C 259 37.99 -22.48 -14.10
CA CYS C 259 37.67 -23.55 -15.06
C CYS C 259 36.40 -23.26 -15.83
N GLN C 260 36.44 -23.52 -17.14
CA GLN C 260 35.29 -23.42 -18.04
C GLN C 260 34.91 -24.88 -18.29
N ILE C 261 33.62 -25.21 -18.17
CA ILE C 261 33.18 -26.60 -18.35
C ILE C 261 32.32 -26.77 -19.60
N ALA C 262 32.73 -27.69 -20.48
CA ALA C 262 32.05 -28.00 -21.74
C ALA C 262 31.66 -29.48 -21.81
N THR C 263 30.69 -29.80 -22.67
CA THR C 263 30.19 -31.17 -22.89
C THR C 263 30.36 -31.58 -24.35
N ASN C 264 30.17 -32.89 -24.64
CA ASN C 264 30.28 -33.52 -25.95
C ASN C 264 31.64 -33.25 -26.66
N PRO C 265 32.80 -33.73 -26.11
CA PRO C 265 32.98 -34.53 -24.88
C PRO C 265 33.12 -33.67 -23.62
N VAL C 266 32.87 -34.28 -22.43
CA VAL C 266 32.99 -33.63 -21.12
C VAL C 266 34.46 -33.25 -20.92
N ARG C 267 34.72 -31.96 -20.68
CA ARG C 267 36.08 -31.45 -20.51
C ARG C 267 36.17 -30.15 -19.68
N ALA C 268 37.33 -29.96 -19.03
CA ALA C 268 37.66 -28.76 -18.25
C ALA C 268 38.56 -27.90 -19.14
N VAL C 269 38.12 -26.67 -19.43
CA VAL C 269 38.85 -25.76 -20.31
C VAL C 269 39.38 -24.54 -19.54
N ASN C 270 40.66 -24.20 -19.76
CA ASN C 270 41.36 -23.04 -19.20
C ASN C 270 41.41 -22.96 -17.67
N CYS C 271 41.70 -24.08 -17.02
CA CYS C 271 41.69 -24.16 -15.57
C CYS C 271 42.40 -22.98 -14.90
N ALA C 272 41.74 -22.39 -13.91
CA ALA C 272 42.32 -21.31 -13.13
C ALA C 272 43.03 -21.89 -11.91
N VAL C 273 44.26 -22.33 -12.11
CA VAL C 273 45.02 -23.01 -11.07
C VAL C 273 46.46 -23.36 -11.52
N GLY C 274 47.42 -22.92 -10.71
CA GLY C 274 48.85 -23.15 -10.94
C GLY C 274 49.43 -22.37 -12.09
N ASN C 275 50.57 -22.85 -12.60
CA ASN C 275 51.29 -22.25 -13.71
C ASN C 275 51.51 -23.24 -14.86
N MET C 276 52.01 -22.74 -16.00
CA MET C 276 52.24 -23.56 -17.18
C MET C 276 53.61 -23.29 -17.84
N PRO C 277 54.55 -24.26 -17.80
CA PRO C 277 55.84 -24.07 -18.47
C PRO C 277 55.68 -24.12 -19.99
N ILE C 278 56.42 -23.25 -20.70
CA ILE C 278 56.39 -23.16 -22.15
C ILE C 278 57.80 -23.27 -22.72
N SER C 279 57.99 -24.21 -23.66
CA SER C 279 59.26 -24.43 -24.36
C SER C 279 59.04 -24.13 -25.84
N ILE C 280 59.84 -23.19 -26.38
CA ILE C 280 59.76 -22.81 -27.80
C ILE C 280 61.13 -22.96 -28.45
N ASP C 281 61.24 -23.86 -29.44
CA ASP C 281 62.47 -24.08 -30.19
C ASP C 281 62.38 -23.19 -31.43
N ILE C 282 62.82 -21.94 -31.28
CA ILE C 282 62.78 -20.91 -32.33
C ILE C 282 63.85 -21.19 -33.40
N PRO C 283 63.46 -21.29 -34.71
CA PRO C 283 64.46 -21.57 -35.75
C PRO C 283 65.46 -20.43 -35.97
N GLU C 284 66.65 -20.78 -36.49
CA GLU C 284 67.78 -19.88 -36.78
C GLU C 284 67.40 -18.69 -37.66
N ALA C 285 66.53 -18.92 -38.67
CA ALA C 285 66.06 -17.91 -39.63
C ALA C 285 65.28 -16.74 -39.01
N ALA C 286 64.60 -17.00 -37.89
CA ALA C 286 63.81 -16.00 -37.17
C ALA C 286 64.67 -14.93 -36.49
N PHE C 287 65.93 -15.26 -36.18
CA PHE C 287 66.88 -14.37 -35.51
C PHE C 287 67.65 -13.46 -36.47
N THR C 288 68.02 -12.28 -35.97
CA THR C 288 68.82 -11.29 -36.67
C THR C 288 70.04 -11.00 -35.80
N ARG C 289 71.25 -11.09 -36.38
CA ARG C 289 72.50 -10.84 -35.67
C ARG C 289 72.57 -9.37 -35.21
N VAL C 290 73.22 -9.12 -34.05
CA VAL C 290 73.38 -7.78 -33.45
C VAL C 290 73.94 -6.77 -34.48
N VAL C 291 74.95 -7.21 -35.27
CA VAL C 291 75.60 -6.44 -36.34
C VAL C 291 74.58 -6.11 -37.45
N ASP C 292 73.70 -7.07 -37.78
CA ASP C 292 72.66 -6.92 -38.81
C ASP C 292 71.44 -6.12 -38.32
N ALA C 293 71.37 -5.87 -37.00
CA ALA C 293 70.30 -5.11 -36.35
C ALA C 293 70.75 -3.66 -36.08
N PRO C 294 69.84 -2.66 -36.02
CA PRO C 294 70.27 -1.28 -35.77
C PRO C 294 70.90 -1.07 -34.40
N SER C 295 71.89 -0.17 -34.32
CA SER C 295 72.60 0.17 -33.08
C SER C 295 72.03 1.50 -32.57
N LEU C 296 71.55 1.51 -31.32
CA LEU C 296 70.93 2.68 -30.70
C LEU C 296 71.81 3.36 -29.66
N THR C 297 71.90 4.71 -29.75
CA THR C 297 72.66 5.57 -28.84
C THR C 297 71.86 6.84 -28.53
N ASP C 298 72.38 7.70 -27.61
CA ASP C 298 71.79 8.98 -27.18
C ASP C 298 70.29 8.85 -26.85
N MET C 299 69.95 7.83 -26.04
CA MET C 299 68.58 7.54 -25.65
C MET C 299 68.10 8.33 -24.44
N SER C 300 66.87 8.84 -24.53
CA SER C 300 66.21 9.62 -23.49
C SER C 300 64.74 9.19 -23.41
N CYS C 301 64.16 9.27 -22.19
CA CYS C 301 62.77 8.86 -21.98
C CYS C 301 61.99 9.85 -21.12
N GLU C 302 60.78 10.20 -21.59
CA GLU C 302 59.86 11.09 -20.89
C GLU C 302 58.47 10.47 -20.82
N VAL C 303 57.80 10.60 -19.66
CA VAL C 303 56.48 10.06 -19.42
C VAL C 303 55.48 11.24 -19.28
N PRO C 304 54.79 11.62 -20.38
CA PRO C 304 53.86 12.76 -20.29
C PRO C 304 52.53 12.43 -19.60
N ALA C 305 52.16 11.14 -19.54
CA ALA C 305 50.91 10.69 -18.93
C ALA C 305 51.02 9.30 -18.30
N CYS C 306 50.58 9.16 -17.03
CA CYS C 306 50.56 7.88 -16.32
C CYS C 306 49.48 7.75 -15.28
N THR C 307 48.81 6.59 -15.30
CA THR C 307 47.78 6.17 -14.38
C THR C 307 48.11 4.72 -14.01
N HIS C 308 48.37 4.46 -12.72
CA HIS C 308 48.69 3.11 -12.26
C HIS C 308 47.43 2.24 -12.17
N SER C 309 47.25 1.33 -13.13
CA SER C 309 46.09 0.44 -13.21
C SER C 309 46.43 -0.93 -13.81
N SER C 310 45.43 -1.82 -13.91
CA SER C 310 45.56 -3.18 -14.46
C SER C 310 45.86 -3.15 -15.97
N ASP C 311 45.37 -2.12 -16.69
CA ASP C 311 45.59 -1.95 -18.13
C ASP C 311 46.77 -0.99 -18.41
N PHE C 312 47.04 -0.72 -19.69
CA PHE C 312 48.13 0.16 -20.10
C PHE C 312 47.77 1.65 -19.93
N GLY C 313 47.90 2.12 -18.69
CA GLY C 313 47.59 3.49 -18.30
C GLY C 313 48.73 4.48 -18.43
N GLY C 314 49.91 3.96 -18.78
CA GLY C 314 51.12 4.77 -18.95
C GLY C 314 51.51 5.00 -20.40
N VAL C 315 52.03 6.20 -20.70
CA VAL C 315 52.50 6.62 -22.02
C VAL C 315 53.96 7.07 -21.89
N ALA C 316 54.86 6.54 -22.74
CA ALA C 316 56.27 6.92 -22.70
C ALA C 316 56.81 7.27 -24.09
N ILE C 317 57.49 8.42 -24.20
CA ILE C 317 58.09 8.90 -25.45
C ILE C 317 59.61 8.75 -25.34
N ILE C 318 60.19 7.85 -26.16
CA ILE C 318 61.62 7.57 -26.13
C ILE C 318 62.32 8.11 -27.39
N LYS C 319 63.23 9.08 -27.18
CA LYS C 319 64.05 9.67 -28.25
C LYS C 319 65.30 8.81 -28.41
N TYR C 320 65.75 8.60 -29.65
CA TYR C 320 66.91 7.74 -29.94
C TYR C 320 67.73 8.20 -31.15
N ALA C 321 68.93 7.60 -31.31
CA ALA C 321 69.82 7.80 -32.43
C ALA C 321 70.20 6.42 -32.96
N ALA C 322 69.56 6.00 -34.07
CA ALA C 322 69.76 4.69 -34.69
C ALA C 322 70.78 4.75 -35.83
N SER C 323 71.69 3.75 -35.88
CA SER C 323 72.73 3.63 -36.90
C SER C 323 72.17 3.35 -38.30
N LYS C 324 71.06 2.58 -38.37
CA LYS C 324 70.38 2.22 -39.61
C LYS C 324 68.88 1.94 -39.39
N LYS C 325 68.11 1.79 -40.48
CA LYS C 325 66.69 1.48 -40.45
C LYS C 325 66.52 -0.02 -40.17
N GLY C 326 65.48 -0.38 -39.44
CA GLY C 326 65.17 -1.76 -39.08
C GLY C 326 64.19 -1.90 -37.93
N LYS C 327 63.86 -3.15 -37.59
CA LYS C 327 62.93 -3.47 -36.50
C LYS C 327 63.68 -3.76 -35.21
N CYS C 328 63.24 -3.13 -34.12
CA CYS C 328 63.83 -3.29 -32.78
C CYS C 328 62.79 -3.83 -31.82
N ALA C 329 63.21 -4.75 -30.94
CA ALA C 329 62.34 -5.33 -29.92
C ALA C 329 62.25 -4.36 -28.74
N VAL C 330 61.05 -4.20 -28.17
CA VAL C 330 60.80 -3.31 -27.03
C VAL C 330 60.48 -4.18 -25.81
N HIS C 331 61.23 -4.00 -24.71
CA HIS C 331 61.02 -4.78 -23.48
C HIS C 331 61.37 -4.02 -22.22
N SER C 332 60.57 -4.21 -21.16
CA SER C 332 60.79 -3.61 -19.86
C SER C 332 61.75 -4.48 -19.06
N MET C 333 62.84 -3.87 -18.57
CA MET C 333 63.88 -4.56 -17.79
C MET C 333 63.52 -4.60 -16.29
N THR C 334 62.39 -3.99 -15.92
CA THR C 334 61.84 -3.96 -14.56
C THR C 334 60.56 -4.78 -14.58
N ASN C 335 60.45 -5.78 -13.69
CA ASN C 335 59.31 -6.69 -13.59
C ASN C 335 58.00 -6.03 -13.11
N ALA C 336 58.10 -4.87 -12.45
CA ALA C 336 56.95 -4.11 -11.93
C ALA C 336 56.24 -3.28 -13.03
N VAL C 337 56.85 -3.22 -14.24
CA VAL C 337 56.33 -2.48 -15.39
C VAL C 337 56.29 -3.40 -16.62
N THR C 338 55.19 -3.36 -17.40
CA THR C 338 55.05 -4.15 -18.63
C THR C 338 54.67 -3.26 -19.81
N ILE C 339 55.29 -3.48 -20.99
CA ILE C 339 55.05 -2.70 -22.20
C ILE C 339 54.16 -3.45 -23.19
N ARG C 340 53.15 -2.75 -23.77
CA ARG C 340 52.20 -3.27 -24.75
C ARG C 340 52.88 -3.66 -26.06
N GLU C 341 53.79 -2.80 -26.55
CA GLU C 341 54.53 -3.00 -27.80
C GLU C 341 55.64 -4.02 -27.61
N ALA C 342 55.75 -4.96 -28.57
CA ALA C 342 56.77 -6.00 -28.58
C ALA C 342 57.88 -5.67 -29.58
N GLU C 343 57.51 -4.95 -30.67
CA GLU C 343 58.42 -4.58 -31.75
C GLU C 343 58.03 -3.25 -32.39
N ILE C 344 59.01 -2.35 -32.62
CA ILE C 344 58.80 -1.06 -33.29
C ILE C 344 59.87 -0.84 -34.38
N GLU C 345 59.54 -0.04 -35.40
CA GLU C 345 60.45 0.27 -36.50
C GLU C 345 61.23 1.55 -36.20
N VAL C 346 62.58 1.48 -36.28
CA VAL C 346 63.48 2.62 -36.06
C VAL C 346 64.02 3.17 -37.39
N GLU C 347 64.35 4.48 -37.44
CA GLU C 347 64.84 5.13 -38.65
C GLU C 347 66.24 5.74 -38.50
N GLY C 348 66.41 6.61 -37.50
CA GLY C 348 67.67 7.29 -37.23
C GLY C 348 67.59 8.15 -35.98
N ASN C 349 67.66 9.48 -36.16
CA ASN C 349 67.54 10.45 -35.06
C ASN C 349 66.06 10.85 -34.92
N SER C 350 65.24 9.89 -34.46
CA SER C 350 63.80 10.04 -34.29
C SER C 350 63.34 9.63 -32.88
N GLN C 351 62.01 9.53 -32.67
CA GLN C 351 61.39 9.17 -31.39
C GLN C 351 60.32 8.08 -31.54
N LEU C 352 60.10 7.29 -30.47
CA LEU C 352 59.10 6.22 -30.42
C LEU C 352 58.10 6.42 -29.27
N GLN C 353 56.86 5.98 -29.46
CA GLN C 353 55.82 6.06 -28.43
C GLN C 353 55.37 4.67 -28.02
N ILE C 354 55.45 4.37 -26.71
CA ILE C 354 55.06 3.08 -26.14
C ILE C 354 53.97 3.22 -25.07
N SER C 355 53.22 2.13 -24.84
CA SER C 355 52.17 2.04 -23.83
C SER C 355 52.63 1.07 -22.75
N PHE C 356 52.55 1.49 -21.47
CA PHE C 356 52.99 0.65 -20.36
C PHE C 356 51.96 0.52 -19.23
N SER C 357 52.06 -0.60 -18.48
CA SER C 357 51.19 -0.91 -17.35
C SER C 357 52.03 -1.14 -16.10
N THR C 358 51.60 -0.51 -14.97
CA THR C 358 52.26 -0.60 -13.66
C THR C 358 51.26 -0.35 -12.52
N ALA C 359 51.56 -0.88 -11.32
CA ALA C 359 50.75 -0.69 -10.12
C ALA C 359 51.41 0.36 -9.20
N LEU C 360 52.68 0.70 -9.52
CA LEU C 360 53.52 1.64 -8.79
C LEU C 360 53.13 3.10 -9.04
N ALA C 361 53.05 3.89 -7.96
CA ALA C 361 52.75 5.33 -8.01
C ALA C 361 53.99 6.10 -8.48
N SER C 362 55.18 5.60 -8.08
CA SER C 362 56.49 6.14 -8.46
C SER C 362 57.22 5.03 -9.22
N ALA C 363 57.04 5.01 -10.55
CA ALA C 363 57.61 3.98 -11.41
C ALA C 363 58.90 4.39 -12.13
N GLU C 364 60.02 3.78 -11.70
CA GLU C 364 61.34 3.98 -12.28
C GLU C 364 61.70 2.66 -12.98
N PHE C 365 61.75 2.68 -14.32
CA PHE C 365 62.00 1.47 -15.11
C PHE C 365 62.93 1.66 -16.30
N ARG C 366 63.57 0.56 -16.73
CA ARG C 366 64.49 0.54 -17.87
C ARG C 366 63.83 -0.13 -19.07
N VAL C 367 63.91 0.51 -20.24
CA VAL C 367 63.34 0.00 -21.49
C VAL C 367 64.47 -0.38 -22.44
N GLN C 368 64.50 -1.65 -22.88
CA GLN C 368 65.50 -2.13 -23.82
C GLN C 368 64.92 -2.13 -25.23
N VAL C 369 65.40 -1.20 -26.07
CA VAL C 369 65.01 -1.08 -27.47
C VAL C 369 66.23 -1.58 -28.23
N CYS C 370 66.08 -2.75 -28.90
CA CYS C 370 67.14 -3.50 -29.58
C CYS C 370 68.13 -3.99 -28.51
N SER C 371 69.39 -3.51 -28.50
CA SER C 371 70.39 -3.91 -27.51
C SER C 371 70.82 -2.76 -26.56
N THR C 372 70.08 -1.63 -26.56
CA THR C 372 70.38 -0.48 -25.71
C THR C 372 69.25 -0.20 -24.71
N GLN C 373 69.63 0.08 -23.44
CA GLN C 373 68.71 0.37 -22.36
C GLN C 373 68.56 1.87 -22.07
N VAL C 374 67.33 2.31 -21.77
CA VAL C 374 67.00 3.70 -21.44
C VAL C 374 66.16 3.75 -20.15
N HIS C 375 66.51 4.66 -19.23
CA HIS C 375 65.78 4.82 -17.97
C HIS C 375 64.57 5.74 -18.13
N CYS C 376 63.41 5.29 -17.64
CA CYS C 376 62.14 6.02 -17.66
C CYS C 376 61.70 6.33 -16.24
N ALA C 377 61.43 7.61 -15.95
CA ALA C 377 60.96 8.08 -14.65
C ALA C 377 59.49 8.47 -14.81
N ALA C 378 58.60 7.81 -14.04
CA ALA C 378 57.17 8.04 -14.14
C ALA C 378 56.45 8.27 -12.82
N GLU C 379 55.64 9.33 -12.76
CA GLU C 379 54.79 9.67 -11.63
C GLU C 379 53.40 9.23 -12.06
N CYS C 380 52.96 8.06 -11.57
CA CYS C 380 51.66 7.51 -11.94
C CYS C 380 50.59 7.81 -10.91
N HIS C 381 49.42 8.22 -11.40
CA HIS C 381 48.26 8.65 -10.60
C HIS C 381 47.21 7.54 -10.39
N PRO C 382 46.37 7.61 -9.32
CA PRO C 382 45.37 6.54 -9.11
C PRO C 382 44.25 6.51 -10.14
N PRO C 383 43.68 5.33 -10.47
CA PRO C 383 42.57 5.29 -11.44
C PRO C 383 41.22 5.63 -10.80
N LYS C 384 40.15 5.29 -11.48
CA LYS C 384 38.98 4.84 -10.74
C LYS C 384 39.36 4.30 -9.32
N ASP C 385 40.10 3.18 -9.20
CA ASP C 385 40.43 2.61 -7.86
C ASP C 385 41.46 1.43 -7.74
N HIS C 386 41.62 0.90 -6.51
CA HIS C 386 42.57 -0.20 -6.16
C HIS C 386 42.17 -1.54 -6.78
N ILE C 387 42.60 -2.73 -6.28
CA ILE C 387 42.09 -3.83 -7.10
C ILE C 387 41.97 -3.42 -8.57
N VAL C 388 42.27 -4.38 -9.48
CA VAL C 388 42.24 -4.18 -10.92
C VAL C 388 41.39 -5.26 -11.63
N ASN C 389 40.76 -4.92 -12.77
CA ASN C 389 39.89 -5.83 -13.53
C ASN C 389 40.52 -6.47 -14.80
N TYR C 390 41.87 -6.52 -14.87
CA TYR C 390 42.62 -7.12 -15.99
C TYR C 390 43.86 -7.90 -15.48
N PRO C 391 44.34 -8.97 -16.19
CA PRO C 391 45.52 -9.68 -15.68
C PRO C 391 46.82 -9.17 -16.28
N VAL D 1 -5.89 -46.33 -38.65
CA VAL D 1 -5.89 -47.13 -37.42
C VAL D 1 -7.26 -47.12 -36.71
N TYR D 2 -8.04 -46.05 -36.93
CA TYR D 2 -9.36 -45.84 -36.33
C TYR D 2 -10.44 -46.79 -36.87
N LYS D 3 -10.13 -47.56 -37.93
CA LYS D 3 -11.05 -48.56 -38.47
C LYS D 3 -11.09 -49.77 -37.53
N ALA D 4 -9.98 -50.03 -36.81
CA ALA D 4 -9.81 -51.12 -35.85
C ALA D 4 -10.15 -50.70 -34.41
N THR D 5 -9.92 -49.42 -34.06
CA THR D 5 -10.19 -48.90 -32.73
C THR D 5 -11.59 -48.29 -32.63
N ARG D 6 -12.04 -47.99 -31.40
CA ARG D 6 -13.36 -47.40 -31.16
C ARG D 6 -13.39 -46.53 -29.90
N PRO D 7 -14.30 -45.52 -29.81
CA PRO D 7 -14.43 -44.77 -28.53
C PRO D 7 -15.13 -45.69 -27.51
N TYR D 8 -14.98 -45.41 -26.21
CA TYR D 8 -15.56 -46.29 -25.20
C TYR D 8 -16.10 -45.56 -23.97
N LEU D 9 -16.82 -46.32 -23.12
CA LEU D 9 -17.36 -45.84 -21.85
C LEU D 9 -16.46 -46.40 -20.75
N ALA D 10 -16.05 -45.55 -19.81
CA ALA D 10 -15.18 -45.93 -18.71
C ALA D 10 -15.52 -45.14 -17.46
N HIS D 11 -15.07 -45.62 -16.29
CA HIS D 11 -15.33 -44.98 -15.01
C HIS D 11 -14.72 -43.58 -14.90
N CYS D 12 -15.53 -42.66 -14.37
CA CYS D 12 -15.17 -41.28 -14.09
C CYS D 12 -15.66 -40.98 -12.66
N PRO D 13 -14.80 -40.47 -11.75
CA PRO D 13 -15.25 -40.23 -10.36
C PRO D 13 -16.25 -39.08 -10.20
N ASP D 14 -16.23 -38.11 -11.14
CA ASP D 14 -17.10 -36.94 -11.11
C ASP D 14 -17.60 -36.55 -12.50
N CYS D 15 -18.86 -36.89 -12.80
CA CYS D 15 -19.53 -36.59 -14.07
C CYS D 15 -20.37 -35.31 -13.95
N GLY D 16 -20.19 -34.59 -12.85
CA GLY D 16 -20.93 -33.39 -12.51
C GLY D 16 -21.65 -33.59 -11.19
N GLU D 17 -21.56 -32.59 -10.29
CA GLU D 17 -22.16 -32.58 -8.94
C GLU D 17 -21.54 -33.63 -7.98
N GLY D 18 -20.33 -34.08 -8.29
CA GLY D 18 -19.57 -35.04 -7.48
C GLY D 18 -19.98 -36.50 -7.60
N HIS D 19 -20.91 -36.81 -8.52
CA HIS D 19 -21.41 -38.18 -8.73
C HIS D 19 -20.67 -38.91 -9.85
N SER D 20 -20.26 -40.16 -9.58
CA SER D 20 -19.55 -41.01 -10.53
C SER D 20 -20.50 -41.60 -11.58
N CYS D 21 -19.98 -41.87 -12.80
CA CYS D 21 -20.76 -42.44 -13.91
C CYS D 21 -19.89 -43.19 -14.91
N HIS D 22 -20.53 -43.93 -15.83
CA HIS D 22 -19.88 -44.64 -16.95
C HIS D 22 -19.86 -43.57 -18.03
N SER D 23 -18.75 -42.81 -18.09
CA SER D 23 -18.56 -41.64 -18.95
C SER D 23 -18.11 -41.90 -20.39
N PRO D 24 -18.71 -41.19 -21.37
CA PRO D 24 -18.23 -41.31 -22.77
C PRO D 24 -17.06 -40.33 -23.06
N VAL D 25 -16.61 -39.60 -22.02
CA VAL D 25 -15.52 -38.61 -22.05
C VAL D 25 -14.60 -38.82 -20.81
N ALA D 26 -14.51 -40.08 -20.34
CA ALA D 26 -13.72 -40.46 -19.17
C ALA D 26 -12.24 -40.11 -19.32
N LEU D 27 -11.65 -39.53 -18.26
CA LEU D 27 -10.25 -39.14 -18.25
C LEU D 27 -9.38 -40.35 -17.93
N GLU D 28 -8.40 -40.62 -18.81
CA GLU D 28 -7.48 -41.74 -18.68
C GLU D 28 -6.17 -41.32 -18.00
N ARG D 29 -5.50 -40.31 -18.57
CA ARG D 29 -4.19 -39.83 -18.12
C ARG D 29 -3.95 -38.40 -18.58
N ILE D 30 -3.38 -37.58 -17.68
CA ILE D 30 -2.99 -36.20 -17.97
C ILE D 30 -1.47 -36.13 -17.88
N ARG D 31 -0.83 -35.76 -19.00
CA ARG D 31 0.63 -35.64 -19.09
C ARG D 31 1.04 -34.18 -19.04
N ASN D 32 2.02 -33.86 -18.19
CA ASN D 32 2.53 -32.50 -18.01
C ASN D 32 4.06 -32.45 -17.94
N GLU D 33 4.73 -33.14 -18.88
CA GLU D 33 6.19 -33.19 -18.95
C GLU D 33 6.75 -31.99 -19.71
N ALA D 34 5.91 -31.35 -20.55
CA ALA D 34 6.26 -30.17 -21.34
C ALA D 34 6.50 -28.97 -20.43
N THR D 35 7.73 -28.44 -20.45
CA THR D 35 8.13 -27.30 -19.62
C THR D 35 7.41 -26.00 -20.04
N ASP D 36 6.93 -25.92 -21.29
CA ASP D 36 6.18 -24.77 -21.80
C ASP D 36 4.75 -24.66 -21.18
N GLY D 37 4.35 -25.67 -20.42
CA GLY D 37 3.07 -25.71 -19.73
C GLY D 37 1.94 -26.44 -20.43
N THR D 38 2.17 -26.92 -21.66
CA THR D 38 1.18 -27.65 -22.47
C THR D 38 0.81 -28.98 -21.79
N LEU D 39 -0.50 -29.27 -21.72
CA LEU D 39 -1.00 -30.51 -21.15
C LEU D 39 -1.44 -31.46 -22.25
N LYS D 40 -1.00 -32.72 -22.17
CA LYS D 40 -1.41 -33.76 -23.12
C LYS D 40 -2.43 -34.62 -22.36
N ILE D 41 -3.70 -34.47 -22.71
CA ILE D 41 -4.83 -35.12 -22.06
C ILE D 41 -5.34 -36.31 -22.88
N GLN D 42 -5.57 -37.46 -22.22
CA GLN D 42 -6.12 -38.67 -22.86
C GLN D 42 -7.53 -38.96 -22.34
N VAL D 43 -8.50 -39.05 -23.26
CA VAL D 43 -9.91 -39.32 -22.97
C VAL D 43 -10.43 -40.61 -23.63
N SER D 44 -11.61 -41.10 -23.19
CA SER D 44 -12.22 -42.32 -23.72
C SER D 44 -12.83 -42.16 -25.13
N LEU D 45 -13.17 -40.92 -25.54
CA LEU D 45 -13.71 -40.65 -26.88
C LEU D 45 -12.63 -40.40 -27.92
N GLN D 46 -13.01 -40.28 -29.21
CA GLN D 46 -12.10 -40.04 -30.33
C GLN D 46 -12.50 -38.80 -31.14
N ILE D 47 -11.64 -37.77 -31.12
CA ILE D 47 -11.86 -36.49 -31.82
C ILE D 47 -11.26 -36.53 -33.24
N GLY D 48 -11.98 -35.92 -34.18
CA GLY D 48 -11.57 -35.83 -35.58
C GLY D 48 -11.90 -37.04 -36.42
N ILE D 49 -12.66 -38.00 -35.84
CA ILE D 49 -13.06 -39.24 -36.50
C ILE D 49 -14.58 -39.40 -36.41
N LYS D 50 -15.20 -39.81 -37.53
CA LYS D 50 -16.65 -40.07 -37.61
C LYS D 50 -16.87 -41.58 -37.38
N THR D 51 -18.14 -42.00 -37.18
CA THR D 51 -18.51 -43.41 -36.96
C THR D 51 -18.14 -44.34 -38.13
N ASP D 52 -18.07 -43.80 -39.35
CA ASP D 52 -17.70 -44.54 -40.57
C ASP D 52 -16.16 -44.62 -40.76
N ASP D 53 -15.40 -44.19 -39.71
CA ASP D 53 -13.93 -44.14 -39.60
C ASP D 53 -13.24 -43.01 -40.37
N SER D 54 -14.00 -42.23 -41.18
CA SER D 54 -13.47 -41.11 -41.95
C SER D 54 -12.99 -39.96 -41.07
N HIS D 55 -11.93 -39.27 -41.50
CA HIS D 55 -11.34 -38.16 -40.78
C HIS D 55 -12.07 -36.85 -41.10
N ASP D 56 -12.55 -36.18 -40.04
CA ASP D 56 -13.27 -34.91 -40.12
C ASP D 56 -12.98 -34.13 -38.84
N TRP D 57 -12.17 -33.05 -38.95
CA TRP D 57 -11.77 -32.22 -37.83
C TRP D 57 -12.93 -31.51 -37.11
N THR D 58 -14.07 -31.31 -37.81
CA THR D 58 -15.27 -30.66 -37.25
C THR D 58 -16.13 -31.66 -36.45
N LYS D 59 -15.78 -32.96 -36.51
CA LYS D 59 -16.53 -34.01 -35.83
C LYS D 59 -15.75 -34.70 -34.70
N LEU D 60 -16.49 -35.46 -33.87
CA LEU D 60 -16.02 -36.19 -32.70
C LEU D 60 -16.89 -37.45 -32.58
N ARG D 61 -16.27 -38.59 -32.19
CA ARG D 61 -17.04 -39.82 -31.96
C ARG D 61 -16.90 -40.31 -30.52
N TYR D 62 -18.03 -40.61 -29.90
CA TYR D 62 -18.15 -41.07 -28.52
C TYR D 62 -19.03 -42.33 -28.45
N MET D 63 -18.87 -43.14 -27.39
CA MET D 63 -19.67 -44.33 -27.22
C MET D 63 -21.03 -43.95 -26.63
N ASP D 64 -22.11 -44.16 -27.41
CA ASP D 64 -23.47 -43.87 -27.00
C ASP D 64 -24.16 -45.19 -26.68
N ASN D 65 -24.17 -45.55 -25.38
CA ASN D 65 -24.75 -46.78 -24.84
C ASN D 65 -24.02 -48.04 -25.37
N HIS D 66 -24.51 -48.64 -26.48
CA HIS D 66 -23.93 -49.84 -27.10
C HIS D 66 -23.16 -49.52 -28.38
N MET D 67 -23.58 -48.48 -29.12
CA MET D 67 -22.99 -48.10 -30.40
C MET D 67 -22.33 -46.71 -30.40
N PRO D 68 -21.22 -46.50 -31.15
CA PRO D 68 -20.62 -45.15 -31.21
C PRO D 68 -21.50 -44.16 -31.99
N ALA D 69 -21.47 -42.88 -31.59
CA ALA D 69 -22.26 -41.81 -32.24
C ALA D 69 -21.41 -40.57 -32.53
N ASP D 70 -21.84 -39.75 -33.50
CA ASP D 70 -21.16 -38.52 -33.90
C ASP D 70 -21.60 -37.31 -33.07
N ALA D 71 -20.65 -36.41 -32.81
CA ALA D 71 -20.84 -35.17 -32.06
C ALA D 71 -19.96 -34.07 -32.66
N GLU D 72 -20.27 -32.79 -32.38
CA GLU D 72 -19.53 -31.65 -32.89
C GLU D 72 -18.24 -31.39 -32.10
N ARG D 73 -17.16 -30.99 -32.81
CA ARG D 73 -15.87 -30.64 -32.22
C ARG D 73 -15.98 -29.31 -31.47
N ALA D 74 -16.83 -28.39 -31.98
CA ALA D 74 -17.07 -27.06 -31.37
C ALA D 74 -17.60 -27.14 -29.94
N GLY D 75 -18.35 -28.20 -29.65
CA GLY D 75 -18.94 -28.44 -28.33
C GLY D 75 -17.96 -28.98 -27.30
N LEU D 76 -16.77 -29.42 -27.75
CA LEU D 76 -15.71 -29.94 -26.88
C LEU D 76 -15.07 -28.80 -26.09
N PHE D 77 -14.89 -29.01 -24.78
CA PHE D 77 -14.29 -28.03 -23.87
C PHE D 77 -13.37 -28.67 -22.85
N VAL D 78 -12.35 -27.92 -22.42
CA VAL D 78 -11.37 -28.30 -21.40
C VAL D 78 -11.31 -27.14 -20.41
N ARG D 79 -11.36 -27.43 -19.10
CA ARG D 79 -11.31 -26.41 -18.05
C ARG D 79 -10.67 -26.90 -16.75
N THR D 80 -10.01 -25.99 -16.03
CA THR D 80 -9.39 -26.26 -14.73
C THR D 80 -10.20 -25.45 -13.71
N SER D 81 -9.72 -24.26 -13.33
CA SER D 81 -10.44 -23.33 -12.45
C SER D 81 -11.26 -22.38 -13.33
N ALA D 82 -10.87 -22.28 -14.62
CA ALA D 82 -11.46 -21.46 -15.68
C ALA D 82 -11.24 -22.18 -17.05
N PRO D 83 -11.89 -21.76 -18.18
CA PRO D 83 -11.67 -22.47 -19.44
C PRO D 83 -10.23 -22.49 -19.96
N CYS D 84 -9.85 -23.60 -20.62
CA CYS D 84 -8.52 -23.80 -21.21
C CYS D 84 -8.55 -23.46 -22.70
N THR D 85 -7.36 -23.19 -23.26
CA THR D 85 -7.19 -22.94 -24.69
C THR D 85 -6.75 -24.27 -25.31
N ILE D 86 -7.62 -24.87 -26.13
CA ILE D 86 -7.31 -26.14 -26.80
C ILE D 86 -6.41 -25.84 -28.01
N THR D 87 -5.19 -26.40 -28.01
CA THR D 87 -4.20 -26.18 -29.07
C THR D 87 -4.16 -27.27 -30.16
N GLY D 88 -4.66 -28.47 -29.84
CA GLY D 88 -4.70 -29.59 -30.77
C GLY D 88 -5.55 -30.74 -30.30
N THR D 89 -6.23 -31.41 -31.25
CA THR D 89 -7.11 -32.56 -31.00
C THR D 89 -6.97 -33.60 -32.11
N MET D 90 -6.83 -34.88 -31.72
CA MET D 90 -6.72 -36.04 -32.62
C MET D 90 -6.91 -37.32 -31.80
N GLY D 91 -7.95 -38.07 -32.14
CA GLY D 91 -8.32 -39.32 -31.48
C GLY D 91 -8.61 -39.15 -30.00
N HIS D 92 -7.96 -39.97 -29.17
CA HIS D 92 -8.10 -39.92 -27.71
C HIS D 92 -7.34 -38.75 -27.06
N PHE D 93 -6.60 -37.96 -27.85
CA PHE D 93 -5.74 -36.89 -27.32
C PHE D 93 -6.13 -35.45 -27.56
N ILE D 94 -5.94 -34.62 -26.52
CA ILE D 94 -6.18 -33.18 -26.50
C ILE D 94 -4.95 -32.45 -25.96
N LEU D 95 -4.57 -31.36 -26.63
CA LEU D 95 -3.50 -30.48 -26.20
C LEU D 95 -4.16 -29.21 -25.69
N ALA D 96 -3.82 -28.80 -24.47
CA ALA D 96 -4.43 -27.60 -23.87
C ALA D 96 -3.49 -26.76 -23.02
N ARG D 97 -3.71 -25.44 -23.05
CA ARG D 97 -3.01 -24.45 -22.26
C ARG D 97 -4.03 -24.02 -21.21
N CYS D 98 -3.78 -24.39 -19.96
CA CYS D 98 -4.70 -24.19 -18.85
C CYS D 98 -4.23 -23.20 -17.80
N PRO D 99 -5.14 -22.40 -17.19
CA PRO D 99 -4.72 -21.55 -16.06
C PRO D 99 -4.56 -22.40 -14.79
N LYS D 100 -4.00 -21.83 -13.72
CA LYS D 100 -3.77 -22.50 -12.43
C LYS D 100 -5.07 -23.11 -11.88
N GLY D 101 -4.99 -24.36 -11.43
CA GLY D 101 -6.15 -25.07 -10.88
C GLY D 101 -5.82 -26.28 -10.03
N GLU D 102 -6.88 -26.89 -9.45
CA GLU D 102 -6.77 -28.07 -8.59
C GLU D 102 -7.51 -29.28 -9.17
N THR D 103 -8.31 -29.06 -10.22
CA THR D 103 -9.08 -30.08 -10.94
C THR D 103 -8.92 -29.89 -12.46
N LEU D 104 -9.24 -30.93 -13.24
CA LEU D 104 -9.21 -30.87 -14.70
C LEU D 104 -10.49 -31.50 -15.22
N THR D 105 -11.24 -30.74 -16.04
CA THR D 105 -12.51 -31.16 -16.62
C THR D 105 -12.45 -31.16 -18.15
N VAL D 106 -12.92 -32.25 -18.76
CA VAL D 106 -13.02 -32.41 -20.21
C VAL D 106 -14.46 -32.80 -20.50
N GLY D 107 -15.11 -32.05 -21.38
CA GLY D 107 -16.50 -32.30 -21.74
C GLY D 107 -16.85 -32.04 -23.19
N PHE D 108 -18.12 -32.35 -23.55
CA PHE D 108 -18.69 -32.18 -24.88
C PHE D 108 -20.24 -32.20 -24.83
N THR D 109 -20.88 -31.81 -25.93
CA THR D 109 -22.33 -31.82 -26.07
C THR D 109 -22.70 -32.86 -27.15
N ASP D 110 -23.55 -33.83 -26.80
CA ASP D 110 -23.96 -34.91 -27.70
C ASP D 110 -24.99 -34.50 -28.76
N SER D 111 -25.50 -35.48 -29.53
CA SER D 111 -26.51 -35.30 -30.58
C SER D 111 -27.84 -34.76 -30.03
N ARG D 112 -28.23 -35.25 -28.83
CA ARG D 112 -29.47 -34.89 -28.12
C ARG D 112 -29.34 -33.58 -27.32
N LYS D 113 -28.27 -32.81 -27.58
CA LYS D 113 -27.92 -31.53 -26.91
C LYS D 113 -27.61 -31.68 -25.40
N ILE D 114 -27.34 -32.93 -24.96
CA ILE D 114 -27.01 -33.27 -23.57
C ILE D 114 -25.50 -33.15 -23.35
N SER D 115 -25.10 -32.35 -22.34
CA SER D 115 -23.71 -32.13 -21.99
C SER D 115 -23.15 -33.28 -21.14
N HIS D 116 -21.94 -33.74 -21.48
CA HIS D 116 -21.22 -34.80 -20.77
C HIS D 116 -19.85 -34.26 -20.37
N SER D 117 -19.46 -34.44 -19.10
CA SER D 117 -18.16 -33.98 -18.60
C SER D 117 -17.55 -34.95 -17.60
N CYS D 118 -16.20 -34.91 -17.47
CA CYS D 118 -15.45 -35.74 -16.52
C CYS D 118 -14.44 -34.90 -15.77
N THR D 119 -14.54 -34.88 -14.43
CA THR D 119 -13.66 -34.10 -13.55
C THR D 119 -12.78 -35.01 -12.71
N HIS D 120 -11.46 -34.76 -12.75
CA HIS D 120 -10.42 -35.48 -12.01
C HIS D 120 -9.60 -34.48 -11.19
N PRO D 121 -9.18 -34.84 -9.95
CA PRO D 121 -8.31 -33.91 -9.20
C PRO D 121 -6.92 -33.87 -9.85
N PHE D 122 -6.49 -32.66 -10.26
CA PHE D 122 -5.20 -32.46 -10.91
C PHE D 122 -4.63 -31.10 -10.56
N HIS D 123 -3.49 -31.09 -9.86
CA HIS D 123 -2.83 -29.84 -9.50
C HIS D 123 -2.06 -29.28 -10.69
N HIS D 124 -2.58 -28.17 -11.26
CA HIS D 124 -1.95 -27.51 -12.39
C HIS D 124 -1.52 -26.12 -11.99
N ASP D 125 -0.20 -25.91 -11.99
CA ASP D 125 0.49 -24.66 -11.71
C ASP D 125 1.85 -24.82 -12.39
N PRO D 126 1.91 -24.60 -13.73
CA PRO D 126 3.17 -24.86 -14.45
C PRO D 126 4.35 -23.97 -14.06
N PRO D 127 5.57 -24.54 -13.93
CA PRO D 127 6.74 -23.71 -13.54
C PRO D 127 7.12 -22.67 -14.59
N VAL D 128 7.79 -21.61 -14.15
CA VAL D 128 8.25 -20.51 -14.99
C VAL D 128 9.36 -20.94 -15.96
N ILE D 129 9.24 -20.52 -17.23
CA ILE D 129 10.27 -20.74 -18.24
C ILE D 129 11.15 -19.51 -18.17
N GLY D 130 12.35 -19.70 -17.66
CA GLY D 130 13.32 -18.62 -17.48
C GLY D 130 13.30 -18.01 -16.10
N ARG D 131 13.49 -16.68 -16.04
CA ARG D 131 13.57 -15.90 -14.81
C ARG D 131 12.53 -14.76 -14.73
N GLU D 132 11.50 -14.80 -15.59
CA GLU D 132 10.44 -13.79 -15.62
C GLU D 132 9.07 -14.46 -15.78
N LYS D 133 8.14 -14.15 -14.85
CA LYS D 133 6.79 -14.71 -14.87
C LYS D 133 5.88 -13.80 -15.71
N PHE D 134 5.75 -14.13 -17.01
CA PHE D 134 4.95 -13.37 -17.98
C PHE D 134 3.67 -14.11 -18.39
N HIS D 135 2.70 -13.36 -18.97
CA HIS D 135 1.40 -13.89 -19.38
C HIS D 135 1.35 -14.33 -20.85
N SER D 136 1.59 -13.38 -21.79
CA SER D 136 1.54 -13.64 -23.24
C SER D 136 2.90 -13.93 -23.86
N ARG D 137 2.94 -14.83 -24.87
CA ARG D 137 4.17 -15.21 -25.55
C ARG D 137 4.71 -14.13 -26.52
N PRO D 138 6.00 -13.74 -26.39
CA PRO D 138 6.53 -12.72 -27.30
C PRO D 138 7.03 -13.25 -28.63
N GLN D 139 7.06 -12.39 -29.67
CA GLN D 139 7.57 -12.71 -30.99
C GLN D 139 9.10 -12.77 -30.95
N HIS D 140 9.72 -11.81 -30.22
CA HIS D 140 11.16 -11.69 -30.03
C HIS D 140 11.51 -11.78 -28.54
N GLY D 141 12.69 -12.34 -28.26
CA GLY D 141 13.23 -12.48 -26.92
C GLY D 141 14.38 -13.45 -26.84
N LYS D 142 14.78 -13.81 -25.62
CA LYS D 142 15.86 -14.76 -25.36
C LYS D 142 15.37 -16.17 -25.68
N GLU D 143 16.14 -16.91 -26.49
CA GLU D 143 15.79 -18.28 -26.87
C GLU D 143 16.25 -19.24 -25.78
N LEU D 144 15.29 -19.88 -25.10
CA LEU D 144 15.57 -20.82 -24.03
C LEU D 144 15.11 -22.23 -24.35
N PRO D 145 15.85 -23.29 -23.92
CA PRO D 145 15.41 -24.66 -24.20
C PRO D 145 14.16 -25.03 -23.40
N CYS D 146 13.14 -25.56 -24.09
CA CYS D 146 11.88 -25.98 -23.50
C CYS D 146 11.29 -27.16 -24.27
N SER D 147 10.40 -27.92 -23.63
CA SER D 147 9.73 -29.04 -24.28
C SER D 147 8.25 -28.74 -24.48
N THR D 148 7.67 -29.30 -25.53
CA THR D 148 6.26 -29.14 -25.88
C THR D 148 5.75 -30.42 -26.53
N TYR D 149 4.43 -30.54 -26.65
CA TYR D 149 3.80 -31.64 -27.37
C TYR D 149 3.49 -31.01 -28.73
N VAL D 150 4.18 -31.48 -29.78
CA VAL D 150 4.04 -30.94 -31.14
C VAL D 150 2.62 -31.06 -31.70
N GLN D 151 2.10 -29.96 -32.26
CA GLN D 151 0.74 -29.90 -32.82
C GLN D 151 0.52 -30.75 -34.08
N SER D 152 1.57 -31.47 -34.55
CA SER D 152 1.51 -32.34 -35.72
C SER D 152 0.60 -33.54 -35.46
N THR D 153 -0.42 -33.71 -36.32
CA THR D 153 -1.42 -34.79 -36.25
C THR D 153 -0.81 -36.18 -36.50
N ALA D 154 0.40 -36.22 -37.08
CA ALA D 154 1.17 -37.42 -37.41
C ALA D 154 1.54 -38.22 -36.15
N ALA D 155 1.45 -39.55 -36.26
CA ALA D 155 1.75 -40.49 -35.19
C ALA D 155 2.92 -41.38 -35.64
N THR D 156 4.15 -41.08 -35.13
CA THR D 156 5.38 -41.79 -35.54
C THR D 156 6.28 -42.34 -34.42
N THR D 157 6.34 -41.67 -33.25
CA THR D 157 7.22 -42.10 -32.15
C THR D 157 6.50 -42.70 -30.94
N GLU D 158 5.70 -41.90 -30.21
CA GLU D 158 4.96 -42.34 -29.02
C GLU D 158 3.85 -43.34 -29.36
N GLU D 159 3.52 -44.22 -28.41
CA GLU D 159 2.51 -45.27 -28.60
C GLU D 159 1.68 -45.61 -27.34
N ILE D 160 0.56 -46.31 -27.55
CA ILE D 160 -0.34 -46.81 -26.50
C ILE D 160 -0.65 -48.28 -26.75
N GLU D 161 -0.96 -49.02 -25.68
CA GLU D 161 -1.33 -50.43 -25.77
C GLU D 161 -2.83 -50.53 -26.04
N VAL D 162 -3.20 -51.46 -26.92
CA VAL D 162 -4.59 -51.72 -27.30
C VAL D 162 -4.90 -53.21 -27.22
N HIS D 163 -6.16 -53.56 -26.96
CA HIS D 163 -6.66 -54.93 -26.90
C HIS D 163 -8.16 -54.98 -27.19
N MET D 164 -8.70 -56.19 -27.40
CA MET D 164 -10.12 -56.40 -27.64
C MET D 164 -10.93 -56.03 -26.39
N PRO D 165 -12.08 -55.34 -26.53
CA PRO D 165 -12.85 -54.96 -25.34
C PRO D 165 -13.49 -56.16 -24.63
N PRO D 166 -15.75 -54.01 -24.11
CA PRO D 166 -16.09 -55.24 -23.39
C PRO D 166 -17.61 -55.49 -23.49
N ASP D 167 -18.07 -56.65 -22.98
CA ASP D 167 -19.49 -57.00 -22.98
C ASP D 167 -20.26 -56.00 -22.11
N THR D 168 -21.40 -55.51 -22.61
CA THR D 168 -22.22 -54.51 -21.92
C THR D 168 -23.31 -55.21 -21.09
N PRO D 169 -23.21 -55.22 -19.74
CA PRO D 169 -24.25 -55.88 -18.92
C PRO D 169 -25.62 -55.23 -19.06
N ASP D 170 -26.65 -56.04 -19.28
CA ASP D 170 -28.02 -55.59 -19.45
C ASP D 170 -28.98 -56.61 -18.84
N ARG D 171 -29.57 -56.26 -17.70
CA ARG D 171 -30.51 -57.12 -16.96
C ARG D 171 -31.88 -57.23 -17.62
N THR D 172 -32.23 -56.26 -18.52
CA THR D 172 -33.49 -56.23 -19.26
C THR D 172 -33.59 -57.36 -20.30
N LEU D 173 -32.45 -58.00 -20.64
CA LEU D 173 -32.37 -59.13 -21.58
C LEU D 173 -33.06 -60.37 -20.99
N MET D 174 -33.05 -60.48 -19.65
CA MET D 174 -33.64 -61.59 -18.90
C MET D 174 -35.01 -61.24 -18.34
N SER D 175 -35.93 -62.21 -18.37
CA SER D 175 -37.30 -62.08 -17.86
C SER D 175 -37.78 -63.38 -17.22
N GLN D 176 -38.72 -63.28 -16.27
CA GLN D 176 -39.29 -64.44 -15.55
C GLN D 176 -40.43 -65.13 -16.33
N GLN D 177 -40.10 -66.20 -17.06
CA GLN D 177 -41.09 -66.97 -17.82
C GLN D 177 -41.72 -67.98 -16.84
N SER D 178 -42.79 -67.51 -16.14
CA SER D 178 -43.57 -68.21 -15.09
C SER D 178 -42.73 -68.46 -13.82
N GLY D 179 -41.69 -69.28 -13.94
CA GLY D 179 -40.76 -69.61 -12.86
C GLY D 179 -39.41 -70.01 -13.40
N ASN D 180 -39.09 -69.55 -14.63
CA ASN D 180 -37.86 -69.82 -15.37
C ASN D 180 -37.21 -68.51 -15.86
N VAL D 181 -36.08 -68.60 -16.58
CA VAL D 181 -35.35 -67.44 -17.12
C VAL D 181 -35.49 -67.42 -18.65
N LYS D 182 -35.98 -66.29 -19.18
CA LYS D 182 -36.14 -66.08 -20.62
C LYS D 182 -35.16 -64.99 -21.11
N ILE D 183 -34.15 -65.40 -21.89
CA ILE D 183 -33.15 -64.50 -22.46
C ILE D 183 -33.57 -64.15 -23.89
N THR D 184 -33.94 -62.87 -24.12
CA THR D 184 -34.35 -62.36 -25.43
C THR D 184 -33.22 -61.53 -26.01
N VAL D 185 -32.58 -62.05 -27.07
CA VAL D 185 -31.45 -61.41 -27.76
C VAL D 185 -31.77 -60.12 -28.51
N ASN D 186 -32.94 -60.05 -29.17
CA ASN D 186 -33.43 -58.92 -29.98
C ASN D 186 -32.45 -58.54 -31.11
N GLY D 187 -32.04 -59.57 -31.88
CA GLY D 187 -31.13 -59.43 -33.00
C GLY D 187 -29.70 -59.06 -32.65
N GLN D 188 -29.26 -59.44 -31.43
CA GLN D 188 -27.92 -59.16 -30.90
C GLN D 188 -27.21 -60.45 -30.50
N THR D 189 -25.90 -60.37 -30.23
CA THR D 189 -25.09 -61.48 -29.76
C THR D 189 -24.95 -61.27 -28.24
N VAL D 190 -25.55 -62.17 -27.45
CA VAL D 190 -25.59 -62.08 -25.99
C VAL D 190 -24.78 -63.19 -25.32
N ARG D 191 -23.90 -62.82 -24.38
CA ARG D 191 -23.13 -63.76 -23.58
C ARG D 191 -23.87 -63.90 -22.25
N TYR D 192 -24.27 -65.14 -21.90
CA TYR D 192 -25.03 -65.40 -20.68
C TYR D 192 -24.42 -66.48 -19.80
N LYS D 193 -24.60 -66.33 -18.47
CA LYS D 193 -24.14 -67.25 -17.44
C LYS D 193 -25.16 -67.31 -16.32
N CYS D 194 -25.62 -68.53 -16.00
CA CYS D 194 -26.62 -68.79 -14.95
C CYS D 194 -26.06 -69.72 -13.88
N ASN D 195 -26.43 -69.48 -12.61
CA ASN D 195 -26.01 -70.31 -11.48
C ASN D 195 -26.98 -71.51 -11.36
N CYS D 196 -27.14 -72.24 -12.48
CA CYS D 196 -28.02 -73.39 -12.66
C CYS D 196 -27.32 -74.47 -13.52
N GLY D 197 -28.00 -75.61 -13.70
CA GLY D 197 -27.50 -76.73 -14.49
C GLY D 197 -27.84 -76.66 -15.97
N GLY D 198 -27.34 -77.63 -16.73
CA GLY D 198 -27.57 -77.73 -18.17
C GLY D 198 -26.79 -76.71 -18.98
N SER D 199 -27.41 -76.16 -20.04
CA SER D 199 -26.81 -75.16 -20.91
C SER D 199 -26.89 -73.76 -20.28
N ASN D 200 -26.14 -73.57 -19.17
CA ASN D 200 -26.09 -72.32 -18.40
C ASN D 200 -25.03 -71.32 -18.91
N GLU D 201 -24.32 -71.65 -20.00
CA GLU D 201 -23.28 -70.81 -20.59
C GLU D 201 -23.36 -70.85 -22.12
N GLY D 202 -23.05 -69.72 -22.76
CA GLY D 202 -23.05 -69.63 -24.21
C GLY D 202 -23.07 -68.23 -24.81
N LEU D 203 -22.53 -68.12 -26.03
CA LEU D 203 -22.50 -66.91 -26.83
C LEU D 203 -23.59 -67.13 -27.88
N THR D 204 -24.82 -66.72 -27.53
CA THR D 204 -26.01 -66.92 -28.36
C THR D 204 -26.38 -65.77 -29.30
N THR D 205 -26.89 -66.16 -30.48
CA THR D 205 -27.38 -65.25 -31.52
C THR D 205 -28.91 -65.39 -31.61
N THR D 206 -29.48 -66.37 -30.87
CA THR D 206 -30.91 -66.69 -30.80
C THR D 206 -31.41 -66.71 -29.34
N ASP D 207 -32.73 -66.63 -29.14
CA ASP D 207 -33.39 -66.65 -27.83
C ASP D 207 -33.15 -67.96 -27.08
N LYS D 208 -32.92 -67.87 -25.76
CA LYS D 208 -32.66 -69.03 -24.90
C LYS D 208 -33.53 -69.03 -23.65
N VAL D 209 -33.90 -70.23 -23.17
CA VAL D 209 -34.70 -70.42 -21.96
C VAL D 209 -33.98 -71.36 -20.98
N ILE D 210 -33.93 -70.95 -19.69
CA ILE D 210 -33.29 -71.74 -18.63
C ILE D 210 -34.35 -72.09 -17.58
N ASN D 211 -34.88 -73.33 -17.66
CA ASN D 211 -35.91 -73.84 -16.74
C ASN D 211 -35.34 -74.17 -15.36
N ASN D 212 -36.19 -74.03 -14.31
CA ASN D 212 -35.88 -74.27 -12.88
C ASN D 212 -34.77 -73.31 -12.37
N CYS D 213 -34.63 -72.16 -13.04
CA CYS D 213 -33.64 -71.12 -12.74
C CYS D 213 -34.34 -69.81 -12.40
N LYS D 214 -33.76 -69.03 -11.49
CA LYS D 214 -34.29 -67.72 -11.10
C LYS D 214 -33.54 -66.60 -11.80
N VAL D 215 -34.23 -65.47 -12.09
CA VAL D 215 -33.69 -64.30 -12.78
C VAL D 215 -32.45 -63.66 -12.09
N ASP D 216 -32.40 -63.73 -10.74
CA ASP D 216 -31.30 -63.19 -9.93
C ASP D 216 -30.03 -64.06 -10.02
N GLN D 217 -30.19 -65.36 -10.38
CA GLN D 217 -29.09 -66.33 -10.52
C GLN D 217 -28.36 -66.20 -11.87
N CYS D 218 -28.85 -65.33 -12.77
CA CYS D 218 -28.30 -65.16 -14.12
C CYS D 218 -27.64 -63.80 -14.38
N HIS D 219 -26.67 -63.80 -15.31
CA HIS D 219 -25.91 -62.65 -15.78
C HIS D 219 -25.99 -62.62 -17.30
N ALA D 220 -26.41 -61.48 -17.88
CA ALA D 220 -26.52 -61.31 -19.33
C ALA D 220 -25.84 -60.02 -19.79
N ALA D 221 -25.16 -60.10 -20.94
CA ALA D 221 -24.43 -58.97 -21.52
C ALA D 221 -24.37 -59.02 -23.05
N VAL D 222 -24.51 -57.85 -23.69
CA VAL D 222 -24.46 -57.70 -25.15
C VAL D 222 -22.99 -57.52 -25.58
N THR D 223 -22.53 -58.33 -26.53
CA THR D 223 -21.13 -58.30 -26.94
C THR D 223 -20.94 -57.87 -28.38
N ASN D 224 -19.69 -57.88 -28.83
CA ASN D 224 -19.34 -57.49 -30.19
C ASN D 224 -17.88 -57.80 -30.50
N HIS D 225 -17.45 -59.00 -30.14
CA HIS D 225 -16.06 -59.41 -30.36
C HIS D 225 -15.54 -58.95 -31.72
N LYS D 226 -15.09 -57.70 -31.77
CA LYS D 226 -14.55 -57.14 -33.00
C LYS D 226 -14.33 -55.64 -32.88
N LYS D 227 -13.22 -55.26 -32.25
CA LYS D 227 -12.88 -53.84 -32.08
C LYS D 227 -11.82 -53.64 -31.01
N TRP D 228 -10.70 -53.04 -31.42
CA TRP D 228 -9.60 -52.76 -30.51
C TRP D 228 -10.01 -51.59 -29.63
N GLN D 229 -9.44 -51.52 -28.43
CA GLN D 229 -9.72 -50.49 -27.44
C GLN D 229 -8.46 -50.26 -26.65
N TYR D 230 -8.23 -49.02 -26.19
CA TYR D 230 -7.05 -48.69 -25.37
C TYR D 230 -7.04 -49.61 -24.14
N ASN D 231 -5.85 -50.10 -23.76
CA ASN D 231 -5.65 -50.96 -22.59
C ASN D 231 -5.88 -50.09 -21.33
N SER D 232 -7.17 -49.82 -21.05
CA SER D 232 -7.65 -48.97 -19.99
C SER D 232 -7.76 -49.67 -18.63
N PRO D 233 -7.18 -49.07 -17.55
CA PRO D 233 -7.36 -49.67 -16.21
C PRO D 233 -8.76 -49.43 -15.63
N LEU D 234 -9.61 -48.67 -16.36
CA LEU D 234 -10.99 -48.31 -15.98
C LEU D 234 -12.02 -49.24 -16.65
N VAL D 235 -11.54 -50.17 -17.49
CA VAL D 235 -12.36 -51.13 -18.24
C VAL D 235 -11.80 -52.54 -17.93
N PRO D 236 -12.64 -53.59 -17.68
CA PRO D 236 -12.05 -54.91 -17.38
C PRO D 236 -11.40 -55.58 -18.58
N ARG D 237 -10.45 -56.49 -18.32
CA ARG D 237 -9.73 -57.26 -19.32
C ARG D 237 -10.66 -58.32 -19.91
N ASN D 238 -10.44 -58.73 -21.17
CA ASN D 238 -11.27 -59.77 -21.77
C ASN D 238 -10.88 -61.10 -21.11
N ALA D 239 -11.87 -61.76 -20.47
CA ALA D 239 -11.69 -63.01 -19.72
C ALA D 239 -11.21 -64.21 -20.55
N GLU D 240 -11.71 -64.36 -21.79
CA GLU D 240 -11.38 -65.46 -22.69
C GLU D 240 -9.89 -65.46 -23.11
N LEU D 241 -9.44 -64.36 -23.73
CA LEU D 241 -8.04 -64.21 -24.17
C LEU D 241 -7.13 -63.82 -23.00
N GLY D 242 -5.88 -64.29 -23.04
CA GLY D 242 -4.88 -64.02 -22.01
C GLY D 242 -4.30 -62.62 -22.04
N ASP D 243 -2.97 -62.52 -22.16
CA ASP D 243 -2.25 -61.24 -22.21
C ASP D 243 -2.09 -60.73 -23.65
N ARG D 244 -3.10 -61.02 -24.52
CA ARG D 244 -3.12 -60.63 -25.93
C ARG D 244 -3.30 -59.12 -26.06
N LYS D 245 -2.37 -58.47 -26.76
CA LYS D 245 -2.38 -57.02 -26.96
C LYS D 245 -1.68 -56.58 -28.23
N GLY D 246 -2.11 -55.43 -28.74
CA GLY D 246 -1.54 -54.74 -29.88
C GLY D 246 -1.03 -53.38 -29.44
N LYS D 247 -0.44 -52.61 -30.36
CA LYS D 247 0.05 -51.27 -30.07
C LYS D 247 -0.14 -50.34 -31.25
N ILE D 248 -0.49 -49.08 -30.97
CA ILE D 248 -0.73 -48.09 -32.02
C ILE D 248 0.01 -46.79 -31.72
N HIS D 249 0.52 -46.11 -32.77
CA HIS D 249 1.21 -44.83 -32.61
C HIS D 249 0.20 -43.75 -32.24
N ILE D 250 0.62 -42.74 -31.48
CA ILE D 250 -0.26 -41.65 -31.01
C ILE D 250 0.18 -40.26 -31.48
N PRO D 251 -0.77 -39.30 -31.69
CA PRO D 251 -0.35 -37.96 -32.11
C PRO D 251 0.26 -37.15 -30.96
N PHE D 252 0.82 -35.98 -31.30
CA PHE D 252 1.40 -35.00 -30.37
C PHE D 252 2.52 -35.53 -29.44
N PRO D 253 3.63 -36.10 -29.97
CA PRO D 253 4.70 -36.57 -29.08
C PRO D 253 5.46 -35.41 -28.43
N LEU D 254 6.08 -35.67 -27.27
CA LEU D 254 6.89 -34.67 -26.57
C LEU D 254 8.21 -34.49 -27.32
N ALA D 255 8.60 -33.23 -27.59
CA ALA D 255 9.82 -32.90 -28.32
C ALA D 255 10.50 -31.66 -27.76
N ASN D 256 11.84 -31.61 -27.89
CA ASN D 256 12.67 -30.49 -27.44
C ASN D 256 12.60 -29.36 -28.48
N VAL D 257 12.16 -28.18 -28.04
CA VAL D 257 12.01 -26.99 -28.88
C VAL D 257 12.65 -25.76 -28.22
N THR D 258 12.30 -24.56 -28.71
CA THR D 258 12.78 -23.30 -28.17
C THR D 258 11.59 -22.43 -27.72
N CYS D 259 11.74 -21.81 -26.54
CA CYS D 259 10.75 -20.91 -25.96
C CYS D 259 11.34 -19.52 -25.90
N ARG D 260 10.67 -18.36 -26.04
CA ARG D 260 11.31 -17.01 -25.61
C ARG D 260 12.54 -16.80 -24.53
N VAL D 261 12.87 -15.53 -24.08
CA VAL D 261 14.07 -15.17 -23.16
C VAL D 261 14.23 -13.78 -22.31
N PRO D 262 15.41 -13.48 -21.65
CA PRO D 262 15.61 -12.32 -20.68
C PRO D 262 16.99 -11.46 -20.50
N LYS D 263 17.25 -10.70 -19.37
CA LYS D 263 18.45 -9.75 -19.13
C LYS D 263 18.96 -9.21 -17.67
N ALA D 264 19.84 -8.16 -17.56
CA ALA D 264 20.49 -7.65 -16.24
C ALA D 264 21.19 -6.18 -16.01
N ARG D 265 21.98 -5.94 -14.90
CA ARG D 265 22.60 -4.59 -14.44
C ARG D 265 24.01 -4.52 -13.64
N ASN D 266 24.49 -3.39 -12.98
CA ASN D 266 25.84 -3.49 -12.43
C ASN D 266 25.97 -2.76 -11.09
N PRO D 267 26.41 -3.45 -10.01
CA PRO D 267 26.50 -2.80 -8.70
C PRO D 267 27.58 -1.72 -8.57
N THR D 268 27.42 -0.84 -7.56
CA THR D 268 28.39 0.22 -7.25
C THR D 268 29.58 -0.49 -6.59
N VAL D 269 30.75 -0.41 -7.23
CA VAL D 269 31.96 -1.09 -6.77
C VAL D 269 33.06 -0.17 -6.19
N THR D 270 33.50 -0.48 -4.96
CA THR D 270 34.58 0.21 -4.24
C THR D 270 35.67 -0.80 -3.90
N TYR D 271 36.94 -0.34 -3.80
CA TYR D 271 38.06 -1.25 -3.55
C TYR D 271 38.83 -0.98 -2.25
N GLY D 272 39.54 -2.02 -1.80
CA GLY D 272 40.40 -2.05 -0.62
C GLY D 272 41.53 -3.05 -0.84
N LYS D 273 42.51 -3.10 0.09
CA LYS D 273 43.66 -4.01 0.00
C LYS D 273 43.19 -5.47 0.02
N ASN D 274 43.30 -6.17 -1.13
CA ASN D 274 42.88 -7.56 -1.38
C ASN D 274 41.39 -7.75 -1.02
N GLN D 275 40.58 -6.69 -1.26
CA GLN D 275 39.17 -6.65 -0.90
C GLN D 275 38.32 -5.88 -1.92
N VAL D 276 37.15 -6.43 -2.26
CA VAL D 276 36.18 -5.82 -3.16
C VAL D 276 34.83 -5.63 -2.44
N ILE D 277 34.26 -4.42 -2.51
CA ILE D 277 32.99 -4.08 -1.85
C ILE D 277 31.94 -3.70 -2.90
N MET D 278 30.84 -4.46 -2.95
CA MET D 278 29.75 -4.24 -3.90
C MET D 278 28.44 -3.89 -3.18
N LEU D 279 27.79 -2.81 -3.65
CA LEU D 279 26.50 -2.38 -3.13
C LEU D 279 25.43 -2.91 -4.09
N LEU D 280 24.82 -4.04 -3.73
CA LEU D 280 23.82 -4.71 -4.56
C LEU D 280 22.42 -4.13 -4.36
N TYR D 281 21.78 -3.74 -5.47
CA TYR D 281 20.42 -3.19 -5.51
C TYR D 281 19.54 -4.04 -6.43
N PRO D 282 19.08 -5.25 -6.00
CA PRO D 282 18.26 -6.07 -6.90
C PRO D 282 16.80 -5.63 -6.98
N ASP D 283 16.22 -5.73 -8.19
CA ASP D 283 14.82 -5.38 -8.44
C ASP D 283 13.92 -6.62 -8.26
N HIS D 284 14.56 -7.80 -8.13
CA HIS D 284 13.95 -9.12 -7.97
C HIS D 284 15.02 -10.12 -7.44
N PRO D 285 14.68 -11.34 -6.92
CA PRO D 285 15.74 -12.25 -6.45
C PRO D 285 16.83 -12.48 -7.50
N THR D 286 18.09 -12.16 -7.13
CA THR D 286 19.25 -12.25 -8.00
C THR D 286 20.35 -13.10 -7.36
N LEU D 287 20.79 -14.14 -8.09
CA LEU D 287 21.84 -15.05 -7.62
C LEU D 287 23.23 -14.45 -7.75
N LEU D 288 23.95 -14.38 -6.62
CA LEU D 288 25.32 -13.89 -6.54
C LEU D 288 26.23 -15.08 -6.27
N SER D 289 27.23 -15.29 -7.13
CA SER D 289 28.18 -16.38 -6.98
C SER D 289 29.61 -15.89 -7.16
N TYR D 290 30.56 -16.52 -6.46
CA TYR D 290 31.98 -16.15 -6.52
C TYR D 290 32.93 -17.30 -6.25
N ARG D 291 34.13 -17.22 -6.83
CA ARG D 291 35.19 -18.23 -6.70
C ARG D 291 36.58 -17.62 -6.88
N ASN D 292 37.58 -18.19 -6.19
CA ASN D 292 38.98 -17.81 -6.32
C ASN D 292 39.48 -18.47 -7.61
N MET D 293 40.35 -17.79 -8.36
CA MET D 293 40.87 -18.32 -9.62
C MET D 293 42.19 -19.11 -9.45
N GLY D 294 42.36 -19.70 -8.28
CA GLY D 294 43.51 -20.52 -7.92
C GLY D 294 43.16 -21.97 -7.69
N GLU D 295 44.05 -22.70 -6.98
CA GLU D 295 43.91 -24.13 -6.66
C GLU D 295 42.69 -24.42 -5.77
N GLU D 296 42.38 -23.51 -4.84
CA GLU D 296 41.24 -23.62 -3.92
C GLU D 296 40.18 -22.58 -4.34
N PRO D 297 39.23 -22.95 -5.22
CA PRO D 297 38.23 -21.97 -5.67
C PRO D 297 37.27 -21.48 -4.59
N ASN D 298 36.88 -22.38 -3.65
CA ASN D 298 35.97 -22.12 -2.53
C ASN D 298 34.68 -21.42 -3.03
N TYR D 299 33.94 -22.13 -3.91
CA TYR D 299 32.71 -21.62 -4.50
C TYR D 299 31.64 -21.34 -3.46
N GLN D 300 31.10 -20.11 -3.50
CA GLN D 300 30.04 -19.67 -2.60
C GLN D 300 28.93 -19.01 -3.41
N GLU D 301 27.68 -19.22 -2.99
CA GLU D 301 26.51 -18.64 -3.64
C GLU D 301 25.42 -18.22 -2.66
N GLU D 302 24.67 -17.17 -3.00
CA GLU D 302 23.56 -16.63 -2.22
C GLU D 302 22.57 -15.87 -3.10
N TRP D 303 21.27 -16.06 -2.81
CA TRP D 303 20.21 -15.36 -3.54
C TRP D 303 19.98 -14.03 -2.83
N VAL D 304 20.26 -12.92 -3.52
CA VAL D 304 20.11 -11.57 -2.98
C VAL D 304 18.69 -11.08 -3.26
N MET D 305 17.90 -10.87 -2.20
CA MET D 305 16.50 -10.46 -2.27
C MET D 305 16.32 -8.94 -2.33
N HIS D 306 17.08 -8.20 -1.50
CA HIS D 306 17.02 -6.73 -1.45
C HIS D 306 18.40 -6.11 -1.17
N LYS D 307 18.46 -4.77 -0.95
CA LYS D 307 19.66 -3.96 -0.69
C LYS D 307 20.64 -4.64 0.29
N LYS D 308 21.80 -5.06 -0.21
CA LYS D 308 22.83 -5.72 0.58
C LYS D 308 24.25 -5.36 0.12
N GLU D 309 25.11 -5.01 1.09
CA GLU D 309 26.51 -4.69 0.86
C GLU D 309 27.32 -5.97 1.06
N VAL D 310 28.10 -6.37 0.04
CA VAL D 310 28.92 -7.58 0.11
C VAL D 310 30.42 -7.29 0.11
N VAL D 311 31.12 -7.79 1.13
CA VAL D 311 32.56 -7.61 1.31
C VAL D 311 33.23 -8.95 0.92
N LEU D 312 34.00 -8.94 -0.16
CA LEU D 312 34.67 -10.12 -0.70
C LEU D 312 36.18 -9.97 -0.75
N THR D 313 36.91 -11.04 -0.38
CA THR D 313 38.38 -11.05 -0.39
C THR D 313 38.89 -11.44 -1.77
N VAL D 314 39.78 -10.60 -2.33
CA VAL D 314 40.39 -10.83 -3.65
C VAL D 314 41.80 -11.40 -3.43
N PRO D 315 42.01 -12.72 -3.68
CA PRO D 315 43.37 -13.28 -3.50
C PRO D 315 44.29 -12.97 -4.68
N THR D 316 45.60 -13.26 -4.54
CA THR D 316 46.65 -13.02 -5.54
C THR D 316 46.31 -13.64 -6.91
N GLU D 317 45.74 -14.85 -6.91
CA GLU D 317 45.34 -15.62 -8.08
C GLU D 317 44.16 -14.97 -8.82
N GLY D 318 43.36 -14.19 -8.08
CA GLY D 318 42.20 -13.48 -8.61
C GLY D 318 40.86 -14.01 -8.13
N LEU D 319 39.81 -13.17 -8.25
CA LEU D 319 38.44 -13.51 -7.86
C LEU D 319 37.46 -13.27 -9.02
N GLU D 320 36.60 -14.27 -9.29
CA GLU D 320 35.57 -14.21 -10.32
C GLU D 320 34.21 -14.09 -9.64
N VAL D 321 33.43 -13.04 -9.97
CA VAL D 321 32.12 -12.77 -9.37
C VAL D 321 31.03 -12.72 -10.46
N THR D 322 29.96 -13.52 -10.28
CA THR D 322 28.82 -13.54 -11.20
C THR D 322 27.58 -13.00 -10.48
N TRP D 323 27.04 -11.90 -11.00
CA TRP D 323 25.86 -11.22 -10.44
C TRP D 323 24.69 -11.38 -11.41
N GLY D 324 23.81 -12.33 -11.09
CA GLY D 324 22.65 -12.66 -11.90
C GLY D 324 23.02 -13.16 -13.28
N ASN D 325 22.30 -12.69 -14.30
CA ASN D 325 22.51 -13.07 -15.70
C ASN D 325 23.64 -12.33 -16.42
N ASN D 326 24.36 -11.44 -15.70
CA ASN D 326 25.49 -10.69 -16.24
C ASN D 326 26.69 -11.61 -16.43
N GLU D 327 27.60 -11.22 -17.36
CA GLU D 327 28.85 -11.95 -17.62
C GLU D 327 29.74 -11.81 -16.37
N PRO D 328 30.51 -12.86 -15.99
CA PRO D 328 31.31 -12.76 -14.75
C PRO D 328 32.34 -11.64 -14.71
N TYR D 329 32.41 -10.94 -13.56
CA TYR D 329 33.36 -9.87 -13.29
C TYR D 329 34.62 -10.53 -12.74
N LYS D 330 35.79 -10.04 -13.15
CA LYS D 330 37.07 -10.57 -12.66
C LYS D 330 37.85 -9.50 -11.94
N TYR D 331 38.38 -9.84 -10.75
CA TYR D 331 39.15 -8.91 -9.91
C TYR D 331 40.50 -9.50 -9.54
N TRP D 332 41.54 -8.66 -9.56
CA TRP D 332 42.93 -9.03 -9.21
C TRP D 332 43.55 -7.94 -8.32
N PRO D 333 44.42 -8.28 -7.35
CA PRO D 333 45.07 -7.22 -6.55
C PRO D 333 46.13 -6.48 -7.37
N GLN D 334 46.39 -5.21 -7.04
CA GLN D 334 47.38 -4.36 -7.73
C GLN D 334 48.80 -4.80 -7.38
N TYR E 1 -10.16 -77.02 46.44
CA TYR E 1 -8.84 -76.48 46.72
C TYR E 1 -8.76 -75.04 46.21
N GLU E 2 -8.41 -74.10 47.09
CA GLU E 2 -8.30 -72.69 46.73
C GLU E 2 -6.91 -72.35 46.14
N HIS E 3 -6.89 -71.98 44.86
CA HIS E 3 -5.68 -71.56 44.17
C HIS E 3 -5.67 -70.04 44.11
N VAL E 4 -4.63 -69.41 44.69
CA VAL E 4 -4.48 -67.96 44.75
C VAL E 4 -3.23 -67.53 43.97
N THR E 5 -3.42 -66.61 43.02
CA THR E 5 -2.35 -66.04 42.19
C THR E 5 -2.60 -64.55 41.93
N VAL E 6 -1.59 -63.84 41.40
CA VAL E 6 -1.67 -62.42 41.10
C VAL E 6 -1.15 -62.19 39.67
N ILE E 7 -1.97 -61.56 38.82
CA ILE E 7 -1.58 -61.26 37.43
C ILE E 7 -1.53 -59.74 37.21
N PRO E 8 -0.66 -59.20 36.32
CA PRO E 8 -0.68 -57.74 36.08
C PRO E 8 -1.98 -57.33 35.42
N ASN E 9 -2.48 -56.12 35.73
CA ASN E 9 -3.71 -55.60 35.16
C ASN E 9 -3.47 -55.14 33.71
N THR E 10 -3.26 -56.12 32.81
CA THR E 10 -2.99 -55.91 31.39
C THR E 10 -3.88 -56.84 30.57
N VAL E 11 -4.70 -56.26 29.69
CA VAL E 11 -5.65 -56.97 28.84
C VAL E 11 -4.93 -57.51 27.58
N GLY E 12 -5.35 -58.70 27.12
CA GLY E 12 -4.82 -59.34 25.94
C GLY E 12 -3.55 -60.14 26.13
N VAL E 13 -3.18 -60.41 27.39
CA VAL E 13 -1.97 -61.18 27.70
C VAL E 13 -2.34 -62.50 28.41
N PRO E 14 -2.19 -63.67 27.75
CA PRO E 14 -2.52 -64.94 28.42
C PRO E 14 -1.44 -65.31 29.45
N TYR E 15 -1.87 -65.60 30.68
CA TYR E 15 -0.98 -65.99 31.77
C TYR E 15 -1.22 -67.44 32.17
N LYS E 16 -0.13 -68.17 32.44
CA LYS E 16 -0.19 -69.57 32.84
C LYS E 16 0.04 -69.69 34.33
N THR E 17 -0.86 -70.40 35.03
CA THR E 17 -0.77 -70.62 36.46
C THR E 17 -0.76 -72.11 36.78
N LEU E 18 0.21 -72.54 37.59
CA LEU E 18 0.35 -73.94 37.99
C LEU E 18 -0.36 -74.21 39.31
N VAL E 19 -1.39 -75.05 39.26
CA VAL E 19 -2.17 -75.46 40.42
C VAL E 19 -1.57 -76.77 40.91
N ASN E 20 -0.99 -76.75 42.11
CA ASN E 20 -0.39 -77.93 42.70
C ASN E 20 -1.05 -78.30 44.02
N ARG E 21 -2.08 -79.15 43.95
CA ARG E 21 -2.80 -79.67 45.11
C ARG E 21 -2.01 -80.89 45.59
N PRO E 22 -1.53 -80.92 46.86
CA PRO E 22 -0.73 -82.07 47.32
C PRO E 22 -1.43 -83.42 47.17
N GLY E 23 -0.72 -84.37 46.53
CA GLY E 23 -1.21 -85.71 46.25
C GLY E 23 -2.04 -85.83 45.00
N TYR E 24 -2.15 -84.72 44.24
CA TYR E 24 -2.91 -84.65 42.99
C TYR E 24 -2.03 -84.14 41.87
N SER E 25 -2.22 -84.69 40.65
CA SER E 25 -1.47 -84.34 39.46
C SER E 25 -1.54 -82.83 39.18
N PRO E 26 -0.40 -82.18 38.81
CA PRO E 26 -0.44 -80.73 38.55
C PRO E 26 -1.44 -80.31 37.48
N MET E 27 -2.02 -79.12 37.65
CA MET E 27 -3.04 -78.57 36.75
C MET E 27 -2.58 -77.19 36.26
N VAL E 28 -2.57 -76.99 34.94
CA VAL E 28 -2.18 -75.71 34.34
C VAL E 28 -3.42 -74.97 33.85
N LEU E 29 -3.66 -73.76 34.38
CA LEU E 29 -4.78 -72.93 33.99
C LEU E 29 -4.27 -71.69 33.26
N GLU E 30 -4.82 -71.42 32.08
CA GLU E 30 -4.48 -70.23 31.30
C GLU E 30 -5.55 -69.18 31.61
N MET E 31 -5.11 -67.98 32.01
CA MET E 31 -6.01 -66.88 32.35
C MET E 31 -5.67 -65.66 31.52
N GLU E 32 -6.69 -65.00 30.96
CA GLU E 32 -6.52 -63.81 30.15
C GLU E 32 -7.62 -62.79 30.46
N LEU E 33 -7.21 -61.56 30.78
CA LEU E 33 -8.16 -60.49 31.02
C LEU E 33 -8.68 -59.99 29.68
N LEU E 34 -11.35 -61.57 31.28
CA LEU E 34 -11.86 -61.22 29.97
C LEU E 34 -12.06 -59.71 29.84
N SER E 35 -12.48 -59.07 30.94
CA SER E 35 -12.69 -57.63 31.05
C SER E 35 -12.80 -57.18 32.50
N VAL E 36 -12.31 -55.97 32.80
CA VAL E 36 -12.36 -55.32 34.10
C VAL E 36 -12.94 -53.93 33.85
N THR E 37 -14.18 -53.70 34.32
CA THR E 37 -14.92 -52.46 34.11
C THR E 37 -14.98 -51.59 35.37
N LEU E 38 -14.68 -50.30 35.21
CA LEU E 38 -14.75 -49.29 36.26
C LEU E 38 -15.79 -48.26 35.81
N GLU E 39 -17.04 -48.42 36.27
CA GLU E 39 -18.16 -47.57 35.91
C GLU E 39 -18.45 -46.52 37.02
N PRO E 40 -18.07 -45.24 36.82
CA PRO E 40 -18.35 -44.24 37.85
C PRO E 40 -19.82 -43.82 37.90
N THR E 41 -20.29 -43.41 39.09
CA THR E 41 -21.67 -42.92 39.28
C THR E 41 -21.72 -41.49 38.74
N LEU E 42 -22.59 -41.24 37.75
CA LEU E 42 -22.70 -39.93 37.12
C LEU E 42 -23.90 -39.12 37.55
N SER E 43 -23.69 -37.80 37.70
CA SER E 43 -24.73 -36.83 38.03
C SER E 43 -24.60 -35.67 37.04
N LEU E 44 -25.57 -35.58 36.11
CA LEU E 44 -25.60 -34.56 35.08
C LEU E 44 -25.81 -33.16 35.64
N ASP E 45 -24.84 -32.27 35.40
CA ASP E 45 -24.87 -30.87 35.83
C ASP E 45 -25.61 -30.06 34.78
N TYR E 46 -25.19 -30.21 33.50
CA TYR E 46 -25.77 -29.54 32.33
C TYR E 46 -25.25 -30.14 31.03
N ILE E 47 -25.86 -29.73 29.92
CA ILE E 47 -25.44 -30.08 28.57
C ILE E 47 -25.08 -28.77 27.86
N THR E 48 -24.17 -28.85 26.89
CA THR E 48 -23.80 -27.71 26.05
C THR E 48 -23.80 -28.13 24.60
N CYS E 49 -24.00 -27.16 23.71
CA CYS E 49 -24.10 -27.37 22.27
C CYS E 49 -23.91 -26.02 21.58
N GLU E 50 -24.10 -25.99 20.24
CA GLU E 50 -24.00 -24.77 19.46
C GLU E 50 -25.20 -23.88 19.79
N TYR E 51 -24.97 -22.57 19.96
CA TYR E 51 -26.05 -21.65 20.27
C TYR E 51 -26.69 -21.14 18.97
N LYS E 52 -27.89 -20.55 19.09
CA LYS E 52 -28.62 -19.95 17.97
C LYS E 52 -28.98 -18.52 18.36
N THR E 53 -29.41 -16.34 17.41
CA THR E 53 -29.77 -14.98 17.82
C THR E 53 -31.20 -14.73 17.33
N VAL E 54 -32.17 -14.75 18.26
CA VAL E 54 -33.57 -14.55 17.94
C VAL E 54 -33.85 -13.06 17.84
N ILE E 55 -34.14 -12.61 16.62
CA ILE E 55 -34.44 -11.21 16.35
C ILE E 55 -35.80 -11.07 15.69
N PRO E 56 -36.84 -10.62 16.42
CA PRO E 56 -38.15 -10.45 15.77
C PRO E 56 -38.17 -9.18 14.92
N SER E 57 -39.31 -8.90 14.27
CA SER E 57 -39.50 -7.70 13.47
C SER E 57 -39.35 -6.48 14.39
N PRO E 58 -38.53 -5.46 14.02
CA PRO E 58 -38.36 -4.32 14.95
C PRO E 58 -39.63 -3.50 15.08
N TYR E 59 -39.89 -2.98 16.30
CA TYR E 59 -41.06 -2.15 16.54
C TYR E 59 -40.75 -0.72 16.16
N VAL E 60 -41.19 -0.33 14.95
CA VAL E 60 -41.02 1.02 14.43
C VAL E 60 -42.27 1.80 14.84
N LYS E 61 -42.16 2.61 15.92
CA LYS E 61 -43.27 3.41 16.41
C LYS E 61 -43.29 4.75 15.68
N CYS E 62 -44.23 4.89 14.72
CA CYS E 62 -44.40 6.11 13.95
C CYS E 62 -45.10 7.16 14.81
N CYS E 63 -44.55 8.38 14.82
CA CYS E 63 -45.05 9.54 15.56
C CYS E 63 -45.08 9.35 17.09
N GLY E 64 -44.22 8.46 17.60
CA GLY E 64 -44.15 8.17 19.03
C GLY E 64 -42.83 7.61 19.49
N THR E 65 -42.68 7.46 20.82
CA THR E 65 -41.48 6.92 21.46
C THR E 65 -41.78 5.53 22.03
N ALA E 66 -41.04 4.52 21.54
CA ALA E 66 -41.15 3.13 22.00
C ALA E 66 -40.38 3.00 23.33
N GLU E 67 -40.77 2.04 24.18
CA GLU E 67 -40.14 1.82 25.48
C GLU E 67 -39.60 0.41 25.67
N CYS E 68 -38.32 0.30 26.06
CA CYS E 68 -37.66 -0.98 26.33
C CYS E 68 -37.99 -1.47 27.74
N LYS E 69 -38.32 -2.75 27.86
CA LYS E 69 -38.61 -3.38 29.15
C LYS E 69 -37.65 -4.54 29.42
N ASP E 70 -37.23 -4.72 30.69
CA ASP E 70 -36.31 -5.79 31.08
C ASP E 70 -36.97 -7.16 31.00
N LYS E 71 -36.51 -7.98 30.05
CA LYS E 71 -37.03 -9.33 29.81
C LYS E 71 -36.02 -10.38 30.25
N ASN E 72 -36.46 -11.35 31.08
CA ASN E 72 -35.61 -12.42 31.58
C ASN E 72 -35.38 -13.49 30.50
N LEU E 73 -34.52 -13.15 29.52
CA LEU E 73 -34.12 -13.99 28.40
C LEU E 73 -32.59 -13.96 28.28
N PRO E 74 -31.93 -15.06 27.82
CA PRO E 74 -30.46 -15.05 27.74
C PRO E 74 -29.92 -14.03 26.73
N ASP E 75 -28.94 -13.21 27.18
CA ASP E 75 -28.31 -12.13 26.40
C ASP E 75 -29.35 -11.13 25.84
N TYR E 76 -30.41 -10.84 26.62
CA TYR E 76 -31.46 -9.93 26.20
C TYR E 76 -30.92 -8.52 25.97
N SER E 77 -31.15 -8.01 24.76
CA SER E 77 -30.69 -6.70 24.33
C SER E 77 -31.88 -5.92 23.76
N CYS E 78 -32.05 -4.68 24.23
CA CYS E 78 -33.11 -3.77 23.78
C CYS E 78 -32.56 -2.37 23.69
N LYS E 79 -32.85 -1.68 22.57
CA LYS E 79 -32.41 -0.32 22.31
C LYS E 79 -33.46 0.43 21.48
N VAL E 80 -33.82 1.65 21.91
CA VAL E 80 -34.76 2.50 21.20
C VAL E 80 -33.97 3.59 20.48
N PHE E 81 -34.06 3.61 19.15
CA PHE E 81 -33.35 4.58 18.31
C PHE E 81 -34.28 5.70 17.86
N THR E 82 -33.91 6.95 18.19
CA THR E 82 -34.68 8.16 17.85
C THR E 82 -34.25 8.75 16.50
N GLY E 83 -35.12 9.55 15.89
CA GLY E 83 -34.87 10.23 14.63
C GLY E 83 -34.83 9.33 13.41
N VAL E 84 -35.58 8.21 13.44
CA VAL E 84 -35.64 7.28 12.31
C VAL E 84 -36.72 7.69 11.31
N TYR E 85 -36.48 7.42 10.02
CA TYR E 85 -37.42 7.70 8.95
C TYR E 85 -37.29 6.56 7.93
N PRO E 86 -37.81 5.34 8.27
CA PRO E 86 -37.64 4.21 7.36
C PRO E 86 -38.57 4.19 6.15
N PHE E 87 -38.07 3.59 5.06
CA PHE E 87 -38.79 3.46 3.80
C PHE E 87 -39.06 2.00 3.46
N MET E 88 -40.17 1.77 2.77
CA MET E 88 -40.57 0.48 2.23
C MET E 88 -40.64 0.70 0.71
N TRP E 89 -41.02 -0.33 -0.08
CA TRP E 89 -41.08 -0.22 -1.54
C TRP E 89 -41.90 0.99 -2.06
N GLY E 90 -43.08 1.21 -1.48
CA GLY E 90 -44.00 2.27 -1.88
C GLY E 90 -43.86 3.61 -1.16
N GLY E 91 -42.70 3.85 -0.55
CA GLY E 91 -42.42 5.09 0.15
C GLY E 91 -42.17 4.93 1.64
N ALA E 92 -42.23 6.07 2.37
CA ALA E 92 -42.01 6.16 3.81
C ALA E 92 -43.05 5.39 4.62
N TYR E 93 -42.58 4.61 5.61
CA TYR E 93 -43.42 3.81 6.50
C TYR E 93 -44.17 4.68 7.52
N CYS E 94 -43.56 5.80 7.94
CA CYS E 94 -44.15 6.72 8.92
C CYS E 94 -44.71 8.00 8.32
N PHE E 95 -45.83 8.50 8.89
CA PHE E 95 -46.50 9.74 8.49
C PHE E 95 -45.67 10.96 8.89
N CYS E 96 -45.02 10.89 10.08
CA CYS E 96 -44.20 11.95 10.64
C CYS E 96 -42.80 12.00 10.04
N ASP E 97 -42.25 13.22 9.87
CA ASP E 97 -40.89 13.44 9.36
C ASP E 97 -39.89 13.17 10.50
N ALA E 98 -40.16 13.76 11.67
CA ALA E 98 -39.39 13.60 12.90
C ALA E 98 -40.25 12.89 13.96
N GLU E 99 -39.67 12.55 15.12
CA GLU E 99 -40.34 11.88 16.26
C GLU E 99 -40.80 10.43 16.04
N ASN E 100 -40.08 9.70 15.17
CA ASN E 100 -40.34 8.27 14.92
C ASN E 100 -39.22 7.50 15.60
N THR E 101 -39.57 6.40 16.28
CA THR E 101 -38.57 5.58 17.00
C THR E 101 -38.58 4.13 16.56
N GLN E 102 -37.41 3.47 16.58
CA GLN E 102 -37.30 2.05 16.28
C GLN E 102 -36.80 1.32 17.51
N LEU E 103 -37.59 0.35 17.98
CA LEU E 103 -37.22 -0.48 19.11
C LEU E 103 -36.59 -1.76 18.53
N SER E 104 -35.28 -1.92 18.72
CA SER E 104 -34.57 -3.12 18.27
C SER E 104 -34.51 -4.07 19.45
N GLU E 105 -34.90 -5.33 19.21
CA GLU E 105 -34.99 -6.36 20.24
C GLU E 105 -34.29 -7.64 19.81
N ALA E 106 -33.54 -8.28 20.73
CA ALA E 106 -32.81 -9.52 20.48
C ALA E 106 -32.49 -10.30 21.76
N HIS E 107 -32.43 -11.64 21.64
CA HIS E 107 -32.06 -12.57 22.69
C HIS E 107 -31.38 -13.81 22.10
N VAL E 108 -30.68 -14.58 22.95
CA VAL E 108 -29.96 -15.78 22.52
C VAL E 108 -30.62 -17.03 23.12
N GLU E 109 -30.69 -18.86 22.30
CA GLU E 109 -31.34 -20.10 22.71
C GLU E 109 -30.59 -21.28 22.10
N LYS E 110 -30.98 -22.51 22.46
CA LYS E 110 -30.34 -23.72 21.91
C LYS E 110 -30.62 -23.83 20.42
N SER E 111 -29.60 -24.23 19.65
CA SER E 111 -29.72 -24.45 18.21
C SER E 111 -30.52 -25.73 17.97
N GLU E 112 -31.04 -25.91 16.74
CA GLU E 112 -31.81 -27.08 16.31
C GLU E 112 -30.93 -28.34 16.41
N SER E 113 -29.61 -28.15 16.35
CA SER E 113 -28.57 -29.16 16.44
C SER E 113 -28.36 -29.77 17.83
N CYS E 114 -28.80 -29.06 18.89
CA CYS E 114 -28.62 -29.46 20.29
C CYS E 114 -29.08 -30.86 20.70
N LYS E 115 -30.07 -31.42 19.98
CA LYS E 115 -30.58 -32.76 20.22
C LYS E 115 -29.62 -33.81 19.65
N THR E 116 -28.92 -33.47 18.54
CA THR E 116 -27.99 -34.34 17.82
C THR E 116 -26.52 -34.10 18.21
N GLU E 117 -26.08 -32.82 18.20
CA GLU E 117 -24.71 -32.41 18.50
C GLU E 117 -24.64 -31.72 19.85
N PHE E 118 -24.16 -32.43 20.88
CA PHE E 118 -24.04 -31.90 22.24
C PHE E 118 -22.98 -32.60 23.08
N ALA E 119 -22.50 -31.90 24.12
CA ALA E 119 -21.54 -32.41 25.11
C ALA E 119 -22.20 -32.33 26.47
N SER E 120 -22.05 -33.39 27.29
CA SER E 120 -22.65 -33.44 28.62
C SER E 120 -21.62 -33.28 29.73
N ALA E 121 -21.90 -32.41 30.70
CA ALA E 121 -21.04 -32.15 31.85
C ALA E 121 -21.54 -32.97 33.05
N TYR E 122 -20.74 -33.96 33.49
CA TYR E 122 -21.10 -34.85 34.59
C TYR E 122 -20.19 -34.72 35.80
N ARG E 123 -20.75 -34.98 36.98
CA ARG E 123 -20.03 -35.04 38.25
C ARG E 123 -19.79 -36.54 38.50
N ALA E 124 -18.53 -36.99 38.34
CA ALA E 124 -18.15 -38.40 38.50
C ALA E 124 -17.58 -38.69 39.88
N HIS E 125 -18.15 -39.70 40.57
CA HIS E 125 -17.73 -40.10 41.92
C HIS E 125 -17.87 -41.61 42.16
N THR E 126 -17.12 -42.13 43.17
CA THR E 126 -17.05 -43.52 43.65
C THR E 126 -17.43 -44.60 42.61
N ALA E 127 -16.45 -45.02 41.80
CA ALA E 127 -16.64 -46.01 40.74
C ALA E 127 -16.83 -47.42 41.28
N SER E 128 -17.74 -48.18 40.65
CA SER E 128 -18.02 -49.57 40.99
C SER E 128 -17.18 -50.46 40.08
N ALA E 129 -16.28 -51.26 40.68
CA ALA E 129 -15.39 -52.17 39.94
C ALA E 129 -16.09 -53.49 39.68
N SER E 130 -16.08 -53.94 38.41
CA SER E 130 -16.69 -55.19 37.96
C SER E 130 -15.69 -56.00 37.12
N ALA E 131 -15.77 -57.33 37.19
CA ALA E 131 -14.86 -58.21 36.45
C ALA E 131 -15.56 -59.40 35.80
N LYS E 132 -15.01 -59.76 34.63
CA LYS E 132 -15.10 -61.07 33.98
C LYS E 132 -13.67 -61.62 33.69
N LEU E 133 -13.49 -62.36 32.58
CA LEU E 133 -12.16 -62.89 32.19
C LEU E 133 -12.22 -64.18 31.36
N ARG E 134 -11.08 -64.67 30.82
CA ARG E 134 -11.14 -65.91 30.06
C ARG E 134 -10.24 -66.92 30.76
N VAL E 135 -10.78 -68.09 31.11
CA VAL E 135 -10.02 -69.15 31.79
C VAL E 135 -10.08 -70.44 30.96
N LEU E 136 -8.89 -70.99 30.59
CA LEU E 136 -8.81 -72.27 29.88
C LEU E 136 -8.95 -73.31 31.01
N TYR E 137 -10.18 -73.82 31.18
CA TYR E 137 -10.53 -74.76 32.23
C TYR E 137 -11.12 -76.03 31.65
N GLN E 138 -10.42 -77.17 31.87
CA GLN E 138 -10.78 -78.52 31.40
C GLN E 138 -10.87 -78.60 29.85
N GLY E 139 -9.88 -78.03 29.18
CA GLY E 139 -9.78 -77.99 27.72
C GLY E 139 -10.78 -77.09 27.02
N ASN E 140 -11.56 -76.32 27.81
CA ASN E 140 -12.60 -75.41 27.33
C ASN E 140 -12.37 -74.00 27.87
N ASN E 141 -12.77 -72.98 27.09
CA ASN E 141 -12.65 -71.59 27.49
C ASN E 141 -13.91 -71.14 28.22
N ILE E 142 -13.74 -70.70 29.46
CA ILE E 142 -14.84 -70.19 30.29
C ILE E 142 -14.68 -68.70 30.54
N THR E 143 -15.81 -67.97 30.58
CA THR E 143 -15.81 -66.52 30.80
C THR E 143 -16.36 -66.19 32.18
N VAL E 144 -15.58 -65.43 32.96
CA VAL E 144 -15.96 -65.02 34.31
C VAL E 144 -16.04 -63.50 34.35
N THR E 145 -17.23 -62.97 34.70
CA THR E 145 -17.47 -61.54 34.84
C THR E 145 -17.77 -61.27 36.32
N ALA E 146 -16.86 -60.53 36.98
CA ALA E 146 -16.98 -60.24 38.41
C ALA E 146 -16.44 -58.87 38.76
N TYR E 147 -16.95 -58.29 39.87
CA TYR E 147 -16.48 -57.02 40.39
C TYR E 147 -15.12 -57.29 41.06
N ALA E 148 -14.10 -56.49 40.70
CA ALA E 148 -12.73 -56.62 41.20
C ALA E 148 -12.52 -56.01 42.59
N ASN E 149 -13.43 -56.32 43.53
CA ASN E 149 -13.42 -55.83 44.92
C ASN E 149 -12.94 -56.87 45.94
N GLY E 150 -12.73 -58.10 45.49
CA GLY E 150 -12.29 -59.22 46.33
C GLY E 150 -13.39 -59.76 47.23
N ASP E 151 -14.66 -59.51 46.88
CA ASP E 151 -15.83 -59.96 47.63
C ASP E 151 -16.84 -60.70 46.76
N HIS E 152 -17.08 -60.20 45.53
CA HIS E 152 -18.02 -60.77 44.57
C HIS E 152 -17.58 -62.16 44.06
N ALA E 153 -18.22 -63.21 44.58
CA ALA E 153 -17.94 -64.60 44.22
C ALA E 153 -18.79 -65.04 43.03
N VAL E 154 -18.13 -65.46 41.93
CA VAL E 154 -18.81 -65.92 40.71
C VAL E 154 -18.41 -67.37 40.45
N THR E 155 -19.42 -68.26 40.38
CA THR E 155 -19.21 -69.68 40.18
C THR E 155 -19.57 -70.11 38.74
N VAL E 156 -18.57 -70.64 38.02
CA VAL E 156 -18.70 -71.15 36.65
C VAL E 156 -18.13 -72.56 36.64
N LYS E 157 -18.97 -73.56 36.30
CA LYS E 157 -18.65 -74.99 36.25
C LYS E 157 -18.09 -75.51 37.60
N ASP E 158 -18.77 -75.11 38.70
CA ASP E 158 -18.48 -75.44 40.11
C ASP E 158 -17.18 -74.81 40.67
N ALA E 159 -16.46 -74.02 39.84
CA ALA E 159 -15.25 -73.31 40.23
C ALA E 159 -15.62 -71.89 40.67
N LYS E 160 -15.39 -71.57 41.96
CA LYS E 160 -15.72 -70.27 42.54
C LYS E 160 -14.58 -69.27 42.34
N PHE E 161 -14.90 -68.13 41.70
CA PHE E 161 -13.93 -67.09 41.40
C PHE E 161 -14.14 -65.84 42.24
N ILE E 162 -13.04 -65.34 42.84
CA ILE E 162 -13.00 -64.11 43.61
C ILE E 162 -11.87 -63.28 42.98
N VAL E 163 -12.26 -62.17 42.33
CA VAL E 163 -11.37 -61.28 41.60
C VAL E 163 -11.10 -60.00 42.43
N GLY E 164 -9.84 -59.62 42.50
CA GLY E 164 -9.39 -58.43 43.22
C GLY E 164 -9.14 -58.65 44.71
N PRO E 165 -9.05 -57.57 45.53
CA PRO E 165 -9.19 -56.14 45.17
C PRO E 165 -8.00 -55.61 44.36
N MET E 166 -8.28 -54.61 43.48
CA MET E 166 -7.30 -53.96 42.61
C MET E 166 -6.18 -53.32 43.43
N SER E 167 -4.92 -53.51 43.03
CA SER E 167 -3.76 -52.94 43.73
C SER E 167 -3.74 -51.41 43.60
N SER E 168 -4.28 -50.89 42.49
CA SER E 168 -4.38 -49.46 42.21
C SER E 168 -5.85 -49.04 42.20
N ALA E 169 -6.17 -47.94 42.92
CA ALA E 169 -7.51 -47.36 43.00
C ALA E 169 -7.63 -46.16 42.05
N TRP E 170 -6.64 -46.03 41.13
CA TRP E 170 -6.54 -44.95 40.13
C TRP E 170 -7.68 -44.99 39.13
N THR E 171 -8.28 -43.83 38.88
CA THR E 171 -9.51 -43.77 38.10
C THR E 171 -9.36 -42.85 36.90
N PRO E 172 -9.09 -43.44 35.74
CA PRO E 172 -8.98 -42.66 34.52
C PRO E 172 -9.97 -41.50 34.53
N PHE E 173 -10.70 -41.34 35.64
CA PHE E 173 -11.67 -40.24 35.70
C PHE E 173 -11.48 -39.35 36.92
N ASP E 174 -11.55 -38.02 36.70
CA ASP E 174 -11.48 -37.02 37.75
C ASP E 174 -12.90 -36.79 38.30
N ASN E 175 -13.07 -35.84 39.24
CA ASN E 175 -14.36 -35.50 39.84
C ASN E 175 -15.34 -34.92 38.80
N LYS E 176 -14.82 -34.18 37.82
CA LYS E 176 -15.61 -33.55 36.77
C LYS E 176 -15.21 -34.08 35.39
N ILE E 177 -16.19 -34.60 34.63
CA ILE E 177 -15.98 -35.16 33.29
C ILE E 177 -16.92 -34.56 32.23
N VAL E 178 -16.50 -34.59 30.96
CA VAL E 178 -17.26 -34.11 29.81
C VAL E 178 -17.36 -35.25 28.78
N VAL E 179 -18.59 -35.56 28.33
CA VAL E 179 -18.86 -36.64 27.38
C VAL E 179 -19.42 -36.12 26.07
N TYR E 180 -18.75 -36.47 24.95
CA TYR E 180 -19.17 -36.13 23.59
C TYR E 180 -19.19 -37.43 22.78
N LYS E 181 -20.41 -37.92 22.48
CA LYS E 181 -20.67 -39.15 21.74
C LYS E 181 -19.94 -40.35 22.39
N GLY E 182 -18.91 -40.90 21.73
CA GLY E 182 -18.14 -42.02 22.26
C GLY E 182 -16.85 -41.63 22.94
N ASP E 183 -16.64 -40.31 23.19
CA ASP E 183 -15.44 -39.77 23.80
C ASP E 183 -15.70 -39.13 25.17
N VAL E 184 -14.81 -39.41 26.14
CA VAL E 184 -14.86 -38.88 27.50
C VAL E 184 -13.61 -38.03 27.74
N TYR E 185 -13.77 -36.88 28.41
CA TYR E 185 -12.68 -35.96 28.72
C TYR E 185 -12.70 -35.56 30.19
N ASN E 186 -11.52 -35.49 30.81
CA ASN E 186 -11.38 -35.00 32.18
C ASN E 186 -11.32 -33.48 32.05
N MET E 187 -12.36 -32.79 32.53
CA MET E 187 -12.41 -31.34 32.40
C MET E 187 -13.06 -30.67 33.60
N ASP E 188 -12.37 -29.67 34.16
CA ASP E 188 -12.88 -28.86 35.26
C ASP E 188 -13.76 -27.78 34.60
N TYR E 189 -14.90 -28.22 34.03
CA TYR E 189 -15.85 -27.39 33.30
C TYR E 189 -16.43 -26.26 34.16
N PRO E 190 -16.79 -25.09 33.58
CA PRO E 190 -17.37 -24.02 34.41
C PRO E 190 -18.72 -24.44 34.98
N PRO E 191 -19.07 -24.08 36.24
CA PRO E 191 -20.40 -24.48 36.76
C PRO E 191 -21.52 -23.76 36.01
N PHE E 192 -22.78 -24.20 36.21
CA PHE E 192 -23.94 -23.59 35.55
C PHE E 192 -24.04 -22.12 35.95
N GLY E 193 -24.17 -21.25 34.95
CA GLY E 193 -24.27 -19.82 35.13
C GLY E 193 -22.93 -19.11 35.25
N ALA E 194 -21.83 -19.81 34.86
CA ALA E 194 -20.47 -19.28 34.91
C ALA E 194 -19.70 -19.42 33.60
N GLY E 195 -20.40 -19.82 32.54
CA GLY E 195 -19.82 -20.00 31.20
C GLY E 195 -19.33 -18.71 30.59
N ARG E 196 -18.17 -18.77 29.91
CA ARG E 196 -17.50 -17.64 29.28
C ARG E 196 -17.80 -17.55 27.77
N PRO E 197 -17.82 -16.34 27.16
CA PRO E 197 -18.08 -16.23 25.71
C PRO E 197 -16.97 -16.87 24.87
N GLY E 198 -17.38 -17.55 23.80
CA GLY E 198 -16.46 -18.24 22.88
C GLY E 198 -15.74 -19.44 23.45
N GLN E 199 -16.16 -19.89 24.65
CA GLN E 199 -15.55 -21.01 25.37
C GLN E 199 -16.62 -22.05 25.74
N PHE E 200 -16.19 -23.27 26.12
CA PHE E 200 -17.07 -24.37 26.54
C PHE E 200 -17.99 -23.87 27.67
N GLY E 201 -19.29 -23.88 27.40
CA GLY E 201 -20.28 -23.43 28.35
C GLY E 201 -20.82 -22.04 28.12
N ASP E 202 -20.55 -21.44 26.92
CA ASP E 202 -21.08 -20.11 26.56
C ASP E 202 -22.61 -20.14 26.59
N ILE E 203 -23.17 -21.32 26.31
CA ILE E 203 -24.57 -21.67 26.42
C ILE E 203 -24.65 -22.92 27.32
N GLN E 204 -25.51 -22.90 28.33
CA GLN E 204 -25.66 -24.03 29.26
C GLN E 204 -27.13 -24.36 29.48
N SER E 205 -27.48 -25.64 29.26
CA SER E 205 -28.84 -26.17 29.45
C SER E 205 -28.75 -27.31 30.46
N ARG E 206 -29.45 -27.19 31.61
CA ARG E 206 -29.46 -28.19 32.69
C ARG E 206 -29.76 -29.60 32.20
N THR E 207 -30.73 -29.73 31.28
CA THR E 207 -31.15 -30.98 30.64
C THR E 207 -31.34 -30.71 29.13
N PRO E 208 -31.27 -31.70 28.21
CA PRO E 208 -31.48 -31.39 26.78
C PRO E 208 -32.91 -30.97 26.43
N GLU E 209 -33.89 -31.21 27.34
CA GLU E 209 -35.30 -30.88 27.17
C GLU E 209 -35.66 -29.49 27.73
N SER E 210 -34.79 -28.95 28.63
CA SER E 210 -34.93 -27.66 29.31
C SER E 210 -35.32 -26.50 28.38
N LYS E 211 -36.38 -25.76 28.76
CA LYS E 211 -36.89 -24.62 27.99
C LYS E 211 -35.99 -23.40 28.17
N ASP E 212 -35.63 -23.07 29.42
CA ASP E 212 -34.76 -21.94 29.74
C ASP E 212 -33.30 -22.38 29.75
N VAL E 213 -32.42 -21.54 29.17
CA VAL E 213 -30.98 -21.81 29.09
C VAL E 213 -30.17 -20.61 29.58
N TYR E 214 -28.92 -20.86 30.00
CA TYR E 214 -28.00 -19.79 30.39
C TYR E 214 -27.19 -19.43 29.15
N ALA E 215 -26.95 -18.14 28.91
CA ALA E 215 -26.16 -17.69 27.77
C ALA E 215 -25.31 -16.47 28.09
N ASN E 216 -24.03 -16.54 27.70
CA ASN E 216 -23.05 -15.48 27.84
C ASN E 216 -22.17 -15.55 26.59
N THR E 217 -22.67 -14.95 25.50
CA THR E 217 -22.03 -14.97 24.18
C THR E 217 -21.46 -13.62 23.75
N GLN E 218 -21.67 -11.50 23.76
CA GLN E 218 -21.31 -10.08 23.56
C GLN E 218 -22.22 -9.42 22.52
N LEU E 219 -23.53 -9.74 22.57
CA LEU E 219 -24.56 -9.21 21.68
C LEU E 219 -24.82 -7.72 21.96
N VAL E 220 -24.56 -6.87 20.95
CA VAL E 220 -24.74 -5.41 21.02
C VAL E 220 -25.53 -4.95 19.80
N LEU E 221 -26.68 -4.32 20.02
CA LEU E 221 -27.55 -3.81 18.96
C LEU E 221 -27.04 -2.46 18.44
N GLN E 222 -27.04 -2.29 17.11
CA GLN E 222 -26.55 -1.07 16.44
C GLN E 222 -27.71 -0.27 15.84
N ARG E 223 -27.47 1.04 15.61
CA ARG E 223 -28.46 1.93 15.02
C ARG E 223 -28.68 1.55 13.54
N PRO E 224 -29.95 1.37 13.09
CA PRO E 224 -30.18 0.99 11.68
C PRO E 224 -29.75 2.06 10.69
N ALA E 225 -29.45 1.63 9.45
CA ALA E 225 -29.05 2.50 8.34
C ALA E 225 -30.18 3.46 8.00
N ALA E 226 -29.82 4.66 7.48
CA ALA E 226 -30.77 5.71 7.10
C ALA E 226 -31.85 5.18 6.15
N GLY E 227 -33.10 5.34 6.56
CA GLY E 227 -34.29 4.91 5.81
C GLY E 227 -34.39 3.41 5.57
N THR E 228 -33.76 2.60 6.43
CA THR E 228 -33.72 1.15 6.28
C THR E 228 -34.33 0.41 7.47
N VAL E 229 -35.22 -0.55 7.20
CA VAL E 229 -35.81 -1.40 8.22
C VAL E 229 -34.97 -2.67 8.26
N HIS E 230 -34.21 -2.83 9.35
CA HIS E 230 -33.34 -3.97 9.65
C HIS E 230 -32.87 -3.84 11.10
N VAL E 231 -32.31 -4.93 11.65
CA VAL E 231 -31.81 -4.93 13.02
C VAL E 231 -30.29 -5.24 12.99
N PRO E 232 -29.42 -4.22 12.74
CA PRO E 232 -27.98 -4.50 12.73
C PRO E 232 -27.46 -4.74 14.15
N TYR E 233 -26.45 -5.61 14.26
CA TYR E 233 -25.87 -5.99 15.55
C TYR E 233 -24.43 -6.48 15.41
N SER E 234 -23.69 -6.46 16.52
CA SER E 234 -22.33 -7.00 16.65
C SER E 234 -22.40 -8.10 17.70
N GLN E 235 -21.78 -9.24 17.40
CA GLN E 235 -21.80 -10.41 18.28
C GLN E 235 -20.59 -11.29 17.98
N ALA E 236 -19.29 -13.42 20.20
CA ALA E 236 -18.19 -14.38 20.29
C ALA E 236 -18.64 -15.70 19.64
N PRO E 237 -17.83 -16.30 18.74
CA PRO E 237 -18.27 -17.55 18.07
C PRO E 237 -18.54 -18.71 19.03
N SER E 238 -19.33 -19.70 18.56
CA SER E 238 -19.73 -20.88 19.33
C SER E 238 -18.60 -21.54 20.13
N GLY E 239 -18.79 -21.59 21.45
CA GLY E 239 -17.86 -22.19 22.39
C GLY E 239 -17.77 -23.70 22.24
N PHE E 240 -18.90 -24.32 21.87
CA PHE E 240 -18.99 -25.76 21.63
C PHE E 240 -18.24 -26.13 20.37
N LYS E 241 -18.40 -25.34 19.27
CA LYS E 241 -17.69 -25.54 18.01
C LYS E 241 -16.18 -25.35 18.25
N TYR E 242 -15.83 -24.39 19.12
CA TYR E 242 -14.45 -24.10 19.50
C TYR E 242 -13.88 -25.26 20.31
N TRP E 243 -14.63 -25.77 21.30
CA TRP E 243 -14.20 -26.91 22.11
C TRP E 243 -13.99 -28.17 21.27
N LEU E 244 -14.87 -28.42 20.27
CA LEU E 244 -14.79 -29.59 19.39
C LEU E 244 -13.43 -29.70 18.67
N LYS E 245 -12.80 -28.57 18.35
CA LYS E 245 -11.49 -28.54 17.69
C LYS E 245 -10.32 -28.37 18.69
N GLU E 246 -10.61 -27.87 19.91
CA GLU E 246 -9.61 -27.60 20.96
C GLU E 246 -9.54 -28.66 22.07
N ARG E 247 -10.48 -29.61 22.09
CA ARG E 247 -10.57 -30.67 23.11
C ARG E 247 -9.34 -31.53 23.29
N GLY E 248 -8.62 -31.77 22.20
CA GLY E 248 -7.45 -32.63 22.18
C GLY E 248 -7.85 -34.08 22.16
N ALA E 249 -6.91 -34.99 22.45
CA ALA E 249 -7.18 -36.43 22.48
C ALA E 249 -8.01 -36.79 23.71
N SER E 250 -8.98 -37.70 23.54
CA SER E 250 -9.85 -38.17 24.63
C SER E 250 -9.13 -39.15 25.56
N LEU E 251 -9.79 -39.51 26.69
CA LEU E 251 -9.25 -40.44 27.69
C LEU E 251 -8.82 -41.81 27.13
N GLN E 252 -9.49 -42.30 26.07
CA GLN E 252 -9.19 -43.56 25.37
C GLN E 252 -7.73 -43.57 24.86
N HIS E 253 -7.18 -42.39 24.55
CA HIS E 253 -5.84 -42.19 24.02
C HIS E 253 -4.82 -41.70 25.07
N THR E 254 -5.27 -40.91 26.07
CA THR E 254 -4.37 -40.31 27.07
C THR E 254 -4.24 -41.05 28.40
N ALA E 255 -5.25 -41.87 28.79
CA ALA E 255 -5.27 -42.55 30.09
C ALA E 255 -4.12 -43.52 30.33
N PRO E 256 -3.52 -43.49 31.55
CA PRO E 256 -2.45 -44.45 31.87
C PRO E 256 -2.98 -45.88 32.00
N PHE E 257 -2.05 -46.86 32.19
CA PHE E 257 -2.33 -48.29 32.38
C PHE E 257 -3.11 -48.99 31.24
N GLY E 258 -3.05 -48.41 30.04
CA GLY E 258 -3.70 -48.94 28.84
C GLY E 258 -5.21 -48.99 28.90
N CYS E 259 -5.85 -48.06 29.65
CA CYS E 259 -7.30 -47.97 29.79
C CYS E 259 -8.00 -47.80 28.46
N GLN E 260 -9.10 -48.54 28.28
CA GLN E 260 -9.98 -48.43 27.12
C GLN E 260 -11.19 -47.66 27.65
N ILE E 261 -11.65 -46.64 26.93
CA ILE E 261 -12.78 -45.83 27.39
C ILE E 261 -14.01 -46.02 26.50
N ALA E 262 -15.14 -46.39 27.13
CA ALA E 262 -16.41 -46.61 26.46
C ALA E 262 -17.51 -45.71 27.05
N THR E 263 -18.60 -45.51 26.28
CA THR E 263 -19.75 -44.70 26.68
C THR E 263 -21.04 -45.54 26.65
N ASN E 264 -22.12 -44.98 27.23
CA ASN E 264 -23.46 -45.59 27.32
C ASN E 264 -23.45 -47.00 27.98
N PRO E 265 -23.08 -47.15 29.28
CA PRO E 265 -22.64 -46.11 30.24
C PRO E 265 -21.14 -45.80 30.18
N VAL E 266 -20.75 -44.61 30.69
CA VAL E 266 -19.35 -44.16 30.75
C VAL E 266 -18.59 -45.12 31.67
N ARG E 267 -17.51 -45.74 31.15
CA ARG E 267 -16.72 -46.72 31.90
C ARG E 267 -15.26 -46.86 31.40
N ALA E 268 -14.38 -47.25 32.33
CA ALA E 268 -12.97 -47.52 32.06
C ALA E 268 -12.82 -49.04 31.97
N VAL E 269 -12.35 -49.53 30.82
CA VAL E 269 -12.23 -50.97 30.56
C VAL E 269 -10.75 -51.37 30.42
N ASN E 270 -10.37 -52.48 31.11
CA ASN E 270 -9.04 -53.10 31.08
C ASN E 270 -7.87 -52.20 31.48
N CYS E 271 -8.02 -51.47 32.60
CA CYS E 271 -6.95 -50.64 33.15
C CYS E 271 -6.00 -51.61 33.88
N ALA E 272 -4.28 -49.98 31.89
CA ALA E 272 -3.16 -50.85 32.30
C ALA E 272 -2.38 -50.28 33.50
N VAL E 273 -2.99 -50.41 34.69
CA VAL E 273 -2.42 -49.91 35.95
C VAL E 273 -2.53 -50.94 37.09
N GLY E 274 -1.39 -51.22 37.72
CA GLY E 274 -1.27 -52.16 38.83
C GLY E 274 -1.46 -53.61 38.45
N ASN E 275 -1.79 -54.43 39.46
CA ASN E 275 -2.01 -55.86 39.32
C ASN E 275 -3.40 -56.28 39.82
N MET E 276 -3.78 -57.54 39.57
CA MET E 276 -5.07 -58.08 39.97
C MET E 276 -4.98 -59.47 40.62
N PRO E 277 -5.26 -59.58 41.94
CA PRO E 277 -5.24 -60.92 42.57
C PRO E 277 -6.43 -61.76 42.12
N ILE E 278 -6.20 -63.06 41.90
CA ILE E 278 -7.22 -64.01 41.46
C ILE E 278 -7.28 -65.21 42.41
N SER E 279 -8.48 -65.50 42.92
CA SER E 279 -8.75 -66.63 43.80
C SER E 279 -9.72 -67.57 43.07
N ILE E 280 -9.30 -68.85 42.91
CA ILE E 280 -10.11 -69.86 42.25
C ILE E 280 -10.28 -71.07 43.17
N ASP E 281 -11.52 -71.36 43.59
CA ASP E 281 -11.84 -72.50 44.43
C ASP E 281 -12.22 -73.64 43.48
N ILE E 282 -11.22 -74.39 43.02
CA ILE E 282 -11.36 -75.50 42.07
C ILE E 282 -12.00 -76.72 42.75
N PRO E 283 -13.12 -77.25 42.20
CA PRO E 283 -13.76 -78.42 42.84
C PRO E 283 -12.93 -79.70 42.77
N GLU E 284 -13.16 -80.62 43.73
CA GLU E 284 -12.50 -81.91 43.89
C GLU E 284 -12.52 -82.77 42.62
N ALA E 285 -13.66 -82.78 41.90
CA ALA E 285 -13.87 -83.55 40.66
C ALA E 285 -12.93 -83.19 39.50
N ALA E 286 -12.47 -81.93 39.46
CA ALA E 286 -11.57 -81.44 38.42
C ALA E 286 -10.16 -82.03 38.52
N PHE E 287 -9.76 -82.46 39.73
CA PHE E 287 -8.44 -83.04 40.00
C PHE E 287 -8.35 -84.54 39.73
N THR E 288 -7.15 -84.98 39.35
CA THR E 288 -6.82 -86.39 39.11
C THR E 288 -5.64 -86.72 40.02
N ARG E 289 -5.76 -87.81 40.80
CA ARG E 289 -4.70 -88.26 41.72
C ARG E 289 -3.46 -88.66 40.94
N VAL E 290 -2.26 -88.45 41.53
CA VAL E 290 -0.95 -88.77 40.93
C VAL E 290 -0.92 -90.24 40.44
N VAL E 291 -1.45 -91.17 41.24
CA VAL E 291 -1.56 -92.60 40.95
C VAL E 291 -2.49 -92.83 39.73
N ASP E 292 -3.58 -92.05 39.62
CA ASP E 292 -4.55 -92.12 38.52
C ASP E 292 -4.06 -91.40 37.25
N ALA E 293 -2.96 -90.64 37.36
CA ALA E 293 -2.34 -89.89 36.27
C ALA E 293 -1.12 -90.65 35.72
N PRO E 294 -0.74 -90.50 34.43
CA PRO E 294 0.43 -91.24 33.91
C PRO E 294 1.75 -90.85 34.58
N SER E 295 2.65 -91.84 34.73
CA SER E 295 3.98 -91.64 35.32
C SER E 295 5.00 -91.56 34.18
N LEU E 296 5.78 -90.46 34.14
CA LEU E 296 6.76 -90.22 33.09
C LEU E 296 8.20 -90.41 33.55
N THR E 297 9.00 -91.12 32.73
CA THR E 297 10.41 -91.43 32.95
C THR E 297 11.18 -91.29 31.62
N ASP E 298 12.53 -91.42 31.67
CA ASP E 298 13.46 -91.35 30.53
C ASP E 298 13.18 -90.15 29.61
N MET E 299 13.04 -88.96 30.22
CA MET E 299 12.73 -87.72 29.52
C MET E 299 13.96 -87.01 28.98
N SER E 300 13.85 -86.54 27.73
CA SER E 300 14.89 -85.81 27.00
C SER E 300 14.25 -84.65 26.24
N CYS E 301 15.00 -83.54 26.09
CA CYS E 301 14.49 -82.35 25.41
C CYS E 301 15.50 -81.76 24.41
N GLU E 302 15.01 -81.47 23.20
CA GLU E 302 15.79 -80.84 22.14
C GLU E 302 15.05 -79.65 21.55
N VAL E 303 15.78 -78.56 21.28
CA VAL E 303 15.23 -77.33 20.72
C VAL E 303 15.76 -77.15 19.29
N PRO E 304 14.99 -77.59 18.26
CA PRO E 304 15.47 -77.46 16.88
C PRO E 304 15.38 -76.05 16.32
N ALA E 305 14.51 -75.19 16.88
CA ALA E 305 14.30 -73.81 16.43
C ALA E 305 13.96 -72.86 17.57
N CYS E 306 14.66 -71.72 17.66
CA CYS E 306 14.40 -70.67 18.65
C CYS E 306 14.75 -69.26 18.22
N THR E 307 13.81 -68.35 18.47
CA THR E 307 13.92 -66.92 18.24
C THR E 307 13.41 -66.24 19.51
N HIS E 308 14.27 -65.46 20.19
CA HIS E 308 13.86 -64.76 21.40
C HIS E 308 13.02 -63.52 21.08
N SER E 309 11.70 -63.61 21.31
CA SER E 309 10.76 -62.53 21.02
C SER E 309 9.58 -62.51 22.01
N SER E 310 8.65 -61.55 21.83
CA SER E 310 7.45 -61.37 22.66
C SER E 310 6.46 -62.53 22.49
N ASP E 311 6.43 -63.15 21.28
CA ASP E 311 5.55 -64.27 20.97
C ASP E 311 6.28 -65.61 21.13
N PHE E 312 5.59 -66.73 20.83
CA PHE E 312 6.16 -68.07 20.94
C PHE E 312 7.09 -68.40 19.76
N GLY E 313 8.32 -67.91 19.87
CA GLY E 313 9.36 -68.08 18.85
C GLY E 313 10.21 -69.33 19.02
N GLY E 314 9.99 -70.06 20.10
CA GLY E 314 10.72 -71.29 20.41
C GLY E 314 9.92 -72.55 20.18
N VAL E 315 10.60 -73.61 19.70
CA VAL E 315 10.02 -74.93 19.43
C VAL E 315 10.84 -75.97 20.23
N ALA E 316 10.16 -76.83 21.01
CA ALA E 316 10.84 -77.88 21.79
C ALA E 316 10.20 -79.24 21.59
N ILE E 317 11.03 -80.26 21.33
CA ILE E 317 10.59 -81.66 21.14
C ILE E 317 11.03 -82.46 22.36
N ILE E 318 10.06 -82.94 23.15
CA ILE E 318 10.33 -83.69 24.36
C ILE E 318 9.96 -85.17 24.21
N LYS E 319 10.97 -86.05 24.30
CA LYS E 319 10.80 -87.51 24.23
C LYS E 319 10.53 -88.00 25.65
N TYR E 320 9.62 -88.98 25.80
CA TYR E 320 9.23 -89.50 27.11
C TYR E 320 8.88 -90.99 27.11
N ALA E 321 8.75 -91.57 28.32
CA ALA E 321 8.32 -92.94 28.55
C ALA E 321 7.19 -92.88 29.59
N ALA E 322 5.93 -92.99 29.11
CA ALA E 322 4.73 -92.92 29.96
C ALA E 322 4.24 -94.31 30.37
N SER E 323 3.86 -94.46 31.65
CA SER E 323 3.36 -95.71 32.23
C SER E 323 2.00 -96.12 31.65
N LYS E 324 1.14 -95.13 31.34
CA LYS E 324 -0.20 -95.33 30.77
C LYS E 324 -0.65 -94.12 29.93
N LYS E 325 -1.77 -94.28 29.20
CA LYS E 325 -2.36 -93.21 28.38
C LYS E 325 -3.13 -92.25 29.30
N GLY E 326 -3.12 -90.97 28.95
CA GLY E 326 -3.81 -89.93 29.71
C GLY E 326 -3.35 -88.52 29.39
N LYS E 327 -3.96 -87.53 30.05
CA LYS E 327 -3.64 -86.12 29.85
C LYS E 327 -2.66 -85.63 30.90
N CYS E 328 -1.59 -84.95 30.45
CA CYS E 328 -0.55 -84.39 31.31
C CYS E 328 -0.49 -82.88 31.16
N ALA E 329 -0.28 -82.17 32.28
CA ALA E 329 -0.15 -80.72 32.28
C ALA E 329 1.28 -80.35 31.88
N VAL E 330 1.43 -79.32 31.05
CA VAL E 330 2.73 -78.83 30.58
C VAL E 330 2.99 -77.46 31.22
N HIS E 331 4.14 -77.31 31.92
CA HIS E 331 4.49 -76.06 32.58
C HIS E 331 5.99 -75.82 32.66
N SER E 332 6.40 -74.56 32.47
CA SER E 332 7.79 -74.13 32.57
C SER E 332 8.12 -73.83 34.02
N MET E 333 9.18 -74.48 34.54
CA MET E 333 9.64 -74.32 35.92
C MET E 333 10.60 -73.13 36.08
N THR E 334 10.90 -72.45 34.95
CA THR E 334 11.75 -71.27 34.87
C THR E 334 10.86 -70.10 34.47
N ASN E 335 10.86 -69.02 35.27
CA ASN E 335 10.03 -67.83 35.05
C ASN E 335 10.39 -67.00 33.82
N ALA E 336 11.63 -67.17 33.30
CA ALA E 336 12.12 -66.46 32.11
C ALA E 336 11.62 -67.09 30.79
N VAL E 337 10.97 -68.27 30.88
CA VAL E 337 10.42 -69.01 29.74
C VAL E 337 8.93 -69.36 30.00
N THR E 338 8.08 -69.18 28.98
CA THR E 338 6.65 -69.51 29.08
C THR E 338 6.22 -70.43 27.94
N ILE E 339 5.41 -71.46 28.23
CA ILE E 339 4.93 -72.44 27.26
C ILE E 339 3.47 -72.17 26.85
N ARG E 340 3.18 -72.23 25.53
CA ARG E 340 1.87 -72.02 24.93
C ARG E 340 0.88 -73.11 25.34
N GLU E 341 1.32 -74.38 25.32
CA GLU E 341 0.50 -75.54 25.68
C GLU E 341 0.33 -75.65 27.19
N ALA E 342 -0.90 -75.91 27.62
CA ALA E 342 -1.25 -76.07 29.04
C ALA E 342 -1.45 -77.56 29.37
N GLU E 343 -1.91 -78.35 28.38
CA GLU E 343 -2.20 -79.77 28.52
C GLU E 343 -1.97 -80.53 27.21
N ILE E 344 -1.29 -81.69 27.28
CA ILE E 344 -1.04 -82.57 26.13
C ILE E 344 -1.38 -84.03 26.48
N GLU E 345 -1.75 -84.84 25.47
CA GLU E 345 -2.08 -86.26 25.65
C GLU E 345 -0.84 -87.14 25.45
N VAL E 346 -0.54 -87.99 26.45
CA VAL E 346 0.60 -88.92 26.43
C VAL E 346 0.12 -90.35 26.12
N GLU E 347 0.99 -91.19 25.51
CA GLU E 347 0.65 -92.56 25.13
C GLU E 347 1.56 -93.62 25.78
N GLY E 348 2.87 -93.48 25.60
CA GLY E 348 3.86 -94.41 26.13
C GLY E 348 5.28 -93.95 25.83
N ASN E 349 5.98 -94.71 24.97
CA ASN E 349 7.34 -94.38 24.54
C ASN E 349 7.26 -93.55 23.25
N SER E 350 6.76 -92.31 23.39
CA SER E 350 6.54 -91.35 22.29
C SER E 350 7.19 -89.98 22.58
N GLN E 351 6.88 -88.97 21.75
CA GLN E 351 7.40 -87.61 21.86
C GLN E 351 6.30 -86.54 21.76
N LEU E 352 6.54 -85.38 22.36
CA LEU E 352 5.62 -84.23 22.35
C LEU E 352 6.28 -82.97 21.79
N GLN E 353 5.50 -82.10 21.13
CA GLN E 353 6.00 -80.84 20.59
C GLN E 353 5.30 -79.66 21.27
N ILE E 354 6.10 -78.75 21.84
CA ILE E 354 5.60 -77.56 22.54
C ILE E 354 6.15 -76.26 21.94
N SER E 355 5.42 -75.15 22.15
CA SER E 355 5.79 -73.82 21.70
C SER E 355 6.13 -72.99 22.94
N PHE E 356 7.29 -72.31 22.93
CA PHE E 356 7.72 -71.49 24.06
C PHE E 356 8.15 -70.07 23.70
N SER E 357 8.04 -69.15 24.67
CA SER E 357 8.42 -67.75 24.54
C SER E 357 9.46 -67.37 25.59
N THR E 358 10.53 -66.68 25.17
CA THR E 358 11.63 -66.21 26.03
C THR E 358 12.31 -64.97 25.43
N ALA E 359 12.96 -64.16 26.29
CA ALA E 359 13.71 -62.97 25.88
C ALA E 359 15.22 -63.28 25.91
N LEU E 360 15.57 -64.42 26.54
CA LEU E 360 16.94 -64.92 26.71
C LEU E 360 17.54 -65.49 25.42
N ALA E 361 18.79 -65.11 25.12
CA ALA E 361 19.54 -65.61 23.95
C ALA E 361 20.04 -67.03 24.25
N SER E 362 20.38 -67.30 25.52
CA SER E 362 20.83 -68.60 26.02
C SER E 362 19.81 -69.03 27.07
N ALA E 363 18.77 -69.76 26.62
CA ALA E 363 17.68 -70.20 27.48
C ALA E 363 17.78 -71.65 27.97
N GLU E 364 18.07 -71.80 29.28
CA GLU E 364 18.15 -73.10 29.96
C GLU E 364 16.95 -73.16 30.89
N PHE E 365 15.99 -74.05 30.58
CA PHE E 365 14.74 -74.16 31.33
C PHE E 365 14.27 -75.59 31.60
N ARG E 366 13.47 -75.77 32.66
CA ARG E 366 12.90 -77.05 33.05
C ARG E 366 11.41 -77.10 32.71
N VAL E 367 10.98 -78.19 32.06
CA VAL E 367 9.58 -78.39 31.66
C VAL E 367 8.98 -79.54 32.48
N GLN E 368 7.90 -79.26 33.21
CA GLN E 368 7.21 -80.27 34.01
C GLN E 368 6.00 -80.80 33.24
N VAL E 369 6.10 -82.05 32.77
CA VAL E 369 5.04 -82.75 32.06
C VAL E 369 4.55 -83.78 33.08
N CYS E 370 3.29 -83.58 33.56
CA CYS E 370 2.64 -84.34 34.64
C CYS E 370 3.44 -84.05 35.94
N SER E 371 4.10 -85.05 36.54
CA SER E 371 4.88 -84.87 37.77
C SER E 371 6.41 -85.06 37.57
N THR E 372 6.88 -85.11 36.31
CA THR E 372 8.30 -85.27 35.99
C THR E 372 8.86 -84.05 35.25
N GLN E 373 10.07 -83.61 35.66
CA GLN E 373 10.77 -82.47 35.07
C GLN E 373 11.86 -82.87 34.08
N VAL E 374 11.98 -82.11 32.98
CA VAL E 374 12.97 -82.32 31.92
C VAL E 374 13.71 -81.01 31.60
N HIS E 375 15.04 -81.04 31.49
CA HIS E 375 15.84 -79.86 31.19
C HIS E 375 15.92 -79.62 29.68
N CYS E 376 15.66 -78.38 29.26
CA CYS E 376 15.72 -77.94 27.87
C CYS E 376 16.81 -76.89 27.70
N ALA E 377 17.73 -77.13 26.75
CA ALA E 377 18.83 -76.21 26.43
C ALA E 377 18.52 -75.57 25.09
N ALA E 378 18.41 -74.23 25.07
CA ALA E 378 18.05 -73.49 23.85
C ALA E 378 18.94 -72.30 23.52
N GLU E 379 19.40 -72.25 22.26
CA GLU E 379 20.17 -71.14 21.72
C GLU E 379 19.17 -70.34 20.90
N CYS E 380 18.69 -69.23 21.44
CA CYS E 380 17.68 -68.40 20.78
C CYS E 380 18.29 -67.21 20.07
N HIS E 381 17.85 -66.98 18.83
CA HIS E 381 18.35 -65.94 17.93
C HIS E 381 17.51 -64.65 17.94
N PRO E 382 18.08 -63.48 17.56
CA PRO E 382 17.29 -62.23 17.59
C PRO E 382 16.17 -62.17 16.53
N PRO E 383 15.08 -61.49 16.84
CA PRO E 383 13.96 -61.37 15.90
C PRO E 383 14.00 -60.05 15.14
N LYS E 384 14.32 -58.97 15.83
CA LYS E 384 14.40 -57.65 15.21
C LYS E 384 15.01 -56.62 16.15
N ASP E 385 15.48 -57.07 17.30
CA ASP E 385 16.10 -56.18 18.28
C ASP E 385 15.45 -56.35 19.66
N HIS E 386 16.08 -55.76 20.67
CA HIS E 386 15.57 -55.82 22.03
C HIS E 386 14.06 -55.62 22.05
N ILE E 387 13.61 -54.66 22.87
CA ILE E 387 12.18 -54.36 22.98
C ILE E 387 11.34 -55.46 22.32
N VAL E 388 10.18 -55.76 22.92
CA VAL E 388 9.26 -56.79 22.47
C VAL E 388 7.80 -56.24 22.32
N ASN E 389 7.02 -56.81 21.38
CA ASN E 389 5.64 -56.36 21.09
C ASN E 389 4.51 -57.23 21.68
N TYR E 390 4.82 -58.02 22.73
CA TYR E 390 3.85 -58.89 23.43
C TYR E 390 4.08 -58.89 24.96
N PRO E 391 3.04 -59.10 25.81
CA PRO E 391 3.30 -59.09 27.27
C PRO E 391 3.56 -60.48 27.83
N VAL F 1 -50.29 -24.74 4.48
CA VAL F 1 -49.88 -23.60 5.29
C VAL F 1 -49.66 -22.33 4.43
N TYR F 2 -49.35 -22.51 3.13
CA TYR F 2 -49.08 -21.45 2.17
C TYR F 2 -50.32 -20.64 1.78
N LYS F 3 -51.52 -21.10 2.19
CA LYS F 3 -52.76 -20.38 1.96
C LYS F 3 -52.84 -19.16 2.91
N ALA F 4 -52.19 -19.27 4.09
CA ALA F 4 -52.12 -18.24 5.13
C ALA F 4 -50.87 -17.36 5.01
N THR F 5 -49.76 -17.93 4.50
CA THR F 5 -48.50 -17.20 4.33
C THR F 5 -48.38 -16.59 2.93
N ARG F 6 -47.37 -15.71 2.74
CA ARG F 6 -47.14 -15.05 1.47
C ARG F 6 -45.67 -14.70 1.24
N PRO F 7 -45.18 -14.59 -0.03
CA PRO F 7 -43.80 -14.10 -0.24
C PRO F 7 -43.78 -12.59 0.07
N TYR F 8 -42.60 -12.02 0.35
CA TYR F 8 -42.53 -10.60 0.70
C TYR F 8 -41.29 -9.87 0.18
N LEU F 9 -41.29 -8.54 0.32
CA LEU F 9 -40.19 -7.67 -0.03
C LEU F 9 -39.50 -7.27 1.28
N ALA F 10 -38.18 -7.37 1.31
CA ALA F 10 -37.38 -7.04 2.51
C ALA F 10 -36.05 -6.46 2.09
N HIS F 11 -35.37 -5.78 3.03
CA HIS F 11 -34.08 -5.15 2.80
C HIS F 11 -32.98 -6.16 2.44
N CYS F 12 -32.19 -5.80 1.42
CA CYS F 12 -31.03 -6.53 0.94
C CYS F 12 -29.90 -5.51 0.77
N PRO F 13 -28.71 -5.73 1.36
CA PRO F 13 -27.63 -4.72 1.24
C PRO F 13 -27.02 -4.59 -0.16
N ASP F 14 -27.11 -5.65 -0.98
CA ASP F 14 -26.56 -5.69 -2.33
C ASP F 14 -27.48 -6.44 -3.31
N CYS F 15 -28.21 -5.67 -4.14
CA CYS F 15 -29.12 -6.20 -5.15
C CYS F 15 -28.43 -6.24 -6.53
N GLY F 16 -27.11 -6.04 -6.52
CA GLY F 16 -26.28 -5.98 -7.72
C GLY F 16 -25.61 -4.64 -7.80
N GLU F 17 -24.29 -4.63 -8.08
CA GLU F 17 -23.42 -3.44 -8.18
C GLU F 17 -23.21 -2.70 -6.84
N GLY F 18 -23.44 -3.42 -5.73
CA GLY F 18 -23.26 -2.91 -4.37
C GLY F 18 -24.36 -2.00 -3.84
N HIS F 19 -25.45 -1.84 -4.60
CA HIS F 19 -26.58 -0.97 -4.21
C HIS F 19 -27.69 -1.75 -3.50
N SER F 20 -28.18 -1.21 -2.38
CA SER F 20 -29.26 -1.80 -1.58
C SER F 20 -30.63 -1.57 -2.23
N CYS F 21 -31.58 -2.49 -2.00
CA CYS F 21 -32.94 -2.42 -2.54
C CYS F 21 -33.95 -3.19 -1.69
N HIS F 22 -35.26 -2.99 -1.97
CA HIS F 22 -36.37 -3.72 -1.35
C HIS F 22 -36.52 -4.94 -2.27
N SER F 23 -35.81 -6.02 -1.91
CA SER F 23 -35.68 -7.25 -2.69
C SER F 23 -36.81 -8.29 -2.57
N PRO F 24 -37.24 -8.89 -3.71
CA PRO F 24 -38.23 -9.97 -3.65
C PRO F 24 -37.57 -11.34 -3.44
N VAL F 25 -36.23 -11.35 -3.25
CA VAL F 25 -35.38 -12.53 -3.03
C VAL F 25 -34.36 -12.23 -1.89
N ALA F 26 -34.78 -11.37 -0.94
CA ALA F 26 -33.97 -10.94 0.21
C ALA F 26 -33.51 -12.12 1.07
N LEU F 27 -32.22 -12.12 1.45
CA LEU F 27 -31.64 -13.15 2.28
C LEU F 27 -31.95 -12.90 3.73
N GLU F 28 -32.54 -13.90 4.40
CA GLU F 28 -32.92 -13.82 5.80
C GLU F 28 -31.86 -14.42 6.72
N ARG F 29 -31.49 -15.68 6.48
CA ARG F 29 -30.55 -16.44 7.29
C ARG F 29 -29.93 -17.58 6.50
N ILE F 30 -28.62 -17.79 6.68
CA ILE F 30 -27.88 -18.89 6.07
C ILE F 30 -27.42 -19.81 7.20
N ARG F 31 -27.86 -21.07 7.17
CA ARG F 31 -27.52 -22.07 8.17
C ARG F 31 -26.48 -23.04 7.62
N ASN F 32 -25.40 -23.27 8.39
CA ASN F 32 -24.30 -24.15 8.01
C ASN F 32 -23.86 -25.07 9.16
N GLU F 33 -24.84 -25.70 9.82
CA GLU F 33 -24.57 -26.62 10.93
C GLU F 33 -24.25 -28.03 10.44
N ALA F 34 -24.67 -28.35 9.19
CA ALA F 34 -24.45 -29.64 8.54
C ALA F 34 -22.97 -29.83 8.24
N THR F 35 -22.36 -30.85 8.86
CA THR F 35 -20.94 -31.17 8.69
C THR F 35 -20.60 -31.63 7.27
N ASP F 36 -21.60 -32.14 6.51
CA ASP F 36 -21.43 -32.56 5.12
C ASP F 36 -21.24 -31.38 4.14
N GLY F 37 -21.40 -30.15 4.65
CA GLY F 37 -21.21 -28.93 3.89
C GLY F 37 -22.45 -28.29 3.28
N THR F 38 -23.62 -28.95 3.42
CA THR F 38 -24.91 -28.48 2.89
C THR F 38 -25.33 -27.18 3.59
N LEU F 39 -25.75 -26.20 2.80
CA LEU F 39 -26.22 -24.91 3.32
C LEU F 39 -27.74 -24.84 3.26
N LYS F 40 -28.37 -24.43 4.37
CA LYS F 40 -29.81 -24.25 4.44
C LYS F 40 -30.03 -22.73 4.39
N ILE F 41 -30.50 -22.24 3.24
CA ILE F 41 -30.69 -20.82 2.95
C ILE F 41 -32.16 -20.42 3.05
N GLN F 42 -32.45 -19.29 3.75
CA GLN F 42 -33.79 -18.75 3.89
C GLN F 42 -33.93 -17.42 3.14
N VAL F 43 -34.90 -17.36 2.22
CA VAL F 43 -35.18 -16.18 1.38
C VAL F 43 -36.61 -15.62 1.58
N SER F 44 -36.86 -14.38 1.11
CA SER F 44 -38.16 -13.72 1.25
C SER F 44 -39.26 -14.30 0.32
N LEU F 45 -38.86 -14.96 -0.79
CA LEU F 45 -39.82 -15.58 -1.72
C LEU F 45 -40.18 -17.02 -1.33
N GLN F 46 -41.16 -17.63 -2.03
CA GLN F 46 -41.62 -18.99 -1.78
C GLN F 46 -41.55 -19.85 -3.04
N ILE F 47 -40.69 -20.89 -3.02
CA ILE F 47 -40.47 -21.82 -4.13
C ILE F 47 -41.40 -23.03 -4.03
N GLY F 48 -41.89 -23.49 -5.19
CA GLY F 48 -42.77 -24.64 -5.30
C GLY F 48 -44.24 -24.34 -5.05
N ILE F 49 -44.58 -23.05 -4.89
CA ILE F 49 -45.94 -22.58 -4.62
C ILE F 49 -46.33 -21.52 -5.64
N LYS F 50 -47.57 -21.62 -6.18
CA LYS F 50 -48.13 -20.67 -7.13
C LYS F 50 -48.96 -19.63 -6.34
N THR F 51 -49.37 -18.52 -6.98
CA THR F 51 -50.18 -17.45 -6.36
C THR F 51 -51.53 -17.92 -5.83
N ASP F 52 -52.10 -18.99 -6.43
CA ASP F 52 -53.37 -19.60 -6.02
C ASP F 52 -53.20 -20.61 -4.86
N ASP F 53 -51.97 -20.66 -4.28
CA ASP F 53 -51.51 -21.51 -3.16
C ASP F 53 -51.21 -22.97 -3.53
N SER F 54 -51.51 -23.39 -4.78
CA SER F 54 -51.27 -24.75 -5.26
C SER F 54 -49.77 -25.06 -5.35
N HIS F 55 -49.42 -26.33 -5.07
CA HIS F 55 -48.04 -26.80 -5.11
C HIS F 55 -47.64 -27.20 -6.52
N ASP F 56 -46.54 -26.59 -7.02
CA ASP F 56 -45.98 -26.84 -8.34
C ASP F 56 -44.48 -26.62 -8.25
N TRP F 57 -43.69 -27.72 -8.31
CA TRP F 57 -42.23 -27.69 -8.21
C TRP F 57 -41.54 -26.90 -9.32
N THR F 58 -42.20 -26.74 -10.49
CA THR F 58 -41.66 -25.98 -11.64
C THR F 58 -41.89 -24.47 -11.48
N LYS F 59 -42.66 -24.06 -10.45
CA LYS F 59 -43.00 -22.67 -10.20
C LYS F 59 -42.40 -22.10 -8.91
N LEU F 60 -42.43 -20.76 -8.79
CA LEU F 60 -41.90 -19.97 -7.68
C LEU F 60 -42.81 -18.73 -7.54
N ARG F 61 -43.10 -18.30 -6.30
CA ARG F 61 -43.87 -17.08 -6.08
C ARG F 61 -43.07 -16.04 -5.30
N TYR F 62 -43.06 -14.81 -5.82
CA TYR F 62 -42.35 -13.67 -5.26
C TYR F 62 -43.29 -12.46 -5.15
N MET F 63 -42.97 -11.50 -4.26
CA MET F 63 -43.78 -10.30 -4.11
C MET F 63 -43.42 -9.29 -5.20
N ASP F 64 -44.39 -9.02 -6.09
CA ASP F 64 -44.23 -8.07 -7.20
C ASP F 64 -44.97 -6.80 -6.84
N ASN F 65 -44.24 -5.82 -6.28
CA ASN F 65 -44.74 -4.51 -5.83
C ASN F 65 -45.75 -4.66 -4.68
N HIS F 66 -47.06 -4.74 -4.98
CA HIS F 66 -48.13 -4.88 -3.98
C HIS F 66 -48.71 -6.29 -3.94
N MET F 67 -48.70 -7.01 -5.07
CA MET F 67 -49.28 -8.35 -5.20
C MET F 67 -48.26 -9.44 -5.54
N PRO F 68 -48.42 -10.68 -5.01
CA PRO F 68 -47.48 -11.76 -5.39
C PRO F 68 -47.66 -12.19 -6.85
N ALA F 69 -46.55 -12.62 -7.49
CA ALA F 69 -46.54 -13.06 -8.89
C ALA F 69 -45.79 -14.38 -9.08
N ASP F 70 -46.11 -15.12 -10.16
CA ASP F 70 -45.47 -16.40 -10.49
C ASP F 70 -44.20 -16.22 -11.32
N ALA F 71 -43.21 -17.09 -11.08
CA ALA F 71 -41.92 -17.13 -11.77
C ALA F 71 -41.48 -18.60 -11.92
N GLU F 72 -40.54 -18.86 -12.84
CA GLU F 72 -40.03 -20.21 -13.10
C GLU F 72 -38.97 -20.64 -12.08
N ARG F 73 -39.00 -21.93 -11.69
CA ARG F 73 -38.05 -22.55 -10.77
C ARG F 73 -36.68 -22.68 -11.45
N ALA F 74 -36.67 -22.93 -12.78
CA ALA F 74 -35.46 -23.08 -13.59
C ALA F 74 -34.57 -21.83 -13.57
N GLY F 75 -35.18 -20.66 -13.43
CA GLY F 75 -34.51 -19.37 -13.37
C GLY F 75 -33.84 -19.07 -12.04
N LEU F 76 -34.17 -19.86 -10.99
CA LEU F 76 -33.59 -19.70 -9.65
C LEU F 76 -32.14 -20.18 -9.64
N PHE F 77 -31.25 -19.38 -9.03
CA PHE F 77 -29.82 -19.68 -8.93
C PHE F 77 -29.26 -19.31 -7.57
N VAL F 78 -28.22 -20.04 -7.15
CA VAL F 78 -27.47 -19.81 -5.90
C VAL F 78 -26.00 -19.83 -6.30
N ARG F 79 -25.21 -18.84 -5.82
CA ARG F 79 -23.78 -18.75 -6.11
C ARG F 79 -22.97 -18.09 -4.99
N THR F 80 -21.71 -18.51 -4.85
CA THR F 80 -20.76 -17.96 -3.88
C THR F 80 -19.69 -17.25 -4.69
N SER F 81 -18.55 -17.90 -4.96
CA SER F 81 -17.49 -17.39 -5.81
C SER F 81 -17.74 -17.90 -7.24
N ALA F 82 -18.55 -18.97 -7.35
CA ALA F 82 -18.96 -19.67 -8.57
C ALA F 82 -20.37 -20.28 -8.33
N PRO F 83 -21.10 -20.79 -9.37
CA PRO F 83 -22.45 -21.35 -9.11
C PRO F 83 -22.50 -22.54 -8.15
N CYS F 84 -23.60 -22.62 -7.38
CA CYS F 84 -23.84 -23.69 -6.41
C CYS F 84 -24.75 -24.77 -7.01
N THR F 85 -24.72 -25.97 -6.44
CA THR F 85 -25.58 -27.07 -6.83
C THR F 85 -26.78 -27.06 -5.88
N ILE F 86 -27.96 -26.74 -6.39
CA ILE F 86 -29.19 -26.69 -5.57
C ILE F 86 -29.68 -28.14 -5.39
N THR F 87 -29.75 -28.60 -4.13
CA THR F 87 -30.16 -29.97 -3.79
C THR F 87 -31.64 -30.12 -3.40
N GLY F 88 -32.28 -29.02 -2.98
CA GLY F 88 -33.68 -29.02 -2.57
C GLY F 88 -34.25 -27.62 -2.41
N THR F 89 -35.53 -27.45 -2.77
CA THR F 89 -36.27 -26.18 -2.68
C THR F 89 -37.72 -26.44 -2.26
N MET F 90 -38.20 -25.64 -1.27
CA MET F 90 -39.56 -25.69 -0.73
C MET F 90 -39.80 -24.43 0.12
N GLY F 91 -40.77 -23.62 -0.31
CA GLY F 91 -41.14 -22.37 0.33
C GLY F 91 -40.01 -21.36 0.41
N HIS F 92 -39.74 -20.84 1.61
CA HIS F 92 -38.66 -19.89 1.86
C HIS F 92 -37.27 -20.53 1.90
N PHE F 93 -37.18 -21.87 1.77
CA PHE F 93 -35.93 -22.61 1.92
C PHE F 93 -35.30 -23.24 0.70
N ILE F 94 -33.96 -23.13 0.63
CA ILE F 94 -33.10 -23.68 -0.41
C ILE F 94 -31.95 -24.47 0.22
N LEU F 95 -31.68 -25.66 -0.32
CA LEU F 95 -30.55 -26.50 0.08
C LEU F 95 -29.53 -26.41 -1.05
N ALA F 96 -28.28 -26.08 -0.73
CA ALA F 96 -27.24 -25.93 -1.74
C ALA F 96 -25.86 -26.40 -1.31
N ARG F 97 -25.11 -26.95 -2.28
CA ARG F 97 -23.73 -27.39 -2.13
C ARG F 97 -22.92 -26.34 -2.88
N CYS F 98 -22.17 -25.54 -2.14
CA CYS F 98 -21.43 -24.39 -2.66
C CYS F 98 -19.92 -24.53 -2.61
N PRO F 99 -19.18 -24.00 -3.62
CA PRO F 99 -17.71 -23.99 -3.52
C PRO F 99 -17.27 -22.88 -2.56
N LYS F 100 -15.96 -22.86 -2.19
CA LYS F 100 -15.38 -21.86 -1.28
C LYS F 100 -15.66 -20.43 -1.74
N GLY F 101 -16.09 -19.57 -0.82
CA GLY F 101 -16.40 -18.19 -1.12
C GLY F 101 -16.45 -17.25 0.08
N GLU F 102 -16.63 -15.95 -0.19
CA GLU F 102 -16.71 -14.90 0.83
C GLU F 102 -18.08 -14.19 0.83
N THR F 103 -18.91 -14.46 -0.19
CA THR F 103 -20.27 -13.92 -0.34
C THR F 103 -21.24 -15.04 -0.74
N LEU F 104 -22.53 -14.81 -0.56
CA LEU F 104 -23.58 -15.74 -0.97
C LEU F 104 -24.67 -14.97 -1.68
N THR F 105 -24.98 -15.40 -2.93
CA THR F 105 -25.97 -14.76 -3.79
C THR F 105 -27.09 -15.74 -4.14
N VAL F 106 -28.34 -15.28 -4.01
CA VAL F 106 -29.54 -16.04 -4.38
C VAL F 106 -30.34 -15.13 -5.31
N GLY F 107 -30.69 -15.65 -6.48
CA GLY F 107 -31.44 -14.89 -7.48
C GLY F 107 -32.43 -15.69 -8.29
N PHE F 108 -33.20 -14.99 -9.14
CA PHE F 108 -34.22 -15.54 -10.03
C PHE F 108 -34.54 -14.55 -11.16
N THR F 109 -35.27 -15.03 -12.18
CA THR F 109 -35.73 -14.22 -13.32
C THR F 109 -37.26 -14.14 -13.25
N ASP F 110 -37.82 -12.92 -13.21
CA ASP F 110 -39.26 -12.68 -13.11
C ASP F 110 -40.03 -12.90 -14.43
N SER F 111 -41.34 -12.58 -14.43
CA SER F 111 -42.25 -12.70 -15.58
C SER F 111 -41.81 -11.81 -16.76
N ARG F 112 -41.31 -10.59 -16.44
CA ARG F 112 -40.86 -9.58 -17.40
C ARG F 112 -39.41 -9.82 -17.88
N LYS F 113 -38.86 -11.03 -17.61
CA LYS F 113 -37.49 -11.46 -17.93
C LYS F 113 -36.39 -10.65 -17.20
N ILE F 114 -36.77 -9.93 -16.13
CA ILE F 114 -35.88 -9.10 -15.31
C ILE F 114 -35.27 -9.95 -14.19
N SER F 115 -33.94 -9.97 -14.09
CA SER F 115 -33.22 -10.73 -13.08
C SER F 115 -33.17 -9.97 -11.75
N HIS F 116 -33.41 -10.69 -10.65
CA HIS F 116 -33.38 -10.15 -9.29
C HIS F 116 -32.43 -11.03 -8.46
N SER F 117 -31.50 -10.40 -7.73
CA SER F 117 -30.54 -11.12 -6.89
C SER F 117 -30.25 -10.40 -5.58
N CYS F 118 -29.82 -11.16 -4.55
CA CYS F 118 -29.46 -10.62 -3.24
C CYS F 118 -28.13 -11.20 -2.78
N THR F 119 -27.15 -10.32 -2.51
CA THR F 119 -25.80 -10.71 -2.09
C THR F 119 -25.53 -10.28 -0.64
N HIS F 120 -25.10 -11.23 0.19
CA HIS F 120 -24.75 -11.05 1.59
C HIS F 120 -23.32 -11.55 1.84
N PRO F 121 -22.53 -10.88 2.70
CA PRO F 121 -21.18 -11.41 3.00
C PRO F 121 -21.31 -12.68 3.85
N PHE F 122 -20.76 -13.79 3.35
CA PHE F 122 -20.81 -15.08 4.03
C PHE F 122 -19.58 -15.91 3.73
N HIS F 123 -18.77 -16.17 4.77
CA HIS F 123 -17.57 -16.98 4.62
C HIS F 123 -17.93 -18.46 4.55
N HIS F 124 -17.78 -19.04 3.35
CA HIS F 124 -18.05 -20.45 3.11
C HIS F 124 -16.79 -21.18 2.72
N ASP F 125 -16.35 -22.09 3.58
CA ASP F 125 -15.18 -22.95 3.42
C ASP F 125 -15.48 -24.12 4.37
N PRO F 126 -16.32 -25.09 3.93
CA PRO F 126 -16.72 -26.17 4.86
C PRO F 126 -15.59 -27.10 5.31
N PRO F 127 -15.57 -27.48 6.60
CA PRO F 127 -14.49 -28.38 7.09
C PRO F 127 -14.54 -29.76 6.48
N VAL F 128 -13.38 -30.43 6.48
CA VAL F 128 -13.20 -31.78 5.93
C VAL F 128 -13.93 -32.84 6.77
N ILE F 129 -14.65 -33.76 6.10
CA ILE F 129 -15.30 -34.90 6.73
C ILE F 129 -14.26 -36.01 6.67
N GLY F 130 -13.72 -36.35 7.84
CA GLY F 130 -12.69 -37.36 7.97
C GLY F 130 -11.29 -36.80 7.96
N ARG F 131 -10.37 -37.55 7.32
CA ARG F 131 -8.94 -37.24 7.24
C ARG F 131 -8.41 -37.11 5.80
N GLU F 132 -9.32 -37.00 4.81
CA GLU F 132 -8.96 -36.87 3.40
C GLU F 132 -9.81 -35.80 2.71
N LYS F 133 -9.16 -34.81 2.08
CA LYS F 133 -9.84 -33.72 1.39
C LYS F 133 -10.11 -34.13 -0.07
N PHE F 134 -11.31 -34.68 -0.32
CA PHE F 134 -11.75 -35.18 -1.63
C PHE F 134 -12.81 -34.26 -2.26
N HIS F 135 -13.01 -34.40 -3.60
CA HIS F 135 -13.96 -33.59 -4.37
C HIS F 135 -15.33 -34.25 -4.54
N SER F 136 -15.38 -35.44 -5.17
CA SER F 136 -16.62 -36.17 -5.44
C SER F 136 -16.96 -37.25 -4.40
N ARG F 137 -18.26 -37.43 -4.10
CA ARG F 137 -18.73 -38.42 -3.12
C ARG F 137 -18.63 -39.87 -3.62
N PRO F 138 -17.99 -40.78 -2.85
CA PRO F 138 -17.89 -42.18 -3.30
C PRO F 138 -19.11 -43.03 -2.94
N GLN F 139 -19.33 -44.11 -3.72
CA GLN F 139 -20.41 -45.07 -3.50
C GLN F 139 -20.04 -45.97 -2.30
N HIS F 140 -18.76 -46.36 -2.21
CA HIS F 140 -18.20 -47.20 -1.15
C HIS F 140 -17.06 -46.46 -0.43
N GLY F 141 -16.93 -46.72 0.87
CA GLY F 141 -15.90 -46.16 1.72
C GLY F 141 -16.18 -46.34 3.19
N LYS F 142 -15.40 -45.65 4.03
CA LYS F 142 -15.53 -45.67 5.49
C LYS F 142 -16.77 -44.86 5.88
N GLU F 143 -17.66 -45.47 6.69
CA GLU F 143 -18.88 -44.80 7.15
C GLU F 143 -18.56 -43.94 8.35
N LEU F 144 -18.68 -42.62 8.19
CA LEU F 144 -18.40 -41.65 9.25
C LEU F 144 -19.64 -40.86 9.67
N PRO F 145 -19.80 -40.52 10.97
CA PRO F 145 -20.98 -39.74 11.39
C PRO F 145 -20.90 -38.30 10.87
N CYS F 146 -21.99 -37.85 10.26
CA CYS F 146 -22.11 -36.49 9.70
C CYS F 146 -23.56 -36.02 9.76
N SER F 147 -23.77 -34.69 9.72
CA SER F 147 -25.11 -34.12 9.71
C SER F 147 -25.41 -33.49 8.36
N THR F 148 -26.69 -33.51 7.97
CA THR F 148 -27.18 -32.93 6.72
C THR F 148 -28.58 -32.39 6.93
N TYR F 149 -29.05 -31.59 5.97
CA TYR F 149 -30.42 -31.10 5.97
C TYR F 149 -31.11 -32.06 5.00
N VAL F 150 -32.03 -32.89 5.52
CA VAL F 150 -32.74 -33.91 4.74
C VAL F 150 -33.55 -33.32 3.59
N GLN F 151 -33.41 -33.89 2.38
CA GLN F 151 -34.11 -33.43 1.17
C GLN F 151 -35.64 -33.65 1.18
N SER F 152 -36.19 -34.22 2.28
CA SER F 152 -37.62 -34.46 2.45
C SER F 152 -38.39 -33.15 2.54
N THR F 153 -39.39 -32.97 1.66
CA THR F 153 -40.24 -31.77 1.56
C THR F 153 -41.14 -31.61 2.80
N ALA F 154 -41.32 -32.69 3.58
CA ALA F 154 -42.13 -32.76 4.79
C ALA F 154 -41.61 -31.82 5.88
N ALA F 155 -42.54 -31.16 6.58
CA ALA F 155 -42.27 -30.22 7.66
C ALA F 155 -42.88 -30.77 8.95
N THR F 156 -42.03 -31.35 9.83
CA THR F 156 -42.48 -32.00 11.08
C THR F 156 -41.78 -31.59 12.38
N THR F 157 -40.48 -31.24 12.35
CA THR F 157 -39.73 -30.89 13.56
C THR F 157 -39.37 -29.41 13.69
N GLU F 158 -38.51 -28.88 12.80
CA GLU F 158 -38.07 -27.48 12.81
C GLU F 158 -39.20 -26.51 12.49
N GLU F 159 -39.12 -25.27 13.03
CA GLU F 159 -40.16 -24.25 12.84
C GLU F 159 -39.65 -22.81 12.75
N ILE F 160 -40.49 -21.90 12.27
CA ILE F 160 -40.24 -20.46 12.18
C ILE F 160 -41.42 -19.68 12.75
N GLU F 161 -41.16 -18.46 13.25
CA GLU F 161 -42.20 -17.60 13.78
C GLU F 161 -42.81 -16.79 12.65
N VAL F 162 -44.14 -16.64 12.69
CA VAL F 162 -44.90 -15.89 11.69
C VAL F 162 -45.86 -14.91 12.37
N HIS F 163 -46.17 -13.80 11.70
CA HIS F 163 -47.10 -12.77 12.16
C HIS F 163 -47.70 -12.01 10.99
N MET F 164 -48.74 -11.23 11.24
CA MET F 164 -49.38 -10.45 10.19
C MET F 164 -48.37 -9.55 9.48
N PRO F 165 -48.52 -9.44 8.16
CA PRO F 165 -47.62 -8.61 7.36
C PRO F 165 -47.79 -7.12 7.66
N PRO F 166 -47.20 -6.27 6.83
CA PRO F 166 -47.29 -4.82 7.02
C PRO F 166 -47.96 -4.14 5.82
N ASP F 167 -48.17 -2.83 5.92
CA ASP F 167 -48.79 -2.06 4.85
C ASP F 167 -47.77 -1.65 3.80
N THR F 168 -48.24 -1.44 2.57
CA THR F 168 -47.36 -1.04 1.48
C THR F 168 -47.42 0.48 1.27
N PRO F 169 -46.36 1.25 1.63
CA PRO F 169 -46.40 2.72 1.44
C PRO F 169 -46.50 3.11 -0.03
N ASP F 170 -47.43 4.03 -0.32
CA ASP F 170 -47.67 4.52 -1.69
C ASP F 170 -48.07 5.99 -1.63
N ARG F 171 -47.13 6.87 -2.06
CA ARG F 171 -47.33 8.31 -2.06
C ARG F 171 -48.28 8.80 -3.16
N THR F 172 -48.50 7.97 -4.21
CA THR F 172 -49.42 8.27 -5.32
C THR F 172 -50.89 8.30 -4.89
N LEU F 173 -51.21 7.73 -3.71
CA LEU F 173 -52.55 7.69 -3.13
C LEU F 173 -53.00 9.11 -2.74
N MET F 174 -52.03 9.98 -2.39
CA MET F 174 -52.26 11.36 -1.98
C MET F 174 -51.99 12.35 -3.10
N SER F 175 -52.84 13.39 -3.19
CA SER F 175 -52.74 14.46 -4.19
C SER F 175 -53.14 15.81 -3.60
N GLN F 176 -52.60 16.90 -4.17
CA GLN F 176 -52.88 18.27 -3.71
C GLN F 176 -54.18 18.86 -4.29
N GLN F 177 -55.28 18.77 -3.51
CA GLN F 177 -56.57 19.31 -3.91
C GLN F 177 -56.58 20.81 -3.56
N SER F 178 -56.06 21.64 -4.50
CA SER F 178 -55.87 23.10 -4.43
C SER F 178 -54.80 23.49 -3.39
N GLY F 179 -55.08 23.22 -2.12
CA GLY F 179 -54.19 23.48 -1.00
C GLY F 179 -54.46 22.54 0.16
N ASN F 180 -55.05 21.37 -0.16
CA ASN F 180 -55.44 20.32 0.80
C ASN F 180 -54.88 18.96 0.35
N VAL F 181 -55.18 17.87 1.11
CA VAL F 181 -54.73 16.51 0.81
C VAL F 181 -55.93 15.65 0.38
N LYS F 182 -55.83 15.03 -0.81
CA LYS F 182 -56.85 14.16 -1.35
C LYS F 182 -56.33 12.72 -1.41
N ILE F 183 -56.90 11.84 -0.56
CA ILE F 183 -56.53 10.43 -0.50
C ILE F 183 -57.55 9.63 -1.33
N THR F 184 -57.10 9.05 -2.46
CA THR F 184 -57.93 8.25 -3.35
C THR F 184 -57.58 6.77 -3.15
N VAL F 185 -58.52 6.02 -2.57
CA VAL F 185 -58.37 4.59 -2.25
C VAL F 185 -58.29 3.66 -3.46
N ASN F 186 -59.10 3.95 -4.52
CA ASN F 186 -59.20 3.15 -5.76
C ASN F 186 -59.58 1.69 -5.50
N GLY F 187 -60.64 1.51 -4.71
CA GLY F 187 -61.18 0.20 -4.34
C GLY F 187 -60.30 -0.63 -3.43
N GLN F 188 -59.46 0.03 -2.61
CA GLN F 188 -58.52 -0.62 -1.69
C GLN F 188 -58.76 -0.13 -0.25
N THR F 189 -58.14 -0.80 0.73
CA THR F 189 -58.19 -0.41 2.14
C THR F 189 -56.87 0.30 2.41
N VAL F 190 -56.94 1.61 2.69
CA VAL F 190 -55.77 2.47 2.90
C VAL F 190 -55.68 2.96 4.35
N ARG F 191 -54.49 2.80 4.97
CA ARG F 191 -54.21 3.32 6.30
C ARG F 191 -53.48 4.63 6.10
N TYR F 192 -54.03 5.72 6.66
CA TYR F 192 -53.45 7.06 6.51
C TYR F 192 -53.22 7.78 7.83
N LYS F 193 -52.16 8.62 7.87
CA LYS F 193 -51.77 9.44 9.01
C LYS F 193 -51.22 10.77 8.51
N CYS F 194 -51.80 11.88 8.99
CA CYS F 194 -51.42 13.24 8.63
C CYS F 194 -50.97 14.03 9.85
N ASN F 195 -49.96 14.90 9.69
CA ASN F 195 -49.45 15.77 10.75
C ASN F 195 -50.32 17.04 10.81
N CYS F 196 -51.65 16.84 10.93
CA CYS F 196 -52.69 17.87 10.97
C CYS F 196 -53.78 17.50 11.99
N GLY F 197 -54.77 18.39 12.17
CA GLY F 197 -55.87 18.18 13.09
C GLY F 197 -57.07 17.45 12.48
N GLY F 198 -58.08 17.20 13.32
CA GLY F 198 -59.30 16.52 12.91
C GLY F 198 -59.13 15.03 12.69
N SER F 199 -59.79 14.49 11.65
CA SER F 199 -59.73 13.06 11.29
C SER F 199 -58.45 12.77 10.48
N ASN F 200 -57.28 12.89 11.15
CA ASN F 200 -55.97 12.67 10.56
C ASN F 200 -55.48 11.21 10.60
N GLU F 201 -56.33 10.30 11.13
CA GLU F 201 -56.01 8.87 11.26
C GLU F 201 -57.22 8.02 10.92
N GLY F 202 -56.98 6.86 10.29
CA GLY F 202 -58.05 5.94 9.94
C GLY F 202 -57.71 4.86 8.93
N LEU F 203 -58.44 3.74 9.01
CA LEU F 203 -58.35 2.60 8.10
C LEU F 203 -59.59 2.74 7.20
N THR F 204 -59.42 3.48 6.10
CA THR F 204 -60.50 3.81 5.17
C THR F 204 -60.67 2.87 3.98
N THR F 205 -61.93 2.65 3.60
CA THR F 205 -62.36 1.86 2.45
C THR F 205 -62.93 2.80 1.36
N THR F 206 -63.08 4.09 1.71
CA THR F 206 -63.60 5.16 0.86
C THR F 206 -62.63 6.35 0.81
N ASP F 207 -62.80 7.25 -0.20
CA ASP F 207 -61.97 8.45 -0.41
C ASP F 207 -62.09 9.43 0.76
N LYS F 208 -60.96 10.05 1.13
CA LYS F 208 -60.88 11.01 2.24
C LYS F 208 -60.16 12.29 1.84
N VAL F 209 -60.58 13.42 2.43
CA VAL F 209 -59.98 14.74 2.20
C VAL F 209 -59.56 15.39 3.52
N ILE F 210 -58.33 15.92 3.57
CA ILE F 210 -57.78 16.59 4.76
C ILE F 210 -57.47 18.05 4.41
N ASN F 211 -58.39 18.96 4.78
CA ASN F 211 -58.27 20.40 4.51
C ASN F 211 -57.24 21.06 5.43
N ASN F 212 -56.59 22.14 4.93
CA ASN F 212 -55.53 22.93 5.59
C ASN F 212 -54.28 22.08 5.92
N CYS F 213 -54.10 21.00 5.16
CA CYS F 213 -53.00 20.04 5.31
C CYS F 213 -52.17 19.98 4.02
N LYS F 214 -50.86 19.77 4.15
CA LYS F 214 -49.95 19.66 3.01
C LYS F 214 -49.64 18.19 2.71
N VAL F 215 -49.41 17.86 1.43
CA VAL F 215 -49.11 16.50 0.94
C VAL F 215 -47.88 15.84 1.61
N ASP F 216 -46.86 16.65 1.97
CA ASP F 216 -45.63 16.20 2.62
C ASP F 216 -45.84 15.84 4.10
N GLN F 217 -46.90 16.38 4.73
CA GLN F 217 -47.28 16.14 6.14
C GLN F 217 -48.04 14.81 6.33
N CYS F 218 -48.37 14.12 5.23
CA CYS F 218 -49.15 12.89 5.24
C CYS F 218 -48.39 11.62 4.83
N HIS F 219 -48.85 10.47 5.37
CA HIS F 219 -48.33 9.13 5.10
C HIS F 219 -49.51 8.24 4.73
N ALA F 220 -49.41 7.54 3.58
CA ALA F 220 -50.46 6.65 3.08
C ALA F 220 -49.88 5.30 2.69
N ALA F 221 -50.62 4.23 3.01
CA ALA F 221 -50.22 2.85 2.72
C ALA F 221 -51.41 1.92 2.49
N VAL F 222 -51.27 1.01 1.51
CA VAL F 222 -52.30 0.02 1.15
C VAL F 222 -52.11 -1.22 2.05
N THR F 223 -53.19 -1.65 2.72
CA THR F 223 -53.11 -2.74 3.67
C THR F 223 -53.67 -4.05 3.13
N ASN F 224 -53.71 -5.06 3.98
CA ASN F 224 -54.21 -6.38 3.61
C ASN F 224 -54.25 -7.31 4.82
N HIS F 225 -54.93 -6.88 5.87
CA HIS F 225 -55.04 -7.66 7.10
C HIS F 225 -55.68 -9.03 6.83
N LYS F 226 -55.02 -9.83 6.00
CA LYS F 226 -55.51 -11.17 5.68
C LYS F 226 -54.37 -12.07 5.25
N LYS F 227 -53.32 -12.10 6.07
CA LYS F 227 -52.13 -12.91 5.76
C LYS F 227 -51.09 -13.00 6.88
N TRP F 228 -50.24 -14.02 6.78
CA TRP F 228 -49.12 -14.28 7.68
C TRP F 228 -47.84 -14.07 6.91
N GLN F 229 -46.77 -13.72 7.61
CA GLN F 229 -45.46 -13.45 7.04
C GLN F 229 -44.42 -13.86 8.07
N TYR F 230 -43.25 -14.34 7.62
CA TYR F 230 -42.16 -14.71 8.53
C TYR F 230 -41.82 -13.51 9.41
N ASN F 231 -41.55 -13.76 10.71
CA ASN F 231 -41.18 -12.74 11.68
C ASN F 231 -39.75 -12.26 11.33
N SER F 232 -39.69 -11.43 10.27
CA SER F 232 -38.46 -10.91 9.67
C SER F 232 -37.91 -9.66 10.36
N PRO F 233 -36.61 -9.65 10.73
CA PRO F 233 -36.03 -8.42 11.31
C PRO F 233 -35.78 -7.32 10.26
N LEU F 234 -36.03 -7.64 8.97
CA LEU F 234 -35.87 -6.74 7.82
C LEU F 234 -37.18 -6.06 7.42
N VAL F 235 -38.28 -6.39 8.11
CA VAL F 235 -39.63 -5.88 7.88
C VAL F 235 -40.15 -5.32 9.22
N PRO F 236 -40.81 -4.14 9.29
CA PRO F 236 -41.28 -3.65 10.60
C PRO F 236 -42.44 -4.44 11.18
N ARG F 237 -42.58 -4.41 12.51
CA ARG F 237 -43.64 -5.09 13.25
C ARG F 237 -44.96 -4.34 13.02
N ASN F 238 -46.10 -5.04 13.10
CA ASN F 238 -47.41 -4.40 12.95
C ASN F 238 -47.66 -3.56 14.21
N ALA F 239 -47.82 -2.24 14.03
CA ALA F 239 -48.00 -1.27 15.11
C ALA F 239 -49.24 -1.46 15.97
N GLU F 240 -50.39 -1.84 15.36
CA GLU F 240 -51.67 -2.04 16.04
C GLU F 240 -51.63 -3.21 17.03
N LEU F 241 -51.29 -4.43 16.56
CA LEU F 241 -51.19 -5.61 17.41
C LEU F 241 -49.87 -5.66 18.17
N GLY F 242 -49.89 -6.22 19.38
CA GLY F 242 -48.73 -6.33 20.26
C GLY F 242 -47.74 -7.40 19.84
N ASP F 243 -47.45 -8.34 20.76
CA ASP F 243 -46.52 -9.45 20.52
C ASP F 243 -47.24 -10.69 19.95
N ARG F 244 -48.30 -10.45 19.14
CA ARG F 244 -49.12 -11.50 18.51
C ARG F 244 -48.31 -12.22 17.43
N LYS F 245 -48.20 -13.55 17.57
CA LYS F 245 -47.45 -14.39 16.64
C LYS F 245 -47.95 -15.82 16.56
N GLY F 246 -47.71 -16.44 15.41
CA GLY F 246 -47.99 -17.83 15.13
C GLY F 246 -46.70 -18.54 14.82
N LYS F 247 -46.77 -19.85 14.56
CA LYS F 247 -45.60 -20.66 14.20
C LYS F 247 -45.94 -21.72 13.18
N ILE F 248 -45.02 -21.97 12.24
CA ILE F 248 -45.24 -22.96 11.18
C ILE F 248 -44.03 -23.88 11.04
N HIS F 249 -44.26 -25.17 10.74
CA HIS F 249 -43.18 -26.14 10.53
C HIS F 249 -42.47 -25.83 9.21
N ILE F 250 -41.16 -26.13 9.14
CA ILE F 250 -40.35 -25.85 7.94
C ILE F 250 -39.73 -27.10 7.31
N PRO F 251 -39.50 -27.12 5.98
CA PRO F 251 -38.88 -28.31 5.36
C PRO F 251 -37.38 -28.38 5.64
N PHE F 252 -36.77 -29.51 5.27
CA PHE F 252 -35.33 -29.79 5.37
C PHE F 252 -34.71 -29.65 6.79
N PRO F 253 -35.21 -30.36 7.83
CA PRO F 253 -34.57 -30.24 9.15
C PRO F 253 -33.18 -30.89 9.20
N LEU F 254 -32.33 -30.42 10.14
CA LEU F 254 -31.00 -30.99 10.32
C LEU F 254 -31.14 -32.35 11.01
N ALA F 255 -30.45 -33.37 10.48
CA ALA F 255 -30.50 -34.73 11.02
C ALA F 255 -29.14 -35.43 10.94
N ASN F 256 -28.90 -36.36 11.89
CA ASN F 256 -27.67 -37.14 11.96
C ASN F 256 -27.77 -38.30 10.95
N VAL F 257 -26.79 -38.36 10.03
CA VAL F 257 -26.72 -39.36 8.97
C VAL F 257 -25.30 -39.97 8.90
N THR F 258 -24.99 -40.66 7.80
CA THR F 258 -23.70 -41.25 7.53
C THR F 258 -23.10 -40.68 6.24
N CYS F 259 -21.80 -40.36 6.29
CA CYS F 259 -21.04 -39.84 5.16
C CYS F 259 -19.98 -40.87 4.79
N ARG F 260 -19.95 -41.28 3.51
CA ARG F 260 -18.98 -42.25 3.04
C ARG F 260 -17.74 -41.52 2.52
N VAL F 261 -16.57 -42.00 3.02
CA VAL F 261 -15.19 -41.45 2.80
C VAL F 261 -14.01 -42.49 2.80
N PRO F 262 -12.85 -42.18 3.45
CA PRO F 262 -11.61 -42.98 3.32
C PRO F 262 -10.72 -43.29 4.58
N LYS F 263 -9.43 -43.64 4.38
CA LYS F 263 -8.51 -44.10 5.47
C LYS F 263 -6.96 -43.82 5.35
N ALA F 264 -6.11 -44.62 6.04
CA ALA F 264 -4.63 -44.36 6.15
C ALA F 264 -3.63 -45.58 6.30
N ARG F 265 -2.40 -45.33 6.81
CA ARG F 265 -1.30 -46.35 6.87
C ARG F 265 -0.23 -46.27 8.02
N ASN F 266 0.96 -46.90 7.81
CA ASN F 266 2.02 -47.05 8.87
C ASN F 266 3.55 -47.08 8.47
N PRO F 267 4.43 -47.53 9.39
CA PRO F 267 5.91 -47.43 9.20
C PRO F 267 6.87 -48.59 9.71
N THR F 268 8.14 -48.26 10.01
CA THR F 268 9.24 -49.23 10.35
C THR F 268 9.73 -49.22 11.82
N VAL F 269 10.97 -49.68 12.17
CA VAL F 269 11.22 -49.72 13.60
C VAL F 269 12.53 -50.41 14.02
N THR F 270 13.34 -49.70 14.82
CA THR F 270 14.61 -50.19 15.39
C THR F 270 14.54 -50.09 16.90
N TYR F 271 15.25 -50.98 17.63
CA TYR F 271 15.21 -51.00 19.09
C TYR F 271 16.53 -50.72 19.80
N GLY F 272 16.40 -50.31 21.07
CA GLY F 272 17.48 -50.01 22.00
C GLY F 272 17.02 -50.31 23.42
N LYS F 273 17.94 -50.23 24.41
CA LYS F 273 17.63 -50.50 25.82
C LYS F 273 16.60 -49.49 26.35
N ASN F 274 15.35 -49.98 26.60
CA ASN F 274 14.19 -49.21 27.06
C ASN F 274 13.89 -48.04 26.10
N GLN F 275 14.15 -48.25 24.80
CA GLN F 275 14.03 -47.24 23.76
C GLN F 275 13.54 -47.80 22.42
N VAL F 276 12.60 -47.09 21.78
CA VAL F 276 12.06 -47.43 20.46
C VAL F 276 12.30 -46.26 19.48
N ILE F 277 12.85 -46.59 18.29
CA ILE F 277 13.17 -45.60 17.26
C ILE F 277 12.36 -45.89 16.00
N MET F 278 11.53 -44.91 15.60
CA MET F 278 10.66 -45.01 14.42
C MET F 278 11.02 -43.99 13.36
N LEU F 279 11.18 -44.44 12.11
CA LEU F 279 11.45 -43.58 10.96
C LEU F 279 10.12 -43.35 10.25
N LEU F 280 9.49 -42.19 10.55
CA LEU F 280 8.17 -41.84 9.99
C LEU F 280 8.28 -41.21 8.62
N TYR F 281 7.54 -41.77 7.65
CA TYR F 281 7.47 -41.28 6.26
C TYR F 281 6.01 -40.96 5.89
N PRO F 282 5.43 -39.83 6.36
CA PRO F 282 4.03 -39.55 6.03
C PRO F 282 3.82 -38.98 4.63
N ASP F 283 2.72 -39.39 3.98
CA ASP F 283 2.34 -38.95 2.64
C ASP F 283 1.44 -37.71 2.73
N HIS F 284 0.97 -37.40 3.96
CA HIS F 284 0.09 -36.29 4.32
C HIS F 284 0.16 -36.07 5.86
N PRO F 285 -0.35 -34.94 6.44
CA PRO F 285 -0.27 -34.78 7.92
C PRO F 285 -0.86 -35.97 8.67
N THR F 286 -0.02 -36.60 9.51
CA THR F 286 -0.37 -37.80 10.26
C THR F 286 -0.13 -37.58 11.76
N LEU F 287 -1.18 -37.81 12.58
CA LEU F 287 -1.12 -37.64 14.02
C LEU F 287 -0.43 -38.81 14.71
N LEU F 288 0.64 -38.52 15.46
CA LEU F 288 1.40 -39.49 16.23
C LEU F 288 1.11 -39.23 17.71
N SER F 289 0.65 -40.27 18.43
CA SER F 289 0.34 -40.19 19.85
C SER F 289 0.94 -41.36 20.61
N TYR F 290 1.32 -41.13 21.88
CA TYR F 290 1.92 -42.16 22.72
C TYR F 290 1.66 -41.96 24.21
N ARG F 291 1.65 -43.07 24.96
CA ARG F 291 1.41 -43.09 26.41
C ARG F 291 2.06 -44.29 27.07
N ASN F 292 2.48 -44.12 28.33
CA ASN F 292 3.04 -45.19 29.15
C ASN F 292 1.85 -46.01 29.65
N MET F 293 1.98 -47.33 29.75
CA MET F 293 0.89 -48.20 30.21
C MET F 293 0.89 -48.46 31.72
N GLY F 294 1.42 -47.48 32.47
CA GLY F 294 1.49 -47.50 33.92
C GLY F 294 0.64 -46.44 34.58
N GLU F 295 0.95 -46.12 35.85
CA GLU F 295 0.25 -45.12 36.67
C GLU F 295 0.35 -43.70 36.11
N GLU F 296 1.51 -43.35 35.52
CA GLU F 296 1.77 -42.05 34.91
C GLU F 296 1.82 -42.23 33.38
N PRO F 297 0.67 -42.09 32.67
CA PRO F 297 0.68 -42.31 31.21
C PRO F 297 1.48 -41.28 30.42
N ASN F 298 1.48 -39.99 30.87
CA ASN F 298 2.19 -38.87 30.25
C ASN F 298 1.90 -38.81 28.74
N TYR F 299 0.61 -38.61 28.40
CA TYR F 299 0.14 -38.56 27.02
C TYR F 299 0.76 -37.40 26.25
N GLN F 300 1.34 -37.72 25.09
CA GLN F 300 1.97 -36.74 24.20
C GLN F 300 1.47 -36.96 22.78
N GLU F 301 1.29 -35.86 22.03
CA GLU F 301 0.85 -35.91 20.63
C GLU F 301 1.50 -34.86 19.76
N GLU F 302 1.70 -35.19 18.48
CA GLU F 302 2.29 -34.30 17.47
C GLU F 302 1.84 -34.67 16.07
N TRP F 303 1.55 -33.66 15.24
CA TRP F 303 1.17 -33.88 13.84
C TRP F 303 2.45 -33.93 13.03
N VAL F 304 2.73 -35.09 12.42
CA VAL F 304 3.93 -35.32 11.61
C VAL F 304 3.61 -34.94 10.16
N MET F 305 4.29 -33.89 9.67
CA MET F 305 4.09 -33.33 8.33
C MET F 305 4.96 -34.02 7.26
N HIS F 306 6.25 -34.27 7.58
CA HIS F 306 7.18 -34.93 6.66
C HIS F 306 8.17 -35.84 7.41
N LYS F 307 9.19 -36.38 6.69
CA LYS F 307 10.23 -37.29 7.19
C LYS F 307 10.80 -36.88 8.55
N LYS F 308 10.51 -37.67 9.59
CA LYS F 308 10.95 -37.40 10.96
C LYS F 308 11.26 -38.68 11.73
N GLU F 309 12.44 -38.71 12.39
CA GLU F 309 12.87 -39.83 13.23
C GLU F 309 12.44 -39.52 14.66
N VAL F 310 11.69 -40.44 15.28
CA VAL F 310 11.21 -40.27 16.65
C VAL F 310 11.82 -41.27 17.63
N VAL F 311 12.46 -40.75 18.69
CA VAL F 311 13.11 -41.55 19.74
C VAL F 311 12.18 -41.52 20.96
N LEU F 312 11.63 -42.68 21.32
CA LEU F 312 10.68 -42.83 22.44
C LEU F 312 11.19 -43.79 23.49
N THR F 313 10.99 -43.44 24.78
CA THR F 313 11.40 -44.27 25.90
C THR F 313 10.31 -45.30 26.25
N VAL F 314 10.69 -46.58 26.30
CA VAL F 314 9.78 -47.67 26.62
C VAL F 314 9.97 -48.06 28.10
N PRO F 315 9.03 -47.70 29.00
CA PRO F 315 9.19 -48.07 30.42
C PRO F 315 8.80 -49.53 30.67
N THR F 316 9.10 -50.03 31.89
CA THR F 316 8.83 -51.41 32.34
C THR F 316 7.36 -51.82 32.16
N GLU F 317 6.44 -50.89 32.45
CA GLU F 317 4.99 -51.07 32.35
C GLU F 317 4.53 -51.20 30.89
N GLY F 318 5.31 -50.63 29.97
CA GLY F 318 5.04 -50.67 28.53
C GLY F 318 4.67 -49.34 27.92
N LEU F 319 4.81 -49.23 26.59
CA LEU F 319 4.48 -48.02 25.81
C LEU F 319 3.50 -48.34 24.68
N GLU F 320 2.44 -47.53 24.56
CA GLU F 320 1.43 -47.67 23.50
C GLU F 320 1.61 -46.50 22.53
N VAL F 321 1.81 -46.78 21.22
CA VAL F 321 2.02 -45.77 20.18
C VAL F 321 0.96 -45.90 19.09
N THR F 322 0.28 -44.77 18.77
CA THR F 322 -0.73 -44.73 17.71
C THR F 322 -0.22 -43.80 16.59
N TRP F 323 -0.06 -44.38 15.40
CA TRP F 323 0.43 -43.68 14.21
C TRP F 323 -0.71 -43.57 13.19
N GLY F 324 -1.34 -42.39 13.16
CA GLY F 324 -2.46 -42.10 12.29
C GLY F 324 -3.67 -42.97 12.58
N ASN F 325 -4.32 -43.47 11.51
CA ASN F 325 -5.50 -44.32 11.61
C ASN F 325 -5.23 -45.80 11.88
N ASN F 326 -3.94 -46.18 12.05
CA ASN F 326 -3.53 -47.54 12.34
C ASN F 326 -3.90 -47.91 13.79
N GLU F 327 -4.07 -49.22 14.05
CA GLU F 327 -4.34 -49.74 15.39
C GLU F 327 -3.10 -49.49 16.26
N PRO F 328 -3.27 -49.16 17.57
CA PRO F 328 -2.08 -48.86 18.40
C PRO F 328 -1.04 -49.97 18.51
N TYR F 329 0.25 -49.59 18.40
CA TYR F 329 1.39 -50.50 18.55
C TYR F 329 1.73 -50.53 20.02
N LYS F 330 2.08 -51.69 20.55
CA LYS F 330 2.48 -51.84 21.95
C LYS F 330 3.90 -52.34 22.06
N TYR F 331 4.69 -51.70 22.94
CA TYR F 331 6.10 -52.04 23.16
C TYR F 331 6.40 -52.27 24.63
N TRP F 332 7.21 -53.30 24.93
CA TRP F 332 7.62 -53.67 26.28
C TRP F 332 9.13 -53.98 26.30
N PRO F 333 9.87 -53.67 27.39
CA PRO F 333 11.30 -54.04 27.43
C PRO F 333 11.49 -55.55 27.61
N GLN F 334 12.61 -56.10 27.11
CA GLN F 334 12.92 -57.53 27.21
C GLN F 334 13.30 -57.90 28.65
N TYR G 1 -8.68 45.72 40.95
CA TYR G 1 -7.78 44.89 41.76
C TYR G 1 -7.20 43.79 40.87
N GLU G 2 -5.85 43.70 40.82
CA GLU G 2 -5.18 42.68 40.01
C GLU G 2 -5.02 41.36 40.76
N HIS G 3 -5.69 40.31 40.28
CA HIS G 3 -5.59 38.97 40.83
C HIS G 3 -4.64 38.16 39.95
N VAL G 4 -3.56 37.65 40.56
CA VAL G 4 -2.53 36.87 39.85
C VAL G 4 -2.48 35.45 40.40
N THR G 5 -2.63 34.46 39.51
CA THR G 5 -2.56 33.03 39.83
C THR G 5 -1.85 32.25 38.71
N VAL G 6 -1.51 30.98 38.99
CA VAL G 6 -0.83 30.11 38.04
C VAL G 6 -1.56 28.77 37.99
N ILE G 7 -1.97 28.34 36.79
CA ILE G 7 -2.66 27.06 36.60
C ILE G 7 -1.82 26.14 35.71
N PRO G 8 -1.89 24.79 35.88
CA PRO G 8 -1.12 23.91 34.99
C PRO G 8 -1.66 23.99 33.56
N ASN G 9 -0.79 23.86 32.55
CA ASN G 9 -1.18 23.92 31.15
C ASN G 9 -1.86 22.60 30.74
N THR G 10 -3.08 22.38 31.26
CA THR G 10 -3.89 21.18 31.02
C THR G 10 -5.32 21.62 30.67
N VAL G 11 -5.77 21.20 29.49
CA VAL G 11 -7.10 21.53 28.95
C VAL G 11 -8.16 20.57 29.54
N GLY G 12 -9.36 21.10 29.77
CA GLY G 12 -10.50 20.34 30.28
C GLY G 12 -10.54 20.15 31.78
N VAL G 13 -9.73 20.91 32.53
CA VAL G 13 -9.68 20.83 33.99
C VAL G 13 -10.13 22.17 34.61
N PRO G 14 -11.32 22.24 35.25
CA PRO G 14 -11.75 23.50 35.87
C PRO G 14 -10.98 23.76 37.16
N TYR G 15 -10.40 24.96 37.28
CA TYR G 15 -9.63 25.37 38.46
C TYR G 15 -10.35 26.49 39.19
N LYS G 16 -10.35 26.43 40.53
CA LYS G 16 -10.99 27.43 41.37
C LYS G 16 -9.93 28.35 41.97
N THR G 17 -10.14 29.67 41.82
CA THR G 17 -9.22 30.67 42.36
C THR G 17 -9.95 31.62 43.30
N LEU G 18 -9.40 31.83 44.50
CA LEU G 18 -9.99 32.71 45.50
C LEU G 18 -9.40 34.12 45.40
N VAL G 19 -10.26 35.09 45.05
CA VAL G 19 -9.89 36.49 44.95
C VAL G 19 -10.24 37.14 46.29
N ASN G 20 -9.21 37.59 47.02
CA ASN G 20 -9.40 38.24 48.31
C ASN G 20 -8.86 39.67 48.30
N ARG G 21 -9.73 40.63 47.95
CA ARG G 21 -9.43 42.05 47.95
C ARG G 21 -9.68 42.53 49.39
N PRO G 22 -8.67 43.12 50.07
CA PRO G 22 -8.87 43.56 51.48
C PRO G 22 -10.03 44.52 51.66
N GLY G 23 -10.92 44.19 52.61
CA GLY G 23 -12.11 44.95 52.92
C GLY G 23 -13.31 44.65 52.04
N TYR G 24 -13.16 43.65 51.15
CA TYR G 24 -14.21 43.22 50.21
C TYR G 24 -14.46 41.74 50.36
N SER G 25 -15.73 41.32 50.25
CA SER G 25 -16.15 39.92 50.36
C SER G 25 -15.39 39.02 49.37
N PRO G 26 -14.94 37.82 49.81
CA PRO G 26 -14.20 36.93 48.89
C PRO G 26 -14.95 36.58 47.62
N MET G 27 -14.21 36.43 46.52
CA MET G 27 -14.76 36.13 45.19
C MET G 27 -14.11 34.86 44.65
N VAL G 28 -14.92 33.88 44.24
CA VAL G 28 -14.41 32.63 43.67
C VAL G 28 -14.61 32.63 42.16
N LEU G 29 -13.50 32.50 41.42
CA LEU G 29 -13.53 32.45 39.96
C LEU G 29 -13.12 31.06 39.49
N GLU G 30 -13.93 30.45 38.61
CA GLU G 30 -13.64 29.15 38.02
C GLU G 30 -13.01 29.43 36.66
N MET G 31 -11.83 28.85 36.40
CA MET G 31 -11.10 29.02 35.14
C MET G 31 -10.82 27.67 34.53
N GLU G 32 -11.05 27.55 33.21
CA GLU G 32 -10.83 26.31 32.47
C GLU G 32 -10.24 26.62 31.11
N LEU G 33 -9.10 26.00 30.80
CA LEU G 33 -8.42 26.22 29.53
C LEU G 33 -9.39 26.69 28.45
N LEU G 34 -8.96 27.69 27.68
CA LEU G 34 -9.80 28.23 26.60
C LEU G 34 -9.40 27.62 25.26
N SER G 35 -8.11 27.44 25.04
CA SER G 35 -7.61 26.85 23.81
C SER G 35 -6.40 27.61 23.27
N VAL G 36 -5.28 27.52 23.98
CA VAL G 36 -4.06 28.19 23.55
C VAL G 36 -3.65 27.75 22.15
N THR G 37 -2.77 28.50 21.52
CA THR G 37 -2.32 28.19 20.17
C THR G 37 -0.86 28.60 19.92
N LEU G 38 -0.07 27.67 19.35
CA LEU G 38 1.32 27.87 18.96
C LEU G 38 1.38 27.69 17.45
N GLU G 39 1.30 28.80 16.70
CA GLU G 39 1.30 28.80 15.24
C GLU G 39 2.69 29.15 14.68
N PRO G 40 3.46 28.16 14.16
CA PRO G 40 4.78 28.49 13.62
C PRO G 40 4.72 29.17 12.25
N THR G 41 5.73 30.00 11.94
CA THR G 41 5.84 30.68 10.65
C THR G 41 6.34 29.66 9.63
N LEU G 42 5.56 29.42 8.57
CA LEU G 42 5.90 28.41 7.55
C LEU G 42 6.42 29.00 6.25
N SER G 43 7.43 28.31 5.68
CA SER G 43 8.03 28.65 4.40
C SER G 43 8.08 27.37 3.56
N LEU G 44 7.22 27.30 2.54
CA LEU G 44 7.10 26.15 1.65
C LEU G 44 8.35 25.93 0.81
N ASP G 45 8.98 24.76 0.98
CA ASP G 45 10.18 24.36 0.24
C ASP G 45 9.74 23.72 -1.08
N TYR G 46 8.83 22.73 -0.98
CA TYR G 46 8.26 21.99 -2.11
C TYR G 46 7.06 21.16 -1.68
N ILE G 47 6.35 20.61 -2.66
CA ILE G 47 5.26 19.67 -2.47
C ILE G 47 5.66 18.35 -3.14
N THR G 48 5.13 17.23 -2.64
CA THR G 48 5.35 15.92 -3.23
C THR G 48 4.02 15.19 -3.34
N CYS G 49 3.93 14.26 -4.29
CA CYS G 49 2.73 13.51 -4.60
C CYS G 49 3.12 12.28 -5.41
N GLU G 50 2.13 11.53 -5.93
CA GLU G 50 2.36 10.36 -6.75
C GLU G 50 2.86 10.83 -8.12
N TYR G 51 3.88 10.15 -8.66
CA TYR G 51 4.42 10.53 -9.96
C TYR G 51 3.63 9.82 -11.07
N LYS G 52 3.79 10.30 -12.32
CA LYS G 52 3.18 9.70 -13.50
C LYS G 52 4.29 9.47 -14.52
N THR G 53 4.84 8.66 -16.53
CA THR G 53 5.90 8.47 -17.51
C THR G 53 5.36 8.90 -18.87
N VAL G 54 5.80 10.08 -19.34
CA VAL G 54 5.35 10.63 -20.61
C VAL G 54 6.14 10.02 -21.74
N ILE G 55 5.45 9.20 -22.55
CA ILE G 55 6.06 8.53 -23.69
C ILE G 55 5.31 8.89 -24.97
N PRO G 56 5.89 9.75 -25.84
CA PRO G 56 5.19 10.07 -27.10
C PRO G 56 5.35 8.91 -28.10
N SER G 57 4.76 9.07 -29.29
CA SER G 57 4.88 8.10 -30.37
C SER G 57 6.37 7.97 -30.74
N PRO G 58 6.93 6.74 -30.85
CA PRO G 58 8.36 6.64 -31.16
C PRO G 58 8.68 7.10 -32.58
N TYR G 59 9.84 7.74 -32.76
CA TYR G 59 10.24 8.20 -34.08
C TYR G 59 10.94 7.06 -34.83
N VAL G 60 10.17 6.39 -35.70
CA VAL G 60 10.68 5.29 -36.52
C VAL G 60 11.17 5.93 -37.83
N LYS G 61 12.50 6.12 -37.94
CA LYS G 61 13.10 6.70 -39.14
C LYS G 61 13.39 5.60 -40.15
N CYS G 62 12.53 5.52 -41.20
CA CYS G 62 12.70 4.53 -42.26
C CYS G 62 13.81 4.97 -43.18
N CYS G 63 14.72 4.03 -43.51
CA CYS G 63 15.88 4.22 -44.40
C CYS G 63 16.88 5.28 -43.90
N GLY G 64 16.91 5.52 -42.59
CA GLY G 64 17.81 6.49 -41.99
C GLY G 64 18.11 6.26 -40.52
N THR G 65 19.04 7.06 -39.98
CA THR G 65 19.47 6.99 -38.58
C THR G 65 18.95 8.22 -37.82
N ALA G 66 18.14 7.96 -36.78
CA ALA G 66 17.59 9.01 -35.91
C ALA G 66 18.67 9.43 -34.91
N GLU G 67 18.60 10.67 -34.39
CA GLU G 67 19.59 11.20 -33.45
C GLU G 67 18.97 11.68 -32.15
N CYS G 68 19.50 11.20 -31.00
CA CYS G 68 19.06 11.59 -29.67
C CYS G 68 19.72 12.91 -29.26
N LYS G 69 18.93 13.82 -28.70
CA LYS G 69 19.43 15.11 -28.20
C LYS G 69 19.13 15.27 -26.71
N ASP G 70 20.06 15.88 -25.96
CA ASP G 70 19.91 16.09 -24.52
C ASP G 70 18.82 17.12 -24.21
N LYS G 71 17.72 16.66 -23.62
CA LYS G 71 16.57 17.50 -23.26
C LYS G 71 16.49 17.67 -21.74
N ASN G 72 16.39 18.94 -21.28
CA ASN G 72 16.29 19.26 -19.87
C ASN G 72 14.88 18.98 -19.33
N LEU G 73 14.58 17.69 -19.15
CA LEU G 73 13.31 17.17 -18.63
C LEU G 73 13.61 16.14 -17.52
N PRO G 74 12.74 16.01 -16.49
CA PRO G 74 13.06 15.05 -15.40
C PRO G 74 13.07 13.60 -15.87
N ASP G 75 14.15 12.86 -15.51
CA ASP G 75 14.40 11.46 -15.89
C ASP G 75 14.37 11.26 -17.41
N TYR G 76 14.87 12.25 -18.19
CA TYR G 76 14.87 12.17 -19.64
C TYR G 76 15.71 11.00 -20.14
N SER G 77 15.07 10.14 -20.93
CA SER G 77 15.69 8.95 -21.49
C SER G 77 15.47 8.93 -23.00
N CYS G 78 16.56 8.72 -23.76
CA CYS G 78 16.54 8.63 -25.22
C CYS G 78 17.47 7.53 -25.67
N LYS G 79 17.00 6.69 -26.60
CA LYS G 79 17.77 5.58 -27.16
C LYS G 79 17.37 5.33 -28.61
N VAL G 80 18.36 5.21 -29.50
CA VAL G 80 18.15 4.93 -30.92
C VAL G 80 18.49 3.46 -31.16
N PHE G 81 17.49 2.67 -31.60
CA PHE G 81 17.64 1.25 -31.87
C PHE G 81 17.79 0.98 -33.36
N THR G 82 18.90 0.34 -33.74
CA THR G 82 19.22 0.00 -35.14
C THR G 82 18.69 -1.39 -35.53
N GLY G 83 18.54 -1.62 -36.83
CA GLY G 83 18.08 -2.89 -37.37
C GLY G 83 16.63 -3.23 -37.12
N VAL G 84 15.77 -2.20 -37.00
CA VAL G 84 14.34 -2.39 -36.78
C VAL G 84 13.58 -2.57 -38.10
N TYR G 85 12.53 -3.38 -38.09
CA TYR G 85 11.67 -3.61 -39.25
C TYR G 85 10.23 -3.75 -38.73
N PRO G 86 9.60 -2.62 -38.31
CA PRO G 86 8.25 -2.72 -37.73
C PRO G 86 7.13 -2.90 -38.74
N PHE G 87 6.06 -3.57 -38.29
CA PHE G 87 4.87 -3.85 -39.08
C PHE G 87 3.64 -3.18 -38.49
N MET G 88 2.72 -2.80 -39.37
CA MET G 88 1.40 -2.26 -39.03
C MET G 88 0.40 -3.26 -39.62
N TRP G 89 -0.92 -3.01 -39.49
CA TRP G 89 -1.95 -3.94 -39.99
C TRP G 89 -1.78 -4.35 -41.47
N GLY G 90 -1.49 -3.39 -42.34
CA GLY G 90 -1.34 -3.61 -43.78
C GLY G 90 0.05 -3.90 -44.29
N GLY G 91 0.93 -4.34 -43.41
CA GLY G 91 2.31 -4.69 -43.76
C GLY G 91 3.37 -3.85 -43.08
N ALA G 92 4.61 -3.93 -43.62
CA ALA G 92 5.78 -3.22 -43.13
C ALA G 92 5.65 -1.71 -43.24
N TYR G 93 6.01 -0.99 -42.16
CA TYR G 93 5.96 0.47 -42.07
C TYR G 93 7.09 1.12 -42.90
N CYS G 94 8.25 0.45 -43.01
CA CYS G 94 9.41 0.97 -43.75
C CYS G 94 9.62 0.30 -45.11
N PHE G 95 10.08 1.08 -46.09
CA PHE G 95 10.39 0.63 -47.45
C PHE G 95 11.66 -0.23 -47.45
N CYS G 96 12.66 0.15 -46.62
CA CYS G 96 13.94 -0.54 -46.49
C CYS G 96 13.86 -1.78 -45.61
N ASP G 97 14.63 -2.82 -45.98
CA ASP G 97 14.73 -4.08 -45.23
C ASP G 97 15.65 -3.85 -44.02
N ALA G 98 16.82 -3.24 -44.26
CA ALA G 98 17.82 -2.88 -43.26
C ALA G 98 17.95 -1.35 -43.21
N GLU G 99 18.74 -0.81 -42.25
CA GLU G 99 19.00 0.62 -42.07
C GLU G 99 17.82 1.48 -41.60
N ASN G 100 16.88 0.88 -40.85
CA ASN G 100 15.75 1.58 -40.24
C ASN G 100 16.04 1.72 -38.75
N THR G 101 15.77 2.89 -38.18
CA THR G 101 16.03 3.13 -36.75
C THR G 101 14.80 3.58 -35.99
N GLN G 102 14.68 3.20 -34.71
CA GLN G 102 13.60 3.66 -33.85
C GLN G 102 14.17 4.47 -32.71
N LEU G 103 13.73 5.73 -32.60
CA LEU G 103 14.13 6.62 -31.52
C LEU G 103 13.05 6.51 -30.44
N SER G 104 13.40 5.90 -29.30
CA SER G 104 12.51 5.79 -28.15
C SER G 104 12.80 6.95 -27.23
N GLU G 105 11.74 7.66 -26.83
CA GLU G 105 11.83 8.87 -26.01
C GLU G 105 10.87 8.80 -24.82
N ALA G 106 11.35 9.25 -23.64
CA ALA G 106 10.56 9.26 -22.40
C ALA G 106 11.10 10.24 -21.36
N HIS G 107 10.18 10.78 -20.54
CA HIS G 107 10.47 11.68 -19.41
C HIS G 107 9.43 11.52 -18.31
N VAL G 108 9.74 11.99 -17.10
CA VAL G 108 8.85 11.89 -15.95
C VAL G 108 8.34 13.28 -15.53
N GLU G 109 6.52 13.16 -14.67
CA GLU G 109 5.85 14.41 -14.34
C GLU G 109 4.84 14.16 -13.21
N LYS G 110 4.22 15.23 -12.71
CA LYS G 110 3.22 15.12 -11.64
C LYS G 110 1.99 14.38 -12.15
N SER G 111 1.43 13.50 -11.32
CA SER G 111 0.21 12.76 -11.66
C SER G 111 -0.99 13.71 -11.57
N GLU G 112 -2.12 13.32 -12.17
CA GLU G 112 -3.38 14.08 -12.18
C GLU G 112 -3.88 14.27 -10.74
N SER G 113 -3.46 13.35 -9.84
CA SER G 113 -3.79 13.30 -8.42
C SER G 113 -3.10 14.37 -7.57
N CYS G 114 -1.99 14.95 -8.05
CA CYS G 114 -1.19 15.93 -7.34
C CYS G 114 -1.89 17.17 -6.77
N LYS G 115 -3.02 17.56 -7.37
CA LYS G 115 -3.84 18.69 -6.92
C LYS G 115 -4.68 18.29 -5.70
N THR G 116 -5.09 17.01 -5.65
CA THR G 116 -5.94 16.42 -4.59
C THR G 116 -5.12 15.70 -3.51
N GLU G 117 -4.22 14.79 -3.93
CA GLU G 117 -3.39 13.97 -3.03
C GLU G 117 -1.93 14.44 -3.06
N PHE G 118 -1.53 15.17 -2.01
CA PHE G 118 -0.17 15.72 -1.90
C PHE G 118 0.27 15.98 -0.45
N ALA G 119 1.59 16.02 -0.24
CA ALA G 119 2.22 16.33 1.04
C ALA G 119 3.11 17.55 0.82
N SER G 120 3.07 18.51 1.77
CA SER G 120 3.84 19.74 1.66
C SER G 120 5.01 19.76 2.64
N ALA G 121 6.21 20.10 2.14
CA ALA G 121 7.43 20.21 2.94
C ALA G 121 7.66 21.68 3.34
N TYR G 122 7.55 21.98 4.64
CA TYR G 122 7.69 23.35 5.18
C TYR G 122 8.88 23.51 6.10
N ARG G 123 9.44 24.73 6.10
CA ARG G 123 10.51 25.14 7.02
C ARG G 123 9.80 25.90 8.14
N ALA G 124 9.71 25.29 9.33
CA ALA G 124 9.02 25.87 10.49
C ALA G 124 10.00 26.57 11.45
N HIS G 125 9.71 27.84 11.78
CA HIS G 125 10.54 28.66 12.67
C HIS G 125 9.72 29.64 13.51
N THR G 126 10.31 30.12 14.64
CA THR G 126 9.79 31.06 15.63
C THR G 126 8.26 31.17 15.71
N ALA G 127 7.64 30.28 16.52
CA ALA G 127 6.20 30.21 16.69
C ALA G 127 5.64 31.37 17.51
N SER G 128 4.47 31.88 17.11
CA SER G 128 3.76 32.95 17.78
C SER G 128 2.74 32.33 18.73
N ALA G 129 2.89 32.58 20.04
CA ALA G 129 2.00 32.04 21.08
C ALA G 129 0.78 32.94 21.26
N SER G 130 -0.42 32.34 21.21
CA SER G 130 -1.70 33.04 21.36
C SER G 130 -2.57 32.32 22.39
N ALA G 131 -3.39 33.08 23.14
CA ALA G 131 -4.26 32.51 24.17
C ALA G 131 -5.67 33.10 24.17
N LYS G 132 -6.65 32.24 24.40
CA LYS G 132 -8.04 32.65 24.59
C LYS G 132 -8.44 32.39 26.04
N LEU G 133 -9.51 31.63 26.25
CA LEU G 133 -9.92 31.25 27.60
C LEU G 133 -11.38 31.60 27.93
N ARG G 134 -11.87 31.05 29.04
CA ARG G 134 -13.23 31.31 29.50
C ARG G 134 -13.20 31.97 30.87
N VAL G 135 -14.02 31.48 31.80
CA VAL G 135 -14.03 32.03 33.16
C VAL G 135 -15.47 32.17 33.67
N LEU G 136 -15.78 31.54 34.82
CA LEU G 136 -17.09 31.67 35.45
C LEU G 136 -17.00 33.00 36.20
N TYR G 137 -17.52 34.06 35.57
CA TYR G 137 -17.47 35.42 36.08
C TYR G 137 -18.87 36.02 36.20
N GLN G 138 -19.27 36.34 37.45
CA GLN G 138 -20.57 36.90 37.84
C GLN G 138 -21.76 35.99 37.45
N GLY G 139 -21.60 34.69 37.74
CA GLY G 139 -22.60 33.66 37.46
C GLY G 139 -22.77 33.32 36.00
N ASN G 140 -21.92 33.89 35.13
CA ASN G 140 -21.93 33.68 33.68
C ASN G 140 -20.58 33.20 33.17
N ASN G 141 -20.59 32.40 32.10
CA ASN G 141 -19.36 31.90 31.49
C ASN G 141 -18.88 32.85 30.41
N ILE G 142 -17.65 33.36 30.58
CA ILE G 142 -17.03 34.27 29.61
C ILE G 142 -15.84 33.60 28.95
N THR G 143 -15.63 33.89 27.66
CA THR G 143 -14.54 33.30 26.88
C THR G 143 -13.47 34.36 26.57
N VAL G 144 -12.21 34.06 26.93
CA VAL G 144 -11.08 34.95 26.72
C VAL G 144 -10.09 34.26 25.79
N THR G 145 -9.81 34.88 24.63
CA THR G 145 -8.84 34.39 23.66
C THR G 145 -7.69 35.39 23.62
N ALA G 146 -6.50 34.95 24.05
CA ALA G 146 -5.32 35.81 24.12
C ALA G 146 -4.03 35.05 23.84
N TYR G 147 -3.00 35.78 23.38
CA TYR G 147 -1.67 35.22 23.15
C TYR G 147 -1.02 35.04 24.51
N ALA G 148 -0.50 33.83 24.78
CA ALA G 148 0.13 33.46 26.05
C ALA G 148 1.59 33.95 26.18
N ASN G 149 1.81 35.24 25.87
CA ASN G 149 3.12 35.89 25.91
C ASN G 149 3.31 36.82 27.14
N GLY G 150 2.23 37.03 27.89
CA GLY G 150 2.23 37.90 29.07
C GLY G 150 2.24 39.38 28.73
N ASP G 151 1.81 39.73 27.50
CA ASP G 151 1.76 41.11 27.02
C ASP G 151 0.40 41.47 26.44
N HIS G 152 -0.22 40.55 25.69
CA HIS G 152 -1.52 40.73 25.04
C HIS G 152 -2.66 40.85 26.06
N ALA G 153 -3.16 42.07 26.28
CA ALA G 153 -4.23 42.36 27.21
C ALA G 153 -5.60 42.29 26.52
N VAL G 154 -6.48 41.41 27.01
CA VAL G 154 -7.83 41.21 26.48
C VAL G 154 -8.85 41.55 27.55
N THR G 155 -9.74 42.51 27.25
CA THR G 155 -10.76 42.98 28.18
C THR G 155 -12.15 42.45 27.81
N VAL G 156 -12.75 41.68 28.73
CA VAL G 156 -14.10 41.10 28.61
C VAL G 156 -14.87 41.48 29.86
N LYS G 157 -15.98 42.24 29.69
CA LYS G 157 -16.86 42.74 30.76
C LYS G 157 -16.09 43.58 31.80
N ASP G 158 -15.21 44.48 31.29
CA ASP G 158 -14.35 45.41 32.04
C ASP G 158 -13.19 44.74 32.83
N ALA G 159 -13.09 43.40 32.75
CA ALA G 159 -12.04 42.62 33.40
C ALA G 159 -10.90 42.39 32.39
N LYS G 160 -9.71 42.96 32.68
CA LYS G 160 -8.54 42.87 31.81
C LYS G 160 -7.73 41.61 32.09
N PHE G 161 -7.53 40.79 31.05
CA PHE G 161 -6.82 39.52 31.14
C PHE G 161 -5.46 39.56 30.46
N ILE G 162 -4.43 39.09 31.17
CA ILE G 162 -3.06 38.95 30.68
C ILE G 162 -2.68 37.49 30.95
N VAL G 163 -2.54 36.73 29.86
CA VAL G 163 -2.25 35.30 29.88
C VAL G 163 -0.75 35.05 29.55
N GLY G 164 -0.12 34.20 30.35
CA GLY G 164 1.27 33.84 30.18
C GLY G 164 2.27 34.78 30.85
N PRO G 165 3.57 34.73 30.49
CA PRO G 165 4.21 33.85 29.48
C PRO G 165 4.28 32.38 29.91
N MET G 166 4.22 31.46 28.93
CA MET G 166 4.28 30.01 29.13
C MET G 166 5.58 29.61 29.83
N SER G 167 5.49 28.71 30.84
CA SER G 167 6.67 28.25 31.58
C SER G 167 7.57 27.39 30.70
N SER G 168 6.97 26.70 29.72
CA SER G 168 7.67 25.86 28.76
C SER G 168 7.55 26.46 27.35
N ALA G 169 8.68 26.55 26.65
CA ALA G 169 8.70 27.10 25.30
C ALA G 169 8.81 25.99 24.26
N TRP G 170 8.84 24.75 24.74
CA TRP G 170 8.95 23.59 23.84
C TRP G 170 7.84 23.61 22.79
N THR G 171 8.18 23.19 21.57
CA THR G 171 7.22 23.16 20.48
C THR G 171 7.34 21.85 19.69
N PRO G 172 6.30 21.03 19.74
CA PRO G 172 6.27 19.75 19.02
C PRO G 172 6.52 19.94 17.52
N PHE G 173 7.16 21.05 17.16
CA PHE G 173 7.44 21.34 15.76
C PHE G 173 8.93 21.61 15.54
N ASP G 174 9.60 20.66 14.91
CA ASP G 174 11.04 20.80 14.64
C ASP G 174 11.23 21.86 13.54
N ASN G 175 12.48 22.09 13.09
CA ASN G 175 12.81 23.07 12.04
C ASN G 175 12.17 22.69 10.69
N LYS G 176 12.05 21.37 10.41
CA LYS G 176 11.49 20.86 9.17
C LYS G 176 10.25 20.00 9.44
N ILE G 177 9.12 20.36 8.80
CA ILE G 177 7.84 19.65 8.97
C ILE G 177 7.21 19.25 7.63
N VAL G 178 6.38 18.19 7.66
CA VAL G 178 5.65 17.67 6.49
C VAL G 178 4.15 17.64 6.84
N VAL G 179 3.31 18.23 5.96
CA VAL G 179 1.87 18.32 6.16
C VAL G 179 1.10 17.54 5.10
N TYR G 180 0.23 16.61 5.54
CA TYR G 180 -0.65 15.83 4.68
C TYR G 180 -2.06 15.97 5.22
N LYS G 181 -2.91 16.73 4.50
CA LYS G 181 -4.30 17.03 4.85
C LYS G 181 -4.41 17.62 6.27
N GLY G 182 -4.98 16.86 7.22
CA GLY G 182 -5.11 17.30 8.60
C GLY G 182 -4.04 16.79 9.54
N ASP G 183 -2.98 16.17 8.98
CA ASP G 183 -1.87 15.59 9.74
C ASP G 183 -0.53 16.29 9.51
N VAL G 184 0.22 16.52 10.60
CA VAL G 184 1.54 17.17 10.58
C VAL G 184 2.57 16.16 11.11
N TYR G 185 3.75 16.12 10.47
CA TYR G 185 4.83 15.20 10.84
C TYR G 185 6.15 15.95 10.96
N ASN G 186 6.94 15.62 11.98
CA ASN G 186 8.29 16.17 12.14
C ASN G 186 9.18 15.30 11.26
N MET G 187 9.70 15.87 10.18
CA MET G 187 10.52 15.10 9.25
C MET G 187 11.65 15.91 8.65
N ASP G 188 12.88 15.36 8.73
CA ASP G 188 14.07 15.96 8.13
C ASP G 188 14.06 15.52 6.66
N TYR G 189 13.07 16.03 5.90
CA TYR G 189 12.82 15.72 4.50
C TYR G 189 14.03 16.04 3.60
N PRO G 190 14.25 15.30 2.49
CA PRO G 190 15.40 15.64 1.64
C PRO G 190 15.21 17.01 0.97
N PRO G 191 16.26 17.84 0.81
CA PRO G 191 16.06 19.14 0.15
C PRO G 191 15.67 18.97 -1.33
N PHE G 192 15.23 20.05 -1.99
CA PHE G 192 14.85 20.01 -3.39
C PHE G 192 16.06 19.59 -4.25
N GLY G 193 15.84 18.60 -5.10
CA GLY G 193 16.87 18.06 -5.98
C GLY G 193 17.74 16.99 -5.33
N ALA G 194 17.28 16.44 -4.18
CA ALA G 194 18.01 15.42 -3.42
C ALA G 194 17.15 14.19 -3.07
N GLY G 195 15.95 14.12 -3.64
CA GLY G 195 15.01 13.03 -3.42
C GLY G 195 15.50 11.70 -3.95
N ARG G 196 15.27 10.62 -3.19
CA ARG G 196 15.69 9.26 -3.50
C ARG G 196 14.57 8.43 -4.17
N PRO G 197 14.90 7.44 -5.05
CA PRO G 197 13.84 6.63 -5.66
C PRO G 197 13.10 5.76 -4.65
N GLY G 198 11.78 5.65 -4.81
CA GLY G 198 10.90 4.88 -3.94
C GLY G 198 10.73 5.41 -2.53
N GLN G 199 11.22 6.63 -2.29
CA GLN G 199 11.19 7.30 -0.99
C GLN G 199 10.53 8.69 -1.12
N PHE G 200 10.14 9.29 0.04
CA PHE G 200 9.52 10.61 0.11
C PHE G 200 10.43 11.62 -0.61
N GLY G 201 9.89 12.21 -1.67
CA GLY G 201 10.63 13.19 -2.47
C GLY G 201 11.20 12.66 -3.76
N ASP G 202 10.79 11.44 -4.21
CA ASP G 202 11.23 10.84 -5.48
C ASP G 202 10.86 11.79 -6.63
N ILE G 203 9.75 12.53 -6.44
CA ILE G 203 9.26 13.59 -7.28
C ILE G 203 9.09 14.83 -6.38
N GLN G 204 9.64 15.98 -6.81
CA GLN G 204 9.55 17.23 -6.03
C GLN G 204 9.12 18.39 -6.91
N SER G 205 8.07 19.09 -6.49
CA SER G 205 7.54 20.27 -7.17
C SER G 205 7.55 21.43 -6.18
N ARG G 206 8.30 22.51 -6.50
CA ARG G 206 8.45 23.71 -5.66
C ARG G 206 7.12 24.29 -5.18
N THR G 207 6.11 24.33 -6.07
CA THR G 207 4.74 24.79 -5.81
C THR G 207 3.78 23.80 -6.50
N PRO G 208 2.49 23.67 -6.09
CA PRO G 208 1.60 22.72 -6.79
C PRO G 208 1.24 23.12 -8.23
N GLU G 209 1.50 24.40 -8.61
CA GLU G 209 1.24 24.96 -9.94
C GLU G 209 2.45 24.84 -10.89
N SER G 210 3.66 24.62 -10.32
CA SER G 210 4.94 24.50 -11.02
C SER G 210 4.90 23.56 -12.24
N LYS G 211 5.39 24.04 -13.38
CA LYS G 211 5.43 23.30 -14.64
C LYS G 211 6.55 22.26 -14.63
N ASP G 212 7.77 22.69 -14.23
CA ASP G 212 8.94 21.82 -14.14
C ASP G 212 9.05 21.19 -12.77
N VAL G 213 9.37 19.89 -12.72
CA VAL G 213 9.50 19.13 -11.47
C VAL G 213 10.83 18.38 -11.43
N TYR G 214 11.29 18.02 -10.22
CA TYR G 214 12.49 17.21 -10.04
C TYR G 214 12.01 15.75 -9.93
N ALA G 215 12.73 14.82 -10.57
CA ALA G 215 12.39 13.40 -10.52
C ALA G 215 13.61 12.51 -10.48
N ASN G 216 13.60 11.54 -9.57
CA ASN G 216 14.63 10.52 -9.40
C ASN G 216 13.88 9.24 -8.99
N THR G 217 13.35 8.54 -10.00
CA THR G 217 12.54 7.34 -9.83
C THR G 217 13.22 6.05 -10.28
N GLN G 218 14.47 5.48 -11.95
CA GLN G 218 15.29 4.43 -12.58
C GLN G 218 14.71 4.01 -13.94
N LEU G 219 14.23 5.00 -14.72
CA LEU G 219 13.65 4.82 -16.04
C LEU G 219 14.72 4.41 -17.06
N VAL G 220 14.56 3.20 -17.65
CA VAL G 220 15.49 2.64 -18.64
C VAL G 220 14.68 2.13 -19.84
N LEU G 221 14.97 2.65 -21.03
CA LEU G 221 14.28 2.27 -22.26
C LEU G 221 14.87 0.97 -22.82
N GLN G 222 13.99 0.06 -23.27
CA GLN G 222 14.38 -1.25 -23.81
C GLN G 222 14.15 -1.32 -25.33
N ARG G 223 14.86 -2.24 -25.99
CA ARG G 223 14.74 -2.46 -27.43
C ARG G 223 13.35 -3.04 -27.75
N PRO G 224 12.59 -2.46 -28.73
CA PRO G 224 11.26 -3.00 -29.04
C PRO G 224 11.29 -4.40 -29.62
N ALA G 225 10.19 -5.15 -29.46
CA ALA G 225 10.00 -6.51 -29.97
C ALA G 225 10.07 -6.51 -31.49
N ALA G 226 10.53 -7.63 -32.08
CA ALA G 226 10.68 -7.81 -33.52
C ALA G 226 9.37 -7.48 -34.27
N GLY G 227 9.47 -6.54 -35.21
CA GLY G 227 8.36 -6.06 -36.02
C GLY G 227 7.22 -5.41 -35.28
N THR G 228 7.50 -4.86 -34.08
CA THR G 228 6.50 -4.25 -33.22
C THR G 228 6.78 -2.79 -32.92
N VAL G 229 5.74 -1.93 -33.09
CA VAL G 229 5.83 -0.53 -32.75
C VAL G 229 5.26 -0.38 -31.34
N HIS G 230 6.16 -0.09 -30.39
CA HIS G 230 5.88 0.13 -28.97
C HIS G 230 7.15 0.67 -28.31
N VAL G 231 7.02 1.20 -27.09
CA VAL G 231 8.15 1.75 -26.34
C VAL G 231 8.30 0.97 -25.03
N PRO G 232 8.97 -0.22 -25.05
CA PRO G 232 9.13 -0.97 -23.80
C PRO G 232 10.16 -0.29 -22.89
N TYR G 233 9.95 -0.40 -21.57
CA TYR G 233 10.80 0.22 -20.57
C TYR G 233 10.74 -0.50 -19.22
N SER G 234 11.75 -0.27 -18.39
CA SER G 234 11.84 -0.76 -17.02
C SER G 234 11.92 0.49 -16.12
N GLN G 235 11.13 0.49 -15.05
CA GLN G 235 11.04 1.62 -14.13
C GLN G 235 10.57 1.13 -12.77
N ALA G 236 11.32 2.42 -9.61
CA ALA G 236 11.05 2.30 -8.19
C ALA G 236 9.61 2.81 -7.91
N PRO G 237 8.78 2.05 -7.16
CA PRO G 237 7.39 2.50 -6.92
C PRO G 237 7.28 3.86 -6.22
N SER G 238 6.11 4.52 -6.36
CA SER G 238 5.81 5.84 -5.78
C SER G 238 6.27 6.01 -4.33
N GLY G 239 7.15 6.99 -4.12
CA GLY G 239 7.69 7.34 -2.81
C GLY G 239 6.64 7.94 -1.90
N PHE G 240 5.68 8.68 -2.49
CA PHE G 240 4.57 9.30 -1.77
C PHE G 240 3.60 8.24 -1.29
N LYS G 241 3.27 7.25 -2.15
CA LYS G 241 2.41 6.11 -1.79
C LYS G 241 3.08 5.29 -0.69
N TYR G 242 4.41 5.16 -0.77
CA TYR G 242 5.22 4.45 0.22
C TYR G 242 5.22 5.21 1.55
N TRP G 243 5.42 6.54 1.51
CA TRP G 243 5.40 7.37 2.72
C TRP G 243 4.03 7.35 3.41
N LEU G 244 2.92 7.35 2.63
CA LEU G 244 1.56 7.31 3.17
C LEU G 244 1.30 6.12 4.10
N LYS G 245 1.95 4.97 3.84
CA LYS G 245 1.82 3.77 4.67
C LYS G 245 2.95 3.65 5.71
N GLU G 246 4.08 4.34 5.49
CA GLU G 246 5.27 4.29 6.37
C GLU G 246 5.43 5.48 7.31
N ARG G 247 4.59 6.52 7.15
CA ARG G 247 4.65 7.76 7.96
C ARG G 247 4.53 7.57 9.47
N GLY G 248 3.77 6.57 9.88
CA GLY G 248 3.51 6.30 11.30
C GLY G 248 2.46 7.26 11.83
N ALA G 249 2.33 7.33 13.16
CA ALA G 249 1.37 8.23 13.80
C ALA G 249 1.82 9.69 13.69
N SER G 250 0.87 10.60 13.43
CA SER G 250 1.15 12.04 13.31
C SER G 250 1.39 12.70 14.67
N LEU G 251 1.81 13.99 14.67
CA LEU G 251 2.09 14.77 15.87
C LEU G 251 0.93 14.85 16.86
N GLN G 252 -0.34 14.81 16.37
CA GLN G 252 -1.57 14.81 17.17
C GLN G 252 -1.58 13.64 18.18
N HIS G 253 -0.91 12.52 17.81
CA HIS G 253 -0.84 11.31 18.61
C HIS G 253 0.49 11.12 19.36
N THR G 254 1.61 11.64 18.80
CA THR G 254 2.95 11.45 19.39
C THR G 254 3.49 12.59 20.26
N ALA G 255 2.99 13.83 20.06
CA ALA G 255 3.50 15.01 20.77
C ALA G 255 3.35 14.97 22.28
N PRO G 256 4.40 15.40 23.03
CA PRO G 256 4.30 15.45 24.49
C PRO G 256 3.35 16.56 24.97
N PHE G 257 3.09 16.62 26.30
CA PHE G 257 2.25 17.61 26.97
C PHE G 257 0.78 17.69 26.50
N GLY G 258 0.28 16.61 25.92
CA GLY G 258 -1.08 16.48 25.42
C GLY G 258 -1.46 17.43 24.30
N CYS G 259 -0.48 17.81 23.46
CA CYS G 259 -0.68 18.73 22.31
C CYS G 259 -1.73 18.20 21.35
N GLN G 260 -2.60 19.09 20.89
CA GLN G 260 -3.60 18.82 19.86
C GLN G 260 -3.02 19.49 18.61
N ILE G 261 -3.02 18.78 17.47
CA ILE G 261 -2.45 19.33 16.24
C ILE G 261 -3.52 19.59 15.19
N ALA G 262 -3.58 20.83 14.69
CA ALA G 262 -4.54 21.27 13.67
C ALA G 262 -3.82 21.84 12.45
N THR G 263 -4.52 21.88 11.30
CA THR G 263 -4.00 22.40 10.03
C THR G 263 -4.87 23.56 9.54
N ASN G 264 -4.38 24.29 8.50
CA ASN G 264 -5.03 25.43 7.87
C ASN G 264 -5.45 26.55 8.86
N PRO G 265 -4.50 27.24 9.56
CA PRO G 265 -3.03 27.08 9.53
C PRO G 265 -2.51 26.00 10.48
N VAL G 266 -1.27 25.51 10.21
CA VAL G 266 -0.59 24.50 11.04
C VAL G 266 -0.34 25.12 12.43
N ARG G 267 -0.85 24.47 13.48
CA ARG G 267 -0.73 24.96 14.86
C ARG G 267 -0.80 23.87 15.94
N ALA G 268 -0.16 24.14 17.08
CA ALA G 268 -0.16 23.27 18.26
C ALA G 268 -1.17 23.88 19.24
N VAL G 269 -2.21 23.12 19.60
CA VAL G 269 -3.28 23.59 20.48
C VAL G 269 -3.26 22.85 21.82
N ASN G 270 -3.36 23.61 22.92
CA ASN G 270 -3.45 23.12 24.31
C ASN G 270 -2.29 22.25 24.79
N CYS G 271 -1.07 22.66 24.48
CA CYS G 271 0.12 21.89 24.81
C CYS G 271 0.09 21.32 26.23
N ALA G 272 0.18 20.00 26.34
CA ALA G 272 0.24 19.34 27.63
C ALA G 272 1.66 19.41 28.17
N VAL G 273 2.04 20.60 28.64
CA VAL G 273 3.41 20.86 29.10
C VAL G 273 3.53 22.18 29.87
N GLY G 274 4.09 22.10 31.07
CA GLY G 274 4.31 23.23 31.95
C GLY G 274 3.05 23.83 32.55
N ASN G 275 3.15 25.08 32.99
CA ASN G 275 2.07 25.84 33.61
C ASN G 275 1.79 27.16 32.88
N MET G 276 0.70 27.84 33.24
CA MET G 276 0.31 29.09 32.62
C MET G 276 -0.12 30.16 33.64
N PRO G 277 0.68 31.25 33.80
CA PRO G 277 0.28 32.33 34.71
C PRO G 277 -0.90 33.11 34.16
N ILE G 278 -1.84 33.50 35.04
CA ILE G 278 -3.04 34.26 34.67
C ILE G 278 -3.15 35.52 35.52
N SER G 279 -3.29 36.68 34.86
CA SER G 279 -3.46 37.97 35.51
C SER G 279 -4.85 38.51 35.12
N ILE G 280 -5.68 38.81 36.13
CA ILE G 280 -7.03 39.34 35.92
C ILE G 280 -7.19 40.64 36.71
N ASP G 281 -7.39 41.75 35.98
CA ASP G 281 -7.63 43.07 36.59
C ASP G 281 -9.14 43.22 36.71
N ILE G 282 -9.69 42.74 37.83
CA ILE G 282 -11.13 42.74 38.13
C ILE G 282 -11.61 44.17 38.48
N PRO G 283 -12.63 44.71 37.77
CA PRO G 283 -13.10 46.07 38.09
C PRO G 283 -13.76 46.20 39.46
N GLU G 284 -13.72 47.43 40.02
CA GLU G 284 -14.28 47.81 41.34
C GLU G 284 -15.76 47.41 41.51
N ALA G 285 -16.57 47.57 40.45
CA ALA G 285 -18.01 47.27 40.44
C ALA G 285 -18.36 45.81 40.69
N ALA G 286 -17.46 44.88 40.33
CA ALA G 286 -17.64 43.44 40.51
C ALA G 286 -17.59 43.02 41.98
N PHE G 287 -16.90 43.81 42.83
CA PHE G 287 -16.73 43.53 44.26
C PHE G 287 -17.88 44.06 45.12
N THR G 288 -18.12 43.36 46.23
CA THR G 288 -19.12 43.72 47.24
C THR G 288 -18.38 43.83 48.56
N ARG G 289 -18.56 44.96 49.28
CA ARG G 289 -17.92 45.20 50.58
C ARG G 289 -18.41 44.19 51.61
N VAL G 290 -17.54 43.81 52.57
CA VAL G 290 -17.84 42.84 53.65
C VAL G 290 -19.14 43.22 54.39
N VAL G 291 -19.30 44.53 54.69
CA VAL G 291 -20.48 45.12 55.36
C VAL G 291 -21.73 44.94 54.48
N ASP G 292 -21.59 45.09 53.14
CA ASP G 292 -22.68 44.94 52.17
C ASP G 292 -22.99 43.48 51.84
N ALA G 293 -22.12 42.55 52.30
CA ALA G 293 -22.26 41.11 52.11
C ALA G 293 -22.84 40.45 53.38
N PRO G 294 -23.56 39.30 53.29
CA PRO G 294 -24.10 38.68 54.51
C PRO G 294 -23.03 38.18 55.48
N SER G 295 -23.33 38.27 56.79
CA SER G 295 -22.43 37.82 57.86
C SER G 295 -22.92 36.46 58.35
N LEU G 296 -22.05 35.45 58.32
CA LEU G 296 -22.38 34.08 58.72
C LEU G 296 -21.81 33.67 60.07
N THR G 297 -22.65 33.05 60.91
CA THR G 297 -22.32 32.55 62.25
C THR G 297 -22.99 31.18 62.47
N ASP G 298 -22.68 30.51 63.61
CA ASP G 298 -23.21 29.21 64.03
C ASP G 298 -23.15 28.16 62.92
N MET G 299 -21.98 28.05 62.27
CA MET G 299 -21.77 27.13 61.15
C MET G 299 -21.38 25.73 61.59
N SER G 300 -21.99 24.73 60.94
CA SER G 300 -21.76 23.30 61.17
C SER G 300 -21.71 22.58 59.83
N CYS G 301 -20.92 21.50 59.74
CA CYS G 301 -20.77 20.73 58.51
C CYS G 301 -20.84 19.23 58.73
N GLU G 302 -21.65 18.55 57.90
CA GLU G 302 -21.78 17.10 57.92
C GLU G 302 -21.63 16.52 56.51
N VAL G 303 -20.92 15.39 56.40
CA VAL G 303 -20.67 14.72 55.13
C VAL G 303 -21.45 13.38 55.11
N PRO G 304 -22.67 13.36 54.53
CA PRO G 304 -23.44 12.11 54.51
C PRO G 304 -22.96 11.07 53.49
N ALA G 305 -22.21 11.51 52.45
CA ALA G 305 -21.70 10.64 51.40
C ALA G 305 -20.37 11.11 50.83
N CYS G 306 -19.38 10.20 50.76
CA CYS G 306 -18.06 10.47 50.18
C CYS G 306 -17.36 9.29 49.56
N THR G 307 -16.83 9.51 48.36
CA THR G 307 -16.04 8.58 47.57
C THR G 307 -14.82 9.36 47.07
N HIS G 308 -13.61 8.94 47.46
CA HIS G 308 -12.39 9.61 47.02
C HIS G 308 -12.03 9.25 45.57
N SER G 309 -12.28 10.18 44.64
CA SER G 309 -12.03 9.98 43.20
C SER G 309 -11.61 11.28 42.50
N SER G 310 -11.36 11.20 41.18
CA SER G 310 -10.96 12.33 40.33
C SER G 310 -12.09 13.36 40.16
N ASP G 311 -13.37 12.89 40.22
CA ASP G 311 -14.55 13.74 40.10
C ASP G 311 -15.11 14.11 41.48
N PHE G 312 -16.23 14.85 41.51
CA PHE G 312 -16.87 15.29 42.75
C PHE G 312 -17.69 14.15 43.40
N GLY G 313 -16.98 13.29 44.11
CA GLY G 313 -17.55 12.13 44.79
C GLY G 313 -18.01 12.38 46.21
N GLY G 314 -17.77 13.59 46.71
CA GLY G 314 -18.16 14.00 48.05
C GLY G 314 -19.35 14.93 48.10
N VAL G 315 -20.20 14.77 49.12
CA VAL G 315 -21.39 15.58 49.37
C VAL G 315 -21.29 16.16 50.79
N ALA G 316 -21.46 17.49 50.93
CA ALA G 316 -21.40 18.15 52.23
C ALA G 316 -22.60 19.07 52.47
N ILE G 317 -23.23 18.94 53.65
CA ILE G 317 -24.38 19.76 54.05
C ILE G 317 -23.92 20.71 55.15
N ILE G 318 -23.91 22.02 54.84
CA ILE G 318 -23.46 23.06 55.76
C ILE G 318 -24.63 23.90 56.28
N LYS G 319 -24.88 23.83 57.60
CA LYS G 319 -25.91 24.62 58.28
C LYS G 319 -25.29 25.96 58.69
N TYR G 320 -26.06 27.05 58.57
CA TYR G 320 -25.55 28.40 58.85
C TYR G 320 -26.62 29.34 59.42
N ALA G 321 -26.16 30.50 59.94
CA ALA G 321 -26.99 31.59 60.44
C ALA G 321 -26.50 32.87 59.76
N ALA G 322 -27.24 33.32 58.72
CA ALA G 322 -26.90 34.51 57.94
C ALA G 322 -27.64 35.76 58.45
N SER G 323 -26.92 36.89 58.53
CA SER G 323 -27.45 38.18 58.99
C SER G 323 -28.48 38.77 58.01
N LYS G 324 -28.28 38.54 56.70
CA LYS G 324 -29.17 39.01 55.62
C LYS G 324 -29.10 38.11 54.38
N LYS G 325 -30.01 38.33 53.42
CA LYS G 325 -30.07 37.58 52.16
C LYS G 325 -28.99 38.14 51.21
N GLY G 326 -28.40 37.26 50.41
CA GLY G 326 -27.36 37.63 49.45
C GLY G 326 -26.56 36.45 48.93
N LYS G 327 -25.61 36.73 48.04
CA LYS G 327 -24.74 35.71 47.43
C LYS G 327 -23.42 35.61 48.17
N CYS G 328 -23.02 34.37 48.53
CA CYS G 328 -21.78 34.07 49.22
C CYS G 328 -20.89 33.18 48.38
N ALA G 329 -19.58 33.44 48.38
CA ALA G 329 -18.60 32.64 47.66
C ALA G 329 -18.28 31.40 48.49
N VAL G 330 -18.16 30.24 47.81
CA VAL G 330 -17.84 28.96 48.46
C VAL G 330 -16.43 28.54 48.02
N HIS G 331 -15.54 28.29 49.00
CA HIS G 331 -14.16 27.91 48.71
C HIS G 331 -13.56 27.00 49.77
N SER G 332 -12.76 26.00 49.33
CA SER G 332 -12.06 25.07 50.20
C SER G 332 -10.74 25.70 50.63
N MET G 333 -10.51 25.77 51.95
CA MET G 333 -9.31 26.34 52.54
C MET G 333 -8.17 25.31 52.65
N THR G 334 -8.45 24.06 52.24
CA THR G 334 -7.52 22.94 52.22
C THR G 334 -7.29 22.59 50.75
N ASN G 335 -6.01 22.56 50.33
CA ASN G 335 -5.61 22.29 48.94
C ASN G 335 -5.87 20.86 48.46
N ALA G 336 -6.02 19.91 49.40
CA ALA G 336 -6.29 18.49 49.11
C ALA G 336 -7.77 18.23 48.78
N VAL G 337 -8.64 19.24 48.95
CA VAL G 337 -10.09 19.17 48.68
C VAL G 337 -10.51 20.34 47.78
N THR G 338 -11.33 20.07 46.76
CA THR G 338 -11.86 21.10 45.85
C THR G 338 -13.39 21.04 45.76
N ILE G 339 -14.04 22.22 45.79
CA ILE G 339 -15.51 22.33 45.75
C ILE G 339 -16.01 22.74 44.35
N ARG G 340 -17.06 22.06 43.86
CA ARG G 340 -17.69 22.29 42.56
C ARG G 340 -18.35 23.68 42.50
N GLU G 341 -19.09 24.05 43.57
CA GLU G 341 -19.80 25.32 43.67
C GLU G 341 -18.84 26.47 43.96
N ALA G 342 -19.01 27.58 43.23
CA ALA G 342 -18.20 28.79 43.38
C ALA G 342 -18.98 29.86 44.16
N GLU G 343 -20.32 29.86 44.01
CA GLU G 343 -21.21 30.83 44.64
C GLU G 343 -22.58 30.23 44.94
N ILE G 344 -23.11 30.47 46.15
CA ILE G 344 -24.44 30.02 46.58
C ILE G 344 -25.22 31.18 47.24
N GLU G 345 -26.57 31.12 47.18
CA GLU G 345 -27.43 32.14 47.76
C GLU G 345 -27.82 31.76 49.20
N VAL G 346 -27.58 32.67 50.16
CA VAL G 346 -27.91 32.49 51.58
C VAL G 346 -29.19 33.27 51.96
N GLU G 347 -29.94 32.80 52.97
CA GLU G 347 -31.19 33.44 53.40
C GLU G 347 -31.17 33.89 54.87
N GLY G 348 -30.87 32.96 55.78
CA GLY G 348 -30.83 33.22 57.21
C GLY G 348 -30.39 32.01 58.00
N ASN G 349 -31.30 31.42 58.79
CA ASN G 349 -31.05 30.21 59.56
C ASN G 349 -31.46 28.98 58.72
N SER G 350 -30.67 28.74 57.64
CA SER G 350 -30.90 27.67 56.68
C SER G 350 -29.63 26.80 56.48
N GLN G 351 -29.66 25.92 55.46
CA GLN G 351 -28.56 25.01 55.12
C GLN G 351 -28.24 25.02 53.62
N LEU G 352 -26.97 24.71 53.28
CA LEU G 352 -26.48 24.63 51.90
C LEU G 352 -25.89 23.26 51.57
N GLN G 353 -26.00 22.83 50.31
CA GLN G 353 -25.45 21.56 49.84
C GLN G 353 -24.37 21.81 48.78
N ILE G 354 -23.16 21.28 49.02
CA ILE G 354 -22.03 21.41 48.11
C ILE G 354 -21.48 20.06 47.65
N SER G 355 -20.79 20.05 46.50
CA SER G 355 -20.15 18.88 45.92
C SER G 355 -18.64 19.08 46.00
N PHE G 356 -17.91 18.09 46.52
CA PHE G 356 -16.45 18.19 46.66
C PHE G 356 -15.69 16.99 46.10
N SER G 357 -14.42 17.23 45.72
CA SER G 357 -13.51 16.22 45.18
C SER G 357 -12.24 16.16 46.03
N THR G 358 -11.81 14.93 46.37
CA THR G 358 -10.60 14.64 47.17
C THR G 358 -10.05 13.24 46.86
N ALA G 359 -8.74 13.04 47.11
CA ALA G 359 -8.07 11.76 46.92
C ALA G 359 -7.85 11.09 48.29
N LEU G 360 -8.06 11.86 49.37
CA LEU G 360 -7.90 11.46 50.76
C LEU G 360 -9.04 10.57 51.26
N ALA G 361 -8.68 9.47 51.96
CA ALA G 361 -9.64 8.54 52.57
C ALA G 361 -10.22 9.16 53.83
N SER G 362 -9.40 9.95 54.56
CA SER G 362 -9.76 10.68 55.77
C SER G 362 -9.56 12.17 55.46
N ALA G 363 -10.62 12.82 54.96
CA ALA G 363 -10.58 14.22 54.54
C ALA G 363 -11.13 15.21 55.57
N GLU G 364 -10.23 15.99 56.18
CA GLU G 364 -10.56 17.03 57.15
C GLU G 364 -10.25 18.36 56.46
N PHE G 365 -11.30 19.13 56.15
CA PHE G 365 -11.16 20.39 55.40
C PHE G 365 -12.01 21.54 55.91
N ARG G 366 -11.58 22.78 55.62
CA ARG G 366 -12.28 24.00 56.00
C ARG G 366 -12.95 24.63 54.78
N VAL G 367 -14.23 25.00 54.92
CA VAL G 367 -15.01 25.62 53.84
C VAL G 367 -15.31 27.07 54.22
N GLN G 368 -14.89 28.02 53.36
CA GLN G 368 -15.15 29.43 53.59
C GLN G 368 -16.37 29.87 52.77
N VAL G 369 -17.49 30.14 53.45
CA VAL G 369 -18.73 30.62 52.86
C VAL G 369 -18.79 32.08 53.28
N CYS G 370 -18.64 33.00 52.30
CA CYS G 370 -18.53 34.45 52.48
C CYS G 370 -17.21 34.72 53.23
N SER G 371 -17.26 35.25 54.47
CA SER G 371 -16.06 35.52 55.26
C SER G 371 -15.92 34.64 56.52
N THR G 372 -16.73 33.57 56.63
CA THR G 372 -16.70 32.64 57.77
C THR G 372 -16.29 31.22 57.35
N GLN G 373 -15.40 30.60 58.14
CA GLN G 373 -14.90 29.24 57.90
C GLN G 373 -15.59 28.19 58.75
N VAL G 374 -15.84 27.01 58.15
CA VAL G 374 -16.48 25.86 58.81
C VAL G 374 -15.66 24.58 58.56
N HIS G 375 -15.42 23.78 59.61
CA HIS G 375 -14.67 22.54 59.49
C HIS G 375 -15.57 21.38 59.07
N CYS G 376 -15.13 20.62 58.06
CA CYS G 376 -15.83 19.45 57.52
C CYS G 376 -14.98 18.21 57.75
N ALA G 377 -15.57 17.18 58.38
CA ALA G 377 -14.92 15.89 58.65
C ALA G 377 -15.55 14.86 57.72
N ALA G 378 -14.73 14.23 56.86
CA ALA G 378 -15.21 13.27 55.88
C ALA G 378 -14.44 11.96 55.83
N GLU G 379 -15.19 10.84 55.86
CA GLU G 379 -14.66 9.49 55.72
C GLU G 379 -15.00 9.11 54.28
N CYS G 380 -14.01 9.19 53.39
CA CYS G 380 -14.20 8.89 51.97
C CYS G 380 -13.77 7.49 51.60
N HIS G 381 -14.63 6.80 50.83
CA HIS G 381 -14.48 5.41 50.42
C HIS G 381 -13.85 5.23 49.02
N PRO G 382 -13.21 4.07 48.71
CA PRO G 382 -12.59 3.92 47.38
C PRO G 382 -13.60 3.81 46.23
N PRO G 383 -13.23 4.29 45.05
CA PRO G 383 -14.10 4.19 43.87
C PRO G 383 -13.83 2.87 43.12
N LYS G 384 -13.39 2.97 41.88
CA LYS G 384 -13.05 1.80 41.09
C LYS G 384 -11.56 1.51 41.23
N ASP G 385 -10.95 2.08 42.27
CA ASP G 385 -9.52 1.93 42.51
C ASP G 385 -8.87 3.31 42.69
N HIS G 386 -7.67 3.32 43.27
CA HIS G 386 -6.95 4.57 43.50
C HIS G 386 -7.08 5.49 42.28
N ILE G 387 -6.05 5.49 41.43
CA ILE G 387 -6.08 6.27 40.20
C ILE G 387 -7.47 6.90 39.99
N VAL G 388 -7.49 8.13 39.44
CA VAL G 388 -8.69 8.90 39.19
C VAL G 388 -8.74 9.42 37.72
N ASN G 389 -9.96 9.58 37.15
CA ASN G 389 -10.15 10.01 35.76
C ASN G 389 -10.55 11.49 35.56
N TYR G 390 -10.29 12.34 36.57
CA TYR G 390 -10.58 13.79 36.54
C TYR G 390 -9.43 14.63 37.18
N PRO G 391 -9.20 15.91 36.76
CA PRO G 391 -8.11 16.66 37.40
C PRO G 391 -8.58 17.53 38.56
N VAL H 1 -15.07 17.57 -30.60
CA VAL H 1 -13.65 17.24 -30.77
C VAL H 1 -13.44 15.95 -31.59
N TYR H 2 -14.44 15.05 -31.59
CA TYR H 2 -14.43 13.77 -32.27
C TYR H 2 -14.51 13.88 -33.80
N LYS H 3 -14.78 15.09 -34.32
CA LYS H 3 -14.80 15.35 -35.75
C LYS H 3 -13.36 15.37 -36.29
N ALA H 4 -12.39 15.77 -35.42
CA ALA H 4 -10.96 15.86 -35.73
C ALA H 4 -10.20 14.58 -35.34
N THR H 5 -10.66 13.88 -34.29
CA THR H 5 -10.02 12.64 -33.82
C THR H 5 -10.65 11.40 -34.46
N ARG H 6 -9.99 10.24 -34.29
CA ARG H 6 -10.47 8.97 -34.86
C ARG H 6 -10.05 7.76 -34.00
N PRO H 7 -10.82 6.63 -34.03
CA PRO H 7 -10.33 5.42 -33.35
C PRO H 7 -9.15 4.84 -34.16
N TYR H 8 -8.30 4.02 -33.54
CA TYR H 8 -7.13 3.49 -34.24
C TYR H 8 -6.76 2.06 -33.88
N LEU H 9 -5.83 1.47 -34.65
CA LEU H 9 -5.27 0.14 -34.43
C LEU H 9 -3.89 0.35 -33.82
N ALA H 10 -3.60 -0.39 -32.74
CA ALA H 10 -2.32 -0.30 -32.04
C ALA H 10 -1.94 -1.67 -31.49
N HIS H 11 -0.65 -1.83 -31.14
CA HIS H 11 -0.12 -3.07 -30.59
C HIS H 11 -0.74 -3.47 -29.26
N CYS H 12 -1.09 -4.76 -29.15
CA CYS H 12 -1.63 -5.40 -27.97
C CYS H 12 -0.83 -6.69 -27.77
N PRO H 13 -0.24 -6.95 -26.58
CA PRO H 13 0.56 -8.19 -26.41
C PRO H 13 -0.25 -9.48 -26.39
N ASP H 14 -1.55 -9.40 -26.03
CA ASP H 14 -2.43 -10.56 -25.95
C ASP H 14 -3.84 -10.24 -26.45
N CYS H 15 -4.15 -10.68 -27.67
CA CYS H 15 -5.46 -10.50 -28.30
C CYS H 15 -6.34 -11.74 -28.12
N GLY H 16 -5.90 -12.64 -27.25
CA GLY H 16 -6.54 -13.92 -26.97
C GLY H 16 -5.58 -15.05 -27.29
N GLU H 17 -5.48 -16.03 -26.37
CA GLU H 17 -4.60 -17.21 -26.46
C GLU H 17 -3.09 -16.88 -26.40
N GLY H 18 -2.77 -15.70 -25.85
CA GLY H 18 -1.39 -15.21 -25.67
C GLY H 18 -0.71 -14.67 -26.90
N HIS H 19 -1.44 -14.54 -28.03
CA HIS H 19 -0.88 -14.05 -29.29
C HIS H 19 -1.12 -12.55 -29.48
N SER H 20 -0.05 -11.82 -29.88
CA SER H 20 -0.09 -10.38 -30.13
C SER H 20 -0.76 -10.06 -31.47
N CYS H 21 -1.40 -8.87 -31.58
CA CYS H 21 -2.09 -8.42 -32.79
C CYS H 21 -2.19 -6.89 -32.86
N HIS H 22 -2.59 -6.37 -34.04
CA HIS H 22 -2.87 -4.96 -34.28
C HIS H 22 -4.34 -4.82 -33.90
N SER H 23 -4.57 -4.50 -32.61
CA SER H 23 -5.89 -4.45 -31.99
C SER H 23 -6.72 -3.18 -32.17
N PRO H 24 -8.05 -3.33 -32.44
CA PRO H 24 -8.92 -2.14 -32.52
C PRO H 24 -9.47 -1.73 -31.14
N VAL H 25 -9.01 -2.43 -30.08
CA VAL H 25 -9.37 -2.23 -28.66
C VAL H 25 -8.10 -2.29 -27.78
N ALA H 26 -6.95 -1.86 -28.36
CA ALA H 26 -5.64 -1.87 -27.71
C ALA H 26 -5.63 -1.04 -26.43
N LEU H 27 -5.03 -1.59 -25.36
CA LEU H 27 -4.92 -0.91 -24.07
C LEU H 27 -3.76 0.05 -24.09
N GLU H 28 -4.04 1.32 -23.76
CA GLU H 28 -3.04 2.39 -23.72
C GLU H 28 -2.46 2.60 -22.33
N ARG H 29 -3.35 2.84 -21.35
CA ARG H 29 -2.99 3.15 -19.96
C ARG H 29 -4.15 2.86 -19.03
N ILE H 30 -3.83 2.27 -17.86
CA ILE H 30 -4.79 1.98 -16.80
C ILE H 30 -4.41 2.86 -15.60
N ARG H 31 -5.34 3.73 -15.19
CA ARG H 31 -5.14 4.64 -14.06
C ARG H 31 -5.90 4.14 -12.84
N ASN H 32 -5.21 4.08 -11.68
CA ASN H 32 -5.78 3.61 -10.43
C ASN H 32 -5.39 4.50 -9.24
N GLU H 33 -5.54 5.82 -9.42
CA GLU H 33 -5.22 6.80 -8.38
C GLU H 33 -6.39 7.00 -7.42
N ALA H 34 -7.61 6.65 -7.87
CA ALA H 34 -8.84 6.75 -7.10
C ALA H 34 -8.83 5.76 -5.94
N THR H 35 -8.87 6.27 -4.71
CA THR H 35 -8.85 5.46 -3.48
C THR H 35 -10.11 4.60 -3.32
N ASP H 36 -11.23 5.00 -3.97
CA ASP H 36 -12.49 4.24 -3.95
C ASP H 36 -12.42 2.93 -4.78
N GLY H 37 -11.31 2.74 -5.50
CA GLY H 37 -11.06 1.54 -6.29
C GLY H 37 -11.42 1.61 -7.77
N THR H 38 -12.01 2.74 -8.21
CA THR H 38 -12.41 2.96 -9.61
C THR H 38 -11.19 3.00 -10.52
N LEU H 39 -11.26 2.29 -11.65
CA LEU H 39 -10.19 2.25 -12.64
C LEU H 39 -10.56 3.10 -13.84
N LYS H 40 -9.63 3.97 -14.28
CA LYS H 40 -9.82 4.81 -15.47
C LYS H 40 -8.95 4.15 -16.55
N ILE H 41 -9.62 3.49 -17.50
CA ILE H 41 -8.99 2.72 -18.58
C ILE H 41 -9.01 3.49 -19.91
N GLN H 42 -7.87 3.53 -20.62
CA GLN H 42 -7.75 4.17 -21.92
C GLN H 42 -7.51 3.13 -23.01
N VAL H 43 -8.38 3.12 -24.03
CA VAL H 43 -8.33 2.19 -25.17
C VAL H 43 -8.18 2.91 -26.53
N SER H 44 -7.82 2.16 -27.59
CA SER H 44 -7.62 2.71 -28.93
C SER H 44 -8.93 3.09 -29.65
N LEU H 45 -10.08 2.49 -29.25
CA LEU H 45 -11.39 2.80 -29.84
C LEU H 45 -12.08 3.98 -29.14
N GLN H 46 -13.22 4.44 -29.69
CA GLN H 46 -14.01 5.55 -29.16
C GLN H 46 -15.46 5.17 -28.92
N ILE H 47 -15.89 5.16 -27.64
CA ILE H 47 -17.24 4.81 -27.19
C ILE H 47 -18.15 6.03 -27.15
N GLY H 48 -19.41 5.84 -27.54
CA GLY H 48 -20.43 6.88 -27.55
C GLY H 48 -20.41 7.78 -28.76
N ILE H 49 -19.57 7.45 -29.76
CA ILE H 49 -19.40 8.22 -30.99
C ILE H 49 -19.60 7.29 -32.20
N LYS H 50 -20.35 7.77 -33.21
CA LYS H 50 -20.59 7.05 -34.47
C LYS H 50 -19.56 7.54 -35.50
N THR H 51 -19.44 6.83 -36.65
CA THR H 51 -18.51 7.17 -37.74
C THR H 51 -18.74 8.57 -38.34
N ASP H 52 -20.00 9.07 -38.27
CA ASP H 52 -20.38 10.41 -38.76
C ASP H 52 -20.11 11.52 -37.72
N ASP H 53 -19.41 11.15 -36.62
CA ASP H 53 -19.00 11.98 -35.47
C ASP H 53 -20.13 12.30 -34.46
N SER H 54 -21.38 11.91 -34.76
CA SER H 54 -22.53 12.14 -33.88
C SER H 54 -22.43 11.33 -32.59
N HIS H 55 -22.94 11.91 -31.49
CA HIS H 55 -22.92 11.29 -30.17
C HIS H 55 -24.12 10.36 -29.99
N ASP H 56 -23.84 9.09 -29.66
CA ASP H 56 -24.83 8.05 -29.43
C ASP H 56 -24.27 7.07 -28.41
N TRP H 57 -24.81 7.11 -27.17
CA TRP H 57 -24.37 6.27 -26.06
C TRP H 57 -24.53 4.76 -26.30
N THR H 58 -25.44 4.36 -27.21
CA THR H 58 -25.70 2.95 -27.56
C THR H 58 -24.68 2.44 -28.59
N LYS H 59 -23.86 3.35 -29.15
CA LYS H 59 -22.88 3.02 -30.18
C LYS H 59 -21.43 3.16 -29.73
N LEU H 60 -20.50 2.59 -30.53
CA LEU H 60 -19.06 2.57 -30.33
C LEU H 60 -18.40 2.59 -31.71
N ARG H 61 -17.29 3.32 -31.87
CA ARG H 61 -16.54 3.32 -33.13
C ARG H 61 -15.12 2.80 -32.95
N TYR H 62 -14.72 1.87 -33.82
CA TYR H 62 -13.43 1.21 -33.83
C TYR H 62 -12.81 1.25 -35.23
N MET H 63 -11.48 1.13 -35.33
CA MET H 63 -10.81 1.14 -36.63
C MET H 63 -10.91 -0.27 -37.25
N ASP H 64 -11.63 -0.37 -38.37
CA ASP H 64 -11.82 -1.62 -39.11
C ASP H 64 -10.94 -1.57 -40.35
N ASN H 65 -9.73 -2.16 -40.24
CA ASN H 65 -8.70 -2.23 -41.29
C ASN H 65 -8.19 -0.82 -41.66
N HIS H 66 -8.78 -0.17 -42.68
CA HIS H 66 -8.39 1.16 -43.14
C HIS H 66 -9.37 2.25 -42.71
N MET H 67 -10.66 1.90 -42.58
CA MET H 67 -11.73 2.84 -42.23
C MET H 67 -12.42 2.54 -40.89
N PRO H 68 -12.86 3.58 -40.13
CA PRO H 68 -13.58 3.32 -38.88
C PRO H 68 -14.97 2.73 -39.12
N ALA H 69 -15.44 1.87 -38.21
CA ALA H 69 -16.76 1.22 -38.31
C ALA H 69 -17.54 1.30 -36.99
N ASP H 70 -18.89 1.19 -37.06
CA ASP H 70 -19.77 1.24 -35.90
C ASP H 70 -19.97 -0.14 -35.27
N ALA H 71 -20.09 -0.16 -33.94
CA ALA H 71 -20.32 -1.35 -33.11
C ALA H 71 -21.23 -1.00 -31.94
N GLU H 72 -21.86 -2.00 -31.32
CA GLU H 72 -22.77 -1.81 -30.18
C GLU H 72 -22.03 -1.61 -28.86
N ARG H 73 -22.55 -0.70 -28.01
CA ARG H 73 -22.02 -0.42 -26.67
C ARG H 73 -22.28 -1.61 -25.73
N ALA H 74 -23.42 -2.31 -25.93
CA ALA H 74 -23.83 -3.49 -25.13
C ALA H 74 -22.81 -4.63 -25.20
N GLY H 75 -22.12 -4.75 -26.34
CA GLY H 75 -21.11 -5.76 -26.59
C GLY H 75 -19.77 -5.50 -25.92
N LEU H 76 -19.57 -4.26 -25.42
CA LEU H 76 -18.34 -3.86 -24.72
C LEU H 76 -18.27 -4.50 -23.34
N PHE H 77 -17.11 -5.06 -23.00
CA PHE H 77 -16.88 -5.71 -21.71
C PHE H 77 -15.49 -5.41 -21.16
N VAL H 78 -15.38 -5.41 -19.82
CA VAL H 78 -14.14 -5.22 -19.06
C VAL H 78 -14.08 -6.35 -18.04
N ARG H 79 -12.92 -7.01 -17.91
CA ARG H 79 -12.73 -8.12 -16.97
C ARG H 79 -11.29 -8.24 -16.46
N THR H 80 -11.15 -8.72 -15.22
CA THR H 80 -9.85 -8.97 -14.59
C THR H 80 -9.75 -10.48 -14.43
N SER H 81 -10.07 -11.01 -13.23
CA SER H 81 -10.13 -12.45 -12.96
C SER H 81 -11.57 -12.92 -13.22
N ALA H 82 -12.52 -11.96 -13.21
CA ALA H 82 -13.96 -12.12 -13.43
C ALA H 82 -14.51 -10.81 -14.05
N PRO H 83 -15.77 -10.76 -14.58
CA PRO H 83 -16.26 -9.50 -15.19
C PRO H 83 -16.30 -8.28 -14.26
N CYS H 84 -16.06 -7.10 -14.83
CA CYS H 84 -16.07 -5.81 -14.13
C CYS H 84 -17.40 -5.10 -14.32
N THR H 85 -17.72 -4.17 -13.42
CA THR H 85 -18.91 -3.33 -13.51
C THR H 85 -18.48 -2.02 -14.17
N ILE H 86 -18.95 -1.78 -15.40
CA ILE H 86 -18.62 -0.55 -16.12
C ILE H 86 -19.51 0.58 -15.59
N THR H 87 -18.88 1.64 -15.03
CA THR H 87 -19.59 2.77 -14.43
C THR H 87 -19.74 3.99 -15.35
N GLY H 88 -18.90 4.09 -16.38
CA GLY H 88 -18.94 5.18 -17.34
C GLY H 88 -18.08 4.95 -18.57
N THR H 89 -18.56 5.42 -19.73
CA THR H 89 -17.87 5.31 -21.03
C THR H 89 -18.06 6.58 -21.86
N MET H 90 -16.96 7.08 -22.43
CA MET H 90 -16.91 8.27 -23.30
C MET H 90 -15.56 8.32 -24.01
N GLY H 91 -15.60 8.24 -25.35
CA GLY H 91 -14.44 8.25 -26.22
C GLY H 91 -13.47 7.10 -25.93
N HIS H 92 -12.19 7.43 -25.73
CA HIS H 92 -11.15 6.45 -25.43
C HIS H 92 -11.19 5.94 -23.98
N PHE H 93 -12.10 6.47 -23.15
CA PHE H 93 -12.14 6.17 -21.71
C PHE H 93 -13.29 5.34 -21.18
N ILE H 94 -12.95 4.42 -20.25
CA ILE H 94 -13.86 3.52 -19.54
C ILE H 94 -13.60 3.62 -18.04
N LEU H 95 -14.68 3.70 -17.26
CA LEU H 95 -14.64 3.68 -15.80
C LEU H 95 -15.17 2.32 -15.38
N ALA H 96 -14.41 1.59 -14.55
CA ALA H 96 -14.83 0.26 -14.13
C ALA H 96 -14.46 -0.09 -12.68
N ARG H 97 -15.34 -0.87 -12.04
CA ARG H 97 -15.18 -1.40 -10.70
C ARG H 97 -14.89 -2.88 -10.91
N CYS H 98 -13.64 -3.28 -10.64
CA CYS H 98 -13.13 -4.62 -10.90
C CYS H 98 -12.82 -5.45 -9.66
N PRO H 99 -13.05 -6.78 -9.70
CA PRO H 99 -12.62 -7.63 -8.57
C PRO H 99 -11.11 -7.84 -8.64
N LYS H 100 -10.50 -8.43 -7.58
CA LYS H 100 -9.06 -8.71 -7.49
C LYS H 100 -8.57 -9.53 -8.69
N GLY H 101 -7.45 -9.13 -9.29
CA GLY H 101 -6.88 -9.81 -10.45
C GLY H 101 -5.42 -9.50 -10.72
N GLU H 102 -4.86 -10.20 -11.72
CA GLU H 102 -3.46 -10.05 -12.14
C GLU H 102 -3.34 -9.56 -13.59
N THR H 103 -4.48 -9.56 -14.33
CA THR H 103 -4.58 -9.10 -15.72
C THR H 103 -5.81 -8.18 -15.88
N LEU H 104 -5.85 -7.40 -16.96
CA LEU H 104 -6.99 -6.55 -17.29
C LEU H 104 -7.31 -6.71 -18.77
N THR H 105 -8.56 -7.08 -19.06
CA THR H 105 -9.05 -7.32 -20.41
C THR H 105 -10.19 -6.37 -20.77
N VAL H 106 -10.12 -5.75 -21.95
CA VAL H 106 -11.15 -4.87 -22.51
C VAL H 106 -11.47 -5.42 -23.90
N GLY H 107 -12.74 -5.67 -24.15
CA GLY H 107 -13.19 -6.21 -25.43
C GLY H 107 -14.53 -5.70 -25.90
N PHE H 108 -14.91 -6.11 -27.13
CA PHE H 108 -16.16 -5.77 -27.81
C PHE H 108 -16.47 -6.76 -28.94
N THR H 109 -17.69 -6.71 -29.48
CA THR H 109 -18.14 -7.53 -30.60
C THR H 109 -18.42 -6.60 -31.78
N ASP H 110 -17.75 -6.84 -32.93
CA ASP H 110 -17.88 -6.02 -34.13
C ASP H 110 -19.18 -6.26 -34.93
N SER H 111 -19.30 -5.61 -36.11
CA SER H 111 -20.44 -5.71 -37.02
C SER H 111 -20.66 -7.15 -37.53
N ARG H 112 -19.54 -7.86 -37.81
CA ARG H 112 -19.51 -9.23 -38.33
C ARG H 112 -19.66 -10.29 -37.21
N LYS H 113 -20.08 -9.86 -36.01
CA LYS H 113 -20.26 -10.68 -34.80
C LYS H 113 -18.95 -11.31 -34.27
N ILE H 114 -17.79 -10.77 -34.70
CA ILE H 114 -16.45 -11.22 -34.31
C ILE H 114 -16.00 -10.47 -33.06
N SER H 115 -15.62 -11.22 -32.01
CA SER H 115 -15.17 -10.66 -30.74
C SER H 115 -13.70 -10.24 -30.82
N HIS H 116 -13.39 -9.04 -30.28
CA HIS H 116 -12.04 -8.49 -30.22
C HIS H 116 -11.74 -8.13 -28.77
N SER H 117 -10.58 -8.55 -28.25
CA SER H 117 -10.18 -8.26 -26.87
C SER H 117 -8.68 -7.98 -26.75
N CYS H 118 -8.29 -7.24 -25.69
CA CYS H 118 -6.89 -6.92 -25.40
C CYS H 118 -6.59 -7.15 -23.93
N THR H 119 -5.60 -8.02 -23.65
CA THR H 119 -5.20 -8.38 -22.29
C THR H 119 -3.80 -7.87 -21.96
N HIS H 120 -3.68 -7.14 -20.84
CA HIS H 120 -2.44 -6.58 -20.32
C HIS H 120 -2.22 -7.05 -18.89
N PRO H 121 -0.97 -7.34 -18.46
CA PRO H 121 -0.75 -7.71 -17.06
C PRO H 121 -0.95 -6.48 -16.17
N PHE H 122 -1.89 -6.57 -15.21
CA PHE H 122 -2.20 -5.47 -14.30
C PHE H 122 -2.63 -6.01 -12.94
N HIS H 123 -1.85 -5.72 -11.90
CA HIS H 123 -2.17 -6.15 -10.55
C HIS H 123 -3.23 -5.24 -9.94
N HIS H 124 -4.45 -5.79 -9.80
CA HIS H 124 -5.57 -5.06 -9.22
C HIS H 124 -6.00 -5.73 -7.93
N ASP H 125 -5.82 -5.00 -6.83
CA ASP H 125 -6.21 -5.38 -5.46
C ASP H 125 -6.31 -4.03 -4.73
N PRO H 126 -7.44 -3.31 -4.91
CA PRO H 126 -7.54 -1.96 -4.32
C PRO H 126 -7.51 -1.91 -2.79
N PRO H 127 -6.77 -0.93 -2.20
CA PRO H 127 -6.71 -0.85 -0.73
C PRO H 127 -8.05 -0.50 -0.07
N VAL H 128 -8.20 -0.89 1.19
CA VAL H 128 -9.40 -0.66 2.00
C VAL H 128 -9.61 0.83 2.31
N ILE H 129 -10.86 1.30 2.14
CA ILE H 129 -11.26 2.66 2.50
C ILE H 129 -11.74 2.54 3.94
N GLY H 130 -10.96 3.10 4.86
CA GLY H 130 -11.25 3.05 6.28
C GLY H 130 -10.57 1.90 7.01
N ARG H 131 -11.29 1.32 7.97
CA ARG H 131 -10.80 0.25 8.84
C ARG H 131 -11.67 -1.02 8.79
N GLU H 132 -12.54 -1.14 7.78
CA GLU H 132 -13.43 -2.29 7.59
C GLU H 132 -13.47 -2.73 6.14
N LYS H 133 -13.16 -4.01 5.87
CA LYS H 133 -13.15 -4.57 4.51
C LYS H 133 -14.57 -5.09 4.17
N PHE H 134 -15.38 -4.24 3.55
CA PHE H 134 -16.77 -4.54 3.16
C PHE H 134 -16.93 -4.74 1.65
N HIS H 135 -18.05 -5.37 1.23
CA HIS H 135 -18.34 -5.68 -0.17
C HIS H 135 -19.22 -4.61 -0.86
N SER H 136 -20.45 -4.38 -0.35
CA SER H 136 -21.41 -3.43 -0.92
C SER H 136 -21.38 -2.05 -0.25
N ARG H 137 -21.59 -0.98 -1.03
CA ARG H 137 -21.60 0.40 -0.53
C ARG H 137 -22.86 0.75 0.28
N PRO H 138 -22.70 1.30 1.50
CA PRO H 138 -23.88 1.65 2.31
C PRO H 138 -24.45 3.03 2.00
N GLN H 139 -25.76 3.22 2.28
CA GLN H 139 -26.45 4.49 2.10
C GLN H 139 -26.02 5.45 3.23
N HIS H 140 -25.90 4.93 4.46
CA HIS H 140 -25.50 5.65 5.66
C HIS H 140 -24.23 5.04 6.26
N GLY H 141 -23.40 5.90 6.85
CA GLY H 141 -22.17 5.51 7.52
C GLY H 141 -21.26 6.68 7.80
N LYS H 142 -20.01 6.37 8.20
CA LYS H 142 -18.99 7.38 8.49
C LYS H 142 -18.48 7.97 7.17
N GLU H 143 -18.48 9.31 7.07
CA GLU H 143 -18.02 10.01 5.87
C GLU H 143 -16.50 10.12 5.91
N LEU H 144 -15.83 9.45 4.98
CA LEU H 144 -14.37 9.46 4.89
C LEU H 144 -13.87 10.07 3.59
N PRO H 145 -12.73 10.81 3.60
CA PRO H 145 -12.22 11.40 2.35
C PRO H 145 -11.67 10.33 1.41
N CYS H 146 -12.11 10.38 0.15
CA CYS H 146 -11.71 9.43 -0.90
C CYS H 146 -11.71 10.12 -2.27
N SER H 147 -10.98 9.56 -3.23
CA SER H 147 -10.96 10.10 -4.59
C SER H 147 -11.63 9.13 -5.55
N THR H 148 -12.24 9.68 -6.60
CA THR H 148 -12.92 8.92 -7.65
C THR H 148 -12.77 9.64 -8.98
N TYR H 149 -13.08 8.93 -10.07
CA TYR H 149 -13.13 9.52 -11.40
C TYR H 149 -14.60 9.83 -11.59
N VAL H 150 -14.95 11.12 -11.65
CA VAL H 150 -16.36 11.57 -11.77
C VAL H 150 -17.04 11.07 -13.05
N GLN H 151 -18.25 10.52 -12.91
CA GLN H 151 -19.03 9.96 -14.03
C GLN H 151 -19.54 11.00 -15.06
N SER H 152 -19.21 12.30 -14.83
CA SER H 152 -19.58 13.41 -15.72
C SER H 152 -18.87 13.28 -17.06
N THR H 153 -19.67 13.25 -18.16
CA THR H 153 -19.19 13.11 -19.54
C THR H 153 -18.40 14.35 -20.01
N ALA H 154 -18.54 15.48 -19.28
CA ALA H 154 -17.87 16.76 -19.54
C ALA H 154 -16.35 16.65 -19.43
N ALA H 155 -15.65 17.33 -20.35
CA ALA H 155 -14.19 17.36 -20.43
C ALA H 155 -13.73 18.80 -20.21
N THR H 156 -13.23 19.12 -18.98
CA THR H 156 -12.83 20.49 -18.61
C THR H 156 -11.43 20.66 -17.99
N THR H 157 -10.93 19.67 -17.23
CA THR H 157 -9.63 19.78 -16.56
C THR H 157 -8.51 18.92 -17.15
N GLU H 158 -8.63 17.58 -17.05
CA GLU H 158 -7.63 16.62 -17.55
C GLU H 158 -7.54 16.64 -19.08
N GLU H 159 -6.36 16.31 -19.63
CA GLU H 159 -6.10 16.32 -21.07
C GLU H 159 -5.15 15.23 -21.57
N ILE H 160 -5.14 15.00 -22.89
CA ILE H 160 -4.25 14.07 -23.59
C ILE H 160 -3.62 14.77 -24.80
N GLU H 161 -2.43 14.30 -25.20
CA GLU H 161 -1.74 14.84 -26.37
C GLU H 161 -2.22 14.11 -27.61
N VAL H 162 -2.42 14.87 -28.70
CA VAL H 162 -2.87 14.35 -29.98
C VAL H 162 -1.99 14.87 -31.12
N HIS H 163 -1.87 14.09 -32.19
CA HIS H 163 -1.11 14.44 -33.40
C HIS H 163 -1.65 13.69 -34.61
N MET H 164 -1.21 14.10 -35.81
CA MET H 164 -1.60 13.46 -37.07
C MET H 164 -1.06 12.01 -37.11
N PRO H 165 -1.85 11.02 -37.58
CA PRO H 165 -1.36 9.65 -37.61
C PRO H 165 -0.24 9.44 -38.63
N PRO H 166 -1.98 6.73 -38.57
CA PRO H 166 -0.73 6.70 -39.35
C PRO H 166 -0.97 5.98 -40.69
N ASP H 167 0.04 5.97 -41.57
CA ASP H 167 -0.05 5.30 -42.86
C ASP H 167 -0.23 3.80 -42.65
N THR H 168 -1.18 3.18 -43.38
CA THR H 168 -1.49 1.76 -43.25
C THR H 168 -0.67 0.94 -44.27
N PRO H 169 0.35 0.16 -43.83
CA PRO H 169 1.13 -0.63 -44.78
C PRO H 169 0.30 -1.70 -45.50
N ASP H 170 0.44 -1.76 -46.83
CA ASP H 170 -0.29 -2.72 -47.67
C ASP H 170 0.61 -3.14 -48.82
N ARG H 171 1.09 -4.40 -48.77
CA ARG H 171 1.96 -4.97 -49.78
C ARG H 171 1.24 -5.33 -51.08
N THR H 172 -0.10 -5.46 -51.04
CA THR H 172 -0.95 -5.77 -52.20
C THR H 172 -1.00 -4.61 -53.22
N LEU H 173 -0.58 -3.39 -52.80
CA LEU H 173 -0.52 -2.19 -53.64
C LEU H 173 0.55 -2.35 -54.72
N MET H 174 1.61 -3.13 -54.41
CA MET H 174 2.75 -3.39 -55.30
C MET H 174 2.62 -4.74 -56.00
N SER H 175 3.02 -4.78 -57.29
CA SER H 175 3.00 -5.98 -58.12
C SER H 175 4.20 -6.01 -59.06
N GLN H 176 4.63 -7.22 -59.47
CA GLN H 176 5.76 -7.41 -60.38
C GLN H 176 5.40 -7.28 -61.86
N GLN H 177 5.62 -6.08 -62.43
CA GLN H 177 5.35 -5.81 -63.85
C GLN H 177 6.57 -6.29 -64.64
N SER H 178 6.54 -7.60 -65.01
CA SER H 178 7.59 -8.37 -65.72
C SER H 178 8.85 -8.54 -64.87
N GLY H 179 9.54 -7.43 -64.58
CA GLY H 179 10.74 -7.39 -63.76
C GLY H 179 10.91 -6.04 -63.09
N ASN H 180 9.78 -5.32 -62.92
CA ASN H 180 9.69 -3.98 -62.33
C ASN H 180 8.63 -3.95 -61.20
N VAL H 181 8.41 -2.77 -60.59
CA VAL H 181 7.43 -2.57 -59.51
C VAL H 181 6.27 -1.72 -60.00
N LYS H 182 5.03 -2.24 -59.87
CA LYS H 182 3.82 -1.54 -60.27
C LYS H 182 2.99 -1.21 -59.04
N ILE H 183 2.90 0.10 -58.70
CA ILE H 183 2.12 0.58 -57.57
C ILE H 183 0.76 1.06 -58.08
N THR H 184 -0.32 0.34 -57.69
CA THR H 184 -1.69 0.66 -58.08
C THR H 184 -2.41 1.27 -56.88
N VAL H 185 -2.71 2.59 -56.98
CA VAL H 185 -3.35 3.37 -55.92
C VAL H 185 -4.81 3.00 -55.63
N ASN H 186 -5.60 2.68 -56.69
CA ASN H 186 -7.03 2.32 -56.63
C ASN H 186 -7.88 3.43 -55.97
N GLY H 187 -7.69 4.66 -56.44
CA GLY H 187 -8.40 5.85 -55.97
C GLY H 187 -8.05 6.29 -54.57
N GLN H 188 -6.83 5.98 -54.11
CA GLN H 188 -6.33 6.32 -52.78
C GLN H 188 -5.03 7.13 -52.86
N THR H 189 -4.61 7.70 -51.72
CA THR H 189 -3.35 8.45 -51.61
C THR H 189 -2.36 7.49 -50.97
N VAL H 190 -1.34 7.07 -51.74
CA VAL H 190 -0.33 6.09 -51.31
C VAL H 190 1.05 6.72 -51.15
N ARG H 191 1.70 6.46 -50.00
CA ARG H 191 3.06 6.90 -49.72
C ARG H 191 3.96 5.69 -50.01
N TYR H 192 4.92 5.86 -50.94
CA TYR H 192 5.81 4.78 -51.34
C TYR H 192 7.29 5.13 -51.25
N LYS H 193 8.12 4.12 -50.94
CA LYS H 193 9.58 4.21 -50.83
C LYS H 193 10.21 2.93 -51.34
N CYS H 194 11.12 3.06 -52.32
CA CYS H 194 11.83 1.94 -52.95
C CYS H 194 13.33 2.08 -52.76
N ASN H 195 14.03 0.94 -52.56
CA ASN H 195 15.49 0.90 -52.41
C ASN H 195 16.13 0.86 -53.81
N CYS H 196 15.75 1.84 -54.66
CA CYS H 196 16.18 2.00 -56.05
C CYS H 196 16.39 3.49 -56.38
N GLY H 197 16.85 3.77 -57.61
CA GLY H 197 17.10 5.14 -58.07
C GLY H 197 15.90 5.81 -58.70
N GLY H 198 16.07 7.07 -59.09
CA GLY H 198 15.05 7.89 -59.71
C GLY H 198 13.97 8.35 -58.74
N SER H 199 12.70 8.35 -59.19
CA SER H 199 11.54 8.76 -58.39
C SER H 199 11.09 7.62 -57.47
N ASN H 200 11.94 7.27 -56.48
CA ASN H 200 11.72 6.20 -55.51
C ASN H 200 10.92 6.64 -54.27
N GLU H 201 10.50 7.92 -54.21
CA GLU H 201 9.77 8.49 -53.08
C GLU H 201 8.66 9.42 -53.58
N GLY H 202 7.53 9.43 -52.87
CA GLY H 202 6.41 10.29 -53.22
C GLY H 202 5.07 9.95 -52.59
N LEU H 203 4.22 10.98 -52.45
CA LEU H 203 2.86 10.91 -51.94
C LEU H 203 1.99 11.00 -53.19
N THR H 204 1.71 9.85 -53.80
CA THR H 204 0.97 9.76 -55.06
C THR H 204 -0.54 9.55 -54.95
N THR H 205 -1.28 10.18 -55.88
CA THR H 205 -2.73 10.09 -56.04
C THR H 205 -3.04 9.30 -57.32
N THR H 206 -2.00 8.99 -58.11
CA THR H 206 -2.06 8.25 -59.38
C THR H 206 -1.09 7.05 -59.37
N ASP H 207 -1.28 6.09 -60.30
CA ASP H 207 -0.46 4.89 -60.46
C ASP H 207 0.98 5.22 -60.82
N LYS H 208 1.94 4.49 -60.24
CA LYS H 208 3.37 4.69 -60.47
C LYS H 208 4.09 3.39 -60.80
N VAL H 209 5.14 3.47 -61.63
CA VAL H 209 5.96 2.34 -62.03
C VAL H 209 7.45 2.61 -61.75
N ILE H 210 8.15 1.64 -61.12
CA ILE H 210 9.56 1.75 -60.80
C ILE H 210 10.32 0.64 -61.53
N ASN H 211 10.95 0.99 -62.68
CA ASN H 211 11.71 0.06 -63.51
C ASN H 211 13.07 -0.29 -62.89
N ASN H 212 13.56 -1.52 -63.17
CA ASN H 212 14.82 -2.11 -62.67
C ASN H 212 14.83 -2.25 -61.13
N CYS H 213 13.62 -2.33 -60.54
CA CYS H 213 13.40 -2.45 -59.11
C CYS H 213 12.63 -3.74 -58.79
N LYS H 214 12.92 -4.36 -57.64
CA LYS H 214 12.25 -5.58 -57.20
C LYS H 214 11.17 -5.25 -56.16
N VAL H 215 10.10 -6.05 -56.13
CA VAL H 215 8.95 -5.89 -55.23
C VAL H 215 9.32 -5.91 -53.72
N ASP H 216 10.36 -6.68 -53.35
CA ASP H 216 10.86 -6.80 -51.97
C ASP H 216 11.63 -5.55 -51.51
N GLN H 217 12.16 -4.77 -52.48
CA GLN H 217 12.94 -3.53 -52.23
C GLN H 217 12.03 -2.32 -51.96
N CYS H 218 10.71 -2.49 -52.09
CA CYS H 218 9.73 -1.40 -51.93
C CYS H 218 8.81 -1.53 -50.72
N HIS H 219 8.34 -0.36 -50.22
CA HIS H 219 7.42 -0.21 -49.10
C HIS H 219 6.28 0.69 -49.56
N ALA H 220 5.03 0.24 -49.38
CA ALA H 220 3.83 0.98 -49.76
C ALA H 220 2.82 1.04 -48.63
N ALA H 221 2.17 2.20 -48.45
CA ALA H 221 1.19 2.42 -47.40
C ALA H 221 0.12 3.44 -47.81
N VAL H 222 -1.14 3.17 -47.42
CA VAL H 222 -2.30 4.05 -47.69
C VAL H 222 -2.39 5.09 -46.57
N THR H 223 -2.45 6.37 -46.94
CA THR H 223 -2.39 7.44 -45.95
C THR H 223 -3.67 8.26 -45.83
N ASN H 224 -3.65 9.21 -44.89
CA ASN H 224 -4.78 10.09 -44.65
C ASN H 224 -4.36 11.25 -43.73
N HIS H 225 -3.47 12.09 -44.22
CA HIS H 225 -2.94 13.20 -43.45
C HIS H 225 -4.01 14.00 -42.72
N LYS H 226 -5.26 13.59 -42.89
CA LYS H 226 -6.38 14.28 -42.25
C LYS H 226 -6.99 13.45 -41.11
N LYS H 227 -6.63 13.79 -39.88
CA LYS H 227 -7.17 13.09 -38.72
C LYS H 227 -6.19 13.09 -37.54
N TRP H 228 -6.64 13.64 -36.41
CA TRP H 228 -5.86 13.64 -35.19
C TRP H 228 -6.00 12.27 -34.55
N GLN H 229 -4.99 11.88 -33.76
CA GLN H 229 -4.94 10.60 -33.09
C GLN H 229 -4.17 10.81 -31.79
N TYR H 230 -4.52 10.05 -30.73
CA TYR H 230 -3.81 10.14 -29.45
C TYR H 230 -2.33 9.88 -29.68
N ASN H 231 -1.46 10.65 -28.99
CA ASN H 231 0.00 10.51 -29.07
C ASN H 231 0.38 9.18 -28.38
N SER H 232 0.13 8.07 -29.10
CA SER H 232 0.32 6.70 -28.66
C SER H 232 1.74 6.18 -28.81
N PRO H 233 2.33 5.60 -27.74
CA PRO H 233 3.67 5.00 -27.88
C PRO H 233 3.64 3.66 -28.62
N LEU H 234 2.43 3.17 -28.97
CA LEU H 234 2.17 1.91 -29.68
C LEU H 234 1.99 2.12 -31.19
N VAL H 235 2.02 3.40 -31.64
CA VAL H 235 1.84 3.81 -33.03
C VAL H 235 3.06 4.69 -33.41
N PRO H 236 3.69 4.54 -34.60
CA PRO H 236 4.86 5.39 -34.90
C PRO H 236 4.50 6.86 -35.14
N ARG H 237 5.47 7.75 -34.92
CA ARG H 237 5.34 9.19 -35.13
C ARG H 237 5.32 9.49 -36.63
N ASN H 238 4.66 10.58 -37.05
CA ASN H 238 4.64 10.95 -38.46
C ASN H 238 6.04 11.47 -38.83
N ALA H 239 6.69 10.81 -39.80
CA ALA H 239 8.06 11.10 -40.23
C ALA H 239 8.28 12.50 -40.82
N GLU H 240 7.31 12.99 -41.62
CA GLU H 240 7.36 14.30 -42.29
C GLU H 240 7.39 15.47 -41.29
N LEU H 241 6.36 15.58 -40.44
CA LEU H 241 6.27 16.62 -39.42
C LEU H 241 7.12 16.31 -38.19
N GLY H 242 7.66 17.35 -37.57
CA GLY H 242 8.53 17.24 -36.39
C GLY H 242 7.79 16.90 -35.10
N ASP H 243 7.95 17.76 -34.08
CA ASP H 243 7.30 17.60 -32.79
C ASP H 243 5.93 18.31 -32.73
N ARG H 244 5.22 18.34 -33.88
CA ARG H 244 3.90 18.95 -34.02
C ARG H 244 2.85 18.16 -33.26
N LYS H 245 2.14 18.83 -32.35
CA LYS H 245 1.12 18.21 -31.52
C LYS H 245 0.03 19.18 -31.05
N GLY H 246 -1.15 18.64 -30.80
CA GLY H 246 -2.29 19.33 -30.25
C GLY H 246 -2.66 18.69 -28.92
N LYS H 247 -3.69 19.23 -28.26
CA LYS H 247 -4.16 18.69 -26.98
C LYS H 247 -5.68 18.79 -26.86
N ILE H 248 -6.31 17.78 -26.27
CA ILE H 248 -7.76 17.74 -26.11
C ILE H 248 -8.15 17.38 -24.69
N HIS H 249 -9.24 17.97 -24.16
CA HIS H 249 -9.73 17.67 -22.82
C HIS H 249 -10.34 16.26 -22.81
N ILE H 250 -10.27 15.57 -21.66
CA ILE H 250 -10.78 14.20 -21.54
C ILE H 250 -11.89 14.05 -20.48
N PRO H 251 -12.83 13.08 -20.64
CA PRO H 251 -13.88 12.93 -19.62
C PRO H 251 -13.35 12.22 -18.37
N PHE H 252 -14.18 12.18 -17.32
CA PHE H 252 -13.93 11.50 -16.04
C PHE H 252 -12.65 11.92 -15.29
N PRO H 253 -12.44 13.22 -14.96
CA PRO H 253 -11.22 13.59 -14.21
C PRO H 253 -11.25 13.10 -12.77
N LEU H 254 -10.06 12.93 -12.15
CA LEU H 254 -9.96 12.52 -10.75
C LEU H 254 -10.33 13.70 -9.86
N ALA H 255 -11.21 13.46 -8.87
CA ALA H 255 -11.67 14.50 -7.95
C ALA H 255 -11.83 13.97 -6.53
N ASN H 256 -11.65 14.85 -5.53
CA ASN H 256 -11.80 14.56 -4.12
C ASN H 256 -13.29 14.56 -3.75
N VAL H 257 -13.77 13.42 -3.22
CA VAL H 257 -15.17 13.22 -2.84
C VAL H 257 -15.24 12.61 -1.43
N THR H 258 -16.43 12.08 -1.07
CA THR H 258 -16.69 11.42 0.20
C THR H 258 -17.13 9.98 -0.04
N CYS H 259 -16.58 9.06 0.77
CA CYS H 259 -16.91 7.63 0.74
C CYS H 259 -17.57 7.27 2.06
N ARG H 260 -18.71 6.58 2.04
CA ARG H 260 -19.31 6.14 3.31
C ARG H 260 -18.33 6.26 4.49
N VAL H 261 -18.62 5.58 5.61
CA VAL H 261 -17.76 5.65 6.80
C VAL H 261 -18.11 4.65 7.91
N PRO H 262 -17.31 4.63 8.98
CA PRO H 262 -17.51 3.69 10.10
C PRO H 262 -17.26 4.31 11.48
N LYS H 263 -16.95 3.47 12.48
CA LYS H 263 -16.73 3.94 13.86
C LYS H 263 -15.88 2.98 14.72
N ALA H 264 -15.92 3.16 16.04
CA ALA H 264 -15.12 2.34 16.97
C ALA H 264 -15.68 2.29 18.41
N ARG H 265 -14.84 1.90 19.37
CA ARG H 265 -15.26 1.76 20.77
C ARG H 265 -14.11 1.82 21.79
N ASN H 266 -14.37 1.42 23.03
CA ASN H 266 -13.37 1.46 24.11
C ASN H 266 -13.67 0.56 25.32
N PRO H 267 -12.81 0.60 26.34
CA PRO H 267 -12.96 -0.27 27.51
C PRO H 267 -12.59 0.40 28.86
N THR H 268 -12.32 -0.43 29.88
CA THR H 268 -11.97 0.05 31.22
C THR H 268 -10.90 -0.81 31.89
N VAL H 269 -10.79 -0.77 33.23
CA VAL H 269 -9.77 -1.58 33.92
C VAL H 269 -9.70 -1.52 35.46
N THR H 270 -8.49 -1.83 35.96
CA THR H 270 -8.15 -2.00 37.37
C THR H 270 -7.02 -1.04 37.73
N TYR H 271 -6.95 -0.60 39.00
CA TYR H 271 -5.94 0.37 39.43
C TYR H 271 -4.96 -0.12 40.49
N GLY H 272 -3.81 0.58 40.54
CA GLY H 272 -2.72 0.37 41.50
C GLY H 272 -2.02 1.69 41.75
N LYS H 273 -1.07 1.72 42.71
CA LYS H 273 -0.31 2.93 43.07
C LYS H 273 0.52 3.41 41.87
N ASN H 274 0.11 4.56 41.27
CA ASN H 274 0.70 5.20 40.08
C ASN H 274 0.75 4.21 38.88
N GLN H 275 -0.27 3.32 38.81
CA GLN H 275 -0.34 2.25 37.82
C GLN H 275 -1.78 1.98 37.36
N VAL H 276 -1.96 1.79 36.04
CA VAL H 276 -3.23 1.45 35.41
C VAL H 276 -3.10 0.12 34.64
N ILE H 277 -4.04 -0.80 34.88
CA ILE H 277 -4.04 -2.13 34.25
C ILE H 277 -5.30 -2.30 33.40
N MET H 278 -5.11 -2.52 32.08
CA MET H 278 -6.19 -2.69 31.12
C MET H 278 -6.18 -4.07 30.49
N LEU H 279 -7.34 -4.74 30.49
CA LEU H 279 -7.52 -6.05 29.86
C LEU H 279 -8.15 -5.79 28.49
N LEU H 280 -7.30 -5.78 27.44
CA LEU H 280 -7.74 -5.50 26.07
C LEU H 280 -8.27 -6.75 25.37
N TYR H 281 -9.49 -6.64 24.81
CA TYR H 281 -10.15 -7.71 24.07
C TYR H 281 -10.52 -7.20 22.66
N PRO H 282 -9.54 -7.10 21.72
CA PRO H 282 -9.89 -6.59 20.39
C PRO H 282 -10.55 -7.63 19.48
N ASP H 283 -11.52 -7.17 18.67
CA ASP H 283 -12.25 -8.01 17.71
C ASP H 283 -11.55 -7.99 16.35
N HIS H 284 -10.57 -7.08 16.20
CA HIS H 284 -9.76 -6.83 15.00
C HIS H 284 -8.50 -6.00 15.40
N PRO H 285 -7.43 -5.87 14.55
CA PRO H 285 -6.27 -5.06 14.97
C PRO H 285 -6.66 -3.66 15.42
N THR H 286 -6.30 -3.33 16.67
CA THR H 286 -6.65 -2.06 17.33
C THR H 286 -5.38 -1.36 17.84
N LEU H 287 -5.18 -0.10 17.42
CA LEU H 287 -4.03 0.70 17.82
C LEU H 287 -4.19 1.28 19.22
N LEU H 288 -3.23 0.95 20.10
CA LEU H 288 -3.17 1.46 21.47
C LEU H 288 -2.01 2.45 21.55
N SER H 289 -2.30 3.66 22.01
CA SER H 289 -1.30 4.73 22.16
C SER H 289 -1.43 5.40 23.51
N TYR H 290 -0.29 5.86 24.06
CA TYR H 290 -0.24 6.53 25.37
C TYR H 290 0.89 7.53 25.50
N ARG H 291 0.67 8.55 26.35
CA ARG H 291 1.63 9.62 26.63
C ARG H 291 1.43 10.22 28.01
N ASN H 292 2.53 10.69 28.63
CA ASN H 292 2.51 11.38 29.91
C ASN H 292 2.07 12.81 29.61
N MET H 293 1.28 13.42 30.50
CA MET H 293 0.79 14.79 30.28
C MET H 293 1.69 15.87 30.90
N GLY H 294 2.98 15.57 30.98
CA GLY H 294 4.02 16.45 31.50
C GLY H 294 5.02 16.87 30.44
N GLU H 295 6.20 17.33 30.88
CA GLU H 295 7.31 17.80 30.04
C GLU H 295 7.88 16.71 29.14
N GLU H 296 7.94 15.46 29.65
CA GLU H 296 8.44 14.30 28.92
C GLU H 296 7.24 13.39 28.59
N PRO H 297 6.58 13.57 27.41
CA PRO H 297 5.42 12.74 27.10
C PRO H 297 5.72 11.25 26.89
N ASN H 298 6.89 10.93 26.30
CA ASN H 298 7.36 9.57 26.01
C ASN H 298 6.26 8.76 25.30
N TYR H 299 5.88 9.23 24.09
CA TYR H 299 4.83 8.62 23.28
C TYR H 299 5.20 7.20 22.87
N GLN H 300 4.29 6.26 23.14
CA GLN H 300 4.45 4.85 22.79
C GLN H 300 3.19 4.35 22.10
N GLU H 301 3.35 3.47 21.11
CA GLU H 301 2.24 2.87 20.37
C GLU H 301 2.48 1.42 20.00
N GLU H 302 1.38 0.64 19.95
CA GLU H 302 1.38 -0.78 19.58
C GLU H 302 0.04 -1.22 19.02
N TRP H 303 0.07 -2.06 17.98
CA TRP H 303 -1.14 -2.61 17.37
C TRP H 303 -1.49 -3.88 18.14
N VAL H 304 -2.65 -3.88 18.82
CA VAL H 304 -3.11 -5.01 19.62
C VAL H 304 -3.95 -5.92 18.72
N MET H 305 -3.45 -7.14 18.49
CA MET H 305 -4.08 -8.15 17.62
C MET H 305 -5.11 -9.01 18.34
N HIS H 306 -4.79 -9.48 19.56
CA HIS H 306 -5.67 -10.31 20.37
C HIS H 306 -5.54 -10.00 21.88
N LYS H 307 -6.20 -10.82 22.74
CA LYS H 307 -6.23 -10.71 24.20
C LYS H 307 -4.86 -10.38 24.81
N LYS H 308 -4.71 -9.16 25.37
CA LYS H 308 -3.47 -8.70 25.98
C LYS H 308 -3.72 -7.78 27.18
N GLU H 309 -3.03 -8.07 28.30
CA GLU H 309 -3.09 -7.26 29.51
C GLU H 309 -1.96 -6.24 29.45
N VAL H 310 -2.29 -4.95 29.58
CA VAL H 310 -1.31 -3.87 29.54
C VAL H 310 -1.15 -3.14 30.88
N VAL H 311 0.09 -3.11 31.40
CA VAL H 311 0.43 -2.46 32.66
C VAL H 311 1.13 -1.13 32.32
N LEU H 312 0.48 -0.01 32.66
CA LEU H 312 0.96 1.34 32.36
C LEU H 312 1.17 2.16 33.62
N THR H 313 2.28 2.93 33.66
CA THR H 313 2.60 3.79 34.79
C THR H 313 1.93 5.16 34.64
N VAL H 314 1.19 5.57 35.67
CA VAL H 314 0.48 6.86 35.70
C VAL H 314 1.32 7.86 36.51
N PRO H 315 1.99 8.84 35.87
CA PRO H 315 2.79 9.80 36.64
C PRO H 315 1.91 10.91 37.25
N THR H 316 2.50 11.73 38.14
CA THR H 316 1.83 12.85 38.84
C THR H 316 1.11 13.82 37.89
N GLU H 317 1.75 14.13 36.74
CA GLU H 317 1.25 15.03 35.71
C GLU H 317 0.02 14.45 34.98
N GLY H 318 -0.08 13.11 34.97
CA GLY H 318 -1.17 12.38 34.36
C GLY H 318 -0.80 11.58 33.12
N LEU H 319 -1.64 10.60 32.76
CA LEU H 319 -1.45 9.74 31.60
C LEU H 319 -2.67 9.75 30.68
N GLU H 320 -2.45 9.94 29.36
CA GLU H 320 -3.50 9.95 28.34
C GLU H 320 -3.37 8.67 27.52
N VAL H 321 -4.44 7.86 27.44
CA VAL H 321 -4.46 6.59 26.71
C VAL H 321 -5.55 6.58 25.63
N THR H 322 -5.16 6.27 24.38
CA THR H 322 -6.09 6.19 23.25
C THR H 322 -6.16 4.73 22.77
N TRP H 323 -7.36 4.15 22.86
CA TRP H 323 -7.63 2.76 22.47
C TRP H 323 -8.52 2.76 21.23
N GLY H 324 -7.88 2.54 20.07
CA GLY H 324 -8.55 2.54 18.77
C GLY H 324 -9.18 3.88 18.43
N ASN H 325 -10.41 3.82 17.89
CA ASN H 325 -11.17 5.01 17.51
C ASN H 325 -11.91 5.73 18.64
N ASN H 326 -11.76 5.24 19.88
CA ASN H 326 -12.39 5.84 21.06
C ASN H 326 -11.69 7.13 21.43
N GLU H 327 -12.42 8.03 22.12
CA GLU H 327 -11.88 9.30 22.62
C GLU H 327 -10.83 8.99 23.69
N PRO H 328 -9.71 9.76 23.79
CA PRO H 328 -8.66 9.42 24.77
C PRO H 328 -9.12 9.38 26.23
N TYR H 329 -8.66 8.35 26.98
CA TYR H 329 -8.93 8.19 28.40
C TYR H 329 -7.82 8.92 29.13
N LYS H 330 -8.16 9.60 30.23
CA LYS H 330 -7.18 10.33 31.03
C LYS H 330 -7.13 9.77 32.45
N TYR H 331 -5.91 9.54 32.96
CA TYR H 331 -5.69 8.99 34.29
C TYR H 331 -4.74 9.85 35.10
N TRP H 332 -5.05 10.03 36.39
CA TRP H 332 -4.25 10.82 37.35
C TRP H 332 -4.12 10.06 38.67
N PRO H 333 -2.98 10.15 39.39
CA PRO H 333 -2.89 9.48 40.71
C PRO H 333 -3.73 10.21 41.76
N GLN H 334 -4.22 9.48 42.78
CA GLN H 334 -5.04 10.04 43.86
C GLN H 334 -4.19 10.89 44.80
#